data_1LXF
#
_entry.id   1LXF
#
loop_
_entity.id
_entity.type
_entity.pdbx_description
1 polymer 'TROPONIN C, SLOW SKELETAL AND CARDIAC MUSCLES'
2 polymer 'Troponin I, cardiac muscle'
3 non-polymer 'CALCIUM ION'
4 non-polymer '1-ISOBUTOXY-2-PYRROLIDINO-3[N-BENZYLANILINO] PROPANE'
#
loop_
_entity_poly.entity_id
_entity_poly.type
_entity_poly.pdbx_seq_one_letter_code
_entity_poly.pdbx_strand_id
1 'polypeptide(L)'
;MDDIYKAAVEQLTEEQKNEFKAAFDIFVLGAEDGCISTKELGKVMRMLGQNPTPEELQEMIDEVDEDGSGTVDFDEFLVM
MVRCMKDDS
;
C
2 'polypeptide(L)' RISADAMMQALLGARAK I
#
loop_
_chem_comp.id
_chem_comp.type
_chem_comp.name
_chem_comp.formula
BEP non-polymer '1-ISOBUTOXY-2-PYRROLIDINO-3[N-BENZYLANILINO] PROPANE' 'C24 H34 N2 O'
CA non-polymer 'CALCIUM ION' 'Ca 2'
#
# COMPACT_ATOMS: atom_id res chain seq x y z
N MET A 1 11.67 7.13 -16.31
CA MET A 1 10.71 6.63 -17.35
C MET A 1 9.68 5.73 -16.70
N ASP A 2 10.17 4.64 -16.11
CA ASP A 2 9.28 3.68 -15.45
C ASP A 2 8.04 3.43 -16.30
N ASP A 3 8.28 3.03 -17.55
CA ASP A 3 7.18 2.76 -18.47
C ASP A 3 6.64 1.35 -18.25
N ILE A 4 7.56 0.42 -17.99
CA ILE A 4 7.16 -0.98 -17.77
C ILE A 4 6.02 -1.05 -16.77
N TYR A 5 5.94 -0.03 -15.91
CA TYR A 5 4.88 0.00 -14.89
C TYR A 5 3.63 0.68 -15.45
N LYS A 6 3.84 1.75 -16.21
CA LYS A 6 2.72 2.48 -16.80
C LYS A 6 1.68 1.49 -17.35
N ALA A 7 2.12 0.67 -18.30
CA ALA A 7 1.23 -0.31 -18.91
C ALA A 7 0.50 -1.10 -17.82
N ALA A 8 1.27 -1.58 -16.85
CA ALA A 8 0.68 -2.34 -15.74
C ALA A 8 -0.39 -1.51 -15.04
N VAL A 9 -0.02 -0.28 -14.70
CA VAL A 9 -0.95 0.62 -14.02
C VAL A 9 -2.14 0.91 -14.91
N GLU A 10 -1.93 0.76 -16.22
CA GLU A 10 -3.00 1.01 -17.18
C GLU A 10 -3.92 -0.20 -17.27
N GLN A 11 -3.33 -1.38 -17.02
CA GLN A 11 -4.10 -2.62 -17.05
C GLN A 11 -5.19 -2.60 -15.99
N LEU A 12 -4.80 -2.22 -14.79
CA LEU A 12 -5.73 -2.17 -13.67
C LEU A 12 -6.98 -1.39 -14.07
N THR A 13 -8.14 -1.94 -13.70
CA THR A 13 -9.41 -1.30 -14.03
C THR A 13 -9.98 -0.59 -12.80
N GLU A 14 -11.00 0.22 -13.02
CA GLU A 14 -11.63 0.95 -11.92
C GLU A 14 -12.01 0.00 -10.80
N GLU A 15 -12.13 -1.28 -11.14
CA GLU A 15 -12.49 -2.29 -10.14
C GLU A 15 -11.34 -2.51 -9.17
N GLN A 16 -10.31 -3.21 -9.64
CA GLN A 16 -9.14 -3.48 -8.79
C GLN A 16 -8.68 -2.19 -8.12
N LYS A 17 -8.86 -1.07 -8.83
CA LYS A 17 -8.47 0.23 -8.29
C LYS A 17 -9.27 0.54 -7.04
N ASN A 18 -10.59 0.62 -7.18
CA ASN A 18 -11.46 0.92 -6.05
C ASN A 18 -11.00 0.15 -4.81
N GLU A 19 -11.14 -1.17 -4.87
CA GLU A 19 -10.73 -2.02 -3.75
C GLU A 19 -9.38 -1.57 -3.22
N PHE A 20 -8.52 -1.09 -4.13
CA PHE A 20 -7.20 -0.63 -3.74
C PHE A 20 -7.28 0.77 -3.13
N LYS A 21 -7.82 1.71 -3.89
CA LYS A 21 -7.97 3.08 -3.40
C LYS A 21 -8.46 3.07 -1.96
N ALA A 22 -9.39 2.14 -1.68
CA ALA A 22 -9.94 2.02 -0.34
C ALA A 22 -8.82 1.84 0.66
N ALA A 23 -7.96 0.87 0.43
CA ALA A 23 -6.83 0.62 1.32
C ALA A 23 -5.95 1.86 1.40
N PHE A 24 -6.03 2.68 0.35
CA PHE A 24 -5.25 3.92 0.30
C PHE A 24 -5.79 4.90 1.33
N ASP A 25 -7.04 4.69 1.72
CA ASP A 25 -7.69 5.56 2.70
C ASP A 25 -7.38 5.09 4.12
N ILE A 26 -6.59 4.03 4.23
CA ILE A 26 -6.23 3.50 5.55
C ILE A 26 -4.76 3.75 5.82
N PHE A 27 -3.93 3.55 4.80
CA PHE A 27 -2.49 3.76 4.94
C PHE A 27 -2.21 5.23 5.25
N VAL A 28 -2.92 6.11 4.54
CA VAL A 28 -2.76 7.55 4.74
C VAL A 28 -4.04 8.13 5.34
N LEU A 29 -4.68 7.33 6.19
CA LEU A 29 -5.92 7.77 6.82
C LEU A 29 -5.66 8.84 7.87
N GLY A 30 -4.38 9.15 8.08
CA GLY A 30 -4.02 10.17 9.07
C GLY A 30 -2.84 11.01 8.56
N ALA A 31 -2.54 10.87 7.27
CA ALA A 31 -1.44 11.62 6.68
C ALA A 31 -1.95 12.92 6.06
N GLU A 32 -1.03 13.86 5.88
CA GLU A 32 -1.39 15.16 5.31
C GLU A 32 -1.89 15.00 3.88
N ASP A 33 -1.10 14.31 3.06
CA ASP A 33 -1.46 14.08 1.67
C ASP A 33 -1.79 12.61 1.44
N GLY A 34 -0.77 11.84 1.04
CA GLY A 34 -0.98 10.42 0.78
C GLY A 34 0.32 9.65 0.99
N CYS A 35 1.18 10.18 1.86
CA CYS A 35 2.45 9.53 2.15
C CYS A 35 2.30 8.57 3.33
N ILE A 36 2.74 7.33 3.13
CA ILE A 36 2.65 6.32 4.18
C ILE A 36 3.96 6.22 4.94
N SER A 37 3.87 5.83 6.20
CA SER A 37 5.06 5.68 7.04
C SER A 37 5.00 4.37 7.81
N THR A 38 6.04 4.10 8.59
CA THR A 38 6.10 2.86 9.37
C THR A 38 5.02 2.88 10.45
N LYS A 39 4.59 4.09 10.83
CA LYS A 39 3.56 4.23 11.84
C LYS A 39 2.19 3.91 11.26
N GLU A 40 1.93 4.44 10.07
CA GLU A 40 0.66 4.21 9.39
C GLU A 40 0.56 2.75 8.94
N LEU A 41 1.66 2.24 8.38
CA LEU A 41 1.69 0.86 7.93
C LEU A 41 1.09 -0.07 8.98
N GLY A 42 1.79 -0.21 10.10
CA GLY A 42 1.32 -1.06 11.18
C GLY A 42 -0.18 -0.91 11.37
N LYS A 43 -0.69 0.29 11.11
CA LYS A 43 -2.11 0.56 11.25
C LYS A 43 -2.92 -0.37 10.37
N VAL A 44 -2.60 -0.35 9.07
CA VAL A 44 -3.31 -1.21 8.11
C VAL A 44 -3.06 -2.67 8.43
N MET A 45 -1.79 -3.06 8.43
CA MET A 45 -1.42 -4.44 8.73
C MET A 45 -2.29 -5.00 9.85
N ARG A 46 -2.32 -4.28 10.96
CA ARG A 46 -3.12 -4.71 12.12
C ARG A 46 -4.54 -5.05 11.69
N MET A 47 -5.06 -4.29 10.73
CA MET A 47 -6.41 -4.52 10.24
C MET A 47 -6.43 -5.60 9.16
N LEU A 48 -5.24 -6.07 8.79
CA LEU A 48 -5.13 -7.10 7.76
C LEU A 48 -4.80 -8.46 8.38
N GLY A 49 -4.81 -8.52 9.71
CA GLY A 49 -4.52 -9.76 10.41
C GLY A 49 -3.03 -9.90 10.68
N GLN A 50 -2.31 -8.79 10.57
CA GLN A 50 -0.86 -8.79 10.80
C GLN A 50 -0.48 -7.68 11.78
N ASN A 51 0.36 -8.04 12.75
CA ASN A 51 0.79 -7.07 13.75
C ASN A 51 2.31 -7.03 13.83
N PRO A 52 2.94 -6.33 12.88
CA PRO A 52 4.40 -6.19 12.83
C PRO A 52 4.93 -5.11 13.76
N THR A 53 6.23 -4.86 13.70
CA THR A 53 6.84 -3.84 14.54
C THR A 53 7.32 -2.66 13.68
N PRO A 54 7.85 -1.63 14.32
CA PRO A 54 8.35 -0.44 13.62
C PRO A 54 9.76 -0.64 13.04
N GLU A 55 10.40 -1.72 13.46
CA GLU A 55 11.74 -2.03 12.97
C GLU A 55 11.68 -2.81 11.66
N GLU A 56 10.69 -3.70 11.57
CA GLU A 56 10.52 -4.51 10.36
C GLU A 56 9.62 -3.79 9.35
N LEU A 57 8.84 -2.83 9.85
CA LEU A 57 7.94 -2.08 8.98
C LEU A 57 8.74 -1.14 8.08
N GLN A 58 9.70 -0.44 8.70
CA GLN A 58 10.53 0.50 7.95
C GLN A 58 11.03 -0.13 6.66
N GLU A 59 11.32 -1.43 6.72
CA GLU A 59 11.80 -2.15 5.55
C GLU A 59 10.79 -2.08 4.41
N MET A 60 9.55 -1.77 4.77
CA MET A 60 8.48 -1.66 3.77
C MET A 60 8.59 -0.34 3.03
N ILE A 61 8.88 0.72 3.79
CA ILE A 61 9.02 2.05 3.20
C ILE A 61 10.37 2.18 2.48
N ASP A 62 11.41 1.67 3.13
CA ASP A 62 12.75 1.73 2.55
C ASP A 62 12.70 1.45 1.05
N GLU A 63 12.22 0.27 0.70
CA GLU A 63 12.12 -0.10 -0.72
C GLU A 63 11.52 1.03 -1.53
N VAL A 64 10.26 1.35 -1.23
CA VAL A 64 9.55 2.41 -1.93
C VAL A 64 10.22 3.77 -1.69
N ASP A 65 11.06 3.84 -0.65
CA ASP A 65 11.75 5.08 -0.34
C ASP A 65 12.97 5.26 -1.24
N GLU A 66 12.72 5.31 -2.55
CA GLU A 66 13.80 5.48 -3.51
C GLU A 66 14.28 6.93 -3.53
N ASP A 67 13.39 7.84 -3.13
CA ASP A 67 13.72 9.26 -3.10
C ASP A 67 14.13 9.69 -1.69
N GLY A 68 14.22 8.71 -0.79
CA GLY A 68 14.60 9.00 0.59
C GLY A 68 13.64 10.00 1.22
N SER A 69 12.35 9.85 0.91
CA SER A 69 11.34 10.74 1.45
C SER A 69 11.00 10.36 2.89
N GLY A 70 11.14 9.08 3.21
CA GLY A 70 10.85 8.60 4.55
C GLY A 70 9.45 7.99 4.62
N THR A 71 8.63 8.31 3.63
CA THR A 71 7.26 7.79 3.59
C THR A 71 6.95 7.20 2.22
N VAL A 72 5.69 6.84 2.01
CA VAL A 72 5.28 6.26 0.72
C VAL A 72 4.11 7.02 0.13
N ASP A 73 4.41 7.87 -0.86
CA ASP A 73 3.38 8.65 -1.51
C ASP A 73 2.36 7.73 -2.19
N PHE A 74 1.54 8.29 -3.07
CA PHE A 74 0.53 7.51 -3.76
C PHE A 74 1.10 6.80 -4.99
N ASP A 75 2.33 7.17 -5.35
CA ASP A 75 2.97 6.57 -6.52
C ASP A 75 3.71 5.28 -6.14
N GLU A 76 4.90 5.44 -5.54
CA GLU A 76 5.71 4.28 -5.16
C GLU A 76 4.84 3.17 -4.55
N PHE A 77 3.79 3.57 -3.85
CA PHE A 77 2.89 2.59 -3.23
C PHE A 77 2.38 1.60 -4.27
N LEU A 78 1.46 2.06 -5.11
CA LEU A 78 0.87 1.21 -6.15
C LEU A 78 1.96 0.39 -6.85
N VAL A 79 3.07 1.05 -7.18
CA VAL A 79 4.17 0.36 -7.86
C VAL A 79 4.63 -0.86 -7.07
N MET A 80 5.01 -0.61 -5.81
CA MET A 80 5.48 -1.69 -4.95
C MET A 80 4.55 -2.90 -5.04
N MET A 81 3.29 -2.63 -5.36
CA MET A 81 2.30 -3.71 -5.47
C MET A 81 2.45 -4.44 -6.80
N VAL A 82 2.76 -3.70 -7.85
CA VAL A 82 2.93 -4.28 -9.17
C VAL A 82 4.34 -4.85 -9.33
N ARG A 83 5.23 -4.45 -8.43
CA ARG A 83 6.62 -4.92 -8.49
C ARG A 83 6.70 -6.38 -8.05
N CYS A 84 5.96 -6.71 -7.01
CA CYS A 84 5.97 -8.08 -6.49
C CYS A 84 4.96 -8.95 -7.24
N MET A 85 3.71 -8.52 -7.24
CA MET A 85 2.65 -9.27 -7.92
C MET A 85 3.12 -9.71 -9.30
N LYS A 86 3.65 -8.77 -10.08
CA LYS A 86 4.13 -9.08 -11.41
C LYS A 86 5.65 -9.25 -11.42
N ASP A 87 6.17 -9.70 -10.29
CA ASP A 87 7.62 -9.91 -10.16
C ASP A 87 8.00 -10.05 -8.69
N ASP A 88 7.53 -11.12 -8.06
CA ASP A 88 7.84 -11.37 -6.66
C ASP A 88 9.11 -12.21 -6.52
N SER A 89 9.66 -12.24 -5.31
CA SER A 89 10.88 -13.01 -5.05
C SER A 89 11.19 -13.03 -3.56
N ARG B 1 4.12 -11.23 -2.67
CA ARG B 1 2.93 -12.11 -2.46
C ARG B 1 1.83 -11.30 -1.77
N ILE B 2 1.53 -10.14 -2.33
CA ILE B 2 0.50 -9.27 -1.76
C ILE B 2 -0.89 -9.81 -2.08
N SER B 3 -1.39 -10.68 -1.22
CA SER B 3 -2.71 -11.28 -1.41
C SER B 3 -3.71 -10.22 -1.86
N ALA B 4 -3.62 -9.04 -1.25
CA ALA B 4 -4.53 -7.95 -1.58
C ALA B 4 -5.84 -8.08 -0.83
N ASP B 5 -6.46 -9.25 -0.93
CA ASP B 5 -7.72 -9.50 -0.25
C ASP B 5 -7.65 -9.07 1.21
N ALA B 6 -6.51 -9.35 1.83
CA ALA B 6 -6.31 -8.99 3.24
C ALA B 6 -6.68 -7.52 3.48
N MET B 7 -6.35 -6.68 2.50
CA MET B 7 -6.64 -5.25 2.62
C MET B 7 -8.15 -5.01 2.72
N MET B 8 -8.89 -5.63 1.81
CA MET B 8 -10.35 -5.48 1.80
C MET B 8 -10.90 -5.51 3.22
N GLN B 9 -10.20 -6.22 4.10
CA GLN B 9 -10.63 -6.33 5.49
C GLN B 9 -10.53 -4.97 6.18
N ALA B 10 -9.41 -4.30 6.00
CA ALA B 10 -9.20 -2.98 6.61
C ALA B 10 -10.09 -1.94 5.94
N LEU B 11 -10.68 -2.32 4.81
CA LEU B 11 -11.56 -1.41 4.08
C LEU B 11 -12.96 -2.01 3.93
N LEU B 12 -13.47 -2.55 5.04
CA LEU B 12 -14.80 -3.15 5.04
C LEU B 12 -15.68 -2.48 6.08
N GLY B 13 -16.04 -1.23 5.80
CA GLY B 13 -16.90 -0.47 6.73
C GLY B 13 -16.09 0.60 7.44
N ALA B 14 -14.88 0.23 7.86
CA ALA B 14 -14.00 1.17 8.57
C ALA B 14 -14.79 1.98 9.59
N ARG B 15 -15.81 1.35 10.17
CA ARG B 15 -16.64 2.03 11.16
C ARG B 15 -17.46 3.13 10.51
N ALA B 16 -18.26 2.76 9.52
CA ALA B 16 -19.10 3.74 8.82
C ALA B 16 -20.39 3.98 9.59
N LYS B 17 -20.83 2.96 10.33
CA LYS B 17 -22.06 3.07 11.11
C LYS B 17 -21.89 4.11 12.22
CA CA C . 9.46 7.55 -0.83
C1 BEP D . 3.62 -5.70 2.00
C2 BEP D . 4.31 -4.47 1.41
C3 BEP D . 3.35 -3.74 0.41
O1 BEP D . 4.31 -6.91 1.58
N2 BEP D . 5.57 -4.86 0.73
N3 BEP D . 2.49 -2.74 1.10
C4 BEP D . 4.50 -7.91 2.61
C5 BEP D . 4.15 -9.29 2.05
C6 BEP D . 5.12 -10.33 2.59
C7 BEP D . 4.24 -9.26 0.52
C8 BEP D . 6.63 -5.51 1.55
C9 BEP D . 7.27 -6.56 0.61
C10 BEP D . 6.86 -6.10 -0.80
C11 BEP D . 5.48 -5.50 -0.60
C12 BEP D . 1.05 -2.68 0.72
C13 BEP D . 0.12 -3.77 1.33
C14 BEP D . -0.62 -4.60 0.48
C15 BEP D . -1.46 -5.59 1.02
C16 BEP D . -1.55 -5.73 2.41
C17 BEP D . -0.80 -4.90 3.26
C18 BEP D . 0.03 -3.92 2.71
C19 BEP D . 3.12 -1.45 1.45
C20 BEP D . 3.90 -1.34 2.61
C21 BEP D . 4.50 -0.12 2.94
C22 BEP D . 4.33 0.99 2.10
C23 BEP D . 3.56 0.88 0.94
C24 BEP D . 2.96 -0.34 0.61
H11 BEP D . 2.59 -5.73 1.68
H12 BEP D . 3.63 -5.63 3.08
H21 BEP D . 4.54 -3.77 2.23
H31 BEP D . 2.72 -4.50 -0.10
H32 BEP D . 3.95 -3.24 -0.37
H41 BEP D . 5.53 -7.93 2.95
H42 BEP D . 3.86 -7.71 3.45
H51 BEP D . 3.14 -9.55 2.34
H61 BEP D . 5.36 -11.04 1.82
H62 BEP D . 4.67 -10.85 3.42
H63 BEP D . 6.03 -9.84 2.92
H71 BEP D . 4.51 -10.23 0.15
H72 BEP D . 4.97 -8.53 0.21
H73 BEP D . 3.27 -8.98 0.11
H81 BEP D . 7.40 -4.77 1.87
H82 BEP D . 6.20 -6.00 2.44
H91 BEP D . 6.88 -7.54 0.82
H92 BEP D . 8.35 -6.57 0.72
H101 BEP D . 6.83 -6.94 -1.48
H102 BEP D . 7.56 -5.38 -1.18
H111 BEP D . 4.68 -6.27 -0.60
H112 BEP D . 5.24 -4.74 -1.36
H121 BEP D . 0.67 -1.67 1.00
H122 BEP D . 0.99 -2.72 -0.39
H141 BEP D . -0.55 -4.49 -0.59
H151 BEP D . -2.03 -6.23 0.38
H161 BEP D . -2.20 -6.50 2.83
H171 BEP D . -0.88 -5.02 4.33
H181 BEP D . 0.60 -3.27 3.36
H201 BEP D . 4.03 -2.19 3.25
H211 BEP D . 5.10 -0.04 3.84
H221 BEP D . 4.79 1.93 2.35
H231 BEP D . 3.43 1.74 0.29
H241 BEP D . 2.36 -0.42 -0.29
N MET A 1 11.32 9.40 -16.02
CA MET A 1 11.57 8.49 -14.87
C MET A 1 10.26 8.28 -14.10
N ASP A 2 9.31 7.64 -14.77
CA ASP A 2 8.01 7.37 -14.15
C ASP A 2 7.05 6.76 -15.18
N ASP A 3 7.04 7.34 -16.37
CA ASP A 3 6.16 6.86 -17.44
C ASP A 3 6.26 5.34 -17.55
N ILE A 4 7.49 4.84 -17.53
CA ILE A 4 7.72 3.40 -17.63
C ILE A 4 6.74 2.64 -16.75
N TYR A 5 6.35 3.26 -15.63
CA TYR A 5 5.41 2.63 -14.71
C TYR A 5 3.98 2.90 -15.14
N LYS A 6 3.77 4.03 -15.81
CA LYS A 6 2.43 4.40 -16.27
C LYS A 6 1.81 3.25 -17.07
N ALA A 7 2.62 2.65 -17.93
CA ALA A 7 2.14 1.54 -18.76
C ALA A 7 1.70 0.37 -17.88
N ALA A 8 2.44 0.19 -16.78
CA ALA A 8 2.11 -0.89 -15.84
C ALA A 8 1.01 -0.42 -14.89
N VAL A 9 0.99 0.88 -14.63
CA VAL A 9 -0.02 1.47 -13.74
C VAL A 9 -1.32 1.68 -14.51
N GLU A 10 -1.18 1.75 -15.84
CA GLU A 10 -2.35 1.94 -16.70
C GLU A 10 -3.06 0.61 -16.91
N GLN A 11 -2.31 -0.47 -16.69
CA GLN A 11 -2.86 -1.81 -16.83
C GLN A 11 -3.97 -2.05 -15.81
N LEU A 12 -3.61 -1.89 -14.55
CA LEU A 12 -4.56 -2.10 -13.47
C LEU A 12 -5.92 -1.48 -13.81
N THR A 13 -6.92 -2.32 -13.99
CA THR A 13 -8.26 -1.86 -14.31
C THR A 13 -8.95 -1.31 -13.07
N GLU A 14 -10.07 -0.62 -13.27
CA GLU A 14 -10.81 -0.06 -12.15
C GLU A 14 -11.13 -1.15 -11.13
N GLU A 15 -11.10 -2.40 -11.59
CA GLU A 15 -11.39 -3.54 -10.71
C GLU A 15 -10.40 -3.57 -9.56
N GLN A 16 -9.14 -3.86 -9.89
CA GLN A 16 -8.10 -3.94 -8.88
C GLN A 16 -7.93 -2.57 -8.20
N LYS A 17 -8.13 -1.50 -8.96
CA LYS A 17 -7.99 -0.16 -8.42
C LYS A 17 -8.88 0.01 -7.19
N ASN A 18 -10.05 -0.63 -7.22
CA ASN A 18 -10.98 -0.56 -6.10
C ASN A 18 -10.37 -1.24 -4.87
N GLU A 19 -10.17 -2.55 -4.98
CA GLU A 19 -9.58 -3.31 -3.88
C GLU A 19 -8.35 -2.58 -3.34
N PHE A 20 -7.68 -1.86 -4.23
CA PHE A 20 -6.48 -1.10 -3.85
C PHE A 20 -6.89 0.23 -3.23
N LYS A 21 -7.55 1.07 -4.04
CA LYS A 21 -8.00 2.36 -3.56
C LYS A 21 -8.56 2.21 -2.15
N ALA A 22 -9.56 1.35 -2.04
CA ALA A 22 -10.18 1.08 -0.73
C ALA A 22 -9.10 0.84 0.30
N ALA A 23 -8.18 -0.08 -0.03
CA ALA A 23 -7.08 -0.38 0.87
C ALA A 23 -6.20 0.85 1.02
N PHE A 24 -6.25 1.72 0.02
CA PHE A 24 -5.49 2.96 0.03
C PHE A 24 -6.00 3.88 1.13
N ASP A 25 -7.30 3.79 1.39
CA ASP A 25 -7.93 4.61 2.41
C ASP A 25 -7.71 4.02 3.80
N ILE A 26 -6.93 2.95 3.87
CA ILE A 26 -6.65 2.30 5.15
C ILE A 26 -5.22 2.61 5.60
N PHE A 27 -4.29 2.49 4.66
CA PHE A 27 -2.88 2.76 4.96
C PHE A 27 -2.73 4.17 5.53
N VAL A 28 -3.50 5.10 4.96
CA VAL A 28 -3.44 6.49 5.42
C VAL A 28 -4.76 6.89 6.05
N LEU A 29 -5.41 5.91 6.69
CA LEU A 29 -6.69 6.16 7.35
C LEU A 29 -6.52 7.12 8.52
N GLY A 30 -5.26 7.38 8.87
CA GLY A 30 -4.95 8.29 9.97
C GLY A 30 -3.69 9.09 9.68
N ALA A 31 -3.59 9.56 8.43
CA ALA A 31 -2.44 10.34 8.02
C ALA A 31 -2.86 11.76 7.64
N GLU A 32 -1.89 12.67 7.66
CA GLU A 32 -2.15 14.06 7.32
C GLU A 32 -2.68 14.18 5.90
N ASP A 33 -1.99 13.54 4.96
CA ASP A 33 -2.40 13.58 3.56
C ASP A 33 -2.70 12.17 3.05
N GLY A 34 -1.68 11.52 2.51
CA GLY A 34 -1.86 10.16 1.99
C GLY A 34 -0.53 9.41 2.01
N CYS A 35 0.33 9.77 2.96
CA CYS A 35 1.62 9.11 3.09
C CYS A 35 1.58 8.06 4.19
N ILE A 36 1.89 6.82 3.83
CA ILE A 36 1.88 5.73 4.79
C ILE A 36 3.15 5.76 5.64
N SER A 37 3.02 5.31 6.89
CA SER A 37 4.16 5.27 7.80
C SER A 37 4.24 3.91 8.48
N THR A 38 5.42 3.56 8.97
CA THR A 38 5.61 2.28 9.65
C THR A 38 4.39 1.96 10.50
N LYS A 39 4.18 2.78 11.52
CA LYS A 39 3.04 2.58 12.42
C LYS A 39 1.78 2.26 11.61
N GLU A 40 1.31 3.24 10.85
CA GLU A 40 0.10 3.05 10.04
C GLU A 40 0.08 1.65 9.44
N LEU A 41 1.13 1.32 8.69
CA LEU A 41 1.24 0.01 8.05
C LEU A 41 0.68 -1.08 8.96
N GLY A 42 1.13 -1.09 10.20
CA GLY A 42 0.68 -2.09 11.17
C GLY A 42 -0.84 -2.18 11.19
N LYS A 43 -1.49 -1.04 11.39
CA LYS A 43 -2.95 -1.00 11.43
C LYS A 43 -3.55 -1.90 10.36
N VAL A 44 -3.48 -1.45 9.12
CA VAL A 44 -4.03 -2.22 8.00
C VAL A 44 -3.75 -3.70 8.19
N MET A 45 -2.48 -4.06 8.29
CA MET A 45 -2.09 -5.46 8.47
C MET A 45 -2.93 -6.11 9.56
N ARG A 46 -2.98 -5.46 10.72
CA ARG A 46 -3.74 -5.99 11.85
C ARG A 46 -5.14 -6.40 11.40
N MET A 47 -5.81 -5.51 10.69
CA MET A 47 -7.16 -5.78 10.20
C MET A 47 -7.15 -6.96 9.23
N LEU A 48 -5.98 -7.22 8.66
CA LEU A 48 -5.85 -8.32 7.70
C LEU A 48 -5.64 -9.64 8.43
N GLY A 49 -5.05 -9.56 9.61
CA GLY A 49 -4.80 -10.76 10.41
C GLY A 49 -3.34 -10.83 10.87
N GLN A 50 -2.57 -9.82 10.49
CA GLN A 50 -1.16 -9.77 10.87
C GLN A 50 -0.87 -8.52 11.69
N ASN A 51 -0.16 -8.71 12.79
CA ASN A 51 0.18 -7.58 13.67
C ASN A 51 1.68 -7.35 13.68
N PRO A 52 2.19 -6.68 12.65
CA PRO A 52 3.63 -6.37 12.54
C PRO A 52 4.05 -5.19 13.40
N THR A 53 5.32 -5.16 13.78
CA THR A 53 5.84 -4.08 14.61
C THR A 53 6.46 -3.00 13.73
N PRO A 54 6.93 -1.91 14.33
CA PRO A 54 7.55 -0.81 13.59
C PRO A 54 8.99 -1.11 13.20
N GLU A 55 9.46 -2.30 13.59
CA GLU A 55 10.81 -2.73 13.26
C GLU A 55 10.83 -3.40 11.90
N GLU A 56 9.84 -4.26 11.66
CA GLU A 56 9.74 -4.96 10.38
C GLU A 56 9.07 -4.07 9.34
N LEU A 57 7.95 -3.47 9.74
CA LEU A 57 7.22 -2.59 8.84
C LEU A 57 8.17 -1.65 8.12
N GLN A 58 9.09 -1.06 8.88
CA GLN A 58 10.07 -0.15 8.30
C GLN A 58 10.64 -0.78 7.03
N GLU A 59 10.88 -2.09 7.09
CA GLU A 59 11.41 -2.80 5.93
C GLU A 59 10.49 -2.61 4.74
N MET A 60 9.18 -2.57 5.02
CA MET A 60 8.19 -2.38 3.96
C MET A 60 8.18 -0.91 3.53
N ILE A 61 8.74 -0.05 4.38
CA ILE A 61 8.80 1.37 4.06
C ILE A 61 10.06 1.70 3.26
N ASP A 62 11.13 0.95 3.53
CA ASP A 62 12.39 1.16 2.84
C ASP A 62 12.24 0.85 1.35
N GLU A 63 11.24 0.02 1.03
CA GLU A 63 10.99 -0.36 -0.36
C GLU A 63 10.44 0.83 -1.14
N VAL A 64 9.86 1.77 -0.42
CA VAL A 64 9.27 2.95 -1.06
C VAL A 64 10.02 4.22 -0.63
N ASP A 65 10.45 4.24 0.62
CA ASP A 65 11.17 5.40 1.13
C ASP A 65 12.56 5.49 0.51
N GLU A 66 12.59 5.61 -0.81
CA GLU A 66 13.85 5.71 -1.53
C GLU A 66 14.35 7.16 -1.50
N ASP A 67 13.42 8.08 -1.33
CA ASP A 67 13.75 9.49 -1.28
C ASP A 67 14.17 9.89 0.14
N GLY A 68 13.73 9.10 1.11
CA GLY A 68 14.06 9.37 2.51
C GLY A 68 13.07 10.37 3.11
N SER A 69 11.79 10.15 2.84
CA SER A 69 10.75 11.02 3.37
C SER A 69 10.28 10.54 4.73
N GLY A 70 10.16 9.22 4.87
CA GLY A 70 9.72 8.64 6.13
C GLY A 70 8.31 8.06 6.01
N THR A 71 7.62 8.44 4.94
CA THR A 71 6.27 7.96 4.70
C THR A 71 6.12 7.42 3.28
N VAL A 72 4.90 6.99 2.95
CA VAL A 72 4.63 6.46 1.62
C VAL A 72 3.41 7.14 1.01
N ASP A 73 3.67 8.17 0.21
CA ASP A 73 2.59 8.91 -0.43
C ASP A 73 1.68 7.97 -1.23
N PHE A 74 0.76 8.55 -1.99
CA PHE A 74 -0.17 7.76 -2.79
C PHE A 74 0.48 7.28 -4.07
N ASP A 75 1.70 7.76 -4.34
CA ASP A 75 2.41 7.38 -5.54
C ASP A 75 3.25 6.12 -5.31
N GLU A 76 4.39 6.30 -4.66
CA GLU A 76 5.29 5.18 -4.37
C GLU A 76 4.50 3.95 -3.94
N PHE A 77 3.48 4.17 -3.10
CA PHE A 77 2.67 3.07 -2.62
C PHE A 77 2.34 2.11 -3.76
N LEU A 78 1.51 2.59 -4.69
CA LEU A 78 1.13 1.76 -5.84
C LEU A 78 2.35 1.15 -6.50
N VAL A 79 3.17 2.02 -7.09
CA VAL A 79 4.38 1.57 -7.77
C VAL A 79 5.09 0.49 -6.95
N MET A 80 5.09 0.67 -5.63
CA MET A 80 5.74 -0.28 -4.74
C MET A 80 5.27 -1.70 -5.04
N MET A 81 3.97 -1.90 -5.06
CA MET A 81 3.41 -3.22 -5.34
C MET A 81 3.71 -3.62 -6.79
N VAL A 82 3.66 -2.64 -7.69
CA VAL A 82 3.94 -2.89 -9.09
C VAL A 82 5.41 -3.20 -9.30
N ARG A 83 6.23 -2.78 -8.33
CA ARG A 83 7.68 -3.02 -8.41
C ARG A 83 8.01 -4.41 -7.90
N CYS A 84 7.34 -4.81 -6.82
CA CYS A 84 7.57 -6.12 -6.23
C CYS A 84 6.85 -7.20 -7.03
N MET A 85 5.54 -7.02 -7.19
CA MET A 85 4.73 -7.99 -7.94
C MET A 85 5.46 -8.42 -9.21
N LYS A 86 6.11 -7.45 -9.86
CA LYS A 86 6.83 -7.73 -11.09
C LYS A 86 8.26 -8.22 -10.78
N ASP A 87 8.87 -7.59 -9.78
CA ASP A 87 10.22 -7.96 -9.39
C ASP A 87 10.36 -7.98 -7.87
N ASP A 88 10.27 -9.18 -7.30
CA ASP A 88 10.38 -9.33 -5.85
C ASP A 88 11.84 -9.29 -5.40
N SER A 89 12.04 -9.00 -4.13
CA SER A 89 13.41 -8.94 -3.58
C SER A 89 14.20 -7.83 -4.26
N ARG B 1 5.34 -11.69 -1.04
CA ARG B 1 3.98 -12.23 -1.37
C ARG B 1 2.93 -11.16 -1.09
N ILE B 2 2.61 -10.38 -2.12
CA ILE B 2 1.61 -9.32 -1.98
C ILE B 2 0.39 -9.62 -2.83
N SER B 3 -0.76 -9.11 -2.39
CA SER B 3 -2.01 -9.33 -3.11
C SER B 3 -3.08 -8.37 -2.62
N ALA B 4 -4.11 -8.16 -3.45
CA ALA B 4 -5.19 -7.27 -3.08
C ALA B 4 -6.28 -8.03 -2.32
N ASP B 5 -6.37 -9.32 -2.59
CA ASP B 5 -7.38 -10.16 -1.93
C ASP B 5 -7.10 -10.23 -0.44
N ALA B 6 -5.82 -10.18 -0.08
CA ALA B 6 -5.42 -10.24 1.33
C ALA B 6 -5.86 -8.98 2.06
N MET B 7 -5.63 -7.83 1.41
CA MET B 7 -6.01 -6.55 2.00
C MET B 7 -7.49 -6.27 1.78
N MET B 8 -8.06 -6.92 0.77
CA MET B 8 -9.47 -6.73 0.44
C MET B 8 -10.33 -6.96 1.68
N GLN B 9 -9.77 -7.69 2.65
CA GLN B 9 -10.50 -7.99 3.88
C GLN B 9 -10.77 -6.69 4.65
N ALA B 10 -9.71 -5.93 4.90
CA ALA B 10 -9.86 -4.67 5.63
C ALA B 10 -10.78 -3.72 4.87
N LEU B 11 -11.04 -4.04 3.61
CA LEU B 11 -11.91 -3.21 2.79
C LEU B 11 -12.97 -4.06 2.11
N LEU B 12 -13.87 -4.62 2.91
CA LEU B 12 -14.93 -5.47 2.37
C LEU B 12 -16.28 -4.73 2.40
N GLY B 13 -16.24 -3.47 2.85
CA GLY B 13 -17.45 -2.66 2.92
C GLY B 13 -17.63 -2.10 4.32
N ALA B 14 -16.62 -1.38 4.80
CA ALA B 14 -16.67 -0.78 6.13
C ALA B 14 -17.43 0.54 6.09
N ARG B 15 -17.98 0.88 4.93
CA ARG B 15 -18.73 2.12 4.77
C ARG B 15 -20.05 2.04 5.52
N ALA B 16 -20.53 0.81 5.70
CA ALA B 16 -21.79 0.60 6.41
C ALA B 16 -21.56 -0.07 7.76
N LYS B 17 -21.90 0.64 8.82
CA LYS B 17 -21.72 0.10 10.16
C LYS B 17 -22.61 0.83 11.17
CA CA C . 8.79 8.00 0.74
C1 BEP D . 3.71 -5.38 0.27
C2 BEP D . 2.72 -5.40 1.43
C3 BEP D . 2.89 -4.12 2.32
O1 BEP D . 5.06 -5.32 0.78
N2 BEP D . 2.89 -6.64 2.26
N3 BEP D . 2.39 -2.90 1.63
C4 BEP D . 6.11 -5.37 -0.22
C5 BEP D . 6.77 -6.75 -0.17
C6 BEP D . 8.29 -6.60 -0.39
C7 BEP D . 6.19 -7.63 -1.28
C8 BEP D . 1.69 -7.20 2.94
C9 BEP D . 1.87 -8.73 2.86
C10 BEP D . 3.36 -8.92 2.59
C11 BEP D . 3.74 -7.73 1.72
C12 BEP D . 0.93 -2.82 1.31
C13 BEP D . -0.03 -3.48 2.34
C14 BEP D . -0.07 -3.02 3.66
C15 BEP D . -0.93 -3.62 4.59
C16 BEP D . -1.77 -4.66 4.19
C17 BEP D . -1.74 -5.13 2.87
C18 BEP D . -0.87 -4.54 1.94
C19 BEP D . 3.03 -1.63 2.02
C20 BEP D . 3.84 -1.59 3.16
C21 BEP D . 4.46 -0.39 3.54
C22 BEP D . 4.26 0.77 2.78
C23 BEP D . 3.44 0.74 1.64
C24 BEP D . 2.83 -0.47 1.26
H11 BEP D . 3.50 -4.52 -0.35
H12 BEP D . 3.58 -6.27 -0.33
H21 BEP D . 1.69 -5.39 1.03
H31 BEP D . 3.96 -4.00 2.57
H32 BEP D . 2.33 -4.27 3.27
H41 BEP D . 5.69 -5.22 -1.21
H42 BEP D . 6.86 -4.62 -0.03
H51 BEP D . 6.59 -7.20 0.79
H61 BEP D . 8.78 -6.58 0.57
H62 BEP D . 8.48 -5.67 -0.91
H63 BEP D . 8.65 -7.42 -0.98
H71 BEP D . 5.42 -7.10 -1.80
H72 BEP D . 5.77 -8.53 -0.83
H73 BEP D . 6.97 -7.92 -1.97
H81 BEP D . 1.65 -6.86 3.99
H82 BEP D . 0.77 -6.88 2.42
H91 BEP D . 1.27 -9.13 2.06
H92 BEP D . 1.58 -9.18 3.80
H101 BEP D . 3.54 -9.85 2.07
H102 BEP D . 3.93 -8.93 3.51
H111 BEP D . 3.50 -7.89 0.66
H112 BEP D . 4.80 -7.47 1.80
H121 BEP D . 0.66 -1.76 1.19
H122 BEP D . 0.79 -3.29 0.32
H141 BEP D . 0.57 -2.20 3.97
H151 BEP D . -0.96 -3.26 5.61
H161 BEP D . -2.43 -5.12 4.90
H171 BEP D . -2.37 -5.94 2.56
H181 BEP D . -0.83 -4.89 0.92
H201 BEP D . 4.01 -2.48 3.74
H211 BEP D . 5.09 -0.35 4.41
H221 BEP D . 4.72 1.70 3.07
H231 BEP D . 3.28 1.62 1.05
H241 BEP D . 2.19 -0.51 0.38
N MET A 1 11.84 4.11 -17.58
CA MET A 1 11.76 5.60 -17.65
C MET A 1 11.02 6.13 -16.42
N ASP A 2 9.72 5.85 -16.36
CA ASP A 2 8.91 6.31 -15.23
C ASP A 2 7.42 6.13 -15.54
N ASP A 3 7.07 6.36 -16.80
CA ASP A 3 5.67 6.23 -17.23
C ASP A 3 5.32 4.77 -17.52
N ILE A 4 6.35 3.91 -17.53
CA ILE A 4 6.12 2.49 -17.80
C ILE A 4 5.06 1.94 -16.86
N TYR A 5 4.90 2.58 -15.71
CA TYR A 5 3.90 2.14 -14.73
C TYR A 5 2.53 2.69 -15.07
N LYS A 6 2.50 3.97 -15.46
CA LYS A 6 1.24 4.61 -15.81
C LYS A 6 0.35 3.64 -16.58
N ALA A 7 0.90 3.06 -17.64
CA ALA A 7 0.15 2.11 -18.45
C ALA A 7 -0.43 1.01 -17.55
N ALA A 8 0.44 0.44 -16.72
CA ALA A 8 0.01 -0.63 -15.81
C ALA A 8 -1.10 -0.11 -14.90
N VAL A 9 -0.94 1.14 -14.46
CA VAL A 9 -1.93 1.76 -13.59
C VAL A 9 -3.20 2.10 -14.38
N GLU A 10 -3.03 2.21 -15.70
CA GLU A 10 -4.16 2.53 -16.56
C GLU A 10 -4.98 1.28 -16.84
N GLN A 11 -4.29 0.14 -16.92
CA GLN A 11 -4.96 -1.12 -17.17
C GLN A 11 -6.00 -1.37 -16.10
N LEU A 12 -5.57 -1.24 -14.85
CA LEU A 12 -6.45 -1.46 -13.72
C LEU A 12 -7.78 -0.72 -13.92
N THR A 13 -8.87 -1.48 -13.93
CA THR A 13 -10.19 -0.90 -14.11
C THR A 13 -10.56 -0.06 -12.89
N GLU A 14 -11.72 0.57 -12.96
CA GLU A 14 -12.19 1.39 -11.84
C GLU A 14 -12.57 0.53 -10.65
N GLU A 15 -12.54 -0.79 -10.85
CA GLU A 15 -12.89 -1.71 -9.77
C GLU A 15 -11.72 -1.91 -8.82
N GLN A 16 -10.69 -2.62 -9.27
CA GLN A 16 -9.52 -2.87 -8.45
C GLN A 16 -9.06 -1.58 -7.77
N LYS A 17 -9.18 -0.46 -8.49
CA LYS A 17 -8.79 0.83 -7.93
C LYS A 17 -9.51 1.09 -6.62
N ASN A 18 -10.76 0.64 -6.55
CA ASN A 18 -11.55 0.81 -5.34
C ASN A 18 -10.97 -0.02 -4.20
N GLU A 19 -11.09 -1.34 -4.32
CA GLU A 19 -10.55 -2.23 -3.30
C GLU A 19 -9.18 -1.75 -2.85
N PHE A 20 -8.44 -1.17 -3.79
CA PHE A 20 -7.10 -0.66 -3.48
C PHE A 20 -7.22 0.52 -2.52
N LYS A 21 -7.88 1.59 -2.99
CA LYS A 21 -8.05 2.78 -2.16
C LYS A 21 -8.43 2.37 -0.74
N ALA A 22 -9.44 1.51 -0.62
CA ALA A 22 -9.88 1.04 0.69
C ALA A 22 -8.68 0.78 1.57
N ALA A 23 -7.93 -0.29 1.25
CA ALA A 23 -6.74 -0.61 2.03
C ALA A 23 -5.80 0.58 2.04
N PHE A 24 -5.96 1.44 1.05
CA PHE A 24 -5.13 2.64 0.93
C PHE A 24 -5.48 3.62 2.05
N ASP A 25 -6.71 3.55 2.51
CA ASP A 25 -7.17 4.44 3.58
C ASP A 25 -6.71 3.93 4.94
N ILE A 26 -6.12 2.74 4.95
CA ILE A 26 -5.64 2.17 6.22
C ILE A 26 -4.16 2.49 6.40
N PHE A 27 -3.36 2.18 5.39
CA PHE A 27 -1.93 2.44 5.46
C PHE A 27 -1.67 3.88 5.94
N VAL A 28 -2.53 4.80 5.50
CA VAL A 28 -2.40 6.19 5.88
C VAL A 28 -3.56 6.62 6.77
N LEU A 29 -4.20 5.64 7.42
CA LEU A 29 -5.33 5.94 8.29
C LEU A 29 -4.95 7.00 9.32
N GLY A 30 -5.76 8.04 9.41
CA GLY A 30 -5.49 9.13 10.35
C GLY A 30 -4.16 9.80 10.01
N ALA A 31 -3.87 9.90 8.71
CA ALA A 31 -2.64 10.52 8.27
C ALA A 31 -2.90 11.92 7.72
N GLU A 32 -1.87 12.75 7.75
CA GLU A 32 -1.97 14.12 7.27
C GLU A 32 -2.65 14.15 5.91
N ASP A 33 -2.55 13.05 5.18
CA ASP A 33 -3.16 12.96 3.85
C ASP A 33 -3.15 11.52 3.35
N GLY A 34 -2.02 11.09 2.81
CA GLY A 34 -1.89 9.73 2.31
C GLY A 34 -0.44 9.24 2.42
N CYS A 35 0.18 9.55 3.56
CA CYS A 35 1.56 9.14 3.79
C CYS A 35 1.60 7.96 4.76
N ILE A 36 2.22 6.87 4.32
CA ILE A 36 2.33 5.67 5.15
C ILE A 36 3.60 5.73 5.99
N SER A 37 3.54 5.13 7.18
CA SER A 37 4.71 5.12 8.06
C SER A 37 4.94 3.72 8.62
N THR A 38 6.11 3.52 9.21
CA THR A 38 6.45 2.22 9.79
C THR A 38 5.40 1.81 10.82
N LYS A 39 4.87 2.80 11.53
CA LYS A 39 3.85 2.53 12.55
C LYS A 39 2.47 2.48 11.90
N GLU A 40 2.16 3.48 11.09
CA GLU A 40 0.86 3.52 10.42
C GLU A 40 0.65 2.26 9.59
N LEU A 41 1.75 1.75 9.03
CA LEU A 41 1.68 0.54 8.21
C LEU A 41 1.45 -0.67 9.10
N GLY A 42 2.00 -0.61 10.32
CA GLY A 42 1.86 -1.71 11.26
C GLY A 42 0.43 -1.78 11.81
N LYS A 43 -0.35 -0.74 11.51
CA LYS A 43 -1.73 -0.69 11.98
C LYS A 43 -2.63 -1.49 11.05
N VAL A 44 -2.28 -1.52 9.77
CA VAL A 44 -3.05 -2.26 8.77
C VAL A 44 -2.66 -3.74 8.83
N MET A 45 -1.37 -3.99 8.82
CA MET A 45 -0.84 -5.35 8.85
C MET A 45 -1.60 -6.17 9.90
N ARG A 46 -1.58 -5.69 11.14
CA ARG A 46 -2.25 -6.40 12.23
C ARG A 46 -3.68 -6.77 11.82
N MET A 47 -4.28 -5.93 10.99
CA MET A 47 -5.64 -6.18 10.53
C MET A 47 -5.64 -7.21 9.40
N LEU A 48 -4.49 -7.35 8.75
CA LEU A 48 -4.37 -8.30 7.65
C LEU A 48 -3.97 -9.67 8.18
N GLY A 49 -4.09 -9.85 9.49
CA GLY A 49 -3.75 -11.12 10.12
C GLY A 49 -2.23 -11.28 10.23
N GLN A 50 -1.54 -10.14 10.22
CA GLN A 50 -0.08 -10.15 10.33
C GLN A 50 0.38 -9.18 11.40
N ASN A 51 1.23 -9.65 12.29
CA ASN A 51 1.75 -8.81 13.37
C ASN A 51 3.24 -8.58 13.21
N PRO A 52 3.61 -7.54 12.45
CA PRO A 52 5.01 -7.20 12.21
C PRO A 52 5.62 -6.39 13.35
N THR A 53 6.90 -6.04 13.19
CA THR A 53 7.59 -5.26 14.22
C THR A 53 7.94 -3.87 13.69
N PRO A 54 8.48 -3.02 14.55
CA PRO A 54 8.88 -1.66 14.17
C PRO A 54 10.22 -1.63 13.45
N GLU A 55 11.00 -2.69 13.62
CA GLU A 55 12.31 -2.79 12.99
C GLU A 55 12.17 -3.37 11.59
N GLU A 56 11.24 -4.31 11.43
CA GLU A 56 11.02 -4.94 10.12
C GLU A 56 10.21 -4.02 9.22
N LEU A 57 9.07 -3.56 9.74
CA LEU A 57 8.20 -2.67 8.97
C LEU A 57 9.03 -1.61 8.26
N GLN A 58 9.80 -0.85 9.06
CA GLN A 58 10.65 0.20 8.50
C GLN A 58 11.35 -0.32 7.24
N GLU A 59 12.01 -1.47 7.38
CA GLU A 59 12.72 -2.07 6.25
C GLU A 59 11.79 -2.15 5.05
N MET A 60 10.51 -2.39 5.33
CA MET A 60 9.52 -2.50 4.27
C MET A 60 9.17 -1.12 3.72
N ILE A 61 9.62 -0.08 4.44
CA ILE A 61 9.35 1.29 4.02
C ILE A 61 10.46 1.78 3.08
N ASP A 62 11.69 1.37 3.37
CA ASP A 62 12.83 1.77 2.55
C ASP A 62 12.55 1.49 1.07
N GLU A 63 11.69 0.50 0.81
CA GLU A 63 11.35 0.15 -0.56
C GLU A 63 10.76 1.35 -1.28
N VAL A 64 9.80 2.00 -0.63
CA VAL A 64 9.15 3.17 -1.21
C VAL A 64 9.88 4.44 -0.78
N ASP A 65 10.45 4.39 0.42
CA ASP A 65 11.19 5.54 0.95
C ASP A 65 12.46 5.77 0.14
N GLU A 66 12.29 6.09 -1.14
CA GLU A 66 13.44 6.33 -2.01
C GLU A 66 13.99 7.74 -1.82
N ASP A 67 13.29 8.53 -1.01
CA ASP A 67 13.72 9.90 -0.75
C ASP A 67 14.03 10.10 0.73
N GLY A 68 14.12 8.97 1.46
CA GLY A 68 14.41 9.03 2.88
C GLY A 68 13.42 9.93 3.61
N SER A 69 12.24 10.10 3.00
CA SER A 69 11.21 10.94 3.60
C SER A 69 10.80 10.40 4.96
N GLY A 70 10.67 9.08 5.05
CA GLY A 70 10.28 8.44 6.30
C GLY A 70 8.84 7.93 6.23
N THR A 71 8.17 8.22 5.13
CA THR A 71 6.79 7.78 4.95
C THR A 71 6.54 7.39 3.49
N VAL A 72 5.27 7.13 3.17
CA VAL A 72 4.90 6.74 1.81
C VAL A 72 3.64 7.48 1.38
N ASP A 73 3.83 8.51 0.55
CA ASP A 73 2.70 9.30 0.06
C ASP A 73 1.67 8.40 -0.62
N PHE A 74 0.70 9.04 -1.28
CA PHE A 74 -0.36 8.31 -1.97
C PHE A 74 0.08 7.89 -3.37
N ASP A 75 1.37 8.06 -3.67
CA ASP A 75 1.88 7.68 -4.99
C ASP A 75 2.80 6.47 -4.90
N GLU A 76 4.01 6.71 -4.40
CA GLU A 76 5.00 5.63 -4.29
C GLU A 76 4.37 4.35 -3.75
N PHE A 77 3.26 4.48 -3.02
CA PHE A 77 2.60 3.29 -2.47
C PHE A 77 2.19 2.35 -3.59
N LEU A 78 1.18 2.76 -4.35
CA LEU A 78 0.69 1.94 -5.46
C LEU A 78 1.85 1.35 -6.25
N VAL A 79 2.65 2.23 -6.84
CA VAL A 79 3.79 1.80 -7.63
C VAL A 79 4.47 0.59 -6.99
N MET A 80 5.04 0.80 -5.81
CA MET A 80 5.72 -0.27 -5.09
C MET A 80 4.97 -1.59 -5.27
N MET A 81 3.64 -1.51 -5.26
CA MET A 81 2.82 -2.69 -5.43
C MET A 81 2.97 -3.25 -6.83
N VAL A 82 2.64 -2.43 -7.82
CA VAL A 82 2.75 -2.86 -9.22
C VAL A 82 4.15 -3.39 -9.50
N ARG A 83 5.11 -2.96 -8.69
CA ARG A 83 6.50 -3.41 -8.86
C ARG A 83 6.60 -4.90 -8.57
N CYS A 84 5.82 -5.36 -7.59
CA CYS A 84 5.82 -6.78 -7.23
C CYS A 84 4.85 -7.55 -8.11
N MET A 85 3.86 -6.83 -8.65
CA MET A 85 2.87 -7.45 -9.51
C MET A 85 3.55 -8.06 -10.73
N LYS A 86 4.24 -7.21 -11.48
CA LYS A 86 4.95 -7.67 -12.68
C LYS A 86 5.72 -8.94 -12.38
N ASP A 87 6.76 -8.80 -11.57
CA ASP A 87 7.59 -9.94 -11.19
C ASP A 87 7.68 -10.07 -9.68
N ASP A 88 6.72 -10.77 -9.09
CA ASP A 88 6.69 -10.95 -7.64
C ASP A 88 8.10 -11.13 -7.09
N SER A 89 8.42 -10.37 -6.05
CA SER A 89 9.74 -10.45 -5.44
C SER A 89 9.89 -11.73 -4.64
N ARG B 1 4.46 -10.76 -3.03
CA ARG B 1 3.44 -11.80 -3.35
C ARG B 1 2.07 -11.31 -2.91
N ILE B 2 1.90 -9.99 -2.90
CA ILE B 2 0.63 -9.39 -2.50
C ILE B 2 -0.38 -9.48 -3.64
N SER B 3 -1.29 -10.44 -3.52
CA SER B 3 -2.32 -10.64 -4.55
C SER B 3 -3.42 -9.60 -4.42
N ALA B 4 -4.11 -9.61 -3.29
CA ALA B 4 -5.19 -8.65 -3.05
C ALA B 4 -6.07 -9.09 -1.88
N ASP B 5 -6.25 -10.40 -1.76
CA ASP B 5 -7.08 -10.95 -0.68
C ASP B 5 -6.77 -10.25 0.63
N ALA B 6 -5.49 -10.24 1.00
CA ALA B 6 -5.06 -9.60 2.25
C ALA B 6 -5.47 -8.13 2.28
N MET B 7 -5.30 -7.45 1.15
CA MET B 7 -5.66 -6.04 1.06
C MET B 7 -7.10 -5.80 1.50
N MET B 8 -7.90 -6.86 1.44
CA MET B 8 -9.31 -6.75 1.84
C MET B 8 -9.48 -6.95 3.35
N GLN B 9 -8.62 -7.79 3.92
CA GLN B 9 -8.68 -8.07 5.35
C GLN B 9 -8.88 -6.79 6.16
N ALA B 10 -8.00 -5.81 5.94
CA ALA B 10 -8.10 -4.54 6.66
C ALA B 10 -9.40 -3.82 6.34
N LEU B 11 -10.08 -4.31 5.30
CA LEU B 11 -11.35 -3.69 4.90
C LEU B 11 -12.48 -4.71 5.01
N LEU B 12 -12.77 -5.13 6.24
CA LEU B 12 -13.83 -6.10 6.47
C LEU B 12 -15.06 -5.41 7.09
N GLY B 13 -15.65 -4.50 6.33
CA GLY B 13 -16.83 -3.78 6.81
C GLY B 13 -16.52 -2.30 6.98
N ALA B 14 -16.14 -1.66 5.87
CA ALA B 14 -15.83 -0.23 5.90
C ALA B 14 -17.03 0.59 5.43
N ARG B 15 -17.49 0.28 4.22
CA ARG B 15 -18.62 1.00 3.64
C ARG B 15 -19.45 0.05 2.78
N ALA B 16 -19.57 -1.20 3.23
CA ALA B 16 -20.33 -2.19 2.48
C ALA B 16 -21.66 -1.60 2.00
N LYS B 17 -21.99 -1.87 0.75
CA LYS B 17 -23.23 -1.36 0.17
C LYS B 17 -23.50 -2.01 -1.18
CA CA C . 9.08 8.12 0.56
C1 BEP D . 6.09 -5.86 1.48
C2 BEP D . 5.82 -4.48 0.86
C3 BEP D . 4.33 -4.05 1.07
O1 BEP D . 6.85 -6.67 0.55
N2 BEP D . 6.15 -4.50 -0.60
N3 BEP D . 4.12 -3.45 2.42
C4 BEP D . 6.92 -8.08 0.88
C5 BEP D . 8.15 -8.69 0.21
C6 BEP D . 9.25 -7.64 0.08
C7 BEP D . 7.76 -9.20 -1.19
C8 BEP D . 7.58 -4.45 -1.00
C9 BEP D . 7.69 -5.37 -2.23
C10 BEP D . 6.25 -5.50 -2.72
C11 BEP D . 5.43 -5.46 -1.46
C12 BEP D . 3.14 -4.09 3.33
C13 BEP D . 1.64 -3.90 2.98
C14 BEP D . 1.24 -3.84 1.64
C15 BEP D . -0.12 -3.66 1.33
C16 BEP D . -1.06 -3.55 2.35
C17 BEP D . -0.67 -3.62 3.69
C18 BEP D . 0.69 -3.79 4.00
C19 BEP D . 4.19 -1.97 2.48
C20 BEP D . 3.06 -1.20 2.18
C21 BEP D . 3.14 0.20 2.24
C22 BEP D . 4.33 0.82 2.60
C23 BEP D . 5.46 0.06 2.90
C24 BEP D . 5.40 -1.34 2.84
H11 BEP D . 5.15 -6.33 1.70
H12 BEP D . 6.64 -5.73 2.40
H21 BEP D . 6.47 -3.73 1.36
H31 BEP D . 3.67 -4.95 0.96
H32 BEP D . 4.05 -3.33 0.29
H41 BEP D . 7.01 -8.21 1.96
H42 BEP D . 6.04 -8.58 0.54
H51 BEP D . 8.51 -9.52 0.80
H61 BEP D . 10.16 -8.01 0.50
H62 BEP D . 8.95 -6.74 0.61
H63 BEP D . 9.40 -7.41 -0.96
H71 BEP D . 7.95 -10.26 -1.25
H72 BEP D . 8.35 -8.68 -1.93
H73 BEP D . 6.71 -9.01 -1.36
H81 BEP D . 7.87 -3.41 -1.25
H82 BEP D . 8.23 -4.80 -0.17
H91 BEP D . 8.10 -6.33 -1.94
H92 BEP D . 8.32 -4.91 -2.98
H101 BEP D . 6.12 -6.43 -3.26
H102 BEP D . 6.00 -4.69 -3.39
H111 BEP D . 5.36 -6.45 -0.95
H112 BEP D . 4.39 -5.11 -1.63
H121 BEP D . 3.38 -5.18 3.37
H122 BEP D . 3.33 -3.71 4.35
H141 BEP D . 1.97 -3.93 0.85
H151 BEP D . -0.43 -3.62 0.30
H161 BEP D . -2.11 -3.43 2.11
H171 BEP D . -1.40 -3.54 4.48
H181 BEP D . 1.00 -3.84 5.04
H201 BEP D . 2.13 -1.69 1.91
H211 BEP D . 2.26 0.80 2.02
H221 BEP D . 4.39 1.90 2.64
H231 BEP D . 6.39 0.54 3.17
H241 BEP D . 6.27 -1.94 3.06
N MET A 1 9.54 10.39 -16.45
CA MET A 1 10.41 9.85 -15.36
C MET A 1 10.27 8.34 -15.30
N ASP A 2 9.21 7.88 -14.65
CA ASP A 2 8.96 6.45 -14.51
C ASP A 2 7.86 6.01 -15.47
N ASP A 3 8.24 5.78 -16.73
CA ASP A 3 7.28 5.36 -17.74
C ASP A 3 7.07 3.85 -17.67
N ILE A 4 8.16 3.10 -17.57
CA ILE A 4 8.08 1.64 -17.50
C ILE A 4 7.01 1.22 -16.50
N TYR A 5 6.80 2.04 -15.48
CA TYR A 5 5.80 1.73 -14.45
C TYR A 5 4.43 2.26 -14.87
N LYS A 6 4.43 3.34 -15.65
CA LYS A 6 3.18 3.93 -16.11
C LYS A 6 2.34 2.90 -16.84
N ALA A 7 3.02 1.95 -17.49
CA ALA A 7 2.32 0.90 -18.23
C ALA A 7 1.82 -0.17 -17.26
N ALA A 8 2.75 -0.77 -16.53
CA ALA A 8 2.39 -1.81 -15.57
C ALA A 8 1.20 -1.35 -14.73
N VAL A 9 1.14 -0.04 -14.48
CA VAL A 9 0.05 0.53 -13.70
C VAL A 9 -1.20 0.66 -14.55
N GLU A 10 -1.00 0.83 -15.86
CA GLU A 10 -2.11 0.97 -16.79
C GLU A 10 -2.65 -0.40 -17.17
N GLN A 11 -1.79 -1.41 -17.05
CA GLN A 11 -2.17 -2.78 -17.37
C GLN A 11 -3.30 -3.23 -16.47
N LEU A 12 -3.12 -3.01 -15.16
CA LEU A 12 -4.12 -3.41 -14.19
C LEU A 12 -5.52 -3.07 -14.69
N THR A 13 -6.50 -3.84 -14.21
CA THR A 13 -7.89 -3.62 -14.62
C THR A 13 -8.54 -2.56 -13.74
N GLU A 14 -9.51 -1.86 -14.31
CA GLU A 14 -10.23 -0.82 -13.58
C GLU A 14 -10.56 -1.28 -12.15
N GLU A 15 -10.76 -2.59 -12.01
CA GLU A 15 -11.08 -3.16 -10.71
C GLU A 15 -9.98 -2.85 -9.70
N GLN A 16 -8.86 -3.55 -9.82
CA GLN A 16 -7.73 -3.33 -8.90
C GLN A 16 -7.52 -1.84 -8.67
N LYS A 17 -7.66 -1.07 -9.74
CA LYS A 17 -7.47 0.38 -9.65
C LYS A 17 -8.39 0.97 -8.59
N ASN A 18 -9.49 0.27 -8.32
CA ASN A 18 -10.46 0.73 -7.32
C ASN A 18 -10.10 0.19 -5.94
N GLU A 19 -10.24 -1.12 -5.78
CA GLU A 19 -9.95 -1.76 -4.49
C GLU A 19 -8.74 -1.10 -3.83
N PHE A 20 -7.74 -0.77 -4.65
CA PHE A 20 -6.53 -0.14 -4.12
C PHE A 20 -6.88 1.12 -3.34
N LYS A 21 -7.72 1.96 -3.93
CA LYS A 21 -8.12 3.21 -3.29
C LYS A 21 -8.70 2.93 -1.91
N ALA A 22 -9.56 1.92 -1.82
CA ALA A 22 -10.17 1.55 -0.55
C ALA A 22 -9.10 1.45 0.54
N ALA A 23 -8.02 0.73 0.23
CA ALA A 23 -6.94 0.56 1.18
C ALA A 23 -6.23 1.89 1.43
N PHE A 24 -6.22 2.72 0.39
CA PHE A 24 -5.57 4.04 0.49
C PHE A 24 -6.26 4.86 1.58
N ASP A 25 -7.53 4.55 1.82
CA ASP A 25 -8.31 5.25 2.82
C ASP A 25 -8.10 4.64 4.21
N ILE A 26 -7.23 3.63 4.27
CA ILE A 26 -6.96 2.97 5.55
C ILE A 26 -5.55 3.31 6.01
N PHE A 27 -4.59 3.16 5.11
CA PHE A 27 -3.20 3.46 5.42
C PHE A 27 -3.07 4.89 5.94
N VAL A 28 -3.68 5.83 5.22
CA VAL A 28 -3.64 7.23 5.62
C VAL A 28 -5.00 7.65 6.16
N LEU A 29 -5.68 6.70 6.79
CA LEU A 29 -7.00 6.97 7.35
C LEU A 29 -6.91 8.03 8.46
N GLY A 30 -5.67 8.32 8.88
CA GLY A 30 -5.44 9.31 9.93
C GLY A 30 -4.06 9.93 9.78
N ALA A 31 -3.63 10.10 8.52
CA ALA A 31 -2.32 10.68 8.26
C ALA A 31 -2.42 12.20 8.14
N GLU A 32 -1.34 12.81 7.66
CA GLU A 32 -1.30 14.26 7.50
C GLU A 32 -1.57 14.65 6.05
N ASP A 33 -0.99 13.88 5.13
CA ASP A 33 -1.18 14.15 3.70
C ASP A 33 -1.82 12.95 3.02
N GLY A 34 -0.98 11.98 2.65
CA GLY A 34 -1.48 10.77 1.99
C GLY A 34 -0.37 9.74 1.83
N CYS A 35 0.43 9.59 2.89
CA CYS A 35 1.54 8.64 2.85
C CYS A 35 1.31 7.53 3.87
N ILE A 36 1.94 6.38 3.64
CA ILE A 36 1.79 5.26 4.55
C ILE A 36 3.03 5.11 5.42
N SER A 37 3.03 5.79 6.56
CA SER A 37 4.15 5.74 7.48
C SER A 37 4.29 4.33 8.06
N THR A 38 5.53 3.95 8.37
CA THR A 38 5.78 2.63 8.93
C THR A 38 4.75 2.30 10.00
N LYS A 39 4.50 3.27 10.88
CA LYS A 39 3.53 3.06 11.96
C LYS A 39 2.12 2.94 11.40
N GLU A 40 1.66 4.00 10.75
CA GLU A 40 0.31 4.01 10.18
C GLU A 40 0.02 2.71 9.45
N LEU A 41 1.07 2.10 8.89
CA LEU A 41 0.92 0.85 8.16
C LEU A 41 0.52 -0.28 9.11
N GLY A 42 1.02 -0.20 10.33
CA GLY A 42 0.72 -1.22 11.33
C GLY A 42 -0.77 -1.27 11.64
N LYS A 43 -1.43 -0.13 11.49
CA LYS A 43 -2.87 -0.05 11.75
C LYS A 43 -3.65 -0.87 10.72
N VAL A 44 -3.26 -0.75 9.46
CA VAL A 44 -3.93 -1.48 8.39
C VAL A 44 -3.69 -2.97 8.53
N MET A 45 -2.43 -3.38 8.42
CA MET A 45 -2.08 -4.79 8.55
C MET A 45 -2.90 -5.43 9.67
N ARG A 46 -2.87 -4.79 10.83
CA ARG A 46 -3.59 -5.30 12.00
C ARG A 46 -5.03 -5.66 11.61
N MET A 47 -5.59 -4.92 10.66
CA MET A 47 -6.95 -5.17 10.20
C MET A 47 -7.00 -6.39 9.28
N LEU A 48 -5.83 -6.82 8.82
CA LEU A 48 -5.77 -7.99 7.93
C LEU A 48 -5.16 -9.17 8.65
N GLY A 49 -5.58 -9.39 9.90
CA GLY A 49 -5.08 -10.50 10.70
C GLY A 49 -3.55 -10.49 10.74
N GLN A 50 -2.97 -9.32 10.45
CA GLN A 50 -1.52 -9.20 10.46
C GLN A 50 -1.11 -8.08 11.42
N ASN A 51 -0.32 -8.44 12.41
CA ASN A 51 0.14 -7.46 13.40
C ASN A 51 1.66 -7.37 13.41
N PRO A 52 2.21 -6.57 12.51
CA PRO A 52 3.67 -6.37 12.40
C PRO A 52 4.20 -5.39 13.44
N THR A 53 5.41 -4.90 13.22
CA THR A 53 6.03 -3.95 14.15
C THR A 53 6.58 -2.75 13.40
N PRO A 54 7.03 -1.75 14.14
CA PRO A 54 7.60 -0.52 13.55
C PRO A 54 9.04 -0.70 13.10
N GLU A 55 9.67 -1.74 13.64
CA GLU A 55 11.07 -2.04 13.29
C GLU A 55 11.11 -2.90 12.03
N GLU A 56 10.04 -3.67 11.82
CA GLU A 56 9.96 -4.53 10.65
C GLU A 56 9.33 -3.79 9.48
N LEU A 57 8.15 -3.24 9.70
CA LEU A 57 7.45 -2.51 8.65
C LEU A 57 8.43 -1.62 7.89
N GLN A 58 9.27 -0.91 8.65
CA GLN A 58 10.26 -0.03 8.03
C GLN A 58 10.85 -0.67 6.78
N GLU A 59 11.33 -1.90 6.94
CA GLU A 59 11.92 -2.64 5.83
C GLU A 59 11.01 -2.52 4.59
N MET A 60 9.73 -2.82 4.79
CA MET A 60 8.77 -2.74 3.71
C MET A 60 8.72 -1.33 3.13
N ILE A 61 9.22 -0.38 3.93
CA ILE A 61 9.25 1.02 3.50
C ILE A 61 10.47 1.28 2.65
N ASP A 62 11.63 0.86 3.14
CA ASP A 62 12.87 1.06 2.41
C ASP A 62 12.65 0.81 0.92
N GLU A 63 11.75 -0.11 0.62
CA GLU A 63 11.45 -0.44 -0.78
C GLU A 63 10.92 0.79 -1.50
N VAL A 64 9.91 1.41 -0.92
CA VAL A 64 9.31 2.61 -1.52
C VAL A 64 10.04 3.86 -1.04
N ASP A 65 10.81 3.70 0.04
CA ASP A 65 11.55 4.83 0.60
C ASP A 65 12.93 4.94 -0.06
N GLU A 66 12.93 4.99 -1.38
CA GLU A 66 14.19 5.10 -2.13
C GLU A 66 14.78 6.50 -1.96
N ASP A 67 14.01 7.38 -1.32
CA ASP A 67 14.46 8.76 -1.10
C ASP A 67 14.75 8.99 0.39
N GLY A 68 14.23 8.08 1.22
CA GLY A 68 14.43 8.18 2.66
C GLY A 68 13.44 9.17 3.28
N SER A 69 12.50 9.65 2.47
CA SER A 69 11.49 10.58 2.97
C SER A 69 11.04 10.18 4.36
N GLY A 70 10.74 8.88 4.51
CA GLY A 70 10.28 8.37 5.81
C GLY A 70 8.82 7.95 5.75
N THR A 71 8.17 8.24 4.63
CA THR A 71 6.76 7.89 4.46
C THR A 71 6.51 7.34 3.05
N VAL A 72 5.33 6.76 2.86
CA VAL A 72 4.97 6.20 1.57
C VAL A 72 3.82 6.99 0.95
N ASP A 73 4.17 8.12 0.33
CA ASP A 73 3.16 8.96 -0.31
C ASP A 73 2.24 8.12 -1.20
N PHE A 74 1.31 8.80 -1.86
CA PHE A 74 0.37 8.12 -2.75
C PHE A 74 1.03 7.80 -4.10
N ASP A 75 2.33 8.09 -4.21
CA ASP A 75 3.05 7.83 -5.45
C ASP A 75 3.89 6.56 -5.35
N GLU A 76 4.21 6.15 -4.12
CA GLU A 76 5.03 4.96 -3.92
C GLU A 76 4.15 3.73 -3.73
N PHE A 77 3.16 3.84 -2.85
CA PHE A 77 2.27 2.72 -2.57
C PHE A 77 1.96 1.94 -3.84
N LEU A 78 1.08 2.49 -4.67
CA LEU A 78 0.68 1.84 -5.91
C LEU A 78 1.85 1.07 -6.52
N VAL A 79 2.82 1.81 -7.06
CA VAL A 79 3.99 1.19 -7.67
C VAL A 79 4.49 0.04 -6.80
N MET A 80 4.37 0.21 -5.49
CA MET A 80 4.81 -0.84 -4.56
C MET A 80 3.87 -2.03 -4.66
N MET A 81 2.58 -1.75 -4.61
CA MET A 81 1.58 -2.82 -4.70
C MET A 81 1.81 -3.66 -5.95
N VAL A 82 2.25 -3.00 -7.01
CA VAL A 82 2.51 -3.69 -8.28
C VAL A 82 3.95 -4.20 -8.32
N ARG A 83 4.85 -3.44 -7.70
CA ARG A 83 6.26 -3.81 -7.69
C ARG A 83 6.51 -5.04 -6.80
N CYS A 84 5.48 -5.45 -6.07
CA CYS A 84 5.62 -6.61 -5.19
C CYS A 84 5.50 -7.90 -5.99
N MET A 85 4.68 -7.86 -7.04
CA MET A 85 4.48 -9.05 -7.88
C MET A 85 5.54 -9.10 -8.97
N LYS A 86 5.90 -7.93 -9.50
CA LYS A 86 6.91 -7.85 -10.54
C LYS A 86 8.31 -7.92 -9.95
N ASP A 87 8.40 -7.65 -8.65
CA ASP A 87 9.70 -7.68 -7.96
C ASP A 87 9.49 -7.88 -6.46
N ASP A 88 8.74 -8.92 -6.11
CA ASP A 88 8.49 -9.21 -4.70
C ASP A 88 9.75 -9.02 -3.87
N SER A 89 9.84 -7.87 -3.22
CA SER A 89 11.01 -7.57 -2.39
C SER A 89 12.28 -7.60 -3.23
N ARG B 1 4.86 -11.77 -2.72
CA ARG B 1 3.82 -11.91 -3.78
C ARG B 1 2.45 -12.10 -3.12
N ILE B 2 1.60 -11.08 -3.27
CA ILE B 2 0.26 -11.15 -2.68
C ILE B 2 -0.79 -10.83 -3.73
N SER B 3 -1.89 -11.57 -3.69
CA SER B 3 -2.98 -11.34 -4.65
C SER B 3 -3.65 -10.01 -4.37
N ALA B 4 -4.39 -9.95 -3.27
CA ALA B 4 -5.09 -8.73 -2.89
C ALA B 4 -6.26 -9.05 -1.96
N ASP B 5 -6.80 -10.25 -2.12
CA ASP B 5 -7.91 -10.69 -1.29
C ASP B 5 -7.70 -10.28 0.17
N ALA B 6 -6.44 -10.26 0.58
CA ALA B 6 -6.11 -9.88 1.96
C ALA B 6 -6.38 -8.40 2.18
N MET B 7 -5.95 -7.58 1.23
CA MET B 7 -6.14 -6.13 1.33
C MET B 7 -7.62 -5.80 1.47
N MET B 8 -8.47 -6.69 0.97
CA MET B 8 -9.92 -6.48 1.03
C MET B 8 -10.44 -6.76 2.44
N GLN B 9 -9.61 -7.40 3.25
CA GLN B 9 -10.01 -7.72 4.62
C GLN B 9 -10.30 -6.45 5.41
N ALA B 10 -9.41 -5.48 5.30
CA ALA B 10 -9.58 -4.21 6.02
C ALA B 10 -10.45 -3.25 5.22
N LEU B 11 -10.65 -3.58 3.96
CA LEU B 11 -11.47 -2.74 3.08
C LEU B 11 -12.93 -3.19 3.11
N LEU B 12 -13.20 -4.23 3.91
CA LEU B 12 -14.55 -4.76 4.02
C LEU B 12 -15.40 -3.90 4.96
N GLY B 13 -14.72 -3.17 5.85
CA GLY B 13 -15.42 -2.32 6.80
C GLY B 13 -14.76 -0.94 6.88
N ALA B 14 -14.22 -0.63 8.06
CA ALA B 14 -13.56 0.66 8.27
C ALA B 14 -14.58 1.73 8.63
N ARG B 15 -15.63 1.81 7.82
CA ARG B 15 -16.69 2.79 8.07
C ARG B 15 -17.95 2.42 7.30
N ALA B 16 -17.77 2.03 6.04
CA ALA B 16 -18.91 1.65 5.21
C ALA B 16 -19.29 0.19 5.47
N LYS B 17 -20.52 -0.02 5.90
CA LYS B 17 -20.99 -1.38 6.18
C LYS B 17 -20.92 -2.25 4.93
CA CA C . 9.22 7.86 0.26
C1 BEP D . 2.00 -6.04 0.33
C2 BEP D . 2.72 -5.35 1.49
C3 BEP D . 3.07 -3.87 1.11
O1 BEP D . 1.44 -5.04 -0.56
N2 BEP D . 3.96 -6.10 1.83
N3 BEP D . 2.17 -2.90 1.81
C4 BEP D . 0.99 -5.54 -1.84
C5 BEP D . -0.54 -5.59 -1.85
C6 BEP D . -1.01 -6.88 -1.18
C7 BEP D . -1.04 -5.55 -3.29
C8 BEP D . 3.83 -7.46 2.42
C9 BEP D . 4.97 -8.28 1.82
C10 BEP D . 5.97 -7.23 1.32
C11 BEP D . 5.08 -6.09 0.86
C12 BEP D . 0.73 -2.92 1.47
C13 BEP D . -0.18 -3.84 2.31
C14 BEP D . -0.51 -3.49 3.63
C15 BEP D . -1.33 -4.33 4.38
C16 BEP D . -1.82 -5.52 3.84
C17 BEP D . -1.50 -5.88 2.53
C18 BEP D . -0.67 -5.04 1.76
C19 BEP D . 2.76 -1.57 2.10
C20 BEP D . 3.82 -1.46 3.02
C21 BEP D . 4.37 -0.20 3.29
C22 BEP D . 3.86 0.95 2.66
C23 BEP D . 2.80 0.83 1.75
C24 BEP D . 2.25 -0.43 1.48
H11 BEP D . 1.21 -6.66 0.73
H12 BEP D . 2.69 -6.67 -0.20
H21 BEP D . 2.06 -5.33 2.37
H31 BEP D . 2.98 -3.74 0.02
H32 BEP D . 4.13 -3.67 1.39
H41 BEP D . 1.32 -4.90 -2.64
H42 BEP D . 1.37 -6.54 -2.02
H51 BEP D . -0.92 -4.74 -1.31
H61 BEP D . -1.40 -7.55 -1.93
H62 BEP D . -1.78 -6.66 -0.46
H63 BEP D . -0.18 -7.35 -0.68
H71 BEP D . -0.40 -6.16 -3.91
H72 BEP D . -1.02 -4.54 -3.65
H73 BEP D . -2.05 -5.92 -3.34
H81 BEP D . 3.90 -7.42 3.53
H82 BEP D . 2.84 -7.90 2.15
H91 BEP D . 4.61 -8.89 1.01
H92 BEP D . 5.43 -8.91 2.58
H101 BEP D . 6.56 -7.61 0.50
H102 BEP D . 6.63 -6.93 2.11
H111 BEP D . 4.68 -6.23 -0.17
H112 BEP D . 5.60 -5.11 0.90
H121 BEP D . 0.35 -1.88 1.52
H122 BEP D . 0.65 -3.21 0.39
H141 BEP D . -0.13 -2.58 4.05
H151 BEP D . -1.59 -4.06 5.40
H161 BEP D . -2.46 -6.16 4.42
H171 BEP D . -1.87 -6.80 2.10
H181 BEP D . -0.42 -5.31 0.74
H201 BEP D . 4.21 -2.34 3.50
H211 BEP D . 5.18 -0.10 4.00
H221 BEP D . 4.28 1.92 2.88
H231 BEP D . 2.41 1.71 1.27
H241 BEP D . 1.44 -0.51 0.77
N MET A 1 10.33 9.43 -14.82
CA MET A 1 10.97 8.12 -15.12
C MET A 1 10.05 6.99 -14.66
N ASP A 2 8.74 7.25 -14.70
CA ASP A 2 7.76 6.25 -14.28
C ASP A 2 7.09 5.61 -15.49
N ASP A 3 7.63 5.88 -16.67
CA ASP A 3 7.08 5.31 -17.90
C ASP A 3 6.86 3.82 -17.74
N ILE A 4 7.97 3.08 -17.65
CA ILE A 4 7.89 1.62 -17.50
C ILE A 4 6.76 1.26 -16.54
N TYR A 5 6.51 2.14 -15.57
CA TYR A 5 5.45 1.91 -14.60
C TYR A 5 4.12 2.38 -15.16
N LYS A 6 4.16 3.52 -15.85
CA LYS A 6 2.96 4.09 -16.46
C LYS A 6 2.17 3.01 -17.19
N ALA A 7 2.88 2.21 -17.98
CA ALA A 7 2.25 1.13 -18.72
C ALA A 7 1.65 0.10 -17.76
N ALA A 8 2.52 -0.49 -16.94
CA ALA A 8 2.06 -1.49 -15.96
C ALA A 8 0.90 -0.93 -15.15
N VAL A 9 0.92 0.39 -14.94
CA VAL A 9 -0.14 1.05 -14.19
C VAL A 9 -1.34 1.32 -15.10
N GLU A 10 -1.07 1.35 -16.41
CA GLU A 10 -2.14 1.59 -17.37
C GLU A 10 -2.93 0.30 -17.59
N GLN A 11 -2.20 -0.77 -17.85
CA GLN A 11 -2.84 -2.08 -18.06
C GLN A 11 -3.93 -2.29 -17.02
N LEU A 12 -3.64 -1.83 -15.81
CA LEU A 12 -4.58 -1.98 -14.71
C LEU A 12 -5.90 -1.29 -15.02
N THR A 13 -6.99 -2.04 -14.87
CA THR A 13 -8.31 -1.50 -15.14
C THR A 13 -8.92 -0.94 -13.85
N GLU A 14 -9.80 0.04 -14.00
CA GLU A 14 -10.43 0.65 -12.83
C GLU A 14 -10.77 -0.42 -11.79
N GLU A 15 -11.12 -1.60 -12.27
CA GLU A 15 -11.47 -2.70 -11.37
C GLU A 15 -10.38 -2.89 -10.31
N GLN A 16 -9.18 -3.21 -10.77
CA GLN A 16 -8.07 -3.44 -9.85
C GLN A 16 -7.72 -2.15 -9.10
N LYS A 17 -7.86 -1.01 -9.79
CA LYS A 17 -7.56 0.27 -9.18
C LYS A 17 -8.37 0.45 -7.90
N ASN A 18 -9.63 0.03 -7.95
CA ASN A 18 -10.51 0.13 -6.79
C ASN A 18 -9.96 -0.69 -5.63
N GLU A 19 -10.07 -2.02 -5.77
CA GLU A 19 -9.58 -2.91 -4.73
C GLU A 19 -8.28 -2.39 -4.15
N PHE A 20 -7.51 -1.69 -4.98
CA PHE A 20 -6.23 -1.14 -4.54
C PHE A 20 -6.45 0.07 -3.63
N LYS A 21 -7.02 1.13 -4.20
CA LYS A 21 -7.29 2.34 -3.44
C LYS A 21 -7.93 2.00 -2.10
N ALA A 22 -8.92 1.12 -2.14
CA ALA A 22 -9.61 0.71 -0.92
C ALA A 22 -8.61 0.51 0.20
N ALA A 23 -7.59 -0.31 -0.06
CA ALA A 23 -6.57 -0.58 0.95
C ALA A 23 -5.79 0.69 1.27
N PHE A 24 -5.78 1.62 0.31
CA PHE A 24 -5.07 2.88 0.51
C PHE A 24 -5.85 3.76 1.48
N ASP A 25 -7.14 3.48 1.60
CA ASP A 25 -8.00 4.24 2.49
C ASP A 25 -7.94 3.68 3.91
N ILE A 26 -7.02 2.74 4.13
CA ILE A 26 -6.87 2.14 5.45
C ILE A 26 -5.58 2.63 6.09
N PHE A 27 -4.45 2.20 5.52
CA PHE A 27 -3.15 2.61 6.05
C PHE A 27 -3.17 4.09 6.38
N VAL A 28 -3.92 4.85 5.57
CA VAL A 28 -4.02 6.29 5.77
C VAL A 28 -5.46 6.65 6.15
N LEU A 29 -6.11 5.73 6.85
CA LEU A 29 -7.50 5.96 7.27
C LEU A 29 -7.56 7.07 8.32
N GLY A 30 -6.39 7.51 8.78
CA GLY A 30 -6.32 8.58 9.76
C GLY A 30 -5.17 9.53 9.42
N ALA A 31 -4.73 9.47 8.17
CA ALA A 31 -3.63 10.32 7.71
C ALA A 31 -4.18 11.60 7.10
N GLU A 32 -3.26 12.45 6.65
CA GLU A 32 -3.63 13.72 6.04
C GLU A 32 -4.17 13.50 4.64
N ASP A 33 -3.46 12.72 3.84
CA ASP A 33 -3.90 12.43 2.47
C ASP A 33 -3.87 10.93 2.20
N GLY A 34 -2.67 10.39 1.99
CA GLY A 34 -2.54 8.96 1.71
C GLY A 34 -1.10 8.49 1.91
N CYS A 35 -0.52 8.88 3.04
CA CYS A 35 0.85 8.48 3.35
C CYS A 35 0.87 7.37 4.39
N ILE A 36 1.68 6.35 4.14
CA ILE A 36 1.78 5.22 5.06
C ILE A 36 3.04 5.33 5.91
N SER A 37 2.93 4.94 7.18
CA SER A 37 4.07 5.00 8.08
C SER A 37 4.30 3.63 8.71
N THR A 38 5.56 3.33 9.01
CA THR A 38 5.89 2.04 9.62
C THR A 38 4.83 1.65 10.64
N LYS A 39 4.24 2.67 11.27
CA LYS A 39 3.21 2.44 12.27
C LYS A 39 1.83 2.31 11.61
N GLU A 40 1.38 3.40 11.01
CA GLU A 40 0.08 3.41 10.34
C GLU A 40 -0.13 2.11 9.56
N LEU A 41 0.95 1.55 9.05
CA LEU A 41 0.87 0.31 8.29
C LEU A 41 0.50 -0.85 9.20
N GLY A 42 1.35 -1.12 10.18
CA GLY A 42 1.10 -2.20 11.12
C GLY A 42 -0.35 -2.19 11.62
N LYS A 43 -0.94 -1.01 11.65
CA LYS A 43 -2.32 -0.86 12.11
C LYS A 43 -3.28 -1.54 11.14
N VAL A 44 -2.88 -1.60 9.87
CA VAL A 44 -3.72 -2.21 8.85
C VAL A 44 -3.49 -3.73 8.78
N MET A 45 -2.21 -4.11 8.71
CA MET A 45 -1.87 -5.53 8.63
C MET A 45 -2.55 -6.31 9.74
N ARG A 46 -2.62 -5.70 10.92
CA ARG A 46 -3.25 -6.36 12.06
C ARG A 46 -4.70 -6.70 11.75
N MET A 47 -5.30 -5.93 10.84
CA MET A 47 -6.69 -6.15 10.46
C MET A 47 -6.79 -7.25 9.41
N LEU A 48 -5.64 -7.73 8.95
CA LEU A 48 -5.62 -8.79 7.94
C LEU A 48 -5.44 -10.15 8.60
N GLY A 49 -4.18 -10.52 8.84
CA GLY A 49 -3.89 -11.80 9.48
C GLY A 49 -2.47 -11.82 10.04
N GLN A 50 -2.01 -10.65 10.47
CA GLN A 50 -0.66 -10.54 11.03
C GLN A 50 -0.49 -9.20 11.74
N ASN A 51 0.07 -9.26 12.96
CA ASN A 51 0.28 -8.05 13.74
C ASN A 51 1.77 -7.78 13.93
N PRO A 52 2.37 -7.06 12.99
CA PRO A 52 3.80 -6.72 13.03
C PRO A 52 4.10 -5.51 13.92
N THR A 53 5.31 -4.99 13.81
CA THR A 53 5.73 -3.84 14.61
C THR A 53 6.35 -2.77 13.72
N PRO A 54 6.79 -1.67 14.31
CA PRO A 54 7.39 -0.55 13.55
C PRO A 54 8.87 -0.80 13.24
N GLU A 55 9.39 -1.92 13.73
CA GLU A 55 10.79 -2.27 13.51
C GLU A 55 10.96 -2.97 12.17
N GLU A 56 10.07 -3.93 11.90
CA GLU A 56 10.13 -4.68 10.64
C GLU A 56 9.45 -3.90 9.53
N LEU A 57 8.29 -3.31 9.85
CA LEU A 57 7.55 -2.53 8.86
C LEU A 57 8.43 -1.43 8.29
N GLN A 58 9.18 -0.76 9.16
CA GLN A 58 10.08 0.31 8.73
C GLN A 58 10.80 -0.10 7.46
N GLU A 59 11.35 -1.32 7.47
CA GLU A 59 12.07 -1.82 6.32
C GLU A 59 11.17 -1.82 5.09
N MET A 60 9.95 -2.29 5.27
CA MET A 60 8.99 -2.33 4.16
C MET A 60 8.85 -0.96 3.53
N ILE A 61 9.15 0.07 4.32
CA ILE A 61 9.06 1.44 3.85
C ILE A 61 10.29 1.79 3.01
N ASP A 62 11.45 1.35 3.49
CA ASP A 62 12.70 1.62 2.79
C ASP A 62 12.61 1.11 1.35
N GLU A 63 11.67 0.20 1.11
CA GLU A 63 11.49 -0.35 -0.23
C GLU A 63 10.72 0.63 -1.10
N VAL A 64 10.16 1.65 -0.47
CA VAL A 64 9.38 2.65 -1.21
C VAL A 64 9.89 4.06 -0.91
N ASP A 65 10.34 4.26 0.32
CA ASP A 65 10.86 5.57 0.73
C ASP A 65 12.21 5.83 0.06
N GLU A 66 12.16 6.10 -1.25
CA GLU A 66 13.37 6.36 -2.02
C GLU A 66 13.91 7.76 -1.71
N ASP A 67 12.98 8.69 -1.45
CA ASP A 67 13.38 10.06 -1.15
C ASP A 67 13.76 10.20 0.33
N GLY A 68 13.26 9.27 1.15
CA GLY A 68 13.55 9.29 2.57
C GLY A 68 12.48 10.06 3.33
N SER A 69 11.38 10.37 2.64
CA SER A 69 10.29 11.11 3.27
C SER A 69 9.88 10.46 4.59
N GLY A 70 10.03 9.14 4.65
CA GLY A 70 9.68 8.40 5.86
C GLY A 70 8.21 7.98 5.83
N THR A 71 7.62 7.99 4.63
CA THR A 71 6.22 7.60 4.47
C THR A 71 5.98 7.06 3.07
N VAL A 72 4.75 6.60 2.84
CA VAL A 72 4.39 6.06 1.53
C VAL A 72 3.11 6.69 1.01
N ASP A 73 3.27 7.68 0.15
CA ASP A 73 2.12 8.39 -0.43
C ASP A 73 1.43 7.49 -1.46
N PHE A 74 0.32 7.98 -1.99
CA PHE A 74 -0.44 7.23 -2.99
C PHE A 74 0.44 6.87 -4.18
N ASP A 75 1.58 7.55 -4.30
CA ASP A 75 2.50 7.30 -5.41
C ASP A 75 3.37 6.07 -5.12
N GLU A 76 4.43 6.29 -4.35
CA GLU A 76 5.36 5.21 -4.00
C GLU A 76 4.58 3.96 -3.61
N PHE A 77 3.36 4.13 -3.13
CA PHE A 77 2.53 3.01 -2.72
C PHE A 77 2.22 2.11 -3.92
N LEU A 78 1.91 2.75 -5.05
CA LEU A 78 1.59 2.00 -6.26
C LEU A 78 2.83 1.28 -6.77
N VAL A 79 3.80 2.05 -7.26
CA VAL A 79 5.03 1.46 -7.78
C VAL A 79 5.48 0.33 -6.86
N MET A 80 5.46 0.60 -5.55
CA MET A 80 5.85 -0.39 -4.56
C MET A 80 5.37 -1.77 -4.99
N MET A 81 4.05 -1.96 -4.94
CA MET A 81 3.45 -3.22 -5.32
C MET A 81 3.90 -3.61 -6.72
N VAL A 82 3.45 -2.85 -7.70
CA VAL A 82 3.79 -3.10 -9.10
C VAL A 82 5.26 -3.54 -9.22
N ARG A 83 6.08 -3.07 -8.29
CA ARG A 83 7.50 -3.42 -8.32
C ARG A 83 7.78 -4.74 -7.60
N CYS A 84 7.19 -4.90 -6.41
CA CYS A 84 7.42 -6.11 -5.64
C CYS A 84 6.45 -7.24 -6.03
N MET A 85 5.21 -6.88 -6.33
CA MET A 85 4.23 -7.89 -6.72
C MET A 85 4.62 -8.53 -8.04
N LYS A 86 5.62 -7.94 -8.70
CA LYS A 86 6.11 -8.47 -9.97
C LYS A 86 7.63 -8.58 -9.93
N ASP A 87 8.19 -8.50 -8.72
CA ASP A 87 9.63 -8.59 -8.54
C ASP A 87 9.98 -8.34 -7.07
N ASP A 88 11.26 -8.07 -6.82
CA ASP A 88 11.71 -7.82 -5.44
C ASP A 88 12.79 -6.75 -5.42
N SER A 89 13.25 -6.41 -4.23
CA SER A 89 14.29 -5.39 -4.08
C SER A 89 15.60 -6.04 -3.62
N ARG B 1 3.18 -12.40 -2.03
CA ARG B 1 2.17 -12.56 -3.10
C ARG B 1 0.98 -11.65 -2.82
N ILE B 2 1.24 -10.34 -2.85
CA ILE B 2 0.18 -9.36 -2.59
C ILE B 2 -0.70 -9.20 -3.82
N SER B 3 -1.96 -9.60 -3.69
CA SER B 3 -2.91 -9.50 -4.79
C SER B 3 -4.01 -8.49 -4.47
N ALA B 4 -3.93 -7.90 -3.28
CA ALA B 4 -4.92 -6.92 -2.85
C ALA B 4 -6.16 -7.61 -2.27
N ASP B 5 -6.22 -8.92 -2.43
CA ASP B 5 -7.34 -9.70 -1.91
C ASP B 5 -7.16 -9.97 -0.42
N ALA B 6 -5.95 -9.72 0.08
CA ALA B 6 -5.66 -9.95 1.49
C ALA B 6 -6.09 -8.75 2.34
N MET B 7 -6.06 -7.57 1.72
CA MET B 7 -6.44 -6.35 2.43
C MET B 7 -7.95 -6.23 2.53
N MET B 8 -8.65 -6.79 1.55
CA MET B 8 -10.11 -6.73 1.53
C MET B 8 -10.66 -6.90 2.95
N GLN B 9 -10.18 -7.93 3.64
CA GLN B 9 -10.64 -8.20 5.00
C GLN B 9 -10.59 -6.93 5.85
N ALA B 10 -9.59 -6.09 5.58
CA ALA B 10 -9.44 -4.84 6.32
C ALA B 10 -10.32 -3.74 5.70
N LEU B 11 -10.64 -3.91 4.43
CA LEU B 11 -11.47 -2.93 3.74
C LEU B 11 -12.93 -3.37 3.72
N LEU B 12 -13.36 -3.93 4.86
CA LEU B 12 -14.74 -4.39 4.98
C LEU B 12 -15.72 -3.23 4.86
N GLY B 13 -16.60 -3.31 3.86
CA GLY B 13 -17.60 -2.27 3.64
C GLY B 13 -17.04 -0.89 3.95
N ALA B 14 -16.59 -0.20 2.91
CA ALA B 14 -16.03 1.14 3.07
C ALA B 14 -17.06 2.19 2.66
N ARG B 15 -18.32 1.79 2.68
CA ARG B 15 -19.40 2.71 2.31
C ARG B 15 -20.32 2.98 3.50
N ALA B 16 -20.53 1.94 4.30
CA ALA B 16 -21.38 2.06 5.48
C ALA B 16 -20.74 2.99 6.52
N LYS B 17 -19.57 2.57 7.00
CA LYS B 17 -18.86 3.36 8.00
C LYS B 17 -19.60 3.34 9.33
CA CA C . 8.47 8.03 0.13
C1 BEP D . 5.47 -4.73 1.66
C2 BEP D . 4.06 -5.23 1.33
C3 BEP D . 2.99 -4.55 2.25
O1 BEP D . 6.34 -4.90 0.51
N2 BEP D . 3.99 -6.71 1.46
N3 BEP D . 2.55 -3.23 1.73
C4 BEP D . 7.74 -4.67 0.76
C5 BEP D . 8.51 -5.97 0.56
C6 BEP D . 7.94 -6.73 -0.64
C7 BEP D . 8.39 -6.83 1.82
C8 BEP D . 4.98 -7.53 0.70
C9 BEP D . 5.34 -8.70 1.63
C10 BEP D . 4.18 -8.73 2.65
C11 BEP D . 3.81 -7.28 2.81
C12 BEP D . 1.09 -2.95 1.65
C13 BEP D . 0.13 -4.13 1.92
C14 BEP D . -0.56 -4.20 3.15
C15 BEP D . -1.43 -5.27 3.40
C16 BEP D . -1.61 -6.27 2.44
C17 BEP D . -0.94 -6.20 1.21
C18 BEP D . -0.06 -5.13 0.95
C19 BEP D . 3.42 -2.07 2.03
C20 BEP D . 4.18 -2.04 3.20
C21 BEP D . 5.00 -0.93 3.49
C22 BEP D . 5.07 0.13 2.57
C23 BEP D . 4.31 0.10 1.40
C24 BEP D . 3.49 -1.00 1.12
H11 BEP D . 5.85 -5.27 2.51
H12 BEP D . 5.41 -3.67 1.93
H21 BEP D . 3.82 -4.95 0.28
H31 BEP D . 3.43 -4.43 3.27
H32 BEP D . 2.12 -5.23 2.35
H41 BEP D . 8.12 -3.92 0.07
H42 BEP D . 7.89 -4.31 1.76
H51 BEP D . 9.56 -5.75 0.39
H61 BEP D . 8.69 -6.77 -1.42
H62 BEP D . 7.06 -6.22 -1.00
H63 BEP D . 7.68 -7.73 -0.34
H71 BEP D . 8.94 -6.37 2.63
H72 BEP D . 8.80 -7.81 1.62
H73 BEP D . 7.34 -6.92 2.09
H81 BEP D . 4.53 -7.90 -0.24
H82 BEP D . 5.88 -6.93 0.45
H91 BEP D . 6.28 -8.52 2.12
H92 BEP D . 5.38 -9.62 1.07
H101 BEP D . 4.51 -9.16 3.58
H102 BEP D . 3.36 -9.32 2.27
H111 BEP D . 4.46 -6.75 3.54
H112 BEP D . 2.76 -7.14 3.14
H121 BEP D . 0.87 -2.12 2.34
H122 BEP D . 0.89 -2.54 0.63
H141 BEP D . -0.40 -3.44 3.90
H151 BEP D . -1.96 -5.33 4.34
H161 BEP D . -2.29 -7.09 2.63
H171 BEP D . -1.09 -6.96 0.47
H181 BEP D . 0.46 -5.07 0.02
H201 BEP D . 4.12 -2.85 3.91
H211 BEP D . 5.58 -0.90 4.39
H221 BEP D . 5.70 0.99 2.79
H231 BEP D . 4.37 0.93 0.69
H241 BEP D . 2.91 -1.02 0.20
N MET A 1 8.97 9.94 -16.51
CA MET A 1 10.32 9.31 -16.57
C MET A 1 10.17 7.80 -16.60
N ASP A 2 9.29 7.28 -15.75
CA ASP A 2 9.05 5.84 -15.68
C ASP A 2 7.69 5.51 -16.27
N ASP A 3 7.56 5.72 -17.57
CA ASP A 3 6.30 5.44 -18.26
C ASP A 3 6.11 3.94 -18.44
N ILE A 4 7.23 3.21 -18.42
CA ILE A 4 7.17 1.76 -18.58
C ILE A 4 6.22 1.14 -17.57
N TYR A 5 6.01 1.83 -16.45
CA TYR A 5 5.12 1.33 -15.41
C TYR A 5 3.69 1.79 -15.66
N LYS A 6 3.57 3.01 -16.20
CA LYS A 6 2.25 3.56 -16.48
C LYS A 6 1.36 2.51 -17.17
N ALA A 7 1.99 1.73 -18.05
CA ALA A 7 1.27 0.69 -18.77
C ALA A 7 0.82 -0.41 -17.81
N ALA A 8 1.80 -1.02 -17.13
CA ALA A 8 1.50 -2.07 -16.17
C ALA A 8 0.47 -1.59 -15.15
N VAL A 9 0.52 -0.30 -14.84
CA VAL A 9 -0.42 0.28 -13.89
C VAL A 9 -1.77 0.50 -14.54
N GLU A 10 -1.75 0.66 -15.86
CA GLU A 10 -2.98 0.87 -16.62
C GLU A 10 -3.64 -0.47 -16.90
N GLN A 11 -2.83 -1.52 -16.87
CA GLN A 11 -3.33 -2.86 -17.12
C GLN A 11 -4.44 -3.19 -16.12
N LEU A 12 -4.11 -3.04 -14.85
CA LEU A 12 -5.08 -3.33 -13.79
C LEU A 12 -6.43 -2.70 -14.11
N THR A 13 -7.49 -3.36 -13.68
CA THR A 13 -8.84 -2.85 -13.93
C THR A 13 -9.32 -1.98 -12.76
N GLU A 14 -10.29 -1.13 -13.04
CA GLU A 14 -10.84 -0.25 -12.01
C GLU A 14 -11.15 -1.03 -10.74
N GLU A 15 -11.41 -2.33 -10.92
CA GLU A 15 -11.75 -3.19 -9.78
C GLU A 15 -10.60 -3.19 -8.77
N GLN A 16 -9.47 -3.74 -9.18
CA GLN A 16 -8.31 -3.82 -8.31
C GLN A 16 -7.93 -2.41 -7.83
N LYS A 17 -7.95 -1.45 -8.75
CA LYS A 17 -7.63 -0.08 -8.39
C LYS A 17 -8.49 0.40 -7.24
N ASN A 18 -9.81 0.35 -7.45
CA ASN A 18 -10.75 0.77 -6.41
C ASN A 18 -10.37 0.17 -5.07
N GLU A 19 -10.50 -1.15 -4.94
CA GLU A 19 -10.17 -1.84 -3.70
C GLU A 19 -8.79 -1.40 -3.20
N PHE A 20 -7.91 -1.07 -4.13
CA PHE A 20 -6.57 -0.62 -3.77
C PHE A 20 -6.63 0.67 -2.98
N LYS A 21 -7.59 1.52 -3.35
CA LYS A 21 -7.76 2.81 -2.68
C LYS A 21 -8.39 2.60 -1.30
N ALA A 22 -9.13 1.52 -1.15
CA ALA A 22 -9.77 1.21 0.12
C ALA A 22 -8.72 1.04 1.21
N ALA A 23 -7.73 0.21 0.92
CA ALA A 23 -6.65 -0.04 1.88
C ALA A 23 -5.89 1.27 2.14
N PHE A 24 -5.93 2.17 1.16
CA PHE A 24 -5.27 3.46 1.30
C PHE A 24 -5.90 4.25 2.45
N ASP A 25 -7.21 4.06 2.61
CA ASP A 25 -7.95 4.75 3.67
C ASP A 25 -7.63 4.11 5.03
N ILE A 26 -6.88 3.03 5.00
CA ILE A 26 -6.50 2.35 6.23
C ILE A 26 -5.02 2.61 6.52
N PHE A 27 -4.22 2.55 5.46
CA PHE A 27 -2.78 2.80 5.60
C PHE A 27 -2.55 4.20 6.16
N VAL A 28 -3.31 5.15 5.64
CA VAL A 28 -3.19 6.54 6.09
C VAL A 28 -4.48 7.01 6.75
N LEU A 29 -5.15 6.08 7.44
CA LEU A 29 -6.40 6.40 8.11
C LEU A 29 -6.16 7.41 9.24
N GLY A 30 -4.90 7.62 9.56
CA GLY A 30 -4.52 8.57 10.61
C GLY A 30 -3.32 9.40 10.18
N ALA A 31 -3.30 9.76 8.90
CA ALA A 31 -2.21 10.56 8.35
C ALA A 31 -2.70 11.90 7.87
N GLU A 32 -1.76 12.83 7.70
CA GLU A 32 -2.11 14.17 7.24
C GLU A 32 -2.71 14.12 5.84
N ASP A 33 -2.13 13.29 4.99
CA ASP A 33 -2.62 13.15 3.62
C ASP A 33 -2.72 11.68 3.24
N GLY A 34 -1.64 11.13 2.69
CA GLY A 34 -1.63 9.74 2.27
C GLY A 34 -0.28 9.10 2.57
N CYS A 35 0.38 9.57 3.63
CA CYS A 35 1.68 9.02 4.02
C CYS A 35 1.51 7.70 4.74
N ILE A 36 2.19 6.68 4.24
CA ILE A 36 2.12 5.35 4.84
C ILE A 36 3.34 5.07 5.71
N SER A 37 3.38 5.70 6.87
CA SER A 37 4.50 5.51 7.79
C SER A 37 4.61 4.03 8.17
N THR A 38 5.78 3.65 8.67
CA THR A 38 6.01 2.27 9.07
C THR A 38 4.96 1.83 10.09
N LYS A 39 4.60 2.73 10.99
CA LYS A 39 3.60 2.43 12.01
C LYS A 39 2.20 2.48 11.42
N GLU A 40 1.96 3.51 10.60
CA GLU A 40 0.65 3.68 9.97
C GLU A 40 0.31 2.47 9.11
N LEU A 41 1.34 1.70 8.75
CA LEU A 41 1.15 0.52 7.94
C LEU A 41 0.69 -0.67 8.78
N GLY A 42 1.47 -0.97 9.82
CA GLY A 42 1.13 -2.08 10.71
C GLY A 42 -0.35 -2.08 11.07
N LYS A 43 -0.85 -0.90 11.43
CA LYS A 43 -2.26 -0.78 11.79
C LYS A 43 -3.16 -1.50 10.79
N VAL A 44 -2.77 -1.44 9.52
CA VAL A 44 -3.56 -2.09 8.47
C VAL A 44 -3.33 -3.60 8.50
N MET A 45 -2.08 -4.01 8.31
CA MET A 45 -1.74 -5.42 8.31
C MET A 45 -2.40 -6.13 9.51
N ARG A 46 -2.53 -5.40 10.61
CA ARG A 46 -3.15 -5.96 11.80
C ARG A 46 -4.62 -6.26 11.55
N MET A 47 -5.27 -5.37 10.79
CA MET A 47 -6.68 -5.56 10.46
C MET A 47 -6.84 -6.63 9.40
N LEU A 48 -5.70 -7.13 8.90
CA LEU A 48 -5.73 -8.16 7.87
C LEU A 48 -5.46 -9.54 8.48
N GLY A 49 -4.83 -9.54 9.65
CA GLY A 49 -4.52 -10.79 10.35
C GLY A 49 -3.02 -10.92 10.58
N GLN A 50 -2.31 -9.82 10.42
CA GLN A 50 -0.86 -9.82 10.62
C GLN A 50 -0.44 -8.66 11.51
N ASN A 51 0.25 -8.97 12.60
CA ASN A 51 0.71 -7.94 13.52
C ASN A 51 2.23 -7.86 13.53
N PRO A 52 2.80 -7.17 12.54
CA PRO A 52 4.26 -7.01 12.43
C PRO A 52 4.79 -5.92 13.36
N THR A 53 6.08 -5.61 13.20
CA THR A 53 6.71 -4.58 14.03
C THR A 53 7.08 -3.38 13.18
N PRO A 54 7.43 -2.27 13.82
CA PRO A 54 7.83 -1.04 13.12
C PRO A 54 9.25 -1.12 12.59
N GLU A 55 9.97 -2.16 13.01
CA GLU A 55 11.35 -2.36 12.56
C GLU A 55 11.38 -3.12 11.24
N GLU A 56 10.37 -3.95 11.02
CA GLU A 56 10.31 -4.74 9.78
C GLU A 56 9.71 -3.90 8.66
N LEU A 57 8.49 -3.43 8.88
CA LEU A 57 7.81 -2.61 7.88
C LEU A 57 8.73 -1.54 7.31
N GLN A 58 9.42 -0.84 8.20
CA GLN A 58 10.34 0.21 7.78
C GLN A 58 11.12 -0.25 6.56
N GLU A 59 11.54 -1.52 6.58
CA GLU A 59 12.30 -2.09 5.48
C GLU A 59 11.48 -2.01 4.20
N MET A 60 10.19 -2.33 4.33
CA MET A 60 9.29 -2.28 3.18
C MET A 60 9.07 -0.85 2.72
N ILE A 61 9.46 0.09 3.58
CA ILE A 61 9.31 1.50 3.26
C ILE A 61 10.55 2.01 2.53
N ASP A 62 11.71 1.47 2.90
CA ASP A 62 12.96 1.86 2.27
C ASP A 62 12.90 1.64 0.77
N GLU A 63 12.03 0.73 0.35
CA GLU A 63 11.87 0.43 -1.07
C GLU A 63 11.21 1.59 -1.80
N VAL A 64 10.23 2.20 -1.13
CA VAL A 64 9.51 3.32 -1.71
C VAL A 64 10.11 4.65 -1.24
N ASP A 65 10.61 4.64 -0.02
CA ASP A 65 11.21 5.85 0.55
C ASP A 65 12.58 6.09 -0.05
N GLU A 66 12.62 6.26 -1.37
CA GLU A 66 13.89 6.51 -2.05
C GLU A 66 14.29 7.97 -1.92
N ASP A 67 13.33 8.80 -1.49
CA ASP A 67 13.61 10.23 -1.32
C ASP A 67 13.94 10.53 0.14
N GLY A 68 13.93 9.50 0.98
CA GLY A 68 14.24 9.68 2.40
C GLY A 68 13.18 10.55 3.08
N SER A 69 11.99 10.59 2.48
CA SER A 69 10.90 11.39 3.04
C SER A 69 10.47 10.81 4.39
N GLY A 70 10.73 9.53 4.58
CA GLY A 70 10.38 8.87 5.83
C GLY A 70 8.91 8.43 5.82
N THR A 71 8.29 8.48 4.64
CA THR A 71 6.89 8.09 4.52
C THR A 71 6.58 7.74 3.06
N VAL A 72 5.45 7.06 2.86
CA VAL A 72 5.03 6.67 1.52
C VAL A 72 3.74 7.38 1.14
N ASP A 73 3.80 8.14 0.05
CA ASP A 73 2.63 8.88 -0.42
C ASP A 73 1.73 7.97 -1.25
N PHE A 74 0.74 8.58 -1.91
CA PHE A 74 -0.20 7.81 -2.74
C PHE A 74 0.41 7.49 -4.10
N ASP A 75 1.67 7.85 -4.28
CA ASP A 75 2.35 7.59 -5.55
C ASP A 75 3.33 6.42 -5.42
N GLU A 76 4.48 6.70 -4.80
CA GLU A 76 5.49 5.67 -4.61
C GLU A 76 4.86 4.35 -4.19
N PHE A 77 3.77 4.44 -3.43
CA PHE A 77 3.09 3.22 -2.97
C PHE A 77 2.74 2.33 -4.16
N LEU A 78 1.67 2.69 -4.86
CA LEU A 78 1.23 1.90 -6.01
C LEU A 78 2.43 1.40 -6.80
N VAL A 79 3.29 2.34 -7.23
CA VAL A 79 4.47 1.98 -7.99
C VAL A 79 5.09 0.69 -7.46
N MET A 80 5.60 0.77 -6.23
CA MET A 80 6.22 -0.40 -5.60
C MET A 80 5.38 -1.65 -5.85
N MET A 81 4.10 -1.57 -5.49
CA MET A 81 3.19 -2.70 -5.67
C MET A 81 3.33 -3.26 -7.09
N VAL A 82 3.62 -2.38 -8.04
CA VAL A 82 3.77 -2.81 -9.43
C VAL A 82 5.19 -3.32 -9.68
N ARG A 83 6.14 -2.82 -8.89
CA ARG A 83 7.53 -3.23 -9.04
C ARG A 83 7.76 -4.58 -8.37
N CYS A 84 7.03 -4.83 -7.29
CA CYS A 84 7.16 -6.08 -6.56
C CYS A 84 6.38 -7.19 -7.25
N MET A 85 5.29 -6.81 -7.90
CA MET A 85 4.45 -7.78 -8.60
C MET A 85 5.20 -8.37 -9.80
N LYS A 86 5.97 -7.52 -10.47
CA LYS A 86 6.73 -7.97 -11.64
C LYS A 86 7.92 -8.82 -11.20
N ASP A 87 8.40 -8.58 -9.99
CA ASP A 87 9.53 -9.32 -9.45
C ASP A 87 9.50 -9.32 -7.93
N ASP A 88 8.62 -10.15 -7.36
CA ASP A 88 8.50 -10.23 -5.91
C ASP A 88 9.80 -10.76 -5.30
N SER A 89 10.19 -10.15 -4.18
CA SER A 89 11.42 -10.56 -3.50
C SER A 89 11.12 -11.64 -2.46
N ARG B 1 1.86 -11.64 1.55
CA ARG B 1 1.18 -11.80 0.24
C ARG B 1 0.74 -10.45 -0.29
N ILE B 2 0.80 -10.28 -1.60
CA ILE B 2 0.42 -9.02 -2.22
C ILE B 2 -0.60 -9.27 -3.32
N SER B 3 -1.72 -9.89 -2.96
CA SER B 3 -2.77 -10.19 -3.93
C SER B 3 -3.88 -9.14 -3.84
N ALA B 4 -3.93 -8.45 -2.71
CA ALA B 4 -4.95 -7.43 -2.49
C ALA B 4 -6.26 -8.05 -2.00
N ASP B 5 -6.29 -9.38 -1.98
CA ASP B 5 -7.48 -10.09 -1.52
C ASP B 5 -7.49 -10.19 0.00
N ALA B 6 -6.31 -10.06 0.60
CA ALA B 6 -6.18 -10.14 2.05
C ALA B 6 -6.60 -8.83 2.71
N MET B 7 -6.22 -7.72 2.09
CA MET B 7 -6.56 -6.41 2.62
C MET B 7 -8.02 -6.06 2.33
N MET B 8 -8.69 -6.92 1.60
CA MET B 8 -10.10 -6.69 1.25
C MET B 8 -11.00 -6.85 2.48
N GLN B 9 -10.49 -7.54 3.49
CA GLN B 9 -11.27 -7.75 4.72
C GLN B 9 -11.48 -6.44 5.47
N ALA B 10 -10.37 -5.76 5.78
CA ALA B 10 -10.44 -4.49 6.51
C ALA B 10 -10.90 -3.38 5.57
N LEU B 11 -10.98 -3.69 4.28
CA LEU B 11 -11.40 -2.71 3.28
C LEU B 11 -12.86 -2.92 2.92
N LEU B 12 -13.36 -4.11 3.21
CA LEU B 12 -14.75 -4.45 2.91
C LEU B 12 -15.69 -3.41 3.47
N GLY B 13 -15.52 -3.08 4.75
CA GLY B 13 -16.37 -2.09 5.40
C GLY B 13 -15.57 -0.85 5.80
N ALA B 14 -16.25 0.29 5.82
CA ALA B 14 -15.60 1.54 6.19
C ALA B 14 -16.64 2.63 6.43
N ARG B 15 -17.24 3.10 5.33
CA ARG B 15 -18.27 4.14 5.42
C ARG B 15 -19.65 3.54 5.12
N ALA B 16 -19.65 2.32 4.58
CA ALA B 16 -20.90 1.65 4.25
C ALA B 16 -21.24 0.63 5.32
N LYS B 17 -21.97 1.08 6.34
CA LYS B 17 -22.36 0.19 7.43
C LYS B 17 -21.16 -0.57 7.96
CA CA C . 9.14 8.04 0.44
C1 BEP D . 4.06 -6.00 1.70
C2 BEP D . 2.65 -5.63 2.15
C3 BEP D . 2.59 -4.13 2.61
O1 BEP D . 4.28 -7.43 1.91
N2 BEP D . 2.20 -6.53 3.25
N3 BEP D . 2.39 -3.20 1.47
C4 BEP D . 4.72 -8.15 0.74
C5 BEP D . 6.14 -8.67 0.96
C6 BEP D . 6.85 -7.78 1.99
C7 BEP D . 6.92 -8.63 -0.35
C8 BEP D . 1.57 -7.83 2.89
C9 BEP D . 2.07 -8.84 3.94
C10 BEP D . 2.56 -7.95 5.09
C11 BEP D . 3.10 -6.72 4.40
C12 BEP D . 1.04 -3.17 0.83
C13 BEP D . 0.03 -4.24 1.29
C14 BEP D . -0.56 -4.16 2.55
C15 BEP D . -1.48 -5.13 2.97
C16 BEP D . -1.80 -6.20 2.11
C17 BEP D . -1.22 -6.29 0.84
C18 BEP D . -0.29 -5.31 0.43
C19 BEP D . 3.13 -1.92 1.51
C20 BEP D . 3.75 -1.50 2.70
C21 BEP D . 4.45 -0.29 2.73
C22 BEP D . 4.53 0.51 1.58
C23 BEP D . 3.91 0.10 0.40
C24 BEP D . 3.22 -1.12 0.36
H11 BEP D . 4.78 -5.43 2.26
H12 BEP D . 4.17 -5.76 0.65
H21 BEP D . 1.94 -5.74 1.29
H31 BEP D . 3.54 -3.89 3.13
H32 BEP D . 1.76 -4.01 3.34
H41 BEP D . 4.07 -9.00 0.56
H42 BEP D . 4.71 -7.52 -0.14
H51 BEP D . 6.11 -9.69 1.32
H61 BEP D . 6.21 -7.68 2.87
H62 BEP D . 7.02 -6.80 1.56
H63 BEP D . 7.78 -8.22 2.28
H71 BEP D . 7.49 -9.53 -0.47
H72 BEP D . 7.58 -7.77 -0.36
H73 BEP D . 6.22 -8.54 -1.18
H81 BEP D . 0.46 -7.75 2.92
H82 BEP D . 1.88 -8.14 1.87
H91 BEP D . 2.88 -9.42 3.54
H92 BEP D . 1.27 -9.48 4.26
H101 BEP D . 3.33 -8.45 5.67
H102 BEP D . 1.75 -7.70 5.77
H111 BEP D . 4.15 -6.85 4.05
H112 BEP D . 3.08 -5.81 5.06
H121 BEP D . 0.61 -2.16 0.99
H122 BEP D . 1.21 -3.25 -0.27
H141 BEP D . -0.31 -3.34 3.21
H151 BEP D . -1.92 -5.07 3.94
H161 BEP D . -2.51 -6.95 2.43
H171 BEP D . -1.46 -7.10 0.18
H181 BEP D . 0.16 -5.38 -0.54
H201 BEP D . 3.69 -2.12 3.59
H211 BEP D . 4.92 0.04 3.65
H221 BEP D . 5.07 1.44 1.62
H231 BEP D . 3.98 0.71 -0.48
H241 BEP D . 2.74 -1.44 -0.55
N MET A 1 10.21 9.64 -15.40
CA MET A 1 10.90 8.63 -16.27
C MET A 1 10.58 7.24 -15.76
N ASP A 2 9.38 7.06 -15.23
CA ASP A 2 8.96 5.76 -14.72
C ASP A 2 7.76 5.23 -15.51
N ASP A 3 7.88 5.29 -16.82
CA ASP A 3 6.79 4.81 -17.69
C ASP A 3 6.67 3.29 -17.61
N ILE A 4 7.80 2.62 -17.40
CA ILE A 4 7.81 1.17 -17.31
C ILE A 4 6.73 0.69 -16.33
N TYR A 5 6.38 1.55 -15.38
CA TYR A 5 5.36 1.21 -14.39
C TYR A 5 3.97 1.57 -14.90
N LYS A 6 3.90 2.69 -15.62
CA LYS A 6 2.62 3.15 -16.17
C LYS A 6 1.88 1.99 -16.82
N ALA A 7 2.57 1.26 -17.69
CA ALA A 7 1.97 0.12 -18.37
C ALA A 7 1.37 -0.85 -17.35
N ALA A 8 2.13 -1.13 -16.30
CA ALA A 8 1.67 -2.05 -15.27
C ALA A 8 0.51 -1.43 -14.49
N VAL A 9 0.71 -0.20 -14.05
CA VAL A 9 -0.32 0.52 -13.30
C VAL A 9 -1.55 0.74 -14.18
N GLU A 10 -1.37 0.57 -15.49
CA GLU A 10 -2.46 0.76 -16.43
C GLU A 10 -3.26 -0.53 -16.57
N GLN A 11 -2.58 -1.65 -16.34
CA GLN A 11 -3.24 -2.95 -16.42
C GLN A 11 -4.38 -3.02 -15.43
N LEU A 12 -4.12 -2.54 -14.22
CA LEU A 12 -5.12 -2.55 -13.17
C LEU A 12 -6.36 -1.75 -13.58
N THR A 13 -7.47 -2.44 -13.72
CA THR A 13 -8.72 -1.79 -14.11
C THR A 13 -9.34 -1.08 -12.92
N GLU A 14 -10.34 -0.25 -13.19
CA GLU A 14 -11.02 0.49 -12.14
C GLU A 14 -11.54 -0.47 -11.07
N GLU A 15 -11.80 -1.70 -11.48
CA GLU A 15 -12.31 -2.71 -10.56
C GLU A 15 -11.34 -2.92 -9.40
N GLN A 16 -10.11 -3.28 -9.74
CA GLN A 16 -9.10 -3.53 -8.71
C GLN A 16 -8.68 -2.22 -8.03
N LYS A 17 -8.66 -1.15 -8.82
CA LYS A 17 -8.28 0.16 -8.27
C LYS A 17 -9.12 0.47 -7.03
N ASN A 18 -10.44 0.45 -7.20
CA ASN A 18 -11.34 0.73 -6.10
C ASN A 18 -10.91 -0.03 -4.85
N GLU A 19 -11.09 -1.34 -4.87
CA GLU A 19 -10.72 -2.17 -3.72
C GLU A 19 -9.38 -1.70 -3.16
N PHE A 20 -8.55 -1.13 -4.03
CA PHE A 20 -7.24 -0.65 -3.59
C PHE A 20 -7.39 0.65 -2.81
N LYS A 21 -8.07 1.63 -3.42
CA LYS A 21 -8.28 2.92 -2.79
C LYS A 21 -8.83 2.73 -1.37
N ALA A 22 -9.82 1.85 -1.26
CA ALA A 22 -10.42 1.57 0.05
C ALA A 22 -9.33 1.45 1.11
N ALA A 23 -8.37 0.57 0.86
CA ALA A 23 -7.28 0.37 1.81
C ALA A 23 -6.40 1.63 1.89
N PHE A 24 -6.44 2.43 0.83
CA PHE A 24 -5.65 3.66 0.81
C PHE A 24 -6.14 4.59 1.92
N ASP A 25 -7.43 4.49 2.23
CA ASP A 25 -8.02 5.31 3.27
C ASP A 25 -7.69 4.74 4.65
N ILE A 26 -6.92 3.67 4.67
CA ILE A 26 -6.55 3.04 5.94
C ILE A 26 -5.03 3.10 6.12
N PHE A 27 -4.30 2.93 5.02
CA PHE A 27 -2.85 2.98 5.06
C PHE A 27 -2.39 4.37 5.51
N VAL A 28 -3.23 5.36 5.25
CA VAL A 28 -2.91 6.74 5.64
C VAL A 28 -4.14 7.40 6.26
N LEU A 29 -4.85 6.65 7.08
CA LEU A 29 -6.05 7.17 7.74
C LEU A 29 -5.67 8.11 8.88
N GLY A 30 -4.37 8.27 9.11
CA GLY A 30 -3.89 9.13 10.18
C GLY A 30 -2.67 9.94 9.73
N ALA A 31 -2.43 9.93 8.43
CA ALA A 31 -1.29 10.66 7.86
C ALA A 31 -1.70 12.08 7.48
N GLU A 32 -0.70 12.94 7.35
CA GLU A 32 -0.96 14.33 6.99
C GLU A 32 -1.74 14.41 5.67
N ASP A 33 -1.53 13.42 4.83
CA ASP A 33 -2.23 13.37 3.54
C ASP A 33 -2.31 11.94 3.01
N GLY A 34 -1.15 11.40 2.62
CA GLY A 34 -1.11 10.04 2.10
C GLY A 34 0.23 9.39 2.41
N CYS A 35 0.80 9.72 3.56
CA CYS A 35 2.08 9.17 3.96
C CYS A 35 1.87 7.88 4.77
N ILE A 36 2.55 6.82 4.35
CA ILE A 36 2.43 5.55 5.05
C ILE A 36 3.70 5.24 5.83
N SER A 37 3.77 5.76 7.05
CA SER A 37 4.94 5.52 7.90
C SER A 37 5.00 4.07 8.33
N THR A 38 6.12 3.68 8.93
CA THR A 38 6.30 2.30 9.38
C THR A 38 5.21 1.93 10.39
N LYS A 39 4.98 2.82 11.35
CA LYS A 39 3.96 2.58 12.36
C LYS A 39 2.57 2.84 11.81
N GLU A 40 2.50 3.59 10.71
CA GLU A 40 1.23 3.91 10.08
C GLU A 40 0.65 2.68 9.38
N LEU A 41 1.52 1.91 8.74
CA LEU A 41 1.10 0.71 8.03
C LEU A 41 0.77 -0.41 9.02
N GLY A 42 1.45 -0.38 10.16
CA GLY A 42 1.21 -1.41 11.19
C GLY A 42 -0.21 -1.33 11.73
N LYS A 43 -0.88 -0.22 11.45
CA LYS A 43 -2.26 -0.03 11.92
C LYS A 43 -3.24 -0.69 10.95
N VAL A 44 -2.83 -0.80 9.69
CA VAL A 44 -3.68 -1.42 8.67
C VAL A 44 -3.48 -2.94 8.67
N MET A 45 -2.21 -3.34 8.61
CA MET A 45 -1.88 -4.77 8.60
C MET A 45 -2.74 -5.53 9.60
N ARG A 46 -2.70 -5.08 10.86
CA ARG A 46 -3.49 -5.73 11.91
C ARG A 46 -4.88 -6.09 11.40
N MET A 47 -5.41 -5.25 10.53
CA MET A 47 -6.74 -5.48 9.96
C MET A 47 -6.69 -6.57 8.91
N LEU A 48 -5.79 -6.40 7.94
CA LEU A 48 -5.66 -7.38 6.86
C LEU A 48 -5.66 -8.80 7.42
N GLY A 49 -5.21 -8.94 8.67
CA GLY A 49 -5.16 -10.24 9.32
C GLY A 49 -3.72 -10.61 9.68
N GLN A 50 -2.88 -9.60 9.85
CA GLN A 50 -1.49 -9.83 10.19
C GLN A 50 -1.04 -8.84 11.27
N ASN A 51 -0.20 -9.32 12.19
CA ASN A 51 0.29 -8.47 13.27
C ASN A 51 1.80 -8.25 13.12
N PRO A 52 2.17 -7.28 12.28
CA PRO A 52 3.59 -6.96 12.04
C PRO A 52 4.18 -6.07 13.14
N THR A 53 5.38 -5.57 12.89
CA THR A 53 6.05 -4.69 13.86
C THR A 53 6.58 -3.45 13.18
N PRO A 54 7.07 -2.50 13.98
CA PRO A 54 7.63 -1.23 13.47
C PRO A 54 9.06 -1.41 12.94
N GLU A 55 9.71 -2.47 13.39
CA GLU A 55 11.07 -2.75 12.96
C GLU A 55 11.06 -3.53 11.65
N GLU A 56 9.98 -4.27 11.43
CA GLU A 56 9.86 -5.07 10.21
C GLU A 56 9.22 -4.24 9.10
N LEU A 57 8.38 -3.27 9.50
CA LEU A 57 7.71 -2.42 8.53
C LEU A 57 8.74 -1.54 7.82
N GLN A 58 9.59 -0.90 8.61
CA GLN A 58 10.62 -0.03 8.04
C GLN A 58 11.22 -0.66 6.80
N GLU A 59 11.51 -1.96 6.89
CA GLU A 59 12.08 -2.69 5.77
C GLU A 59 11.16 -2.56 4.55
N MET A 60 9.86 -2.65 4.80
CA MET A 60 8.88 -2.53 3.73
C MET A 60 8.85 -1.09 3.22
N ILE A 61 9.37 -0.18 4.03
CA ILE A 61 9.41 1.23 3.66
C ILE A 61 10.67 1.53 2.85
N ASP A 62 11.80 1.00 3.32
CA ASP A 62 13.07 1.22 2.63
C ASP A 62 12.90 0.99 1.13
N GLU A 63 11.97 0.12 0.77
CA GLU A 63 11.72 -0.17 -0.63
C GLU A 63 11.29 1.10 -1.36
N VAL A 64 10.20 1.69 -0.89
CA VAL A 64 9.68 2.91 -1.48
C VAL A 64 10.48 4.13 -1.01
N ASP A 65 11.04 4.01 0.19
CA ASP A 65 11.82 5.10 0.76
C ASP A 65 13.13 5.30 0.00
N GLU A 66 13.01 5.58 -1.30
CA GLU A 66 14.19 5.80 -2.13
C GLU A 66 14.66 7.24 -2.00
N ASP A 67 13.77 8.10 -1.51
CA ASP A 67 14.09 9.51 -1.34
C ASP A 67 14.46 9.81 0.11
N GLY A 68 14.21 8.84 0.99
CA GLY A 68 14.51 9.00 2.41
C GLY A 68 13.47 9.88 3.09
N SER A 69 12.22 9.76 2.63
CA SER A 69 11.13 10.55 3.20
C SER A 69 10.70 9.98 4.54
N GLY A 70 10.95 8.68 4.72
CA GLY A 70 10.58 8.01 5.97
C GLY A 70 9.14 7.53 5.91
N THR A 71 8.43 7.93 4.86
CA THR A 71 7.04 7.52 4.70
C THR A 71 6.74 7.25 3.23
N VAL A 72 5.57 6.66 2.98
CA VAL A 72 5.16 6.34 1.62
C VAL A 72 3.93 7.15 1.22
N ASP A 73 4.11 8.06 0.26
CA ASP A 73 3.01 8.88 -0.21
C ASP A 73 2.00 8.03 -0.97
N PHE A 74 1.23 8.67 -1.84
CA PHE A 74 0.22 7.95 -2.63
C PHE A 74 0.82 7.39 -3.92
N ASP A 75 1.97 7.93 -4.31
CA ASP A 75 2.62 7.47 -5.54
C ASP A 75 3.44 6.20 -5.29
N GLU A 76 4.64 6.38 -4.75
CA GLU A 76 5.53 5.26 -4.48
C GLU A 76 4.77 4.07 -3.88
N PHE A 77 3.81 4.36 -3.02
CA PHE A 77 3.02 3.31 -2.38
C PHE A 77 2.41 2.38 -3.42
N LEU A 78 1.61 2.96 -4.31
CA LEU A 78 0.94 2.17 -5.35
C LEU A 78 1.95 1.35 -6.15
N VAL A 79 2.65 2.03 -7.06
CA VAL A 79 3.64 1.36 -7.91
C VAL A 79 4.36 0.26 -7.15
N MET A 80 4.63 0.48 -5.87
CA MET A 80 5.33 -0.52 -5.07
C MET A 80 4.64 -1.88 -5.19
N MET A 81 3.31 -1.86 -5.19
CA MET A 81 2.54 -3.09 -5.30
C MET A 81 3.00 -3.89 -6.51
N VAL A 82 3.49 -3.17 -7.51
CA VAL A 82 3.96 -3.79 -8.74
C VAL A 82 5.39 -4.30 -8.58
N ARG A 83 6.29 -3.39 -8.20
CA ARG A 83 7.70 -3.76 -8.02
C ARG A 83 7.80 -5.16 -7.42
N CYS A 84 6.83 -5.50 -6.56
CA CYS A 84 6.83 -6.81 -5.92
C CYS A 84 6.12 -7.85 -6.79
N MET A 85 4.89 -7.53 -7.18
CA MET A 85 4.11 -8.45 -8.01
C MET A 85 4.73 -8.63 -9.38
N LYS A 86 5.66 -7.73 -9.73
CA LYS A 86 6.32 -7.80 -11.03
C LYS A 86 7.82 -7.96 -10.85
N ASP A 87 8.23 -8.36 -9.65
CA ASP A 87 9.64 -8.56 -9.35
C ASP A 87 9.83 -9.00 -7.91
N ASP A 88 8.90 -9.82 -7.43
CA ASP A 88 8.98 -10.32 -6.06
C ASP A 88 10.42 -10.65 -5.69
N SER A 89 10.79 -10.33 -4.44
CA SER A 89 12.14 -10.59 -3.97
C SER A 89 12.14 -11.74 -2.97
N ARG B 1 4.18 -13.16 -0.67
CA ARG B 1 3.33 -12.64 -1.78
C ARG B 1 2.49 -11.47 -1.29
N ILE B 2 1.80 -10.82 -2.22
CA ILE B 2 0.96 -9.68 -1.87
C ILE B 2 -0.23 -9.60 -2.81
N SER B 3 -1.17 -10.53 -2.64
CA SER B 3 -2.36 -10.55 -3.48
C SER B 3 -3.18 -9.28 -3.29
N ALA B 4 -4.10 -9.31 -2.34
CA ALA B 4 -4.93 -8.14 -2.06
C ALA B 4 -6.20 -8.54 -1.31
N ASP B 5 -6.59 -9.80 -1.47
CA ASP B 5 -7.80 -10.31 -0.80
C ASP B 5 -7.81 -9.88 0.66
N ALA B 6 -6.65 -9.98 1.31
CA ALA B 6 -6.53 -9.60 2.72
C ALA B 6 -6.78 -8.11 2.90
N MET B 7 -6.38 -7.32 1.91
CA MET B 7 -6.55 -5.87 1.98
C MET B 7 -8.04 -5.50 2.05
N MET B 8 -8.87 -6.32 1.44
CA MET B 8 -10.31 -6.05 1.42
C MET B 8 -10.90 -6.17 2.82
N GLN B 9 -10.27 -6.98 3.67
CA GLN B 9 -10.75 -7.16 5.04
C GLN B 9 -10.61 -5.88 5.85
N ALA B 10 -9.64 -5.05 5.46
CA ALA B 10 -9.40 -3.79 6.18
C ALA B 10 -10.41 -2.73 5.74
N LEU B 11 -11.12 -3.02 4.66
CA LEU B 11 -12.12 -2.08 4.14
C LEU B 11 -13.15 -2.79 3.27
N LEU B 12 -13.93 -3.66 3.91
CA LEU B 12 -14.96 -4.40 3.18
C LEU B 12 -16.26 -3.60 3.14
N GLY B 13 -16.42 -2.70 4.11
CA GLY B 13 -17.61 -1.87 4.17
C GLY B 13 -17.47 -0.80 5.24
N ALA B 14 -16.46 0.04 5.09
CA ALA B 14 -16.20 1.11 6.05
C ALA B 14 -17.40 2.05 6.13
N ARG B 15 -17.57 2.86 5.08
CA ARG B 15 -18.68 3.81 5.04
C ARG B 15 -19.94 3.17 4.47
N ALA B 16 -19.86 2.78 3.20
CA ALA B 16 -20.99 2.15 2.54
C ALA B 16 -20.73 0.66 2.33
N LYS B 17 -21.66 -0.17 2.80
CA LYS B 17 -21.53 -1.61 2.64
C LYS B 17 -21.91 -2.04 1.24
CA CA C . 9.48 7.67 0.45
C1 BEP D . 6.53 -5.46 -0.01
C2 BEP D . 5.26 -5.35 0.84
C3 BEP D . 5.35 -4.13 1.83
O1 BEP D . 6.72 -6.84 -0.42
N2 BEP D . 5.03 -6.62 1.59
N3 BEP D . 4.06 -3.40 1.91
C4 BEP D . 7.77 -7.05 -1.40
C5 BEP D . 8.75 -8.09 -0.87
C6 BEP D . 8.03 -9.43 -0.69
C7 BEP D . 9.29 -7.63 0.49
C8 BEP D . 4.32 -7.74 0.89
C9 BEP D . 5.01 -9.02 1.39
C10 BEP D . 5.74 -8.59 2.67
C11 BEP D . 6.15 -7.16 2.39
C12 BEP D . 2.94 -4.04 2.65
C13 BEP D . 1.57 -4.12 1.94
C14 BEP D . 0.42 -4.46 2.66
C15 BEP D . -0.82 -4.53 1.99
C16 BEP D . -0.91 -4.26 0.63
C17 BEP D . 0.25 -3.91 -0.09
C18 BEP D . 1.49 -3.84 0.56
C19 BEP D . 4.15 -1.92 2.01
C20 BEP D . 4.58 -1.33 3.20
C21 BEP D . 4.66 0.07 3.30
C22 BEP D . 4.32 0.87 2.20
C23 BEP D . 3.88 0.28 1.02
C24 BEP D . 3.79 -1.12 0.92
H11 BEP D . 7.37 -5.13 0.57
H12 BEP D . 6.43 -4.82 -0.87
H21 BEP D . 4.39 -5.17 0.17
H31 BEP D . 6.15 -3.45 1.48
H32 BEP D . 5.63 -4.52 2.83
H41 BEP D . 7.34 -7.41 -2.33
H42 BEP D . 8.30 -6.13 -1.59
H51 BEP D . 9.57 -8.21 -1.56
H61 BEP D . 6.97 -9.31 -0.90
H62 BEP D . 8.16 -9.78 0.32
H63 BEP D . 8.44 -10.16 -1.38
H71 BEP D . 8.77 -8.14 1.28
H72 BEP D . 9.13 -6.57 0.59
H73 BEP D . 10.34 -7.85 0.56
H81 BEP D . 3.24 -7.73 1.17
H82 BEP D . 4.41 -7.63 -0.20
H91 BEP D . 5.72 -9.37 0.64
H92 BEP D . 4.28 -9.78 1.59
H101 BEP D . 6.60 -9.22 2.86
H102 BEP D . 5.07 -8.66 3.51
H111 BEP D . 7.09 -7.09 1.82
H112 BEP D . 6.26 -6.56 3.33
H121 BEP D . 3.26 -5.06 2.95
H122 BEP D . 2.82 -3.48 3.62
H141 BEP D . 0.48 -4.67 3.70
H151 BEP D . -1.71 -4.80 2.56
H161 BEP D . -1.86 -4.31 0.12
H171 BEP D . 0.18 -3.70 -1.15
H181 BEP D . 2.38 -3.57 0.01
H201 BEP D . 4.85 -1.94 4.04
H211 BEP D . 5.00 0.53 4.22
H221 BEP D . 4.38 1.95 2.27
H231 BEP D . 3.61 0.89 0.16
H241 BEP D . 3.46 -1.58 -0.01
N MET A 1 11.83 3.07 -18.87
CA MET A 1 11.95 4.24 -17.97
C MET A 1 10.57 4.73 -17.58
N ASP A 2 9.95 4.00 -16.65
CA ASP A 2 8.61 4.34 -16.18
C ASP A 2 7.55 3.69 -17.07
N ASP A 3 7.78 3.73 -18.38
CA ASP A 3 6.85 3.14 -19.33
C ASP A 3 6.44 1.75 -18.85
N ILE A 4 7.40 0.83 -18.86
CA ILE A 4 7.14 -0.54 -18.43
C ILE A 4 6.20 -0.55 -17.24
N TYR A 5 6.29 0.50 -16.42
CA TYR A 5 5.44 0.61 -15.24
C TYR A 5 4.10 1.24 -15.63
N LYS A 6 4.17 2.28 -16.47
CA LYS A 6 2.96 2.95 -16.92
C LYS A 6 1.92 1.93 -17.35
N ALA A 7 2.36 0.96 -18.15
CA ALA A 7 1.47 -0.09 -18.62
C ALA A 7 0.90 -0.87 -17.44
N ALA A 8 1.78 -1.52 -16.69
CA ALA A 8 1.35 -2.29 -15.53
C ALA A 8 0.37 -1.47 -14.69
N VAL A 9 0.57 -0.15 -14.71
CA VAL A 9 -0.30 0.75 -13.94
C VAL A 9 -1.52 1.13 -14.78
N GLU A 10 -1.37 1.01 -16.10
CA GLU A 10 -2.46 1.34 -17.01
C GLU A 10 -3.37 0.13 -17.18
N GLN A 11 -2.74 -1.02 -17.35
CA GLN A 11 -3.49 -2.27 -17.51
C GLN A 11 -4.61 -2.34 -16.48
N LEU A 12 -4.34 -1.75 -15.31
CA LEU A 12 -5.33 -1.74 -14.24
C LEU A 12 -6.49 -0.82 -14.58
N THR A 13 -7.68 -1.41 -14.74
CA THR A 13 -8.86 -0.63 -15.06
C THR A 13 -9.40 0.07 -13.82
N GLU A 14 -10.47 0.83 -14.00
CA GLU A 14 -11.08 1.54 -12.88
C GLU A 14 -11.61 0.56 -11.84
N GLU A 15 -11.71 -0.70 -12.24
CA GLU A 15 -12.21 -1.74 -11.34
C GLU A 15 -11.22 -1.97 -10.19
N GLN A 16 -10.06 -2.53 -10.52
CA GLN A 16 -9.04 -2.81 -9.52
C GLN A 16 -8.61 -1.49 -8.85
N LYS A 17 -8.37 -0.48 -9.66
CA LYS A 17 -7.95 0.82 -9.13
C LYS A 17 -8.83 1.21 -7.95
N ASN A 18 -10.13 0.97 -8.10
CA ASN A 18 -11.08 1.29 -7.03
C ASN A 18 -10.73 0.51 -5.77
N GLU A 19 -11.08 -0.78 -5.77
CA GLU A 19 -10.79 -1.63 -4.63
C GLU A 19 -9.41 -1.29 -4.07
N PHE A 20 -8.51 -0.85 -4.94
CA PHE A 20 -7.17 -0.49 -4.53
C PHE A 20 -7.19 0.79 -3.70
N LYS A 21 -7.57 1.89 -4.33
CA LYS A 21 -7.64 3.17 -3.63
C LYS A 21 -8.29 2.98 -2.27
N ALA A 22 -9.18 1.99 -2.18
CA ALA A 22 -9.85 1.71 -0.91
C ALA A 22 -8.81 1.45 0.17
N ALA A 23 -8.06 0.38 -0.01
CA ALA A 23 -7.01 0.02 0.95
C ALA A 23 -5.97 1.13 1.01
N PHE A 24 -5.72 1.75 -0.15
CA PHE A 24 -4.76 2.83 -0.23
C PHE A 24 -5.29 4.03 0.55
N ASP A 25 -6.62 4.11 0.64
CA ASP A 25 -7.27 5.19 1.37
C ASP A 25 -7.20 4.94 2.87
N ILE A 26 -6.64 3.79 3.24
CA ILE A 26 -6.51 3.44 4.65
C ILE A 26 -5.13 3.86 5.16
N PHE A 27 -4.10 3.48 4.41
CA PHE A 27 -2.73 3.83 4.78
C PHE A 27 -2.65 5.32 5.09
N VAL A 28 -3.48 6.10 4.42
CA VAL A 28 -3.51 7.54 4.62
C VAL A 28 -4.90 7.99 5.05
N LEU A 29 -5.52 7.18 5.92
CA LEU A 29 -6.86 7.49 6.41
C LEU A 29 -6.82 8.63 7.41
N GLY A 30 -5.63 9.14 7.69
CA GLY A 30 -5.47 10.23 8.65
C GLY A 30 -4.12 10.92 8.47
N ALA A 31 -3.64 10.94 7.23
CA ALA A 31 -2.36 11.56 6.93
C ALA A 31 -2.54 13.00 6.49
N GLU A 32 -1.48 13.60 5.98
CA GLU A 32 -1.52 14.98 5.52
C GLU A 32 -1.71 15.04 4.01
N ASP A 33 -1.64 13.88 3.37
CA ASP A 33 -1.81 13.81 1.92
C ASP A 33 -2.16 12.39 1.49
N GLY A 34 -1.13 11.60 1.22
CA GLY A 34 -1.34 10.21 0.80
C GLY A 34 -0.10 9.36 1.10
N CYS A 35 0.69 9.82 2.05
CA CYS A 35 1.91 9.10 2.43
C CYS A 35 1.61 8.06 3.50
N ILE A 36 2.36 6.96 3.46
CA ILE A 36 2.16 5.88 4.43
C ILE A 36 3.33 5.80 5.39
N SER A 37 3.04 5.75 6.68
CA SER A 37 4.07 5.67 7.70
C SER A 37 4.04 4.31 8.38
N THR A 38 4.98 4.09 9.30
CA THR A 38 5.06 2.81 10.01
C THR A 38 3.92 2.70 11.01
N LYS A 39 3.49 3.84 11.55
CA LYS A 39 2.41 3.86 12.52
C LYS A 39 1.06 3.90 11.81
N GLU A 40 1.03 4.55 10.64
CA GLU A 40 -0.20 4.65 9.87
C GLU A 40 -0.49 3.33 9.14
N LEU A 41 0.58 2.60 8.81
CA LEU A 41 0.43 1.33 8.12
C LEU A 41 0.04 0.24 9.10
N GLY A 42 0.81 0.11 10.18
CA GLY A 42 0.53 -0.90 11.18
C GLY A 42 -0.97 -1.03 11.43
N LYS A 43 -1.66 0.10 11.31
CA LYS A 43 -3.11 0.12 11.53
C LYS A 43 -3.81 -0.83 10.55
N VAL A 44 -3.64 -0.56 9.26
CA VAL A 44 -4.25 -1.40 8.23
C VAL A 44 -3.94 -2.86 8.48
N MET A 45 -2.65 -3.20 8.51
CA MET A 45 -2.25 -4.58 8.74
C MET A 45 -3.12 -5.22 9.81
N ARG A 46 -3.39 -4.46 10.86
CA ARG A 46 -4.22 -4.97 11.95
C ARG A 46 -5.57 -5.43 11.42
N MET A 47 -6.12 -4.64 10.49
CA MET A 47 -7.41 -4.97 9.90
C MET A 47 -7.34 -6.32 9.20
N LEU A 48 -6.29 -6.51 8.40
CA LEU A 48 -6.10 -7.76 7.67
C LEU A 48 -5.99 -8.93 8.63
N GLY A 49 -5.49 -8.65 9.84
CA GLY A 49 -5.33 -9.70 10.85
C GLY A 49 -3.87 -9.80 11.29
N GLN A 50 -3.04 -8.89 10.80
CA GLN A 50 -1.62 -8.89 11.15
C GLN A 50 -1.30 -7.67 12.00
N ASN A 51 -0.66 -7.92 13.15
CA ASN A 51 -0.31 -6.82 14.05
C ASN A 51 1.20 -6.69 14.17
N PRO A 52 1.80 -5.92 13.27
CA PRO A 52 3.27 -5.69 13.27
C PRO A 52 3.68 -4.62 14.29
N THR A 53 4.86 -4.06 14.10
CA THR A 53 5.34 -3.03 15.01
C THR A 53 5.83 -1.81 14.22
N PRO A 54 6.17 -0.74 14.94
CA PRO A 54 6.66 0.49 14.30
C PRO A 54 8.13 0.37 13.88
N GLU A 55 8.79 -0.63 14.43
CA GLU A 55 10.19 -0.88 14.10
C GLU A 55 10.29 -1.75 12.85
N GLU A 56 9.36 -2.70 12.74
CA GLU A 56 9.32 -3.59 11.59
C GLU A 56 8.80 -2.85 10.36
N LEU A 57 7.64 -2.22 10.52
CA LEU A 57 7.03 -1.47 9.43
C LEU A 57 8.03 -0.47 8.86
N GLN A 58 8.95 -0.02 9.71
CA GLN A 58 9.97 0.93 9.28
C GLN A 58 10.80 0.32 8.14
N GLU A 59 10.97 -0.99 8.19
CA GLU A 59 11.74 -1.69 7.16
C GLU A 59 10.94 -1.73 5.85
N MET A 60 9.63 -1.51 5.96
CA MET A 60 8.77 -1.52 4.78
C MET A 60 8.95 -0.22 3.99
N ILE A 61 8.88 0.89 4.70
CA ILE A 61 9.02 2.20 4.07
C ILE A 61 10.42 2.34 3.46
N ASP A 62 11.43 1.99 4.24
CA ASP A 62 12.82 2.08 3.78
C ASP A 62 12.92 1.68 2.31
N GLU A 63 12.32 0.54 1.97
CA GLU A 63 12.35 0.04 0.60
C GLU A 63 11.87 1.12 -0.36
N VAL A 64 10.61 1.51 -0.19
CA VAL A 64 10.02 2.54 -1.06
C VAL A 64 10.64 3.90 -0.78
N ASP A 65 11.26 4.04 0.39
CA ASP A 65 11.89 5.30 0.76
C ASP A 65 13.22 5.46 0.04
N GLU A 66 13.15 5.60 -1.28
CA GLU A 66 14.36 5.75 -2.09
C GLU A 66 14.88 7.18 -1.98
N ASP A 67 13.95 8.13 -1.86
CA ASP A 67 14.33 9.54 -1.75
C ASP A 67 14.68 9.88 -0.31
N GLY A 68 14.07 9.15 0.62
CA GLY A 68 14.32 9.38 2.04
C GLY A 68 13.27 10.32 2.63
N SER A 69 12.11 10.36 1.98
CA SER A 69 11.02 11.23 2.44
C SER A 69 10.60 10.85 3.85
N GLY A 70 10.68 9.56 4.16
CA GLY A 70 10.32 9.07 5.48
C GLY A 70 8.94 8.41 5.46
N THR A 71 8.28 8.48 4.31
CA THR A 71 6.95 7.88 4.17
C THR A 71 6.77 7.31 2.76
N VAL A 72 5.56 6.85 2.48
CA VAL A 72 5.26 6.27 1.18
C VAL A 72 4.05 6.95 0.55
N ASP A 73 4.33 7.84 -0.41
CA ASP A 73 3.25 8.57 -1.10
C ASP A 73 2.32 7.59 -1.82
N PHE A 74 1.46 8.13 -2.67
CA PHE A 74 0.52 7.31 -3.41
C PHE A 74 1.15 6.78 -4.70
N ASP A 75 2.46 7.00 -4.84
CA ASP A 75 3.16 6.53 -6.04
C ASP A 75 4.01 5.30 -5.72
N GLU A 76 5.16 5.54 -5.09
CA GLU A 76 6.07 4.44 -4.75
C GLU A 76 5.30 3.23 -4.21
N PHE A 77 4.18 3.51 -3.54
CA PHE A 77 3.37 2.42 -2.98
C PHE A 77 2.97 1.45 -4.07
N LEU A 78 1.92 1.80 -4.81
CA LEU A 78 1.43 0.94 -5.90
C LEU A 78 2.58 0.24 -6.60
N VAL A 79 3.58 1.01 -7.01
CA VAL A 79 4.74 0.46 -7.70
C VAL A 79 5.40 -0.65 -6.89
N MET A 80 5.65 -0.36 -5.61
CA MET A 80 6.28 -1.35 -4.73
C MET A 80 5.62 -2.72 -4.88
N MET A 81 4.29 -2.71 -5.02
CA MET A 81 3.55 -3.95 -5.16
C MET A 81 3.58 -4.44 -6.62
N VAL A 82 3.27 -3.53 -7.53
CA VAL A 82 3.25 -3.86 -8.95
C VAL A 82 4.57 -4.48 -9.40
N ARG A 83 5.67 -4.05 -8.77
CA ARG A 83 6.99 -4.57 -9.12
C ARG A 83 7.20 -5.95 -8.49
N CYS A 84 6.65 -6.13 -7.30
CA CYS A 84 6.80 -7.40 -6.59
C CYS A 84 5.80 -8.43 -7.12
N MET A 85 4.52 -8.03 -7.17
CA MET A 85 3.48 -8.93 -7.64
C MET A 85 3.97 -9.76 -8.82
N LYS A 86 4.63 -9.09 -9.76
CA LYS A 86 5.16 -9.77 -10.94
C LYS A 86 6.35 -10.65 -10.56
N ASP A 87 6.10 -11.63 -9.69
CA ASP A 87 7.16 -12.54 -9.25
C ASP A 87 8.11 -11.82 -8.31
N ASP A 88 7.88 -12.00 -7.01
CA ASP A 88 8.72 -11.36 -5.99
C ASP A 88 10.19 -11.45 -6.38
N SER A 89 10.99 -10.54 -5.85
CA SER A 89 12.42 -10.52 -6.15
C SER A 89 12.65 -10.44 -7.65
N ARG B 1 4.36 -10.41 -1.21
CA ARG B 1 3.57 -11.50 -1.86
C ARG B 1 2.09 -11.33 -1.53
N ILE B 2 1.55 -10.16 -1.88
CA ILE B 2 0.15 -9.88 -1.62
C ILE B 2 -0.62 -9.74 -2.93
N SER B 3 -1.76 -10.42 -3.01
CA SER B 3 -2.58 -10.37 -4.22
C SER B 3 -3.69 -9.33 -4.06
N ALA B 4 -4.55 -9.56 -3.06
CA ALA B 4 -5.67 -8.65 -2.81
C ALA B 4 -6.55 -9.20 -1.70
N ASP B 5 -6.65 -10.52 -1.66
CA ASP B 5 -7.48 -11.19 -0.65
C ASP B 5 -7.37 -10.48 0.70
N ALA B 6 -6.13 -10.31 1.16
CA ALA B 6 -5.89 -9.65 2.44
C ALA B 6 -6.04 -8.14 2.29
N MET B 7 -5.39 -7.59 1.27
CA MET B 7 -5.44 -6.15 1.03
C MET B 7 -6.88 -5.66 1.02
N MET B 8 -7.78 -6.52 0.53
CA MET B 8 -9.19 -6.16 0.48
C MET B 8 -9.84 -6.31 1.84
N GLN B 9 -9.21 -7.11 2.70
CA GLN B 9 -9.74 -7.33 4.05
C GLN B 9 -9.67 -6.03 4.85
N ALA B 10 -8.77 -5.14 4.44
CA ALA B 10 -8.63 -3.85 5.13
C ALA B 10 -9.76 -2.91 4.77
N LEU B 11 -10.62 -3.36 3.85
CA LEU B 11 -11.76 -2.56 3.42
C LEU B 11 -13.04 -3.37 3.56
N LEU B 12 -13.00 -4.60 3.08
CA LEU B 12 -14.16 -5.48 3.17
C LEU B 12 -14.76 -5.40 4.56
N GLY B 13 -16.02 -4.96 4.63
CA GLY B 13 -16.70 -4.83 5.91
C GLY B 13 -15.85 -4.01 6.88
N ALA B 14 -15.01 -3.14 6.32
CA ALA B 14 -14.14 -2.31 7.14
C ALA B 14 -14.96 -1.20 7.81
N ARG B 15 -15.32 -1.44 9.08
CA ARG B 15 -16.10 -0.45 9.82
C ARG B 15 -17.39 -0.12 9.10
N ALA B 16 -17.94 -1.10 8.40
CA ALA B 16 -19.19 -0.91 7.67
C ALA B 16 -20.31 -0.53 8.62
N LYS B 17 -20.69 0.75 8.59
CA LYS B 17 -21.76 1.23 9.46
C LYS B 17 -23.12 0.81 8.91
CA CA C . 9.59 7.56 0.05
C1 BEP D . 5.09 -5.41 1.87
C2 BEP D . 3.64 -5.34 2.36
C3 BEP D . 3.33 -3.92 2.95
O1 BEP D . 5.18 -6.34 0.75
N2 BEP D . 3.38 -6.40 3.37
N3 BEP D . 2.91 -2.96 1.90
C4 BEP D . 6.04 -7.49 0.99
C5 BEP D . 7.24 -7.42 0.04
C6 BEP D . 7.38 -8.75 -0.70
C7 BEP D . 8.51 -7.16 0.86
C8 BEP D . 2.01 -6.50 3.94
C9 BEP D . 1.76 -8.01 4.10
C10 BEP D . 3.16 -8.64 4.07
C11 BEP D . 3.93 -7.75 3.11
C12 BEP D . 1.59 -3.18 1.23
C13 BEP D . 0.37 -3.42 2.16
C14 BEP D . -0.27 -4.66 2.17
C15 BEP D . -1.38 -4.87 3.01
C16 BEP D . -1.84 -3.84 3.83
C17 BEP D . -1.19 -2.59 3.82
C18 BEP D . -0.08 -2.38 2.99
C19 BEP D . 3.34 -1.55 2.07
C20 BEP D . 3.18 -0.64 1.01
C21 BEP D . 3.58 0.69 1.17
C22 BEP D . 4.15 1.11 2.38
C23 BEP D . 4.31 0.20 3.43
C24 BEP D . 3.90 -1.13 3.28
H11 BEP D . 5.72 -5.74 2.69
H12 BEP D . 5.41 -4.43 1.56
H21 BEP D . 2.97 -5.50 1.49
H31 BEP D . 4.23 -3.55 3.48
H32 BEP D . 2.52 -4.02 3.71
H41 BEP D . 6.40 -7.51 2.01
H42 BEP D . 5.50 -8.41 0.80
H51 BEP D . 7.09 -6.63 -0.67
H61 BEP D . 6.54 -9.39 -0.47
H62 BEP D . 8.30 -9.23 -0.42
H63 BEP D . 7.40 -8.56 -1.77
H71 BEP D . 8.37 -6.27 1.46
H72 BEP D . 9.34 -7.01 0.19
H73 BEP D . 8.71 -8.00 1.50
H81 BEP D . 1.96 -5.99 4.92
H82 BEP D . 1.27 -6.05 3.25
H91 BEP D . 1.15 -8.38 3.29
H92 BEP D . 1.27 -8.21 5.05
H101 BEP D . 3.12 -9.66 3.72
H102 BEP D . 3.61 -8.63 5.05
H111 BEP D . 3.76 -8.03 2.04
H112 BEP D . 5.02 -7.76 3.29
H121 BEP D . 1.40 -2.30 0.58
H122 BEP D . 1.71 -4.04 0.55
H141 BEP D . 0.08 -5.45 1.53
H151 BEP D . -1.88 -5.83 3.00
H161 BEP D . -2.69 -4.00 4.48
H171 BEP D . -1.55 -1.80 4.46
H181 BEP D . 0.41 -1.43 2.99
H201 BEP D . 2.74 -0.97 0.08
H211 BEP D . 3.46 1.38 0.36
H221 BEP D . 4.46 2.13 2.50
H231 BEP D . 4.74 0.52 4.37
H241 BEP D . 4.03 -1.83 4.09
N MET A 1 8.24 12.40 -11.65
CA MET A 1 7.78 11.73 -12.90
C MET A 1 8.03 10.24 -12.79
N ASP A 2 7.06 9.45 -13.25
CA ASP A 2 7.20 8.00 -13.20
C ASP A 2 6.54 7.37 -14.43
N ASP A 3 7.16 7.57 -15.59
CA ASP A 3 6.63 7.02 -16.84
C ASP A 3 6.86 5.52 -16.90
N ILE A 4 8.11 5.11 -16.73
CA ILE A 4 8.45 3.69 -16.76
C ILE A 4 7.44 2.89 -15.95
N TYR A 5 6.88 3.53 -14.94
CA TYR A 5 5.88 2.87 -14.09
C TYR A 5 4.49 3.04 -14.68
N LYS A 6 4.29 4.17 -15.35
CA LYS A 6 2.99 4.44 -15.98
C LYS A 6 2.53 3.24 -16.80
N ALA A 7 3.48 2.56 -17.40
CA ALA A 7 3.17 1.38 -18.21
C ALA A 7 2.70 0.25 -17.33
N ALA A 8 3.60 -0.20 -16.44
CA ALA A 8 3.27 -1.29 -15.53
C ALA A 8 2.04 -0.93 -14.71
N VAL A 9 1.94 0.35 -14.33
CA VAL A 9 0.80 0.82 -13.55
C VAL A 9 -0.44 0.87 -14.42
N GLU A 10 -0.24 0.80 -15.74
CA GLU A 10 -1.36 0.83 -16.67
C GLU A 10 -1.86 -0.59 -16.93
N GLN A 11 -1.02 -1.56 -16.58
CA GLN A 11 -1.37 -2.97 -16.76
C GLN A 11 -2.52 -3.35 -15.84
N LEU A 12 -2.49 -2.79 -14.63
CA LEU A 12 -3.52 -3.08 -13.64
C LEU A 12 -4.90 -2.90 -14.26
N THR A 13 -5.86 -3.72 -13.82
CA THR A 13 -7.22 -3.65 -14.33
C THR A 13 -7.96 -2.48 -13.68
N GLU A 14 -9.08 -2.09 -14.29
CA GLU A 14 -9.88 -0.99 -13.78
C GLU A 14 -10.45 -1.33 -12.40
N GLU A 15 -10.50 -2.63 -12.10
CA GLU A 15 -11.03 -3.07 -10.81
C GLU A 15 -10.00 -2.83 -9.70
N GLN A 16 -8.99 -3.69 -9.64
CA GLN A 16 -7.95 -3.54 -8.61
C GLN A 16 -7.63 -2.07 -8.39
N LYS A 17 -7.44 -1.34 -9.49
CA LYS A 17 -7.12 0.08 -9.42
C LYS A 17 -8.02 0.78 -8.39
N ASN A 18 -9.28 0.37 -8.36
CA ASN A 18 -10.23 0.98 -7.43
C ASN A 18 -9.97 0.51 -6.00
N GLU A 19 -10.33 -0.74 -5.73
CA GLU A 19 -10.12 -1.30 -4.39
C GLU A 19 -8.81 -0.81 -3.79
N PHE A 20 -7.81 -0.63 -4.66
CA PHE A 20 -6.50 -0.16 -4.22
C PHE A 20 -6.63 1.17 -3.46
N LYS A 21 -7.28 2.13 -4.10
CA LYS A 21 -7.46 3.45 -3.49
C LYS A 21 -8.08 3.32 -2.10
N ALA A 22 -8.99 2.37 -1.94
CA ALA A 22 -9.65 2.16 -0.65
C ALA A 22 -8.61 1.93 0.44
N ALA A 23 -7.66 1.03 0.17
CA ALA A 23 -6.61 0.72 1.13
C ALA A 23 -5.78 1.96 1.43
N PHE A 24 -5.70 2.87 0.46
CA PHE A 24 -4.94 4.10 0.63
C PHE A 24 -5.54 4.94 1.75
N ASP A 25 -6.86 4.82 1.92
CA ASP A 25 -7.57 5.58 2.95
C ASP A 25 -7.47 4.87 4.30
N ILE A 26 -6.70 3.79 4.35
CA ILE A 26 -6.55 3.05 5.60
C ILE A 26 -5.16 3.26 6.18
N PHE A 27 -4.14 2.91 5.38
CA PHE A 27 -2.75 3.07 5.82
C PHE A 27 -2.55 4.46 6.40
N VAL A 28 -3.19 5.45 5.79
CA VAL A 28 -3.08 6.83 6.24
C VAL A 28 -4.45 7.35 6.69
N LEU A 29 -5.21 6.48 7.34
CA LEU A 29 -6.55 6.85 7.81
C LEU A 29 -6.46 7.94 8.87
N GLY A 30 -5.24 8.21 9.34
CA GLY A 30 -5.02 9.23 10.36
C GLY A 30 -4.09 10.32 9.84
N ALA A 31 -3.08 9.91 9.08
CA ALA A 31 -2.13 10.87 8.53
C ALA A 31 -2.85 11.96 7.75
N GLU A 32 -2.07 12.91 7.23
CA GLU A 32 -2.65 14.00 6.45
C GLU A 32 -2.48 13.74 4.96
N ASP A 33 -1.30 14.07 4.44
CA ASP A 33 -1.03 13.87 3.02
C ASP A 33 -1.55 12.51 2.57
N GLY A 34 -0.68 11.50 2.62
CA GLY A 34 -1.08 10.15 2.22
C GLY A 34 0.14 9.23 2.16
N CYS A 35 1.02 9.36 3.15
CA CYS A 35 2.22 8.53 3.21
C CYS A 35 2.09 7.48 4.30
N ILE A 36 2.45 6.24 3.95
CA ILE A 36 2.37 5.15 4.91
C ILE A 36 3.63 5.09 5.76
N SER A 37 3.54 4.43 6.92
CA SER A 37 4.68 4.31 7.81
C SER A 37 4.73 2.90 8.39
N THR A 38 5.60 2.72 9.39
CA THR A 38 5.75 1.41 10.02
C THR A 38 4.67 1.22 11.09
N LYS A 39 4.35 2.30 11.80
CA LYS A 39 3.33 2.24 12.84
C LYS A 39 1.94 2.46 12.25
N GLU A 40 1.90 3.07 11.07
CA GLU A 40 0.63 3.33 10.40
C GLU A 40 0.20 2.13 9.58
N LEU A 41 1.17 1.50 8.90
CA LEU A 41 0.86 0.33 8.08
C LEU A 41 0.35 -0.82 8.94
N GLY A 42 1.08 -1.12 10.00
CA GLY A 42 0.69 -2.21 10.90
C GLY A 42 -0.80 -2.16 11.21
N LYS A 43 -1.38 -0.97 11.10
CA LYS A 43 -2.80 -0.80 11.37
C LYS A 43 -3.65 -1.51 10.33
N VAL A 44 -3.15 -1.53 9.09
CA VAL A 44 -3.88 -2.18 7.99
C VAL A 44 -3.60 -3.68 7.97
N MET A 45 -2.32 -4.03 7.90
CA MET A 45 -1.93 -5.44 7.86
C MET A 45 -2.59 -6.21 9.00
N ARG A 46 -2.94 -5.50 10.07
CA ARG A 46 -3.58 -6.13 11.21
C ARG A 46 -5.08 -6.21 11.01
N MET A 47 -5.59 -5.38 10.10
CA MET A 47 -7.02 -5.36 9.81
C MET A 47 -7.40 -6.54 8.93
N LEU A 48 -6.46 -6.99 8.11
CA LEU A 48 -6.70 -8.12 7.22
C LEU A 48 -6.69 -9.44 8.00
N GLY A 49 -5.50 -9.87 8.38
CA GLY A 49 -5.36 -11.12 9.14
C GLY A 49 -3.90 -11.46 9.37
N GLN A 50 -3.09 -10.42 9.56
CA GLN A 50 -1.67 -10.60 9.80
C GLN A 50 -1.21 -9.72 10.97
N ASN A 51 -0.23 -10.22 11.73
CA ASN A 51 0.28 -9.46 12.87
C ASN A 51 1.77 -9.22 12.73
N PRO A 52 2.13 -8.17 12.00
CA PRO A 52 3.55 -7.80 11.78
C PRO A 52 4.14 -7.06 12.98
N THR A 53 5.31 -6.46 12.77
CA THR A 53 5.97 -5.72 13.84
C THR A 53 6.57 -4.43 13.28
N PRO A 54 7.16 -3.62 14.17
CA PRO A 54 7.79 -2.35 13.78
C PRO A 54 9.19 -2.55 13.21
N GLU A 55 9.80 -3.68 13.57
CA GLU A 55 11.15 -3.99 13.09
C GLU A 55 11.06 -4.61 11.70
N GLU A 56 9.92 -5.24 11.41
CA GLU A 56 9.72 -5.86 10.11
C GLU A 56 9.12 -4.86 9.13
N LEU A 57 8.10 -4.15 9.60
CA LEU A 57 7.44 -3.15 8.76
C LEU A 57 8.47 -2.18 8.21
N GLN A 58 9.46 -1.85 9.04
CA GLN A 58 10.51 -0.93 8.62
C GLN A 58 11.13 -1.39 7.29
N GLU A 59 11.37 -2.69 7.19
CA GLU A 59 11.95 -3.25 5.97
C GLU A 59 11.00 -3.04 4.79
N MET A 60 9.72 -2.90 5.11
CA MET A 60 8.70 -2.68 4.08
C MET A 60 8.88 -1.31 3.45
N ILE A 61 9.16 -0.31 4.29
CA ILE A 61 9.36 1.05 3.82
C ILE A 61 10.75 1.21 3.22
N ASP A 62 11.70 0.45 3.73
CA ASP A 62 13.08 0.51 3.24
C ASP A 62 13.13 0.25 1.74
N GLU A 63 12.09 -0.40 1.22
CA GLU A 63 12.03 -0.71 -0.21
C GLU A 63 11.53 0.50 -0.99
N VAL A 64 10.57 1.22 -0.40
CA VAL A 64 9.99 2.39 -1.05
C VAL A 64 10.70 3.66 -0.57
N ASP A 65 11.46 3.54 0.51
CA ASP A 65 12.17 4.68 1.06
C ASP A 65 13.36 5.07 0.17
N GLU A 66 13.06 5.37 -1.09
CA GLU A 66 14.11 5.77 -2.03
C GLU A 66 14.43 7.25 -1.87
N ASP A 67 13.65 7.94 -1.05
CA ASP A 67 13.85 9.36 -0.82
C ASP A 67 14.16 9.64 0.64
N GLY A 68 14.31 8.57 1.43
CA GLY A 68 14.61 8.70 2.84
C GLY A 68 13.56 9.56 3.54
N SER A 69 12.30 9.20 3.36
CA SER A 69 11.20 9.93 3.98
C SER A 69 10.68 9.19 5.20
N GLY A 70 11.00 7.90 5.27
CA GLY A 70 10.56 7.08 6.39
C GLY A 70 9.07 6.77 6.28
N THR A 71 8.50 7.05 5.11
CA THR A 71 7.08 6.80 4.87
C THR A 71 6.85 6.34 3.44
N VAL A 72 5.59 6.20 3.07
CA VAL A 72 5.24 5.76 1.72
C VAL A 72 4.08 6.56 1.15
N ASP A 73 4.41 7.63 0.44
CA ASP A 73 3.37 8.47 -0.16
C ASP A 73 2.43 7.64 -1.02
N PHE A 74 1.57 8.32 -1.77
CA PHE A 74 0.60 7.62 -2.62
C PHE A 74 1.26 7.16 -3.93
N ASP A 75 2.55 7.44 -4.08
CA ASP A 75 3.26 7.06 -5.30
C ASP A 75 4.05 5.77 -5.08
N GLU A 76 5.21 5.89 -4.45
CA GLU A 76 6.06 4.72 -4.20
C GLU A 76 5.23 3.52 -3.74
N PHE A 77 4.14 3.79 -3.03
CA PHE A 77 3.29 2.72 -2.54
C PHE A 77 2.88 1.80 -3.68
N LEU A 78 2.10 2.34 -4.61
CA LEU A 78 1.65 1.56 -5.75
C LEU A 78 2.83 0.93 -6.48
N VAL A 79 3.94 1.65 -6.50
CA VAL A 79 5.15 1.17 -7.16
C VAL A 79 5.56 -0.19 -6.57
N MET A 80 5.99 -0.17 -5.31
CA MET A 80 6.41 -1.40 -4.64
C MET A 80 5.41 -2.51 -4.90
N MET A 81 4.13 -2.14 -4.96
CA MET A 81 3.06 -3.11 -5.19
C MET A 81 3.10 -3.58 -6.64
N VAL A 82 3.05 -2.63 -7.57
CA VAL A 82 3.08 -2.96 -8.99
C VAL A 82 4.41 -3.60 -9.36
N ARG A 83 5.43 -3.29 -8.55
CA ARG A 83 6.77 -3.82 -8.79
C ARG A 83 6.80 -5.34 -8.58
N CYS A 84 5.94 -5.84 -7.70
CA CYS A 84 5.91 -7.28 -7.43
C CYS A 84 5.01 -8.00 -8.43
N MET A 85 4.09 -7.25 -9.04
CA MET A 85 3.17 -7.83 -10.02
C MET A 85 3.95 -8.62 -11.07
N LYS A 86 5.15 -8.16 -11.38
CA LYS A 86 5.99 -8.82 -12.38
C LYS A 86 6.86 -9.88 -11.72
N ASP A 87 7.75 -9.45 -10.85
CA ASP A 87 8.64 -10.38 -10.15
C ASP A 87 8.45 -10.27 -8.64
N ASP A 88 8.43 -11.42 -7.98
CA ASP A 88 8.25 -11.47 -6.53
C ASP A 88 9.52 -11.01 -5.83
N SER A 89 9.33 -10.24 -4.75
CA SER A 89 10.47 -9.74 -3.98
C SER A 89 11.49 -9.07 -4.90
N ARG B 1 0.02 -11.94 0.61
CA ARG B 1 1.15 -11.67 -0.33
C ARG B 1 0.70 -10.66 -1.38
N ILE B 2 0.27 -9.49 -0.91
CA ILE B 2 -0.18 -8.43 -1.81
C ILE B 2 -1.49 -8.85 -2.49
N SER B 3 -1.38 -9.74 -3.46
CA SER B 3 -2.55 -10.22 -4.19
C SER B 3 -3.47 -9.05 -4.55
N ALA B 4 -4.41 -8.74 -3.66
CA ALA B 4 -5.34 -7.64 -3.90
C ALA B 4 -6.56 -7.76 -3.00
N ASP B 5 -7.17 -8.95 -3.01
CA ASP B 5 -8.36 -9.19 -2.19
C ASP B 5 -7.98 -9.26 -0.71
N ALA B 6 -6.69 -9.32 -0.43
CA ALA B 6 -6.21 -9.39 0.95
C ALA B 6 -6.56 -8.11 1.70
N MET B 7 -6.29 -6.97 1.07
CA MET B 7 -6.56 -5.68 1.71
C MET B 7 -8.05 -5.36 1.65
N MET B 8 -8.68 -5.72 0.53
CA MET B 8 -10.11 -5.48 0.37
C MET B 8 -10.85 -5.68 1.68
N GLN B 9 -10.42 -6.68 2.44
CA GLN B 9 -11.04 -6.98 3.72
C GLN B 9 -11.09 -5.73 4.61
N ALA B 10 -9.95 -5.09 4.76
CA ALA B 10 -9.86 -3.88 5.58
C ALA B 10 -10.65 -2.74 4.94
N LEU B 11 -11.09 -2.97 3.71
CA LEU B 11 -11.86 -1.95 2.98
C LEU B 11 -13.22 -2.50 2.58
N LEU B 12 -13.74 -3.42 3.39
CA LEU B 12 -15.04 -4.03 3.10
C LEU B 12 -16.15 -2.98 3.26
N GLY B 13 -16.53 -2.72 4.50
CA GLY B 13 -17.58 -1.75 4.78
C GLY B 13 -16.98 -0.36 4.98
N ALA B 14 -15.70 -0.33 5.34
CA ALA B 14 -15.00 0.94 5.57
C ALA B 14 -15.66 1.71 6.71
N ARG B 15 -16.65 2.53 6.37
CA ARG B 15 -17.36 3.31 7.37
C ARG B 15 -18.85 2.99 7.35
N ALA B 16 -19.36 2.70 6.16
CA ALA B 16 -20.78 2.38 6.02
C ALA B 16 -21.64 3.45 6.67
N LYS B 17 -21.93 4.51 5.92
CA LYS B 17 -22.74 5.61 6.43
C LYS B 17 -22.15 6.13 7.74
CA CA C . 9.64 6.79 0.97
C1 BEP D . 3.72 -6.03 1.41
C2 BEP D . 2.29 -5.75 1.88
C3 BEP D . 2.22 -4.38 2.64
O1 BEP D . 3.90 -7.45 1.24
N2 BEP D . 1.80 -6.85 2.75
N3 BEP D . 2.10 -3.23 1.69
C4 BEP D . 5.29 -7.88 1.13
C5 BEP D . 5.34 -9.41 1.04
C6 BEP D . 6.71 -9.90 1.47
C7 BEP D . 5.06 -9.85 -0.41
C8 BEP D . 1.05 -7.98 2.13
C9 BEP D . 1.50 -9.23 2.89
C10 BEP D . 2.09 -8.70 4.20
C11 BEP D . 2.72 -7.38 3.79
C12 BEP D . 0.75 -2.84 1.22
C13 BEP D . -0.37 -3.88 1.40
C14 BEP D . -0.64 -4.81 0.40
C15 BEP D . -1.66 -5.75 0.56
C16 BEP D . -2.42 -5.76 1.74
C17 BEP D . -2.15 -4.83 2.75
C18 BEP D . -1.13 -3.89 2.58
C19 BEP D . 3.11 -2.14 1.80
C20 BEP D . 4.02 -2.09 2.86
C21 BEP D . 4.96 -1.05 2.95
C22 BEP D . 4.98 -0.06 1.97
C23 BEP D . 4.07 -0.09 0.90
C24 BEP D . 3.14 -1.14 0.82
H11 BEP D . 4.41 -5.65 2.15
H12 BEP D . 3.89 -5.51 0.48
H21 BEP D . 1.63 -5.68 0.98
H31 BEP D . 3.11 -4.28 3.26
H32 BEP D . 1.34 -4.39 3.32
H41 BEP D . 5.74 -7.47 0.24
H42 BEP D . 5.86 -7.57 2.00
H51 BEP D . 4.58 -9.83 1.69
H61 BEP D . 7.28 -9.08 1.89
H62 BEP D . 7.24 -10.31 0.62
H63 BEP D . 6.60 -10.68 2.22
H71 BEP D . 5.81 -9.41 -1.05
H72 BEP D . 4.09 -9.51 -0.70
H73 BEP D . 5.11 -10.92 -0.47
H81 BEP D . -0.04 -7.83 2.22
H82 BEP D . 1.31 -8.06 1.05
H91 BEP D . 2.25 -9.77 2.32
H92 BEP D . 0.66 -9.87 3.08
H101 BEP D . 2.83 -9.37 4.59
H102 BEP D . 1.32 -8.55 4.94
H111 BEP D . 3.74 -7.50 3.36
H112 BEP D . 2.79 -6.65 4.64
H121 BEP D . 0.48 -1.89 1.73
H122 BEP D . 0.84 -2.57 0.14
H141 BEP D . -0.05 -4.81 -0.52
H151 BEP D . -1.86 -6.48 -0.21
H161 BEP D . -3.21 -6.49 1.87
H171 BEP D . -2.74 -4.83 3.66
H181 BEP D . -0.93 -3.16 3.35
H201 BEP D . 4.01 -2.86 3.63
H211 BEP D . 5.66 -1.03 3.77
H221 BEP D . 5.71 0.74 2.03
H231 BEP D . 4.10 0.68 0.14
H241 BEP D . 2.44 -1.16 -0.01
N MET A 1 11.83 8.52 -15.14
CA MET A 1 11.60 7.38 -16.08
C MET A 1 10.81 6.28 -15.37
N ASP A 2 9.54 6.58 -15.11
CA ASP A 2 8.68 5.62 -14.44
C ASP A 2 7.61 5.09 -15.39
N ASP A 3 7.90 5.18 -16.69
CA ASP A 3 6.95 4.72 -17.70
C ASP A 3 6.77 3.20 -17.61
N ILE A 4 7.88 2.50 -17.40
CA ILE A 4 7.84 1.05 -17.30
C ILE A 4 6.73 0.60 -16.33
N TYR A 5 6.38 1.51 -15.41
CA TYR A 5 5.34 1.21 -14.43
C TYR A 5 3.97 1.61 -14.98
N LYS A 6 3.88 2.85 -15.44
CA LYS A 6 2.62 3.36 -15.98
C LYS A 6 1.96 2.29 -16.86
N ALA A 7 2.79 1.57 -17.61
CA ALA A 7 2.29 0.53 -18.50
C ALA A 7 1.73 -0.63 -17.68
N ALA A 8 2.62 -1.35 -17.00
CA ALA A 8 2.21 -2.47 -16.18
C ALA A 8 1.07 -2.05 -15.23
N VAL A 9 1.01 -0.75 -14.96
CA VAL A 9 -0.03 -0.22 -14.09
C VAL A 9 -1.28 0.11 -14.88
N GLU A 10 -1.12 0.25 -16.20
CA GLU A 10 -2.25 0.55 -17.06
C GLU A 10 -2.95 -0.74 -17.46
N GLN A 11 -2.18 -1.82 -17.45
CA GLN A 11 -2.72 -3.13 -17.81
C GLN A 11 -3.99 -3.40 -17.01
N LEU A 12 -3.92 -3.11 -15.72
CA LEU A 12 -5.07 -3.33 -14.84
C LEU A 12 -6.33 -2.71 -15.43
N THR A 13 -7.48 -3.15 -14.94
CA THR A 13 -8.76 -2.63 -15.44
C THR A 13 -9.42 -1.73 -14.39
N GLU A 14 -10.32 -0.87 -14.84
CA GLU A 14 -11.01 0.04 -13.95
C GLU A 14 -11.45 -0.68 -12.67
N GLU A 15 -11.67 -1.99 -12.78
CA GLU A 15 -12.09 -2.78 -11.64
C GLU A 15 -11.04 -2.74 -10.53
N GLN A 16 -9.95 -3.47 -10.73
CA GLN A 16 -8.88 -3.50 -9.73
C GLN A 16 -8.49 -2.08 -9.33
N LYS A 17 -8.45 -1.20 -10.33
CA LYS A 17 -8.10 0.19 -10.09
C LYS A 17 -8.95 0.78 -8.97
N ASN A 18 -10.10 0.15 -8.71
CA ASN A 18 -11.00 0.61 -7.67
C ASN A 18 -10.61 0.02 -6.32
N GLU A 19 -10.80 -1.29 -6.18
CA GLU A 19 -10.46 -1.97 -4.94
C GLU A 19 -9.18 -1.39 -4.34
N PHE A 20 -8.22 -1.12 -5.21
CA PHE A 20 -6.93 -0.56 -4.76
C PHE A 20 -7.16 0.67 -3.90
N LYS A 21 -7.80 1.69 -4.48
CA LYS A 21 -8.07 2.93 -3.77
C LYS A 21 -8.59 2.65 -2.36
N ALA A 22 -9.23 1.49 -2.20
CA ALA A 22 -9.77 1.11 -0.90
C ALA A 22 -8.67 1.12 0.16
N ALA A 23 -7.74 0.19 0.04
CA ALA A 23 -6.64 0.10 0.99
C ALA A 23 -6.04 1.49 1.21
N PHE A 24 -6.11 2.32 0.17
CA PHE A 24 -5.58 3.68 0.25
C PHE A 24 -6.27 4.45 1.36
N ASP A 25 -7.51 4.06 1.65
CA ASP A 25 -8.27 4.72 2.70
C ASP A 25 -7.81 4.23 4.07
N ILE A 26 -7.15 3.08 4.07
CA ILE A 26 -6.64 2.50 5.32
C ILE A 26 -5.13 2.74 5.44
N PHE A 27 -4.44 2.72 4.30
CA PHE A 27 -3.00 2.94 4.31
C PHE A 27 -2.70 4.32 4.88
N VAL A 28 -3.30 5.35 4.29
CA VAL A 28 -3.12 6.71 4.76
C VAL A 28 -4.31 7.12 5.61
N LEU A 29 -5.11 6.13 6.01
CA LEU A 29 -6.29 6.39 6.82
C LEU A 29 -5.99 7.47 7.85
N GLY A 30 -6.71 8.58 7.74
CA GLY A 30 -6.52 9.70 8.67
C GLY A 30 -5.16 10.37 8.46
N ALA A 31 -4.82 10.58 7.18
CA ALA A 31 -3.56 11.22 6.84
C ALA A 31 -3.77 12.67 6.43
N GLU A 32 -2.70 13.31 5.99
CA GLU A 32 -2.77 14.70 5.56
C GLU A 32 -3.00 14.79 4.06
N ASP A 33 -2.10 14.16 3.30
CA ASP A 33 -2.21 14.17 1.84
C ASP A 33 -2.60 12.78 1.34
N GLY A 34 -1.67 11.84 1.46
CA GLY A 34 -1.93 10.47 1.01
C GLY A 34 -0.64 9.64 1.07
N CYS A 35 0.04 9.70 2.21
CA CYS A 35 1.28 8.97 2.39
C CYS A 35 1.15 7.99 3.57
N ILE A 36 1.87 6.87 3.47
CA ILE A 36 1.84 5.87 4.53
C ILE A 36 3.13 5.89 5.33
N SER A 37 3.01 5.59 6.62
CA SER A 37 4.18 5.57 7.50
C SER A 37 4.27 4.24 8.23
N THR A 38 5.38 4.01 8.90
CA THR A 38 5.57 2.76 9.64
C THR A 38 4.39 2.52 10.57
N LYS A 39 3.78 3.62 11.01
CA LYS A 39 2.63 3.52 11.90
C LYS A 39 1.34 3.36 11.10
N GLU A 40 1.01 4.38 10.32
CA GLU A 40 -0.21 4.35 9.50
C GLU A 40 -0.33 3.00 8.81
N LEU A 41 0.82 2.37 8.56
CA LEU A 41 0.82 1.07 7.90
C LEU A 41 0.41 -0.04 8.87
N GLY A 42 1.13 -0.12 9.99
CA GLY A 42 0.82 -1.13 11.00
C GLY A 42 -0.69 -1.27 11.18
N LYS A 43 -1.38 -0.14 11.21
CA LYS A 43 -2.83 -0.14 11.38
C LYS A 43 -3.48 -1.06 10.35
N VAL A 44 -3.19 -0.81 9.08
CA VAL A 44 -3.76 -1.63 8.00
C VAL A 44 -3.52 -3.11 8.29
N MET A 45 -2.25 -3.47 8.46
CA MET A 45 -1.90 -4.86 8.73
C MET A 45 -2.80 -5.43 9.82
N ARG A 46 -2.90 -4.70 10.92
CA ARG A 46 -3.75 -5.14 12.04
C ARG A 46 -5.11 -5.57 11.52
N MET A 47 -5.84 -4.63 10.93
CA MET A 47 -7.16 -4.95 10.39
C MET A 47 -7.11 -6.22 9.56
N LEU A 48 -6.18 -6.26 8.61
CA LEU A 48 -6.02 -7.43 7.74
C LEU A 48 -6.02 -8.71 8.59
N GLY A 49 -4.84 -9.08 9.07
CA GLY A 49 -4.71 -10.27 9.90
C GLY A 49 -3.27 -10.42 10.39
N GLN A 50 -2.61 -9.29 10.62
CA GLN A 50 -1.24 -9.29 11.09
C GLN A 50 -0.96 -8.05 11.95
N ASN A 51 -0.18 -8.23 13.00
CA ASN A 51 0.16 -7.12 13.88
C ASN A 51 1.67 -6.96 13.96
N PRO A 52 2.24 -6.20 13.03
CA PRO A 52 3.68 -5.95 12.98
C PRO A 52 4.14 -4.86 13.95
N THR A 53 5.44 -4.58 13.94
CA THR A 53 5.99 -3.56 14.83
C THR A 53 6.47 -2.36 14.01
N PRO A 54 6.96 -1.33 14.69
CA PRO A 54 7.47 -0.11 14.03
C PRO A 54 8.89 -0.29 13.49
N GLU A 55 9.54 -1.35 13.93
CA GLU A 55 10.90 -1.63 13.49
C GLU A 55 10.89 -2.41 12.17
N GLU A 56 9.97 -3.38 12.08
CA GLU A 56 9.86 -4.20 10.88
C GLU A 56 9.06 -3.46 9.81
N LEU A 57 8.24 -2.50 10.24
CA LEU A 57 7.42 -1.73 9.30
C LEU A 57 8.27 -0.69 8.59
N GLN A 58 8.99 0.11 9.37
CA GLN A 58 9.84 1.15 8.81
C GLN A 58 10.60 0.60 7.59
N GLU A 59 10.92 -0.69 7.64
CA GLU A 59 11.64 -1.33 6.55
C GLU A 59 10.79 -1.35 5.28
N MET A 60 9.49 -1.55 5.46
CA MET A 60 8.58 -1.59 4.32
C MET A 60 8.58 -0.26 3.58
N ILE A 61 8.81 0.82 4.32
CA ILE A 61 8.85 2.15 3.73
C ILE A 61 10.20 2.40 3.05
N ASP A 62 11.25 1.87 3.66
CA ASP A 62 12.59 2.04 3.11
C ASP A 62 12.62 1.68 1.63
N GLU A 63 11.69 0.82 1.22
CA GLU A 63 11.62 0.39 -0.17
C GLU A 63 11.09 1.53 -1.04
N VAL A 64 10.04 2.20 -0.56
CA VAL A 64 9.44 3.30 -1.30
C VAL A 64 10.07 4.63 -0.90
N ASP A 65 10.79 4.62 0.22
CA ASP A 65 11.45 5.83 0.70
C ASP A 65 12.82 6.00 0.06
N GLU A 66 12.80 6.28 -1.25
CA GLU A 66 14.04 6.46 -1.99
C GLU A 66 14.52 7.91 -1.87
N ASP A 67 13.57 8.81 -1.62
CA ASP A 67 13.90 10.23 -1.48
C ASP A 67 14.19 10.56 -0.03
N GLY A 68 13.68 9.73 0.88
CA GLY A 68 13.89 9.95 2.31
C GLY A 68 12.80 10.82 2.88
N SER A 69 11.56 10.58 2.45
CA SER A 69 10.42 11.35 2.94
C SER A 69 9.98 10.82 4.30
N GLY A 70 10.05 9.51 4.47
CA GLY A 70 9.66 8.88 5.72
C GLY A 70 8.23 8.34 5.64
N THR A 71 7.67 8.36 4.43
CA THR A 71 6.32 7.87 4.22
C THR A 71 6.13 7.40 2.79
N VAL A 72 4.97 6.78 2.52
CA VAL A 72 4.67 6.28 1.19
C VAL A 72 3.49 7.05 0.59
N ASP A 73 3.80 8.15 -0.09
CA ASP A 73 2.78 8.98 -0.71
C ASP A 73 1.81 8.13 -1.53
N PHE A 74 0.93 8.82 -2.25
CA PHE A 74 -0.07 8.14 -3.08
C PHE A 74 0.54 7.67 -4.40
N ASP A 75 1.84 7.89 -4.54
CA ASP A 75 2.53 7.48 -5.77
C ASP A 75 3.33 6.20 -5.53
N GLU A 76 4.53 6.35 -4.98
CA GLU A 76 5.39 5.20 -4.71
C GLU A 76 4.57 4.04 -4.14
N PHE A 77 3.48 4.36 -3.47
CA PHE A 77 2.63 3.34 -2.88
C PHE A 77 2.29 2.26 -3.91
N LEU A 78 1.47 2.63 -4.88
CA LEU A 78 1.06 1.69 -5.93
C LEU A 78 2.29 1.09 -6.62
N VAL A 79 3.12 1.96 -7.17
CA VAL A 79 4.33 1.49 -7.87
C VAL A 79 4.96 0.33 -7.11
N MET A 80 5.23 0.53 -5.83
CA MET A 80 5.84 -0.50 -5.00
C MET A 80 5.28 -1.88 -5.38
N MET A 81 3.97 -2.03 -5.19
CA MET A 81 3.31 -3.30 -5.51
C MET A 81 3.81 -3.84 -6.85
N VAL A 82 3.47 -3.13 -7.92
CA VAL A 82 3.87 -3.54 -9.26
C VAL A 82 5.33 -3.99 -9.26
N ARG A 83 6.12 -3.41 -8.35
CA ARG A 83 7.53 -3.75 -8.25
C ARG A 83 7.70 -5.23 -7.88
N CYS A 84 6.92 -5.67 -6.88
CA CYS A 84 7.00 -7.06 -6.45
C CYS A 84 6.07 -7.93 -7.29
N MET A 85 5.00 -7.34 -7.78
CA MET A 85 4.04 -8.06 -8.60
C MET A 85 4.76 -9.05 -9.52
N LYS A 86 5.90 -8.62 -10.03
CA LYS A 86 6.68 -9.48 -10.93
C LYS A 86 7.70 -10.28 -10.14
N ASP A 87 7.22 -11.21 -9.33
CA ASP A 87 8.11 -12.04 -8.51
C ASP A 87 8.78 -11.20 -7.42
N ASP A 88 9.14 -11.87 -6.33
CA ASP A 88 9.78 -11.17 -5.22
C ASP A 88 11.05 -10.45 -5.70
N SER A 89 10.99 -9.12 -5.71
CA SER A 89 12.12 -8.32 -6.14
C SER A 89 13.25 -8.39 -5.11
N ARG B 1 3.90 -8.75 -5.14
CA ARG B 1 2.81 -9.70 -5.49
C ARG B 1 2.08 -10.14 -4.23
N ILE B 2 1.58 -9.16 -3.48
CA ILE B 2 0.87 -9.46 -2.24
C ILE B 2 -0.49 -10.09 -2.54
N SER B 3 -1.02 -9.78 -3.72
CA SER B 3 -2.31 -10.32 -4.14
C SER B 3 -3.45 -9.43 -3.65
N ALA B 4 -3.31 -8.93 -2.42
CA ALA B 4 -4.34 -8.07 -1.84
C ALA B 4 -5.45 -8.91 -1.20
N ASP B 5 -5.38 -10.22 -1.41
CA ASP B 5 -6.38 -11.12 -0.85
C ASP B 5 -6.67 -10.76 0.60
N ALA B 6 -5.61 -10.70 1.41
CA ALA B 6 -5.76 -10.37 2.83
C ALA B 6 -6.04 -8.88 3.00
N MET B 7 -5.60 -8.09 2.03
CA MET B 7 -5.80 -6.64 2.09
C MET B 7 -7.28 -6.30 1.93
N MET B 8 -8.02 -7.19 1.29
CA MET B 8 -9.45 -6.94 1.08
C MET B 8 -10.22 -7.05 2.40
N GLN B 9 -9.57 -7.65 3.41
CA GLN B 9 -10.21 -7.79 4.71
C GLN B 9 -10.40 -6.43 5.37
N ALA B 10 -9.38 -5.58 5.23
CA ALA B 10 -9.44 -4.24 5.81
C ALA B 10 -10.14 -3.28 4.86
N LEU B 11 -10.47 -3.76 3.66
CA LEU B 11 -11.15 -2.93 2.67
C LEU B 11 -12.62 -3.29 2.60
N LEU B 12 -13.21 -3.55 3.76
CA LEU B 12 -14.63 -3.92 3.82
C LEU B 12 -15.34 -3.13 4.92
N GLY B 13 -14.85 -1.91 5.16
CA GLY B 13 -15.44 -1.06 6.18
C GLY B 13 -14.43 -0.05 6.70
N ALA B 14 -14.90 0.90 7.50
CA ALA B 14 -14.02 1.93 8.06
C ALA B 14 -14.69 2.61 9.25
N ARG B 15 -14.96 1.83 10.29
CA ARG B 15 -15.60 2.38 11.49
C ARG B 15 -15.50 1.39 12.65
N ALA B 16 -15.72 0.11 12.34
CA ALA B 16 -15.65 -0.93 13.37
C ALA B 16 -16.33 -2.21 12.89
N LYS B 17 -16.22 -3.27 13.69
CA LYS B 17 -16.83 -4.54 13.33
C LYS B 17 -16.17 -5.13 12.09
CA CA C . 8.81 8.33 -0.08
C1 BEP D . 4.65 -6.41 2.60
C2 BEP D . 4.58 -4.99 2.03
C3 BEP D . 3.33 -4.23 2.60
O1 BEP D . 5.98 -6.97 2.36
N2 BEP D . 4.53 -5.02 0.53
N3 BEP D . 2.85 -3.18 1.66
C4 BEP D . 6.05 -8.42 2.42
C5 BEP D . 6.16 -8.97 1.00
C6 BEP D . 6.22 -10.50 1.05
C7 BEP D . 7.44 -8.43 0.36
C8 BEP D . 5.11 -3.87 -0.21
C9 BEP D . 5.78 -4.47 -1.46
C10 BEP D . 5.11 -5.86 -1.60
C11 BEP D . 4.88 -6.29 -0.17
C12 BEP D . 1.45 -3.32 1.14
C13 BEP D . 0.40 -3.86 2.15
C14 BEP D . -0.55 -4.80 1.74
C15 BEP D . -1.50 -5.28 2.65
C16 BEP D . -1.49 -4.82 3.98
C17 BEP D . -0.54 -3.88 4.39
C18 BEP D . 0.41 -3.40 3.48
C19 BEP D . 3.32 -1.79 1.90
C20 BEP D . 4.21 -1.50 2.95
C21 BEP D . 4.64 -0.19 3.16
C22 BEP D . 4.18 0.85 2.34
C23 BEP D . 3.28 0.57 1.30
C24 BEP D . 2.85 -0.74 1.09
H11 BEP D . 3.90 -7.02 2.12
H12 BEP D . 4.44 -6.37 3.66
H21 BEP D . 5.49 -4.43 2.34
H31 BEP D . 3.61 -3.78 3.57
H32 BEP D . 2.53 -4.96 2.78
H41 BEP D . 6.91 -8.73 2.99
H42 BEP D . 5.15 -8.83 2.89
H51 BEP D . 5.31 -8.66 0.43
H61 BEP D . 5.59 -10.85 1.84
H62 BEP D . 7.24 -10.81 1.24
H63 BEP D . 5.89 -10.91 0.11
H71 BEP D . 8.10 -9.26 0.11
H72 BEP D . 7.95 -7.76 1.04
H73 BEP D . 7.19 -7.90 -0.55
H81 BEP D . 4.31 -3.15 -0.51
H82 BEP D . 5.86 -3.33 0.41
H91 BEP D . 6.84 -4.57 -1.32
H92 BEP D . 5.57 -3.87 -2.33
H101 BEP D . 5.77 -6.54 -2.10
H102 BEP D . 4.19 -5.80 -2.15
H111 BEP D . 5.77 -6.74 0.30
H112 BEP D . 4.04 -7.01 -0.07
H121 BEP D . 1.13 -2.34 0.77
H122 BEP D . 1.50 -3.99 0.26
H141 BEP D . -0.55 -5.15 0.72
H151 BEP D . -2.23 -6.00 2.34
H161 BEP D . -2.22 -5.19 4.68
H171 BEP D . -0.54 -3.53 5.41
H181 BEP D . 1.14 -2.68 3.79
H201 BEP D . 4.58 -2.30 3.57
H211 BEP D . 5.33 0.03 3.96
H221 BEP D . 4.51 1.86 2.51
H231 BEP D . 2.93 1.37 0.67
H241 BEP D . 2.16 -0.95 0.28
N MET A 1 8.69 9.77 -18.11
CA MET A 1 9.89 9.23 -17.42
C MET A 1 9.52 7.95 -16.67
N ASP A 2 8.39 8.00 -15.98
CA ASP A 2 7.92 6.83 -15.22
C ASP A 2 6.81 6.13 -15.99
N ASP A 3 7.07 5.84 -17.25
CA ASP A 3 6.08 5.17 -18.10
C ASP A 3 6.02 3.67 -17.76
N ILE A 4 7.19 3.06 -17.60
CA ILE A 4 7.25 1.64 -17.28
C ILE A 4 6.15 1.27 -16.30
N TYR A 5 5.81 2.20 -15.41
CA TYR A 5 4.77 1.96 -14.42
C TYR A 5 3.40 2.31 -15.00
N LYS A 6 3.31 3.51 -15.58
CA LYS A 6 2.06 3.97 -16.17
C LYS A 6 1.39 2.84 -16.95
N ALA A 7 2.19 1.91 -17.45
CA ALA A 7 1.65 0.79 -18.22
C ALA A 7 0.90 -0.16 -17.30
N ALA A 8 1.63 -0.82 -16.41
CA ALA A 8 1.00 -1.77 -15.49
C ALA A 8 -0.25 -1.14 -14.88
N VAL A 9 -0.05 0.03 -14.27
CA VAL A 9 -1.16 0.76 -13.65
C VAL A 9 -2.25 1.04 -14.67
N GLU A 10 -1.85 1.15 -15.93
CA GLU A 10 -2.79 1.42 -17.01
C GLU A 10 -3.61 0.18 -17.32
N GLN A 11 -2.95 -0.97 -17.29
CA GLN A 11 -3.62 -2.23 -17.57
C GLN A 11 -4.76 -2.45 -16.59
N LEU A 12 -4.46 -2.26 -15.31
CA LEU A 12 -5.45 -2.45 -14.27
C LEU A 12 -6.73 -1.71 -14.59
N THR A 13 -7.86 -2.41 -14.48
CA THR A 13 -9.15 -1.80 -14.75
C THR A 13 -9.67 -1.09 -13.50
N GLU A 14 -10.47 -0.06 -13.71
CA GLU A 14 -11.02 0.69 -12.59
C GLU A 14 -11.47 -0.25 -11.48
N GLU A 15 -11.85 -1.47 -11.88
CA GLU A 15 -12.30 -2.48 -10.92
C GLU A 15 -11.30 -2.59 -9.77
N GLN A 16 -10.15 -3.18 -10.05
CA GLN A 16 -9.13 -3.35 -9.02
C GLN A 16 -8.64 -1.98 -8.54
N LYS A 17 -8.49 -1.06 -9.49
CA LYS A 17 -8.04 0.28 -9.15
C LYS A 17 -8.75 0.79 -7.90
N ASN A 18 -9.95 0.26 -7.66
CA ASN A 18 -10.73 0.65 -6.50
C ASN A 18 -10.23 -0.04 -5.24
N GLU A 19 -10.28 -1.37 -5.23
CA GLU A 19 -9.83 -2.13 -4.06
C GLU A 19 -8.58 -1.50 -3.45
N PHE A 20 -7.74 -0.93 -4.31
CA PHE A 20 -6.52 -0.28 -3.84
C PHE A 20 -6.85 0.97 -3.04
N LYS A 21 -7.47 1.94 -3.70
CA LYS A 21 -7.83 3.18 -3.04
C LYS A 21 -8.40 2.89 -1.65
N ALA A 22 -9.11 1.77 -1.54
CA ALA A 22 -9.70 1.37 -0.26
C ALA A 22 -8.61 1.21 0.79
N ALA A 23 -7.63 0.36 0.51
CA ALA A 23 -6.53 0.14 1.44
C ALA A 23 -5.79 1.45 1.70
N PHE A 24 -5.89 2.36 0.74
CA PHE A 24 -5.22 3.66 0.87
C PHE A 24 -5.86 4.45 1.99
N ASP A 25 -7.12 4.12 2.28
CA ASP A 25 -7.84 4.80 3.36
C ASP A 25 -7.50 4.18 4.70
N ILE A 26 -6.67 3.13 4.67
CA ILE A 26 -6.27 2.44 5.90
C ILE A 26 -4.79 2.66 6.14
N PHE A 27 -3.99 2.47 5.09
CA PHE A 27 -2.55 2.65 5.19
C PHE A 27 -2.25 4.06 5.70
N VAL A 28 -3.22 4.94 5.54
CA VAL A 28 -3.08 6.33 5.97
C VAL A 28 -4.43 6.87 6.44
N LEU A 29 -5.13 6.07 7.25
CA LEU A 29 -6.42 6.48 7.77
C LEU A 29 -6.26 7.57 8.84
N GLY A 30 -5.02 7.81 9.23
CA GLY A 30 -4.73 8.82 10.25
C GLY A 30 -3.58 9.72 9.80
N ALA A 31 -3.12 9.52 8.57
CA ALA A 31 -2.03 10.32 8.04
C ALA A 31 -2.55 11.67 7.57
N GLU A 32 -1.66 12.45 6.98
CA GLU A 32 -2.02 13.77 6.50
C GLU A 32 -2.79 13.68 5.19
N ASP A 33 -2.09 13.31 4.12
CA ASP A 33 -2.73 13.18 2.81
C ASP A 33 -2.77 11.72 2.38
N GLY A 34 -1.58 11.15 2.17
CA GLY A 34 -1.49 9.75 1.75
C GLY A 34 -0.08 9.21 1.98
N CYS A 35 0.48 9.52 3.15
CA CYS A 35 1.81 9.07 3.50
C CYS A 35 1.76 7.99 4.58
N ILE A 36 2.32 6.83 4.26
CA ILE A 36 2.33 5.72 5.21
C ILE A 36 3.66 5.68 5.96
N SER A 37 3.64 5.14 7.17
CA SER A 37 4.84 5.04 7.98
C SER A 37 5.03 3.61 8.46
N THR A 38 5.95 3.43 9.41
CA THR A 38 6.22 2.10 9.95
C THR A 38 5.23 1.78 11.07
N LYS A 39 4.87 2.79 11.84
CA LYS A 39 3.93 2.62 12.94
C LYS A 39 2.50 2.62 12.41
N GLU A 40 2.28 3.40 11.37
CA GLU A 40 0.94 3.50 10.76
C GLU A 40 0.57 2.19 10.07
N LEU A 41 1.32 1.86 9.02
CA LEU A 41 1.06 0.63 8.27
C LEU A 41 0.67 -0.50 9.22
N GLY A 42 1.50 -0.72 10.23
CA GLY A 42 1.24 -1.79 11.21
C GLY A 42 -0.25 -1.88 11.52
N LYS A 43 -0.92 -0.73 11.52
CA LYS A 43 -2.36 -0.70 11.81
C LYS A 43 -3.14 -1.47 10.76
N VAL A 44 -2.73 -1.33 9.50
CA VAL A 44 -3.39 -2.02 8.41
C VAL A 44 -3.02 -3.50 8.39
N MET A 45 -1.75 -3.78 8.63
CA MET A 45 -1.28 -5.16 8.65
C MET A 45 -2.01 -5.96 9.71
N ARG A 46 -2.14 -5.38 10.90
CA ARG A 46 -2.83 -6.04 12.00
C ARG A 46 -4.29 -6.27 11.64
N MET A 47 -4.76 -5.55 10.63
CA MET A 47 -6.14 -5.67 10.20
C MET A 47 -6.32 -6.86 9.25
N LEU A 48 -5.19 -7.39 8.78
CA LEU A 48 -5.23 -8.54 7.87
C LEU A 48 -4.86 -9.82 8.61
N GLY A 49 -4.34 -9.66 9.82
CA GLY A 49 -3.95 -10.82 10.63
C GLY A 49 -2.43 -10.87 10.78
N GLN A 50 -1.75 -9.79 10.38
CA GLN A 50 -0.30 -9.73 10.47
C GLN A 50 0.11 -8.88 11.67
N ASN A 51 1.10 -9.35 12.40
CA ASN A 51 1.57 -8.63 13.58
C ASN A 51 3.06 -8.30 13.44
N PRO A 52 3.38 -7.31 12.60
CA PRO A 52 4.76 -6.88 12.37
C PRO A 52 5.26 -5.93 13.45
N THR A 53 6.41 -5.30 13.20
CA THR A 53 6.97 -4.37 14.15
C THR A 53 7.37 -3.08 13.46
N PRO A 54 7.75 -2.07 14.24
CA PRO A 54 8.17 -0.77 13.69
C PRO A 54 9.61 -0.80 13.19
N GLU A 55 10.34 -1.84 13.57
CA GLU A 55 11.73 -2.00 13.15
C GLU A 55 11.81 -2.69 11.79
N GLU A 56 10.92 -3.66 11.57
CA GLU A 56 10.91 -4.39 10.30
C GLU A 56 10.03 -3.69 9.27
N LEU A 57 8.97 -3.07 9.74
CA LEU A 57 8.05 -2.35 8.84
C LEU A 57 8.79 -1.23 8.11
N GLN A 58 9.73 -0.61 8.82
CA GLN A 58 10.50 0.49 8.24
C GLN A 58 11.23 0.01 6.98
N GLU A 59 11.52 -1.29 6.94
CA GLU A 59 12.22 -1.87 5.80
C GLU A 59 11.32 -1.84 4.57
N MET A 60 10.02 -1.67 4.80
CA MET A 60 9.06 -1.63 3.70
C MET A 60 9.05 -0.25 3.04
N ILE A 61 8.98 0.78 3.88
CA ILE A 61 8.97 2.15 3.37
C ILE A 61 10.28 2.45 2.65
N ASP A 62 11.40 2.07 3.27
CA ASP A 62 12.70 2.31 2.67
C ASP A 62 12.71 1.83 1.21
N GLU A 63 11.83 0.89 0.91
CA GLU A 63 11.75 0.35 -0.45
C GLU A 63 10.91 1.28 -1.33
N VAL A 64 10.11 2.13 -0.70
CA VAL A 64 9.26 3.06 -1.43
C VAL A 64 9.75 4.50 -1.24
N ASP A 65 10.51 4.69 -0.16
CA ASP A 65 11.04 6.02 0.14
C ASP A 65 12.15 6.40 -0.83
N GLU A 66 11.75 6.74 -2.05
CA GLU A 66 12.73 7.13 -3.07
C GLU A 66 13.05 8.61 -2.97
N ASP A 67 12.24 9.34 -2.21
CA ASP A 67 12.45 10.77 -2.03
C ASP A 67 13.14 11.05 -0.70
N GLY A 68 12.99 10.12 0.24
CA GLY A 68 13.61 10.27 1.55
C GLY A 68 12.64 10.93 2.54
N SER A 69 11.44 11.22 2.06
CA SER A 69 10.43 11.85 2.92
C SER A 69 10.34 11.12 4.25
N GLY A 70 10.18 9.80 4.19
CA GLY A 70 10.09 8.99 5.41
C GLY A 70 8.72 8.34 5.53
N THR A 71 8.02 8.24 4.40
CA THR A 71 6.70 7.63 4.40
C THR A 71 6.32 7.17 2.99
N VAL A 72 5.14 6.60 2.86
CA VAL A 72 4.66 6.11 1.57
C VAL A 72 3.52 6.98 1.06
N ASP A 73 3.84 7.84 0.10
CA ASP A 73 2.82 8.73 -0.49
C ASP A 73 1.83 7.92 -1.31
N PHE A 74 1.00 8.62 -2.08
CA PHE A 74 0.00 7.95 -2.91
C PHE A 74 0.60 7.56 -4.26
N ASP A 75 1.92 7.65 -4.37
CA ASP A 75 2.58 7.30 -5.62
C ASP A 75 3.53 6.11 -5.44
N GLU A 76 3.98 5.91 -4.21
CA GLU A 76 4.89 4.81 -3.91
C GLU A 76 4.11 3.51 -3.66
N PHE A 77 3.12 3.60 -2.77
CA PHE A 77 2.31 2.43 -2.44
C PHE A 77 2.05 1.58 -3.68
N LEU A 78 1.32 2.14 -4.64
CA LEU A 78 1.00 1.43 -5.87
C LEU A 78 2.27 0.92 -6.54
N VAL A 79 3.12 1.86 -6.96
CA VAL A 79 4.38 1.49 -7.61
C VAL A 79 5.03 0.33 -6.87
N MET A 80 5.27 0.54 -5.57
CA MET A 80 5.90 -0.50 -4.76
C MET A 80 5.28 -1.85 -5.07
N MET A 81 4.01 -1.84 -5.47
CA MET A 81 3.31 -3.06 -5.80
C MET A 81 3.57 -3.44 -7.25
N VAL A 82 3.19 -2.56 -8.16
CA VAL A 82 3.39 -2.80 -9.59
C VAL A 82 4.78 -3.37 -9.83
N ARG A 83 5.70 -3.01 -8.95
CA ARG A 83 7.09 -3.49 -9.07
C ARG A 83 7.13 -5.01 -9.03
N CYS A 84 6.68 -5.58 -7.91
CA CYS A 84 6.66 -7.03 -7.75
C CYS A 84 5.45 -7.63 -8.45
N MET A 85 4.36 -6.87 -8.50
CA MET A 85 3.14 -7.34 -9.13
C MET A 85 3.43 -7.84 -10.54
N LYS A 86 4.56 -7.39 -11.10
CA LYS A 86 4.95 -7.79 -12.45
C LYS A 86 6.04 -8.86 -12.37
N ASP A 87 7.17 -8.49 -11.77
CA ASP A 87 8.29 -9.42 -11.64
C ASP A 87 8.36 -9.97 -10.22
N ASP A 88 7.22 -10.46 -9.74
CA ASP A 88 7.15 -11.01 -8.38
C ASP A 88 8.43 -11.76 -8.04
N SER A 89 8.90 -11.57 -6.81
CA SER A 89 10.13 -12.23 -6.37
C SER A 89 10.11 -12.41 -4.85
N ARG B 1 2.88 -10.79 1.88
CA ARG B 1 2.00 -11.43 0.86
C ARG B 1 1.06 -10.40 0.26
N ILE B 2 1.48 -9.80 -0.84
CA ILE B 2 0.66 -8.78 -1.51
C ILE B 2 -0.27 -9.43 -2.52
N SER B 3 -0.93 -10.51 -2.09
CA SER B 3 -1.86 -11.23 -2.97
C SER B 3 -3.19 -10.48 -3.04
N ALA B 4 -3.37 -9.51 -2.13
CA ALA B 4 -4.60 -8.73 -2.10
C ALA B 4 -5.69 -9.46 -1.31
N ASP B 5 -5.38 -10.68 -0.89
CA ASP B 5 -6.35 -11.48 -0.12
C ASP B 5 -6.57 -10.87 1.26
N ALA B 6 -5.47 -10.65 1.99
CA ALA B 6 -5.56 -10.08 3.32
C ALA B 6 -5.73 -8.56 3.24
N MET B 7 -5.20 -7.97 2.19
CA MET B 7 -5.31 -6.52 2.00
C MET B 7 -6.77 -6.09 1.93
N MET B 8 -7.57 -6.87 1.22
CA MET B 8 -8.99 -6.56 1.07
C MET B 8 -9.72 -6.66 2.42
N GLN B 9 -9.30 -7.64 3.23
CA GLN B 9 -9.92 -7.84 4.54
C GLN B 9 -9.99 -6.51 5.30
N ALA B 10 -8.90 -5.74 5.22
CA ALA B 10 -8.84 -4.45 5.91
C ALA B 10 -9.71 -3.42 5.22
N LEU B 11 -10.29 -3.80 4.09
CA LEU B 11 -11.15 -2.88 3.33
C LEU B 11 -12.50 -3.54 3.02
N LEU B 12 -13.01 -4.32 3.97
CA LEU B 12 -14.28 -5.00 3.77
C LEU B 12 -15.44 -4.05 4.07
N GLY B 13 -15.36 -3.38 5.23
CA GLY B 13 -16.41 -2.45 5.63
C GLY B 13 -15.87 -1.48 6.68
N ALA B 14 -15.65 -0.23 6.26
CA ALA B 14 -15.13 0.78 7.16
C ALA B 14 -16.22 1.28 8.11
N ARG B 15 -17.38 1.63 7.53
CA ARG B 15 -18.49 2.11 8.33
C ARG B 15 -19.72 1.24 8.14
N ALA B 16 -19.90 0.76 6.92
CA ALA B 16 -21.06 -0.10 6.61
C ALA B 16 -21.31 -0.13 5.11
N LYS B 17 -20.55 -0.97 4.41
CA LYS B 17 -20.71 -1.09 2.96
C LYS B 17 -19.90 -0.01 2.25
CA CA C . 8.51 8.36 -0.02
C1 BEP D . 5.45 -6.98 0.33
C2 BEP D . 4.85 -6.37 1.59
C3 BEP D . 4.93 -4.80 1.54
O1 BEP D . 6.78 -6.44 0.12
N2 BEP D . 5.53 -6.89 2.81
N3 BEP D . 3.79 -4.17 2.26
C4 BEP D . 7.51 -7.02 -0.99
C5 BEP D . 8.44 -5.96 -1.59
C6 BEP D . 7.76 -4.59 -1.50
C7 BEP D . 8.72 -6.31 -3.05
C8 BEP D . 4.83 -7.92 3.63
C9 BEP D . 5.93 -8.88 4.11
C10 BEP D . 7.24 -8.09 3.92
C11 BEP D . 6.97 -7.24 2.70
C12 BEP D . 3.17 -4.92 3.38
C13 BEP D . 1.76 -5.52 3.13
C14 BEP D . 0.63 -4.69 3.23
C15 BEP D . -0.65 -5.24 3.00
C16 BEP D . -0.79 -6.59 2.67
C17 BEP D . 0.34 -7.41 2.58
C18 BEP D . 1.62 -6.88 2.81
C19 BEP D . 3.85 -2.70 2.42
C20 BEP D . 4.67 -2.14 3.41
C21 BEP D . 4.74 -0.75 3.57
C22 BEP D . 3.99 0.09 2.72
C23 BEP D . 3.18 -0.48 1.73
C24 BEP D . 3.11 -1.87 1.57
H11 BEP D . 4.82 -6.76 -0.51
H12 BEP D . 5.50 -8.05 0.45
H21 BEP D . 3.77 -6.65 1.64
H31 BEP D . 4.95 -4.48 0.49
H32 BEP D . 5.89 -4.48 2.00
H41 BEP D . 8.11 -7.86 -0.65
H42 BEP D . 6.84 -7.37 -1.75
H51 BEP D . 9.36 -5.93 -1.04
H61 BEP D . 7.55 -4.35 -0.47
H62 BEP D . 6.83 -4.61 -2.06
H63 BEP D . 8.41 -3.84 -1.93
H71 BEP D . 9.69 -6.77 -3.13
H72 BEP D . 8.70 -5.39 -3.64
H73 BEP D . 7.97 -6.99 -3.41
H81 BEP D . 4.34 -7.44 4.50
H82 BEP D . 4.07 -8.44 3.02
H91 BEP D . 5.94 -9.78 3.49
H92 BEP D . 5.79 -9.14 5.14
H101 BEP D . 8.07 -8.75 3.76
H102 BEP D . 7.43 -7.48 4.78
H111 BEP D . 7.15 -7.79 1.74
H112 BEP D . 7.57 -6.31 2.67
H121 BEP D . 3.87 -5.74 3.67
H122 BEP D . 3.14 -4.25 4.26
H141 BEP D . 0.74 -3.65 3.49
H151 BEP D . -1.52 -4.60 3.08
H161 BEP D . -1.77 -7.00 2.50
H171 BEP D . 0.23 -8.45 2.33
H181 BEP D . 2.49 -7.50 2.73
H201 BEP D . 5.24 -2.78 4.07
H211 BEP D . 5.36 -0.32 4.33
H221 BEP D . 4.03 1.15 2.83
H231 BEP D . 2.60 0.16 1.08
H241 BEP D . 2.48 -2.30 0.81
N MET A 1 11.70 8.04 -15.98
CA MET A 1 12.11 7.02 -14.97
C MET A 1 10.89 6.23 -14.50
N ASP A 2 9.84 6.95 -14.13
CA ASP A 2 8.61 6.30 -13.68
C ASP A 2 7.66 6.08 -14.84
N ASP A 3 8.16 6.32 -16.06
CA ASP A 3 7.33 6.13 -17.25
C ASP A 3 7.02 4.66 -17.46
N ILE A 4 8.06 3.86 -17.60
CA ILE A 4 7.89 2.42 -17.79
C ILE A 4 6.82 1.89 -16.85
N TYR A 5 6.67 2.57 -15.71
CA TYR A 5 5.66 2.16 -14.73
C TYR A 5 4.27 2.51 -15.23
N LYS A 6 4.16 3.70 -15.81
CA LYS A 6 2.87 4.18 -16.34
C LYS A 6 2.17 3.06 -17.11
N ALA A 7 2.96 2.12 -17.63
CA ALA A 7 2.40 1.00 -18.38
C ALA A 7 1.81 -0.05 -17.43
N ALA A 8 2.57 -0.37 -16.39
CA ALA A 8 2.12 -1.37 -15.42
C ALA A 8 0.91 -0.85 -14.64
N VAL A 9 0.84 0.47 -14.48
CA VAL A 9 -0.26 1.09 -13.76
C VAL A 9 -1.45 1.31 -14.69
N GLU A 10 -1.16 1.46 -15.97
CA GLU A 10 -2.20 1.67 -16.97
C GLU A 10 -3.06 0.41 -17.09
N GLN A 11 -2.39 -0.71 -17.34
CA GLN A 11 -3.09 -1.98 -17.45
C GLN A 11 -4.19 -2.06 -16.40
N LEU A 12 -3.80 -1.71 -15.18
CA LEU A 12 -4.72 -1.76 -14.06
C LEU A 12 -6.07 -1.15 -14.43
N THR A 13 -7.12 -1.95 -14.25
CA THR A 13 -8.46 -1.49 -14.57
C THR A 13 -9.07 -0.80 -13.34
N GLU A 14 -9.99 0.12 -13.59
CA GLU A 14 -10.63 0.85 -12.49
C GLU A 14 -10.87 -0.08 -11.30
N GLU A 15 -11.09 -1.35 -11.59
CA GLU A 15 -11.33 -2.34 -10.52
C GLU A 15 -10.14 -2.39 -9.56
N GLN A 16 -9.06 -3.02 -10.01
CA GLN A 16 -7.87 -3.15 -9.17
C GLN A 16 -7.48 -1.78 -8.61
N LYS A 17 -7.77 -0.74 -9.38
CA LYS A 17 -7.44 0.62 -8.95
C LYS A 17 -8.31 1.02 -7.75
N ASN A 18 -9.48 0.40 -7.65
CA ASN A 18 -10.39 0.68 -6.55
C ASN A 18 -9.89 0.01 -5.27
N GLU A 19 -9.66 -1.29 -5.35
CA GLU A 19 -9.17 -2.04 -4.19
C GLU A 19 -7.98 -1.33 -3.58
N PHE A 20 -7.22 -0.62 -4.43
CA PHE A 20 -6.06 0.11 -3.97
C PHE A 20 -6.48 1.41 -3.30
N LYS A 21 -7.07 2.31 -4.09
CA LYS A 21 -7.52 3.60 -3.56
C LYS A 21 -8.25 3.37 -2.24
N ALA A 22 -9.19 2.43 -2.24
CA ALA A 22 -9.94 2.11 -1.04
C ALA A 22 -8.97 1.74 0.09
N ALA A 23 -8.00 0.89 -0.23
CA ALA A 23 -7.02 0.48 0.75
C ALA A 23 -6.19 1.70 1.18
N PHE A 24 -6.10 2.68 0.30
CA PHE A 24 -5.34 3.89 0.59
C PHE A 24 -6.00 4.63 1.76
N ASP A 25 -7.31 4.45 1.89
CA ASP A 25 -8.06 5.09 2.96
C ASP A 25 -7.91 4.30 4.26
N ILE A 26 -7.14 3.22 4.20
CA ILE A 26 -6.92 2.39 5.38
C ILE A 26 -5.44 2.44 5.76
N PHE A 27 -4.58 2.21 4.77
CA PHE A 27 -3.13 2.25 5.01
C PHE A 27 -2.75 3.58 5.64
N VAL A 28 -3.33 4.65 5.12
CA VAL A 28 -3.06 5.99 5.64
C VAL A 28 -4.35 6.61 6.15
N LEU A 29 -5.16 5.79 6.82
CA LEU A 29 -6.43 6.25 7.36
C LEU A 29 -6.21 7.19 8.54
N GLY A 30 -4.95 7.35 8.93
CA GLY A 30 -4.61 8.24 10.04
C GLY A 30 -3.42 9.13 9.67
N ALA A 31 -3.12 9.17 8.38
CA ALA A 31 -2.00 9.99 7.90
C ALA A 31 -2.49 11.37 7.50
N GLU A 32 -1.66 12.07 6.71
CA GLU A 32 -1.99 13.41 6.25
C GLU A 32 -2.53 13.37 4.82
N ASP A 33 -1.65 13.07 3.88
CA ASP A 33 -2.05 13.01 2.47
C ASP A 33 -2.25 11.56 2.03
N GLY A 34 -1.16 10.80 2.01
CA GLY A 34 -1.24 9.40 1.61
C GLY A 34 0.05 8.66 1.97
N CYS A 35 0.69 9.09 3.05
CA CYS A 35 1.92 8.45 3.49
C CYS A 35 1.62 7.35 4.50
N ILE A 36 2.29 6.22 4.34
CA ILE A 36 2.08 5.08 5.24
C ILE A 36 3.19 5.01 6.27
N SER A 37 2.87 4.47 7.44
CA SER A 37 3.85 4.34 8.52
C SER A 37 3.77 2.94 9.12
N THR A 38 4.90 2.49 9.68
CA THR A 38 4.96 1.17 10.29
C THR A 38 3.77 0.97 11.22
N LYS A 39 3.31 2.07 11.80
CA LYS A 39 2.18 2.02 12.72
C LYS A 39 0.87 1.90 11.96
N GLU A 40 0.65 2.83 11.04
CA GLU A 40 -0.57 2.84 10.23
C GLU A 40 -0.78 1.47 9.61
N LEU A 41 0.18 1.04 8.79
CA LEU A 41 0.09 -0.25 8.12
C LEU A 41 -0.30 -1.34 9.11
N GLY A 42 0.30 -1.30 10.30
CA GLY A 42 0.00 -2.29 11.32
C GLY A 42 -1.50 -2.43 11.53
N LYS A 43 -2.20 -1.30 11.52
CA LYS A 43 -3.65 -1.32 11.71
C LYS A 43 -4.33 -2.08 10.57
N VAL A 44 -4.09 -1.62 9.35
CA VAL A 44 -4.69 -2.28 8.18
C VAL A 44 -4.40 -3.77 8.20
N MET A 45 -3.12 -4.11 8.30
CA MET A 45 -2.73 -5.51 8.33
C MET A 45 -3.67 -6.31 9.22
N ARG A 46 -3.79 -5.89 10.47
CA ARG A 46 -4.67 -6.56 11.41
C ARG A 46 -6.08 -6.67 10.83
N MET A 47 -6.43 -5.70 9.99
CA MET A 47 -7.75 -5.69 9.36
C MET A 47 -7.74 -6.54 8.09
N LEU A 48 -6.67 -7.30 7.92
CA LEU A 48 -6.55 -8.17 6.74
C LEU A 48 -6.43 -9.63 7.14
N GLY A 49 -6.13 -9.85 8.42
CA GLY A 49 -5.99 -11.22 8.93
C GLY A 49 -4.54 -11.54 9.25
N GLN A 50 -3.74 -10.48 9.43
CA GLN A 50 -2.32 -10.65 9.74
C GLN A 50 -1.91 -9.70 10.86
N ASN A 51 -1.04 -10.19 11.74
CA ASN A 51 -0.57 -9.38 12.87
C ASN A 51 0.96 -9.30 12.87
N PRO A 52 1.51 -8.31 12.18
CA PRO A 52 2.97 -8.10 12.11
C PRO A 52 3.51 -7.34 13.32
N THR A 53 4.75 -6.88 13.22
CA THR A 53 5.36 -6.14 14.31
C THR A 53 5.88 -4.80 13.81
N PRO A 54 6.38 -3.96 14.74
CA PRO A 54 6.92 -2.64 14.40
C PRO A 54 8.34 -2.71 13.87
N GLU A 55 9.02 -3.80 14.20
CA GLU A 55 10.41 -3.99 13.76
C GLU A 55 10.43 -4.65 12.37
N GLU A 56 9.39 -5.42 12.08
CA GLU A 56 9.31 -6.11 10.79
C GLU A 56 8.59 -5.24 9.77
N LEU A 57 7.72 -4.37 10.26
CA LEU A 57 6.97 -3.47 9.38
C LEU A 57 7.89 -2.43 8.77
N GLN A 58 8.55 -1.65 9.63
CA GLN A 58 9.46 -0.62 9.17
C GLN A 58 10.37 -1.16 8.07
N GLU A 59 10.62 -2.47 8.10
CA GLU A 59 11.47 -3.10 7.10
C GLU A 59 10.82 -2.99 5.73
N MET A 60 9.49 -2.88 5.72
CA MET A 60 8.75 -2.76 4.47
C MET A 60 8.88 -1.35 3.92
N ILE A 61 8.88 -0.37 4.83
CA ILE A 61 9.01 1.02 4.44
C ILE A 61 10.38 1.27 3.83
N ASP A 62 11.39 0.61 4.38
CA ASP A 62 12.76 0.76 3.89
C ASP A 62 12.83 0.41 2.39
N GLU A 63 11.85 -0.37 1.94
CA GLU A 63 11.80 -0.77 0.54
C GLU A 63 11.28 0.37 -0.32
N VAL A 64 10.62 1.33 0.33
CA VAL A 64 10.05 2.46 -0.38
C VAL A 64 10.64 3.77 0.13
N ASP A 65 11.26 3.71 1.31
CA ASP A 65 11.86 4.90 1.90
C ASP A 65 13.15 5.28 1.17
N GLU A 66 13.05 5.48 -0.14
CA GLU A 66 14.21 5.85 -0.93
C GLU A 66 14.47 7.34 -0.82
N ASP A 67 13.51 8.07 -0.26
CA ASP A 67 13.64 9.51 -0.09
C ASP A 67 14.10 9.83 1.33
N GLY A 68 14.01 8.84 2.21
CA GLY A 68 14.43 9.03 3.60
C GLY A 68 13.39 9.85 4.36
N SER A 69 12.12 9.65 4.00
CA SER A 69 11.04 10.37 4.65
C SER A 69 10.57 9.63 5.91
N GLY A 70 10.71 8.31 5.87
CA GLY A 70 10.30 7.48 7.00
C GLY A 70 8.87 7.00 6.83
N THR A 71 8.35 7.14 5.61
CA THR A 71 6.98 6.72 5.32
C THR A 71 6.85 6.30 3.86
N VAL A 72 5.61 6.11 3.43
CA VAL A 72 5.35 5.71 2.04
C VAL A 72 4.26 6.59 1.43
N ASP A 73 4.70 7.66 0.76
CA ASP A 73 3.75 8.59 0.14
C ASP A 73 2.82 7.83 -0.82
N PHE A 74 2.06 8.60 -1.58
CA PHE A 74 1.11 8.01 -2.55
C PHE A 74 1.85 7.49 -3.78
N ASP A 75 2.99 8.10 -4.08
CA ASP A 75 3.77 7.72 -5.25
C ASP A 75 4.45 6.35 -5.04
N GLU A 76 5.47 6.33 -4.20
CA GLU A 76 6.20 5.09 -3.93
C GLU A 76 5.23 3.95 -3.64
N PHE A 77 4.15 4.27 -2.93
CA PHE A 77 3.15 3.26 -2.58
C PHE A 77 2.87 2.34 -3.76
N LEU A 78 1.92 2.75 -4.60
CA LEU A 78 1.54 1.97 -5.77
C LEU A 78 2.74 1.24 -6.36
N VAL A 79 3.81 1.99 -6.60
CA VAL A 79 5.03 1.40 -7.16
C VAL A 79 5.40 0.11 -6.42
N MET A 80 5.74 0.25 -5.14
CA MET A 80 6.12 -0.91 -4.34
C MET A 80 5.06 -2.00 -4.44
N MET A 81 3.82 -1.58 -4.67
CA MET A 81 2.71 -2.52 -4.78
C MET A 81 2.73 -3.22 -6.14
N VAL A 82 3.11 -2.47 -7.18
CA VAL A 82 3.16 -3.01 -8.52
C VAL A 82 4.53 -3.64 -8.79
N ARG A 83 5.57 -3.03 -8.22
CA ARG A 83 6.93 -3.52 -8.40
C ARG A 83 7.08 -4.92 -7.82
N CYS A 84 6.24 -5.24 -6.84
CA CYS A 84 6.29 -6.56 -6.20
C CYS A 84 5.51 -7.58 -7.02
N MET A 85 4.82 -7.11 -8.05
CA MET A 85 4.03 -7.98 -8.90
C MET A 85 4.92 -8.69 -9.91
N LYS A 86 5.91 -7.95 -10.42
CA LYS A 86 6.83 -8.50 -11.41
C LYS A 86 7.75 -9.53 -10.76
N ASP A 87 8.55 -9.07 -9.80
CA ASP A 87 9.48 -9.95 -9.10
C ASP A 87 9.79 -9.40 -7.71
N ASP A 88 9.03 -9.86 -6.72
CA ASP A 88 9.23 -9.40 -5.35
C ASP A 88 10.72 -9.42 -4.98
N SER A 89 11.34 -8.25 -5.04
CA SER A 89 12.77 -8.15 -4.71
C SER A 89 13.59 -8.99 -5.68
N ARG B 1 4.45 -10.12 -4.73
CA ARG B 1 2.98 -9.98 -4.84
C ARG B 1 2.40 -9.64 -3.48
N ILE B 2 1.46 -8.70 -3.46
CA ILE B 2 0.82 -8.29 -2.22
C ILE B 2 -0.62 -8.78 -2.16
N SER B 3 -0.99 -9.33 -1.01
CA SER B 3 -2.35 -9.84 -0.81
C SER B 3 -3.36 -8.89 -1.46
N ALA B 4 -4.07 -9.40 -2.47
CA ALA B 4 -5.07 -8.60 -3.16
C ALA B 4 -6.47 -8.94 -2.67
N ASP B 5 -6.62 -10.12 -2.09
CA ASP B 5 -7.91 -10.56 -1.60
C ASP B 5 -8.19 -9.96 -0.22
N ALA B 6 -7.19 -9.99 0.65
CA ALA B 6 -7.34 -9.44 1.99
C ALA B 6 -7.50 -7.92 1.93
N MET B 7 -7.03 -7.33 0.83
CA MET B 7 -7.11 -5.89 0.65
C MET B 7 -8.57 -5.45 0.49
N MET B 8 -9.35 -6.27 -0.21
CA MET B 8 -10.76 -5.95 -0.44
C MET B 8 -11.60 -6.30 0.78
N GLN B 9 -10.97 -6.94 1.76
CA GLN B 9 -11.67 -7.32 2.98
C GLN B 9 -11.67 -6.17 3.99
N ALA B 10 -10.55 -5.46 4.05
CA ALA B 10 -10.43 -4.33 4.97
C ALA B 10 -11.03 -3.06 4.36
N LEU B 11 -11.47 -3.17 3.10
CA LEU B 11 -12.05 -2.02 2.41
C LEU B 11 -13.57 -2.17 2.30
N LEU B 12 -14.18 -2.66 3.39
CA LEU B 12 -15.63 -2.84 3.41
C LEU B 12 -16.32 -1.58 3.92
N GLY B 13 -17.47 -1.28 3.36
CA GLY B 13 -18.23 -0.11 3.77
C GLY B 13 -17.38 1.15 3.63
N ALA B 14 -16.52 1.17 2.61
CA ALA B 14 -15.65 2.31 2.38
C ALA B 14 -16.48 3.59 2.21
N ARG B 15 -16.46 4.42 3.24
CA ARG B 15 -17.22 5.68 3.20
C ARG B 15 -18.72 5.40 3.14
N ALA B 16 -19.13 4.32 3.80
CA ALA B 16 -20.55 3.95 3.81
C ALA B 16 -21.10 4.03 5.23
N LYS B 17 -20.60 5.00 5.99
CA LYS B 17 -21.06 5.18 7.37
C LYS B 17 -21.59 6.59 7.57
CA CA C . 9.36 7.24 1.52
C1 BEP D . 4.05 -7.68 2.55
C2 BEP D . 4.47 -6.43 1.79
C3 BEP D . 3.29 -5.41 1.70
O1 BEP D . 5.20 -8.55 2.75
N2 BEP D . 4.95 -6.80 0.43
N3 BEP D . 3.12 -4.65 2.97
C4 BEP D . 5.26 -9.69 1.85
C5 BEP D . 6.72 -10.06 1.62
C6 BEP D . 7.02 -10.05 0.12
C7 BEP D . 6.99 -11.44 2.19
C8 BEP D . 3.97 -7.37 -0.54
C9 BEP D . 4.35 -6.78 -1.91
C10 BEP D . 5.80 -6.31 -1.72
C11 BEP D . 5.85 -5.85 -0.28
C12 BEP D . 2.00 -5.03 3.87
C13 BEP D . 0.76 -5.69 3.21
C14 BEP D . 0.80 -7.04 2.84
C15 BEP D . -0.31 -7.64 2.24
C16 BEP D . -1.47 -6.88 2.02
C17 BEP D . -1.52 -5.53 2.39
C18 BEP D . -0.39 -4.93 2.98
C19 BEP D . 3.49 -3.21 2.93
C20 BEP D . 4.36 -2.69 3.89
C21 BEP D . 4.70 -1.33 3.86
C22 BEP D . 4.16 -0.50 2.87
C23 BEP D . 3.29 -1.01 1.91
C24 BEP D . 2.95 -2.37 1.94
H11 BEP D . 3.28 -8.19 1.99
H12 BEP D . 3.64 -7.39 3.51
H21 BEP D . 5.31 -5.94 2.34
H31 BEP D . 2.36 -5.96 1.47
H32 BEP D . 3.48 -4.70 0.86
H41 BEP D . 4.75 -10.53 2.28
H42 BEP D . 4.81 -9.45 0.90
H51 BEP D . 7.36 -9.34 2.11
H61 BEP D . 7.02 -9.04 -0.25
H62 BEP D . 6.26 -10.62 -0.40
H63 BEP D . 7.98 -10.50 -0.06
H71 BEP D . 6.57 -11.52 3.17
H72 BEP D . 8.05 -11.61 2.24
H73 BEP D . 6.54 -12.19 1.54
H81 BEP D . 4.04 -8.47 -0.55
H82 BEP D . 2.94 -7.08 -0.25
H91 BEP D . 3.70 -5.96 -2.16
H92 BEP D . 4.29 -7.54 -2.67
H101 BEP D . 6.03 -5.50 -2.40
H102 BEP D . 6.50 -7.11 -1.90
H111 BEP D . 5.47 -4.80 -0.15
H112 BEP D . 6.87 -5.90 0.15
H121 BEP D . 2.41 -5.71 4.65
H122 BEP D . 1.69 -4.11 4.41
H141 BEP D . 1.70 -7.62 3.01
H151 BEP D . -0.28 -8.68 1.96
H161 BEP D . -2.33 -7.35 1.56
H171 BEP D . -2.40 -4.95 2.21
H181 BEP D . -0.43 -3.89 3.26
H201 BEP D . 4.77 -3.32 4.65
H211 BEP D . 5.37 -0.92 4.60
H221 BEP D . 4.43 0.56 2.84
H231 BEP D . 2.88 -0.37 1.15
H241 BEP D . 2.27 -2.78 1.21
N MET A 1 8.73 7.39 -13.92
CA MET A 1 10.08 7.03 -14.44
C MET A 1 10.00 5.74 -15.24
N ASP A 2 9.73 4.64 -14.53
CA ASP A 2 9.62 3.33 -15.18
C ASP A 2 8.42 3.29 -16.11
N ASP A 3 8.67 3.47 -17.41
CA ASP A 3 7.60 3.45 -18.40
C ASP A 3 6.99 2.05 -18.49
N ILE A 4 7.87 1.05 -18.63
CA ILE A 4 7.42 -0.33 -18.74
C ILE A 4 6.31 -0.62 -17.73
N TYR A 5 6.33 0.10 -16.62
CA TYR A 5 5.32 -0.10 -15.58
C TYR A 5 4.10 0.76 -15.84
N LYS A 6 4.32 1.94 -16.43
CA LYS A 6 3.21 2.83 -16.75
C LYS A 6 2.09 2.05 -17.44
N ALA A 7 2.48 0.95 -18.09
CA ALA A 7 1.52 0.11 -18.78
C ALA A 7 0.82 -0.81 -17.80
N ALA A 8 1.62 -1.45 -16.93
CA ALA A 8 1.07 -2.36 -15.93
C ALA A 8 0.11 -1.61 -15.02
N VAL A 9 0.46 -0.36 -14.72
CA VAL A 9 -0.38 0.48 -13.86
C VAL A 9 -1.63 0.91 -14.62
N GLU A 10 -1.55 0.87 -15.94
CA GLU A 10 -2.68 1.24 -16.78
C GLU A 10 -3.65 0.08 -16.92
N GLN A 11 -3.09 -1.09 -17.24
CA GLN A 11 -3.92 -2.29 -17.39
C GLN A 11 -4.92 -2.36 -16.26
N LEU A 12 -4.49 -1.94 -15.09
CA LEU A 12 -5.33 -1.96 -13.90
C LEU A 12 -6.59 -1.14 -14.13
N THR A 13 -7.74 -1.82 -14.15
CA THR A 13 -9.02 -1.15 -14.35
C THR A 13 -9.51 -0.53 -13.04
N GLU A 14 -10.58 0.23 -13.13
CA GLU A 14 -11.15 0.89 -11.95
C GLU A 14 -11.46 -0.15 -10.87
N GLU A 15 -11.55 -1.41 -11.28
CA GLU A 15 -11.84 -2.49 -10.35
C GLU A 15 -10.68 -2.71 -9.40
N GLN A 16 -9.59 -3.28 -9.92
CA GLN A 16 -8.40 -3.54 -9.11
C GLN A 16 -7.92 -2.25 -8.47
N LYS A 17 -8.13 -1.13 -9.17
CA LYS A 17 -7.71 0.17 -8.66
C LYS A 17 -8.56 0.57 -7.46
N ASN A 18 -9.87 0.36 -7.58
CA ASN A 18 -10.79 0.69 -6.50
C ASN A 18 -10.41 -0.08 -5.24
N GLU A 19 -10.45 -1.40 -5.33
CA GLU A 19 -10.11 -2.24 -4.19
C GLU A 19 -8.80 -1.78 -3.57
N PHE A 20 -7.92 -1.24 -4.41
CA PHE A 20 -6.63 -0.74 -3.94
C PHE A 20 -6.80 0.62 -3.29
N LYS A 21 -7.32 1.58 -4.05
CA LYS A 21 -7.52 2.93 -3.53
C LYS A 21 -8.13 2.87 -2.13
N ALA A 22 -9.12 2.00 -1.97
CA ALA A 22 -9.77 1.85 -0.67
C ALA A 22 -8.71 1.66 0.42
N ALA A 23 -7.82 0.70 0.18
CA ALA A 23 -6.76 0.42 1.14
C ALA A 23 -5.85 1.63 1.29
N PHE A 24 -5.87 2.50 0.29
CA PHE A 24 -5.04 3.71 0.33
C PHE A 24 -5.53 4.65 1.41
N ASP A 25 -6.84 4.64 1.64
CA ASP A 25 -7.44 5.50 2.67
C ASP A 25 -7.22 4.89 4.05
N ILE A 26 -6.57 3.74 4.09
CA ILE A 26 -6.29 3.08 5.37
C ILE A 26 -4.80 3.22 5.70
N PHE A 27 -3.97 3.10 4.68
CA PHE A 27 -2.52 3.24 4.88
C PHE A 27 -2.21 4.66 5.32
N VAL A 28 -3.10 5.58 4.96
CA VAL A 28 -2.93 6.98 5.32
C VAL A 28 -4.26 7.57 5.80
N LEU A 29 -5.00 6.76 6.56
CA LEU A 29 -6.30 7.19 7.06
C LEU A 29 -6.14 8.34 8.07
N GLY A 30 -4.89 8.61 8.44
CA GLY A 30 -4.60 9.67 9.40
C GLY A 30 -3.68 10.72 8.79
N ALA A 31 -2.84 10.29 7.87
CA ALA A 31 -1.90 11.20 7.20
C ALA A 31 -2.66 12.31 6.48
N GLU A 32 -1.91 13.25 5.93
CA GLU A 32 -2.51 14.37 5.21
C GLU A 32 -2.64 14.02 3.73
N ASP A 33 -1.53 14.12 3.01
CA ASP A 33 -1.53 13.82 1.58
C ASP A 33 -1.87 12.36 1.34
N GLY A 34 -0.86 11.50 1.33
CA GLY A 34 -1.07 10.07 1.11
C GLY A 34 0.22 9.29 1.25
N CYS A 35 0.96 9.57 2.31
CA CYS A 35 2.23 8.89 2.55
C CYS A 35 2.05 7.79 3.60
N ILE A 36 2.77 6.69 3.42
CA ILE A 36 2.68 5.57 4.34
C ILE A 36 3.94 5.48 5.21
N SER A 37 3.76 5.66 6.52
CA SER A 37 4.87 5.60 7.44
C SER A 37 4.90 4.23 8.13
N THR A 38 6.04 3.92 8.75
CA THR A 38 6.18 2.64 9.45
C THR A 38 5.10 2.50 10.52
N LYS A 39 4.57 3.64 10.95
CA LYS A 39 3.54 3.64 11.97
C LYS A 39 2.16 3.37 11.35
N GLU A 40 1.69 4.32 10.54
CA GLU A 40 0.39 4.18 9.89
C GLU A 40 0.18 2.75 9.40
N LEU A 41 0.98 2.34 8.43
CA LEU A 41 0.87 1.00 7.86
C LEU A 41 0.48 -0.02 8.92
N GLY A 42 1.28 -0.09 9.99
CA GLY A 42 1.01 -1.03 11.07
C GLY A 42 -0.48 -1.13 11.37
N LYS A 43 -1.19 -0.02 11.21
CA LYS A 43 -2.63 -0.01 11.48
C LYS A 43 -3.36 -0.89 10.48
N VAL A 44 -3.11 -0.66 9.20
CA VAL A 44 -3.75 -1.44 8.14
C VAL A 44 -3.51 -2.94 8.33
N MET A 45 -2.24 -3.33 8.31
CA MET A 45 -1.87 -4.73 8.50
C MET A 45 -2.72 -5.37 9.58
N ARG A 46 -2.81 -4.70 10.72
CA ARG A 46 -3.59 -5.20 11.85
C ARG A 46 -5.03 -5.44 11.45
N MET A 47 -5.51 -4.67 10.47
CA MET A 47 -6.90 -4.82 10.02
C MET A 47 -7.02 -5.95 9.00
N LEU A 48 -5.97 -6.74 8.87
CA LEU A 48 -5.97 -7.85 7.91
C LEU A 48 -5.92 -9.18 8.65
N GLY A 49 -4.71 -9.58 9.04
CA GLY A 49 -4.53 -10.84 9.75
C GLY A 49 -3.12 -10.94 10.31
N GLN A 50 -2.56 -9.79 10.68
CA GLN A 50 -1.21 -9.76 11.23
C GLN A 50 -0.99 -8.48 12.04
N ASN A 51 -0.26 -8.61 13.13
CA ASN A 51 0.01 -7.45 13.98
C ASN A 51 1.51 -7.15 13.99
N PRO A 52 1.98 -6.45 12.97
CA PRO A 52 3.40 -6.07 12.84
C PRO A 52 3.76 -4.85 13.69
N THR A 53 5.06 -4.62 13.84
CA THR A 53 5.52 -3.48 14.62
C THR A 53 6.06 -2.39 13.71
N PRO A 54 6.43 -1.26 14.28
CA PRO A 54 6.96 -0.12 13.51
C PRO A 54 8.44 -0.30 13.17
N GLU A 55 9.07 -1.26 13.83
CA GLU A 55 10.49 -1.53 13.59
C GLU A 55 10.65 -2.50 12.42
N GLU A 56 9.66 -3.37 12.23
CA GLU A 56 9.71 -4.34 11.14
C GLU A 56 9.16 -3.74 9.85
N LEU A 57 8.35 -2.70 9.99
CA LEU A 57 7.77 -2.05 8.83
C LEU A 57 8.77 -1.09 8.20
N GLN A 58 9.64 -0.52 9.03
CA GLN A 58 10.65 0.40 8.54
C GLN A 58 11.28 -0.13 7.26
N GLU A 59 11.62 -1.41 7.26
CA GLU A 59 12.22 -2.03 6.09
C GLU A 59 11.35 -1.80 4.86
N MET A 60 10.06 -2.11 4.99
CA MET A 60 9.13 -1.93 3.88
C MET A 60 9.36 -0.58 3.20
N ILE A 61 9.59 0.45 4.00
CA ILE A 61 9.82 1.79 3.47
C ILE A 61 11.15 1.83 2.73
N ASP A 62 12.19 1.25 3.35
CA ASP A 62 13.51 1.23 2.73
C ASP A 62 13.42 0.86 1.26
N GLU A 63 12.39 0.08 0.92
CA GLU A 63 12.20 -0.34 -0.47
C GLU A 63 11.75 0.83 -1.33
N VAL A 64 10.80 1.61 -0.80
CA VAL A 64 10.28 2.76 -1.53
C VAL A 64 11.11 4.00 -1.24
N ASP A 65 11.86 3.96 -0.14
CA ASP A 65 12.70 5.10 0.24
C ASP A 65 13.93 5.19 -0.65
N GLU A 66 13.69 5.30 -1.96
CA GLU A 66 14.78 5.41 -2.92
C GLU A 66 15.26 6.86 -3.01
N ASP A 67 14.39 7.77 -2.58
CA ASP A 67 14.73 9.19 -2.62
C ASP A 67 15.17 9.67 -1.24
N GLY A 68 14.94 8.84 -0.23
CA GLY A 68 15.32 9.19 1.14
C GLY A 68 14.29 10.12 1.76
N SER A 69 13.02 9.87 1.44
CA SER A 69 11.93 10.69 1.98
C SER A 69 11.58 10.25 3.39
N GLY A 70 11.64 8.94 3.63
CA GLY A 70 11.32 8.40 4.94
C GLY A 70 9.89 7.87 4.99
N THR A 71 9.09 8.29 4.02
CA THR A 71 7.69 7.85 3.95
C THR A 71 7.40 7.26 2.58
N VAL A 72 6.17 6.78 2.40
CA VAL A 72 5.76 6.19 1.14
C VAL A 72 4.55 6.92 0.57
N ASP A 73 4.83 7.93 -0.25
CA ASP A 73 3.76 8.72 -0.86
C ASP A 73 2.88 7.83 -1.75
N PHE A 74 1.99 8.47 -2.50
CA PHE A 74 1.08 7.75 -3.38
C PHE A 74 1.77 7.37 -4.70
N ASP A 75 3.10 7.54 -4.74
CA ASP A 75 3.85 7.22 -5.96
C ASP A 75 4.67 5.94 -5.78
N GLU A 76 5.05 5.65 -4.54
CA GLU A 76 5.86 4.45 -4.28
C GLU A 76 4.96 3.26 -3.96
N PHE A 77 4.05 3.45 -3.01
CA PHE A 77 3.15 2.37 -2.61
C PHE A 77 2.72 1.55 -3.82
N LEU A 78 1.87 2.15 -4.66
CA LEU A 78 1.38 1.46 -5.85
C LEU A 78 2.48 0.62 -6.47
N VAL A 79 3.39 1.29 -7.17
CA VAL A 79 4.51 0.58 -7.82
C VAL A 79 5.03 -0.53 -6.92
N MET A 80 5.38 -0.16 -5.70
CA MET A 80 5.90 -1.14 -4.75
C MET A 80 5.09 -2.43 -4.83
N MET A 81 3.80 -2.29 -5.09
CA MET A 81 2.92 -3.45 -5.20
C MET A 81 3.09 -4.11 -6.57
N VAL A 82 2.86 -3.32 -7.61
CA VAL A 82 2.98 -3.83 -8.98
C VAL A 82 4.37 -4.43 -9.19
N ARG A 83 5.30 -4.04 -8.32
CA ARG A 83 6.67 -4.53 -8.41
C ARG A 83 6.75 -5.96 -7.88
N CYS A 84 6.00 -6.24 -6.83
CA CYS A 84 6.00 -7.56 -6.22
C CYS A 84 4.99 -8.48 -6.92
N MET A 85 3.94 -7.87 -7.45
CA MET A 85 2.90 -8.63 -8.15
C MET A 85 3.43 -9.17 -9.47
N LYS A 86 4.56 -8.63 -9.91
CA LYS A 86 5.16 -9.05 -11.17
C LYS A 86 6.27 -10.08 -10.90
N ASP A 87 7.36 -9.61 -10.32
CA ASP A 87 8.49 -10.48 -10.01
C ASP A 87 8.65 -10.66 -8.50
N ASP A 88 7.69 -11.38 -7.90
CA ASP A 88 7.74 -11.60 -6.45
C ASP A 88 9.10 -12.17 -6.04
N SER A 89 10.03 -11.28 -5.77
CA SER A 89 11.38 -11.69 -5.37
C SER A 89 11.37 -12.19 -3.93
N ARG B 1 3.54 -10.31 -0.22
CA ARG B 1 2.54 -11.28 -0.78
C ARG B 1 1.13 -10.73 -0.58
N ILE B 2 0.77 -9.76 -1.43
CA ILE B 2 -0.56 -9.15 -1.34
C ILE B 2 -1.38 -9.51 -2.57
N SER B 3 -2.58 -10.04 -2.33
CA SER B 3 -3.47 -10.42 -3.42
C SER B 3 -4.76 -9.61 -3.39
N ALA B 4 -4.84 -8.70 -2.42
CA ALA B 4 -6.02 -7.85 -2.27
C ALA B 4 -7.08 -8.53 -1.41
N ASP B 5 -7.04 -9.86 -1.38
CA ASP B 5 -8.00 -10.62 -0.58
C ASP B 5 -8.06 -10.08 0.83
N ALA B 6 -6.91 -10.01 1.48
CA ALA B 6 -6.83 -9.50 2.84
C ALA B 6 -7.02 -7.99 2.86
N MET B 7 -6.60 -7.34 1.77
CA MET B 7 -6.72 -5.89 1.67
C MET B 7 -8.18 -5.47 1.79
N MET B 8 -9.03 -6.04 0.95
CA MET B 8 -10.45 -5.72 0.98
C MET B 8 -11.01 -5.82 2.39
N GLN B 9 -10.39 -6.65 3.22
CA GLN B 9 -10.83 -6.83 4.59
C GLN B 9 -10.68 -5.54 5.39
N ALA B 10 -9.56 -4.86 5.18
CA ALA B 10 -9.30 -3.60 5.90
C ALA B 10 -10.08 -2.44 5.26
N LEU B 11 -10.75 -2.72 4.15
CA LEU B 11 -11.53 -1.69 3.47
C LEU B 11 -12.99 -2.07 3.40
N LEU B 12 -13.52 -2.54 4.54
CA LEU B 12 -14.93 -2.93 4.60
C LEU B 12 -15.80 -1.73 4.90
N GLY B 13 -17.12 -1.94 4.84
CA GLY B 13 -18.06 -0.86 5.11
C GLY B 13 -17.56 0.03 6.25
N ALA B 14 -17.03 1.19 5.89
CA ALA B 14 -16.52 2.12 6.88
C ALA B 14 -17.49 3.28 7.09
N ARG B 15 -18.65 3.20 6.45
CA ARG B 15 -19.66 4.24 6.58
C ARG B 15 -20.32 4.18 7.96
N ALA B 16 -20.12 3.07 8.66
CA ALA B 16 -20.70 2.89 9.98
C ALA B 16 -22.22 2.94 9.89
N LYS B 17 -22.86 1.86 10.33
CA LYS B 17 -24.31 1.78 10.31
C LYS B 17 -24.83 0.88 11.43
CA CA C . 10.20 7.78 -0.04
C1 BEP D . 4.47 -5.53 -0.18
C2 BEP D . 3.79 -5.38 1.19
C3 BEP D . 4.47 -4.25 2.03
O1 BEP D . 5.91 -5.66 -0.01
N2 BEP D . 3.83 -6.68 1.93
N3 BEP D . 3.54 -3.12 2.29
C4 BEP D . 6.63 -6.07 -1.19
C5 BEP D . 7.85 -6.91 -0.76
C6 BEP D . 7.44 -8.39 -0.69
C7 BEP D . 8.34 -6.44 0.60
C8 BEP D . 5.10 -7.45 1.93
C9 BEP D . 5.19 -8.06 3.34
C10 BEP D . 3.75 -8.01 3.87
C11 BEP D . 3.19 -6.73 3.26
C12 BEP D . 2.48 -3.32 3.32
C13 BEP D . 1.09 -3.77 2.80
C14 BEP D . 0.14 -4.27 3.70
C15 BEP D . -1.11 -4.69 3.24
C16 BEP D . -1.42 -4.59 1.87
C17 BEP D . -0.48 -4.09 0.97
C18 BEP D . 0.78 -3.67 1.44
C19 BEP D . 4.10 -1.75 2.19
C20 BEP D . 4.78 -1.19 3.27
C21 BEP D . 5.32 0.10 3.18
C22 BEP D . 5.17 0.83 2.01
C23 BEP D . 4.49 0.28 0.91
C24 BEP D . 3.95 -1.01 1.00
H11 BEP D . 4.24 -4.66 -0.79
H12 BEP D . 4.08 -6.40 -0.68
H21 BEP D . 2.73 -5.09 1.03
H31 BEP D . 5.37 -3.88 1.48
H32 BEP D . 4.83 -4.67 2.99
H41 BEP D . 6.00 -6.68 -1.83
H42 BEP D . 6.98 -5.22 -1.75
H51 BEP D . 8.63 -6.79 -1.50
H61 BEP D . 7.97 -8.86 0.12
H62 BEP D . 7.69 -8.88 -1.62
H63 BEP D . 6.38 -8.46 -0.52
H71 BEP D . 9.39 -6.62 0.69
H72 BEP D . 7.81 -6.99 1.38
H73 BEP D . 8.14 -5.39 0.71
H81 BEP D . 5.08 -8.24 1.16
H82 BEP D . 5.97 -6.78 1.74
H91 BEP D . 5.86 -7.49 3.97
H92 BEP D . 5.53 -9.08 3.28
H101 BEP D . 3.74 -7.97 4.94
H102 BEP D . 3.19 -8.87 3.55
H111 BEP D . 3.46 -5.83 3.84
H112 BEP D . 2.09 -6.76 3.15
H121 BEP D . 2.86 -4.06 4.05
H122 BEP D . 2.37 -2.37 3.87
H141 BEP D . 0.39 -4.35 4.75
H151 BEP D . -1.84 -5.08 3.92
H161 BEP D . -2.39 -4.91 1.52
H171 BEP D . -0.72 -4.01 -0.08
H181 BEP D . 1.50 -3.29 0.74
H201 BEP D . 4.89 -1.76 4.19
H211 BEP D . 5.84 0.53 4.03
H221 BEP D . 5.58 1.83 1.92
H231 BEP D . 4.38 0.85 0.00
H241 BEP D . 3.44 -1.44 0.16
N MET A 1 5.71 11.58 -16.56
CA MET A 1 7.13 11.16 -16.36
C MET A 1 7.19 9.65 -16.18
N ASP A 2 6.51 9.15 -15.14
CA ASP A 2 6.49 7.72 -14.88
C ASP A 2 5.41 7.04 -15.71
N ASP A 3 5.76 6.74 -16.96
CA ASP A 3 4.82 6.08 -17.86
C ASP A 3 4.90 4.57 -17.70
N ILE A 4 6.12 4.05 -17.69
CA ILE A 4 6.34 2.61 -17.53
C ILE A 4 5.43 2.07 -16.44
N TYR A 5 5.10 2.93 -15.48
CA TYR A 5 4.23 2.53 -14.37
C TYR A 5 2.77 2.63 -14.80
N LYS A 6 2.42 3.76 -15.40
CA LYS A 6 1.04 3.97 -15.86
C LYS A 6 0.49 2.71 -16.50
N ALA A 7 1.15 2.27 -17.56
CA ALA A 7 0.73 1.06 -18.27
C ALA A 7 0.38 -0.04 -17.28
N ALA A 8 1.38 -0.49 -16.53
CA ALA A 8 1.17 -1.54 -15.55
C ALA A 8 -0.04 -1.21 -14.67
N VAL A 9 -0.08 0.03 -14.19
CA VAL A 9 -1.18 0.48 -13.34
C VAL A 9 -2.48 0.51 -14.13
N GLU A 10 -2.36 0.64 -15.45
CA GLU A 10 -3.53 0.69 -16.31
C GLU A 10 -4.07 -0.72 -16.53
N GLN A 11 -3.16 -1.66 -16.78
CA GLN A 11 -3.55 -3.04 -16.98
C GLN A 11 -4.49 -3.48 -15.88
N LEU A 12 -4.15 -3.10 -14.66
CA LEU A 12 -4.97 -3.46 -13.50
C LEU A 12 -6.41 -3.05 -13.72
N THR A 13 -7.32 -3.95 -13.41
CA THR A 13 -8.74 -3.68 -13.57
C THR A 13 -9.28 -2.90 -12.37
N GLU A 14 -10.24 -2.03 -12.62
CA GLU A 14 -10.82 -1.22 -11.54
C GLU A 14 -10.99 -2.07 -10.29
N GLU A 15 -11.20 -3.37 -10.48
CA GLU A 15 -11.37 -4.28 -9.35
C GLU A 15 -10.12 -4.27 -8.47
N GLN A 16 -9.04 -4.86 -8.97
CA GLN A 16 -7.80 -4.90 -8.22
C GLN A 16 -7.53 -3.52 -7.60
N LYS A 17 -7.89 -2.49 -8.35
CA LYS A 17 -7.70 -1.12 -7.89
C LYS A 17 -8.64 -0.83 -6.72
N ASN A 18 -9.92 -1.05 -6.94
CA ASN A 18 -10.92 -0.81 -5.89
C ASN A 18 -10.44 -1.42 -4.58
N GLU A 19 -10.37 -2.75 -4.56
CA GLU A 19 -9.92 -3.45 -3.36
C GLU A 19 -8.71 -2.74 -2.76
N PHE A 20 -7.88 -2.18 -3.63
CA PHE A 20 -6.68 -1.47 -3.18
C PHE A 20 -7.09 -0.15 -2.51
N LYS A 21 -7.69 0.74 -3.30
CA LYS A 21 -8.13 2.02 -2.78
C LYS A 21 -8.75 1.85 -1.40
N ALA A 22 -9.53 0.79 -1.25
CA ALA A 22 -10.17 0.51 0.04
C ALA A 22 -9.13 0.44 1.14
N ALA A 23 -8.23 -0.53 1.04
CA ALA A 23 -7.18 -0.69 2.03
C ALA A 23 -6.30 0.57 2.06
N PHE A 24 -6.42 1.37 1.01
CA PHE A 24 -5.65 2.61 0.92
C PHE A 24 -6.25 3.68 1.82
N ASP A 25 -7.56 3.56 2.08
CA ASP A 25 -8.24 4.52 2.92
C ASP A 25 -8.11 4.13 4.39
N ILE A 26 -7.21 3.20 4.67
CA ILE A 26 -7.00 2.74 6.04
C ILE A 26 -5.62 3.14 6.54
N PHE A 27 -4.60 2.82 5.73
CA PHE A 27 -3.22 3.14 6.10
C PHE A 27 -3.06 4.64 6.30
N VAL A 28 -4.00 5.41 5.77
CA VAL A 28 -3.97 6.86 5.91
C VAL A 28 -5.34 7.38 6.31
N LEU A 29 -6.06 6.56 7.09
CA LEU A 29 -7.38 6.93 7.55
C LEU A 29 -7.33 8.04 8.59
N GLY A 30 -6.11 8.43 8.96
CA GLY A 30 -5.93 9.48 9.95
C GLY A 30 -4.54 10.09 9.85
N ALA A 31 -4.04 10.18 8.62
CA ALA A 31 -2.70 10.75 8.40
C ALA A 31 -2.80 12.25 8.15
N GLU A 32 -1.64 12.88 7.98
CA GLU A 32 -1.59 14.31 7.75
C GLU A 32 -1.71 14.61 6.25
N ASP A 33 -1.30 13.66 5.43
CA ASP A 33 -1.35 13.84 3.98
C ASP A 33 -1.90 12.59 3.31
N GLY A 34 -1.00 11.68 2.94
CA GLY A 34 -1.42 10.43 2.29
C GLY A 34 -0.26 9.46 2.19
N CYS A 35 0.56 9.43 3.24
CA CYS A 35 1.71 8.53 3.26
C CYS A 35 1.57 7.50 4.38
N ILE A 36 2.34 6.42 4.27
CA ILE A 36 2.29 5.37 5.29
C ILE A 36 3.56 5.39 6.13
N SER A 37 3.40 5.11 7.41
CA SER A 37 4.54 5.07 8.33
C SER A 37 4.58 3.75 9.09
N THR A 38 5.77 3.37 9.51
CA THR A 38 5.93 2.11 10.25
C THR A 38 4.78 1.92 11.23
N LYS A 39 4.31 3.03 11.79
CA LYS A 39 3.21 2.98 12.74
C LYS A 39 1.87 2.85 12.02
N GLU A 40 1.46 3.93 11.37
CA GLU A 40 0.18 3.94 10.64
C GLU A 40 0.02 2.65 9.84
N LEU A 41 1.14 2.07 9.44
CA LEU A 41 1.12 0.84 8.65
C LEU A 41 0.60 -0.34 9.48
N GLY A 42 1.38 -0.71 10.50
CA GLY A 42 1.01 -1.82 11.37
C GLY A 42 -0.49 -1.82 11.66
N LYS A 43 -1.10 -0.64 11.63
CA LYS A 43 -2.53 -0.51 11.90
C LYS A 43 -3.36 -1.28 10.86
N VAL A 44 -2.84 -1.35 9.64
CA VAL A 44 -3.55 -2.05 8.58
C VAL A 44 -3.23 -3.54 8.57
N MET A 45 -1.95 -3.86 8.41
CA MET A 45 -1.50 -5.24 8.37
C MET A 45 -2.21 -6.09 9.43
N ARG A 46 -2.31 -5.53 10.64
CA ARG A 46 -2.96 -6.26 11.74
C ARG A 46 -4.35 -6.75 11.34
N MET A 47 -5.10 -5.89 10.65
CA MET A 47 -6.45 -6.25 10.23
C MET A 47 -6.42 -7.24 9.06
N LEU A 48 -5.21 -7.58 8.61
CA LEU A 48 -5.08 -8.52 7.50
C LEU A 48 -4.57 -9.87 7.99
N GLY A 49 -4.68 -10.09 9.30
CA GLY A 49 -4.24 -11.35 9.89
C GLY A 49 -2.73 -11.35 10.07
N GLN A 50 -2.13 -10.16 9.99
CA GLN A 50 -0.69 -10.02 10.14
C GLN A 50 -0.37 -8.84 11.06
N ASN A 51 0.28 -9.14 12.18
CA ASN A 51 0.63 -8.10 13.13
C ASN A 51 2.15 -7.99 13.27
N PRO A 52 2.76 -7.15 12.45
CA PRO A 52 4.22 -6.93 12.47
C PRO A 52 4.64 -5.93 13.53
N THR A 53 5.89 -5.47 13.44
CA THR A 53 6.41 -4.51 14.39
C THR A 53 6.86 -3.24 13.67
N PRO A 54 7.28 -2.24 14.42
CA PRO A 54 7.76 -0.96 13.85
C PRO A 54 9.19 -1.07 13.35
N GLU A 55 9.90 -2.09 13.82
CA GLU A 55 11.28 -2.30 13.41
C GLU A 55 11.34 -3.07 12.10
N GLU A 56 10.46 -4.07 11.97
CA GLU A 56 10.41 -4.87 10.75
C GLU A 56 9.76 -4.08 9.64
N LEU A 57 8.78 -3.26 10.00
CA LEU A 57 8.07 -2.44 9.02
C LEU A 57 9.00 -1.38 8.45
N GLN A 58 9.95 -0.94 9.28
CA GLN A 58 10.90 0.08 8.85
C GLN A 58 11.57 -0.34 7.55
N GLU A 59 11.87 -1.63 7.44
CA GLU A 59 12.50 -2.16 6.24
C GLU A 59 11.58 -1.99 5.04
N MET A 60 10.29 -1.87 5.30
CA MET A 60 9.30 -1.70 4.24
C MET A 60 9.42 -0.29 3.64
N ILE A 61 9.38 0.71 4.51
CA ILE A 61 9.48 2.10 4.06
C ILE A 61 10.84 2.35 3.42
N ASP A 62 11.90 1.89 4.07
CA ASP A 62 13.25 2.08 3.55
C ASP A 62 13.29 1.83 2.04
N GLU A 63 12.60 0.77 1.62
CA GLU A 63 12.56 0.42 0.20
C GLU A 63 11.94 1.55 -0.60
N VAL A 64 10.72 1.92 -0.21
CA VAL A 64 10.00 2.99 -0.89
C VAL A 64 10.67 4.34 -0.64
N ASP A 65 11.37 4.44 0.49
CA ASP A 65 12.04 5.69 0.83
C ASP A 65 13.35 5.83 0.05
N GLU A 66 13.25 5.75 -1.27
CA GLU A 66 14.43 5.88 -2.11
C GLU A 66 14.81 7.34 -2.31
N ASP A 67 13.96 8.23 -1.81
CA ASP A 67 14.21 9.67 -1.92
C ASP A 67 14.60 10.24 -0.56
N GLY A 68 14.12 9.59 0.49
CA GLY A 68 14.42 10.03 1.85
C GLY A 68 13.27 10.85 2.42
N SER A 69 12.05 10.49 2.04
CA SER A 69 10.87 11.20 2.52
C SER A 69 10.55 10.80 3.96
N GLY A 70 10.76 9.52 4.26
CA GLY A 70 10.49 9.01 5.60
C GLY A 70 9.14 8.31 5.66
N THR A 71 8.38 8.42 4.57
CA THR A 71 7.07 7.79 4.51
C THR A 71 6.80 7.24 3.11
N VAL A 72 5.59 6.72 2.91
CA VAL A 72 5.22 6.16 1.61
C VAL A 72 3.93 6.80 1.11
N ASP A 73 4.06 7.95 0.45
CA ASP A 73 2.90 8.66 -0.08
C ASP A 73 2.04 7.73 -0.92
N PHE A 74 0.98 8.28 -1.49
CA PHE A 74 0.06 7.50 -2.32
C PHE A 74 0.74 7.07 -3.62
N ASP A 75 1.95 7.57 -3.84
CA ASP A 75 2.67 7.23 -5.07
C ASP A 75 3.52 5.98 -4.86
N GLU A 76 4.70 6.15 -4.28
CA GLU A 76 5.60 5.03 -4.04
C GLU A 76 4.84 3.85 -3.44
N PHE A 77 3.76 4.14 -2.72
CA PHE A 77 2.97 3.08 -2.10
C PHE A 77 2.47 2.10 -3.17
N LEU A 78 1.68 2.62 -4.10
CA LEU A 78 1.15 1.79 -5.17
C LEU A 78 2.28 1.14 -5.95
N VAL A 79 3.13 1.97 -6.53
CA VAL A 79 4.27 1.47 -7.32
C VAL A 79 4.94 0.30 -6.59
N MET A 80 5.40 0.57 -5.38
CA MET A 80 6.06 -0.47 -4.57
C MET A 80 5.39 -1.82 -4.78
N MET A 81 4.07 -1.84 -4.61
CA MET A 81 3.31 -3.08 -4.77
C MET A 81 3.44 -3.62 -6.18
N VAL A 82 2.95 -2.86 -7.16
CA VAL A 82 3.01 -3.29 -8.55
C VAL A 82 4.44 -3.60 -8.95
N ARG A 83 5.38 -2.85 -8.37
CA ARG A 83 6.80 -3.05 -8.67
C ARG A 83 7.21 -4.49 -8.33
N CYS A 84 6.71 -4.98 -7.21
CA CYS A 84 7.03 -6.34 -6.78
C CYS A 84 6.17 -7.36 -7.52
N MET A 85 4.86 -7.08 -7.58
CA MET A 85 3.93 -7.97 -8.26
C MET A 85 4.37 -8.23 -9.70
N LYS A 86 4.77 -7.15 -10.39
CA LYS A 86 5.21 -7.27 -11.77
C LYS A 86 6.41 -8.21 -11.87
N ASP A 87 7.16 -8.32 -10.78
CA ASP A 87 8.33 -9.19 -10.75
C ASP A 87 9.07 -9.06 -9.41
N ASP A 88 8.78 -9.99 -8.50
CA ASP A 88 9.42 -9.97 -7.19
C ASP A 88 10.94 -9.93 -7.34
N SER A 89 11.56 -8.90 -6.76
CA SER A 89 13.00 -8.75 -6.84
C SER A 89 13.43 -8.32 -8.24
N ARG B 1 5.10 -11.99 0.82
CA ARG B 1 4.69 -11.54 -0.54
C ARG B 1 3.54 -10.54 -0.41
N ILE B 2 3.07 -10.06 -1.56
CA ILE B 2 1.97 -9.10 -1.58
C ILE B 2 0.69 -9.76 -2.08
N SER B 3 -0.44 -9.29 -1.57
CA SER B 3 -1.74 -9.83 -1.96
C SER B 3 -2.84 -8.81 -1.71
N ALA B 4 -3.98 -9.02 -2.37
CA ALA B 4 -5.11 -8.10 -2.21
C ALA B 4 -6.22 -8.77 -1.40
N ASP B 5 -6.13 -10.10 -1.28
CA ASP B 5 -7.13 -10.85 -0.53
C ASP B 5 -6.79 -10.87 0.95
N ALA B 6 -5.52 -10.60 1.26
CA ALA B 6 -5.06 -10.60 2.64
C ALA B 6 -5.52 -9.32 3.36
N MET B 7 -5.24 -8.18 2.74
CA MET B 7 -5.62 -6.89 3.31
C MET B 7 -7.12 -6.66 3.18
N MET B 8 -7.72 -7.32 2.20
CA MET B 8 -9.17 -7.18 1.96
C MET B 8 -9.93 -7.25 3.28
N GLN B 9 -9.43 -8.08 4.20
CA GLN B 9 -10.07 -8.24 5.50
C GLN B 9 -10.22 -6.88 6.19
N ALA B 10 -9.23 -6.01 5.98
CA ALA B 10 -9.26 -4.68 6.58
C ALA B 10 -10.26 -3.78 5.86
N LEU B 11 -10.84 -4.29 4.78
CA LEU B 11 -11.82 -3.51 4.02
C LEU B 11 -13.17 -4.22 4.00
N LEU B 12 -13.24 -5.31 3.23
CA LEU B 12 -14.48 -6.08 3.13
C LEU B 12 -15.64 -5.17 2.74
N GLY B 13 -15.39 -4.29 1.79
CA GLY B 13 -16.43 -3.36 1.34
C GLY B 13 -16.53 -2.16 2.27
N ALA B 14 -15.42 -1.44 2.42
CA ALA B 14 -15.40 -0.27 3.29
C ALA B 14 -15.57 1.01 2.47
N ARG B 15 -16.81 1.36 2.21
CA ARG B 15 -17.11 2.56 1.43
C ARG B 15 -16.65 2.39 -0.01
N ALA B 16 -17.08 1.29 -0.63
CA ALA B 16 -16.70 1.00 -2.01
C ALA B 16 -17.14 2.15 -2.92
N LYS B 17 -18.44 2.40 -2.95
CA LYS B 17 -18.98 3.48 -3.79
C LYS B 17 -18.60 4.84 -3.21
CA CA C . 9.47 8.03 0.29
C1 BEP D . 4.69 -5.21 1.91
C2 BEP D . 3.29 -5.37 2.50
C3 BEP D . 3.08 -4.41 3.72
O1 BEP D . 5.17 -6.49 1.44
N2 BEP D . 3.05 -6.79 2.91
N3 BEP D . 2.37 -3.17 3.33
C4 BEP D . 6.61 -6.67 1.50
C5 BEP D . 7.11 -7.19 0.15
C6 BEP D . 8.64 -7.22 0.16
C7 BEP D . 6.63 -6.25 -0.95
C8 BEP D . 3.55 -7.22 4.25
C9 BEP D . 2.48 -8.19 4.78
C10 BEP D . 1.70 -8.60 3.53
C11 BEP D . 1.72 -7.37 2.66
C12 BEP D . 1.17 -3.31 2.45
C13 BEP D . -0.06 -2.42 2.79
C14 BEP D . -1.36 -2.93 2.60
C15 BEP D . -2.47 -2.14 2.92
C16 BEP D . -2.28 -0.84 3.39
C17 BEP D . -0.99 -0.33 3.57
C18 BEP D . 0.12 -1.13 3.26
C19 BEP D . 3.19 -1.97 3.12
C20 BEP D . 2.98 -1.15 2.00
C21 BEP D . 3.77 0.00 1.81
C22 BEP D . 4.77 0.32 2.73
C23 BEP D . 4.98 -0.49 3.85
C24 BEP D . 4.19 -1.63 4.05
H11 BEP D . 5.35 -4.82 2.67
H12 BEP D . 4.65 -4.50 1.09
H21 BEP D . 2.54 -5.09 1.73
H31 BEP D . 4.08 -4.15 4.14
H32 BEP D . 2.52 -4.94 4.51
H41 BEP D . 7.10 -5.74 1.73
H42 BEP D . 6.87 -7.40 2.26
H51 BEP D . 6.73 -8.17 -0.03
H61 BEP D . 9.02 -6.37 -0.38
H62 BEP D . 8.98 -8.13 -0.33
H63 BEP D . 9.00 -7.20 1.17
H71 BEP D . 7.03 -6.57 -1.91
H72 BEP D . 6.97 -5.24 -0.75
H73 BEP D . 5.56 -6.26 -0.99
H81 BEP D . 4.53 -7.74 4.15
H82 BEP D . 3.67 -6.35 4.93
H91 BEP D . 1.84 -7.69 5.49
H92 BEP D . 2.95 -9.05 5.26
H101 BEP D . 0.68 -8.88 3.79
H102 BEP D . 2.17 -9.44 3.04
H111 BEP D . 0.93 -6.64 2.92
H112 BEP D . 1.61 -7.60 1.58
H121 BEP D . 1.49 -3.11 1.40
H122 BEP D . 0.88 -4.38 2.46
H141 BEP D . -1.49 -3.94 2.24
H151 BEP D . -3.47 -2.53 2.78
H161 BEP D . -3.14 -0.22 3.63
H171 BEP D . -0.85 0.67 3.94
H181 BEP D . 1.11 -0.73 3.40
H201 BEP D . 2.21 -1.40 1.29
H211 BEP D . 3.62 0.63 0.94
H221 BEP D . 5.39 1.20 2.58
H231 BEP D . 5.75 -0.25 4.57
H241 BEP D . 4.35 -2.26 4.91
N MET A 1 9.80 9.81 -10.39
CA MET A 1 8.80 9.90 -11.49
C MET A 1 8.26 8.51 -11.80
N ASP A 2 9.17 7.59 -12.14
CA ASP A 2 8.77 6.23 -12.46
C ASP A 2 7.49 6.23 -13.29
N ASP A 3 7.59 6.73 -14.51
CA ASP A 3 6.43 6.79 -15.40
C ASP A 3 6.19 5.43 -16.07
N ILE A 4 7.28 4.78 -16.44
CA ILE A 4 7.18 3.48 -17.09
C ILE A 4 6.19 2.58 -16.35
N TYR A 5 6.04 2.83 -15.06
CA TYR A 5 5.12 2.05 -14.24
C TYR A 5 3.68 2.51 -14.47
N LYS A 6 3.53 3.79 -14.77
CA LYS A 6 2.21 4.35 -15.01
C LYS A 6 1.47 3.49 -16.04
N ALA A 7 2.23 2.76 -16.84
CA ALA A 7 1.65 1.87 -17.84
C ALA A 7 1.19 0.58 -17.18
N ALA A 8 1.99 0.11 -16.23
CA ALA A 8 1.67 -1.11 -15.50
C ALA A 8 0.47 -0.86 -14.60
N VAL A 9 0.58 0.20 -13.80
CA VAL A 9 -0.51 0.57 -12.89
C VAL A 9 -1.81 0.65 -13.69
N GLU A 10 -1.67 1.01 -14.96
CA GLU A 10 -2.82 1.13 -15.85
C GLU A 10 -3.30 -0.25 -16.26
N GLN A 11 -2.35 -1.13 -16.53
CA GLN A 11 -2.67 -2.50 -16.94
C GLN A 11 -3.76 -3.05 -16.04
N LEU A 12 -3.56 -2.90 -14.74
CA LEU A 12 -4.53 -3.39 -13.76
C LEU A 12 -5.95 -3.05 -14.21
N THR A 13 -6.93 -3.69 -13.57
CA THR A 13 -8.33 -3.44 -13.91
C THR A 13 -8.96 -2.49 -12.90
N GLU A 14 -10.19 -2.06 -13.20
CA GLU A 14 -10.90 -1.14 -12.31
C GLU A 14 -11.03 -1.75 -10.91
N GLU A 15 -11.25 -3.06 -10.87
CA GLU A 15 -11.40 -3.75 -9.58
C GLU A 15 -10.22 -3.44 -8.67
N GLN A 16 -9.09 -4.10 -8.92
CA GLN A 16 -7.90 -3.88 -8.10
C GLN A 16 -7.76 -2.39 -7.77
N LYS A 17 -7.93 -1.57 -8.80
CA LYS A 17 -7.81 -0.12 -8.62
C LYS A 17 -8.68 0.34 -7.45
N ASN A 18 -9.91 -0.16 -7.41
CA ASN A 18 -10.83 0.21 -6.34
C ASN A 18 -10.28 -0.25 -4.99
N GLU A 19 -10.34 -1.57 -4.76
CA GLU A 19 -9.84 -2.13 -3.50
C GLU A 19 -8.56 -1.44 -3.08
N PHE A 20 -7.73 -1.08 -4.07
CA PHE A 20 -6.47 -0.39 -3.80
C PHE A 20 -6.75 0.98 -3.19
N LYS A 21 -7.42 1.83 -3.96
CA LYS A 21 -7.76 3.17 -3.49
C LYS A 21 -8.36 3.10 -2.09
N ALA A 22 -9.36 2.23 -1.93
CA ALA A 22 -10.00 2.07 -0.63
C ALA A 22 -8.95 1.73 0.42
N ALA A 23 -8.15 0.71 0.13
CA ALA A 23 -7.10 0.31 1.05
C ALA A 23 -6.10 1.44 1.21
N PHE A 24 -6.12 2.37 0.25
CA PHE A 24 -5.23 3.52 0.29
C PHE A 24 -5.62 4.46 1.43
N ASP A 25 -6.93 4.53 1.67
CA ASP A 25 -7.45 5.39 2.72
C ASP A 25 -7.28 4.72 4.09
N ILE A 26 -6.67 3.54 4.09
CA ILE A 26 -6.45 2.82 5.34
C ILE A 26 -4.97 2.91 5.73
N PHE A 27 -4.10 2.73 4.74
CA PHE A 27 -2.66 2.80 4.98
C PHE A 27 -2.28 4.21 5.42
N VAL A 28 -2.92 5.19 4.81
CA VAL A 28 -2.65 6.59 5.13
C VAL A 28 -3.83 7.20 5.87
N LEU A 29 -4.68 6.33 6.42
CA LEU A 29 -5.85 6.78 7.15
C LEU A 29 -5.45 7.75 8.27
N GLY A 30 -5.99 8.96 8.21
CA GLY A 30 -5.67 9.97 9.22
C GLY A 30 -4.51 10.85 8.76
N ALA A 31 -3.65 10.28 7.92
CA ALA A 31 -2.49 11.02 7.41
C ALA A 31 -2.93 12.37 6.85
N GLU A 32 -1.95 13.25 6.63
CA GLU A 32 -2.23 14.56 6.09
C GLU A 32 -2.46 14.49 4.58
N ASP A 33 -1.56 13.80 3.89
CA ASP A 33 -1.66 13.64 2.44
C ASP A 33 -2.09 12.22 2.09
N GLY A 34 -1.11 11.33 2.00
CA GLY A 34 -1.38 9.93 1.68
C GLY A 34 -0.11 9.09 1.81
N CYS A 35 0.59 9.27 2.92
CA CYS A 35 1.82 8.53 3.16
C CYS A 35 1.56 7.30 4.02
N ILE A 36 2.44 6.31 3.91
CA ILE A 36 2.29 5.07 4.66
C ILE A 36 3.50 4.84 5.57
N SER A 37 3.49 5.50 6.72
CA SER A 37 4.59 5.35 7.67
C SER A 37 4.57 3.94 8.26
N THR A 38 5.70 3.56 8.88
CA THR A 38 5.81 2.23 9.48
C THR A 38 4.65 1.99 10.45
N LYS A 39 4.41 2.96 11.32
CA LYS A 39 3.33 2.84 12.30
C LYS A 39 1.97 3.09 11.65
N GLU A 40 2.00 3.68 10.46
CA GLU A 40 0.77 3.98 9.72
C GLU A 40 0.26 2.73 9.03
N LEU A 41 1.18 1.87 8.60
CA LEU A 41 0.81 0.64 7.91
C LEU A 41 0.45 -0.45 8.92
N GLY A 42 1.11 -0.39 10.08
CA GLY A 42 0.86 -1.37 11.14
C GLY A 42 -0.61 -1.39 11.51
N LYS A 43 -1.31 -0.32 11.18
CA LYS A 43 -2.74 -0.22 11.49
C LYS A 43 -3.55 -1.11 10.58
N VAL A 44 -3.31 -0.99 9.28
CA VAL A 44 -4.03 -1.80 8.29
C VAL A 44 -3.71 -3.28 8.48
N MET A 45 -2.44 -3.63 8.35
CA MET A 45 -2.02 -5.02 8.50
C MET A 45 -2.76 -5.67 9.68
N ARG A 46 -2.93 -4.88 10.74
CA ARG A 46 -3.62 -5.37 11.93
C ARG A 46 -5.04 -5.82 11.57
N MET A 47 -5.70 -5.02 10.74
CA MET A 47 -7.07 -5.35 10.33
C MET A 47 -7.06 -6.49 9.31
N LEU A 48 -5.88 -6.77 8.75
CA LEU A 48 -5.76 -7.82 7.76
C LEU A 48 -5.28 -9.12 8.42
N GLY A 49 -5.50 -9.22 9.73
CA GLY A 49 -5.10 -10.41 10.46
C GLY A 49 -3.58 -10.49 10.60
N GLN A 50 -2.92 -9.36 10.35
CA GLN A 50 -1.46 -9.31 10.45
C GLN A 50 -1.03 -8.25 11.44
N ASN A 51 -0.23 -8.66 12.43
CA ASN A 51 0.25 -7.73 13.45
C ASN A 51 1.76 -7.55 13.34
N PRO A 52 2.19 -6.70 12.43
CA PRO A 52 3.62 -6.42 12.20
C PRO A 52 4.19 -5.42 13.22
N THR A 53 5.48 -5.15 13.09
CA THR A 53 6.15 -4.22 14.00
C THR A 53 6.67 -3.01 13.24
N PRO A 54 7.19 -2.03 13.98
CA PRO A 54 7.74 -0.80 13.37
C PRO A 54 9.15 -1.00 12.84
N GLU A 55 9.81 -2.03 13.36
CA GLU A 55 11.17 -2.34 12.93
C GLU A 55 11.15 -3.23 11.69
N GLU A 56 10.05 -3.97 11.52
CA GLU A 56 9.91 -4.85 10.37
C GLU A 56 9.29 -4.11 9.19
N LEU A 57 8.34 -3.23 9.49
CA LEU A 57 7.68 -2.46 8.44
C LEU A 57 8.64 -1.45 7.83
N GLN A 58 9.47 -0.86 8.68
CA GLN A 58 10.44 0.13 8.23
C GLN A 58 11.10 -0.32 6.93
N GLU A 59 11.23 -1.63 6.77
CA GLU A 59 11.84 -2.19 5.57
C GLU A 59 10.93 -1.97 4.36
N MET A 60 9.62 -2.08 4.59
CA MET A 60 8.66 -1.90 3.52
C MET A 60 8.79 -0.50 2.92
N ILE A 61 8.97 0.48 3.79
CA ILE A 61 9.12 1.87 3.33
C ILE A 61 10.43 2.04 2.59
N ASP A 62 11.48 1.39 3.09
CA ASP A 62 12.79 1.48 2.46
C ASP A 62 12.69 1.14 0.98
N GLU A 63 11.81 0.19 0.67
CA GLU A 63 11.63 -0.23 -0.72
C GLU A 63 11.07 0.93 -1.54
N VAL A 64 10.20 1.71 -0.93
CA VAL A 64 9.59 2.85 -1.62
C VAL A 64 10.39 4.12 -1.37
N ASP A 65 11.19 4.10 -0.31
CA ASP A 65 12.01 5.27 0.04
C ASP A 65 13.32 5.25 -0.72
N GLU A 66 13.24 5.39 -2.05
CA GLU A 66 14.43 5.39 -2.88
C GLU A 66 15.03 6.79 -2.96
N ASP A 67 14.23 7.77 -2.57
CA ASP A 67 14.68 9.17 -2.59
C ASP A 67 15.32 9.53 -1.25
N GLY A 68 14.91 8.84 -0.20
CA GLY A 68 15.44 9.10 1.14
C GLY A 68 14.52 10.04 1.91
N SER A 69 13.22 9.90 1.67
CA SER A 69 12.24 10.75 2.36
C SER A 69 12.01 10.25 3.78
N GLY A 70 11.66 8.98 3.90
CA GLY A 70 11.41 8.38 5.21
C GLY A 70 10.02 7.75 5.28
N THR A 71 9.14 8.19 4.39
CA THR A 71 7.77 7.65 4.36
C THR A 71 7.32 7.41 2.94
N VAL A 72 6.11 6.87 2.79
CA VAL A 72 5.56 6.57 1.48
C VAL A 72 4.58 7.65 1.05
N ASP A 73 4.14 7.57 -0.20
CA ASP A 73 3.19 8.55 -0.73
C ASP A 73 2.15 7.84 -1.59
N PHE A 74 1.39 8.62 -2.36
CA PHE A 74 0.35 8.05 -3.22
C PHE A 74 0.94 7.64 -4.57
N ASP A 75 2.26 7.61 -4.65
CA ASP A 75 2.93 7.24 -5.90
C ASP A 75 3.82 6.02 -5.72
N GLU A 76 4.53 5.96 -4.58
CA GLU A 76 5.42 4.83 -4.33
C GLU A 76 4.61 3.57 -4.05
N PHE A 77 3.50 3.75 -3.35
CA PHE A 77 2.63 2.62 -3.02
C PHE A 77 2.33 1.79 -4.26
N LEU A 78 1.45 2.32 -5.11
CA LEU A 78 1.08 1.61 -6.33
C LEU A 78 2.30 0.96 -6.98
N VAL A 79 3.27 1.77 -7.36
CA VAL A 79 4.49 1.27 -7.98
C VAL A 79 5.10 0.15 -7.15
N MET A 80 5.46 0.48 -5.91
CA MET A 80 6.07 -0.50 -5.01
C MET A 80 5.44 -1.87 -5.21
N MET A 81 4.10 -1.91 -5.15
CA MET A 81 3.38 -3.17 -5.33
C MET A 81 3.79 -3.85 -6.63
N VAL A 82 3.59 -3.15 -7.74
CA VAL A 82 3.94 -3.69 -9.05
C VAL A 82 5.41 -4.12 -9.08
N ARG A 83 6.21 -3.54 -8.19
CA ARG A 83 7.63 -3.87 -8.12
C ARG A 83 7.84 -5.16 -7.34
N CYS A 84 7.01 -5.37 -6.32
CA CYS A 84 7.12 -6.57 -5.50
C CYS A 84 6.38 -7.73 -6.16
N MET A 85 5.50 -7.39 -7.10
CA MET A 85 4.73 -8.41 -7.81
C MET A 85 5.60 -9.09 -8.85
N LYS A 86 6.02 -8.33 -9.85
CA LYS A 86 6.86 -8.87 -10.92
C LYS A 86 8.16 -9.44 -10.34
N ASP A 87 8.78 -8.68 -9.45
CA ASP A 87 10.03 -9.13 -8.82
C ASP A 87 10.06 -8.71 -7.36
N ASP A 88 9.58 -9.59 -6.48
CA ASP A 88 9.57 -9.29 -5.05
C ASP A 88 10.96 -8.90 -4.57
N SER A 89 11.02 -8.35 -3.36
CA SER A 89 12.29 -7.94 -2.79
C SER A 89 12.21 -7.94 -1.26
N ARG B 1 2.19 -13.48 -0.92
CA ARG B 1 2.32 -12.89 -2.28
C ARG B 1 1.49 -11.60 -2.35
N ILE B 2 1.72 -10.72 -1.40
CA ILE B 2 0.98 -9.45 -1.36
C ILE B 2 -0.47 -9.65 -1.80
N SER B 3 -1.00 -10.83 -1.50
CA SER B 3 -2.38 -11.14 -1.87
C SER B 3 -3.29 -9.95 -1.52
N ALA B 4 -4.13 -9.58 -2.48
CA ALA B 4 -5.05 -8.46 -2.27
C ALA B 4 -6.32 -8.92 -1.56
N ASP B 5 -6.67 -10.19 -1.74
CA ASP B 5 -7.86 -10.75 -1.11
C ASP B 5 -7.95 -10.32 0.34
N ALA B 6 -6.79 -10.14 0.97
CA ALA B 6 -6.75 -9.72 2.37
C ALA B 6 -6.93 -8.21 2.49
N MET B 7 -6.50 -7.50 1.45
CA MET B 7 -6.60 -6.04 1.45
C MET B 7 -8.06 -5.61 1.32
N MET B 8 -8.78 -6.27 0.42
CA MET B 8 -10.19 -5.94 0.20
C MET B 8 -11.00 -6.14 1.47
N GLN B 9 -10.40 -6.84 2.45
CA GLN B 9 -11.08 -7.11 3.71
C GLN B 9 -11.03 -5.87 4.62
N ALA B 10 -9.95 -5.11 4.50
CA ALA B 10 -9.77 -3.91 5.32
C ALA B 10 -10.71 -2.80 4.84
N LEU B 11 -11.29 -2.97 3.66
CA LEU B 11 -12.20 -1.97 3.11
C LEU B 11 -13.25 -2.65 2.25
N LEU B 12 -13.82 -3.72 2.77
CA LEU B 12 -14.86 -4.46 2.05
C LEU B 12 -16.17 -3.70 2.07
N GLY B 13 -16.34 -2.85 3.08
CA GLY B 13 -17.56 -2.06 3.21
C GLY B 13 -17.45 -1.07 4.37
N ALA B 14 -16.46 -0.20 4.28
CA ALA B 14 -16.25 0.81 5.32
C ALA B 14 -17.55 1.53 5.64
N ARG B 15 -18.12 2.16 4.60
CA ARG B 15 -19.37 2.88 4.77
C ARG B 15 -20.54 1.92 4.81
N ALA B 16 -20.48 0.96 5.72
CA ALA B 16 -21.54 -0.03 5.85
C ALA B 16 -21.41 -0.79 7.17
N LYS B 17 -20.33 -1.55 7.29
CA LYS B 17 -20.09 -2.32 8.51
C LYS B 17 -21.39 -2.96 9.00
CA CA C . 9.47 8.06 -0.42
C1 BEP D . 3.84 -5.02 0.65
C2 BEP D . 2.85 -5.26 1.79
C3 BEP D . 2.88 -4.07 2.82
O1 BEP D . 5.19 -5.22 1.14
N2 BEP D . 3.12 -6.55 2.50
N3 BEP D . 2.22 -2.84 2.28
C4 BEP D . 6.20 -5.35 0.11
C5 BEP D . 6.75 -6.78 0.11
C6 BEP D . 8.24 -6.76 -0.24
C7 BEP D . 5.99 -7.60 -0.92
C8 BEP D . 1.96 -7.40 2.89
C9 BEP D . 2.43 -8.85 2.67
C10 BEP D . 3.96 -8.75 2.65
C11 BEP D . 4.23 -7.41 2.01
C12 BEP D . 1.10 -3.01 1.31
C13 BEP D . -0.05 -3.97 1.71
C14 BEP D . -0.65 -4.78 0.74
C15 BEP D . -1.69 -5.65 1.11
C16 BEP D . -2.13 -5.70 2.44
C17 BEP D . -1.52 -4.88 3.40
C18 BEP D . -0.49 -4.01 3.04
C19 BEP D . 3.09 -1.65 2.10
C20 BEP D . 4.16 -1.43 2.97
C21 BEP D . 4.98 -0.32 2.81
C22 BEP D . 4.72 0.59 1.77
C23 BEP D . 3.65 0.37 0.89
C24 BEP D . 2.84 -0.76 1.06
H11 BEP D . 3.73 -4.01 0.29
H12 BEP D . 3.63 -5.71 -0.14
H21 BEP D . 1.82 -5.30 1.37
H31 BEP D . 3.93 -3.84 3.07
H32 BEP D . 2.38 -4.39 3.76
H41 BEP D . 5.78 -5.13 -0.86
H42 BEP D . 7.03 -4.66 0.30
H51 BEP D . 6.62 -7.21 1.09
H61 BEP D . 8.39 -6.15 -1.12
H62 BEP D . 8.57 -7.76 -0.43
H63 BEP D . 8.80 -6.34 0.58
H71 BEP D . 6.68 -7.94 -1.69
H72 BEP D . 5.22 -7.01 -1.37
H73 BEP D . 5.54 -8.47 -0.44
H81 BEP D . 1.68 -7.23 3.95
H82 BEP D . 1.08 -7.18 2.25
H91 BEP D . 2.06 -9.24 1.73
H92 BEP D . 2.10 -9.49 3.49
H101 BEP D . 4.40 -9.56 2.08
H102 BEP D . 4.37 -8.79 3.66
H111 BEP D . 4.20 -7.45 0.90
H112 BEP D . 5.20 -6.97 2.30
H121 BEP D . 0.68 -2.00 1.09
H122 BEP D . 1.56 -3.36 0.35
H141 BEP D . -0.31 -4.75 -0.28
H151 BEP D . -2.15 -6.29 0.37
H161 BEP D . -2.93 -6.36 2.72
H171 BEP D . -1.86 -4.92 4.43
H181 BEP D . -0.02 -3.39 3.79
H201 BEP D . 4.35 -2.13 3.78
H211 BEP D . 5.81 -0.14 3.47
H221 BEP D . 5.36 1.45 1.63
H231 BEP D . 3.46 1.06 0.09
H241 BEP D . 2.01 -0.92 0.38
N MET A 1 11.41 6.99 -15.47
CA MET A 1 10.96 5.60 -15.21
C MET A 1 9.52 5.60 -14.69
N ASP A 2 8.62 6.15 -15.50
CA ASP A 2 7.21 6.21 -15.10
C ASP A 2 6.37 5.31 -16.00
N ASP A 3 6.68 5.31 -17.29
CA ASP A 3 5.95 4.48 -18.24
C ASP A 3 5.78 3.07 -17.71
N ILE A 4 6.88 2.32 -17.67
CA ILE A 4 6.86 0.95 -17.19
C ILE A 4 5.89 0.82 -16.01
N TYR A 5 5.79 1.90 -15.24
CA TYR A 5 4.89 1.91 -14.09
C TYR A 5 3.49 2.31 -14.53
N LYS A 6 3.44 3.34 -15.39
CA LYS A 6 2.16 3.83 -15.90
C LYS A 6 1.36 2.67 -16.49
N ALA A 7 1.89 2.08 -17.56
CA ALA A 7 1.21 0.96 -18.21
C ALA A 7 0.80 -0.07 -17.16
N ALA A 8 1.78 -0.51 -16.37
CA ALA A 8 1.51 -1.48 -15.31
C ALA A 8 0.40 -0.96 -14.41
N VAL A 9 0.32 0.36 -14.30
CA VAL A 9 -0.69 1.00 -13.47
C VAL A 9 -1.98 1.17 -14.27
N GLU A 10 -1.84 1.16 -15.59
CA GLU A 10 -2.99 1.32 -16.47
C GLU A 10 -3.64 -0.04 -16.72
N GLN A 11 -2.81 -1.03 -17.00
CA GLN A 11 -3.30 -2.37 -17.25
C GLN A 11 -4.29 -2.79 -16.16
N LEU A 12 -3.94 -2.49 -14.92
CA LEU A 12 -4.81 -2.84 -13.80
C LEU A 12 -6.25 -2.46 -14.10
N THR A 13 -7.19 -3.18 -13.49
CA THR A 13 -8.60 -2.91 -13.69
C THR A 13 -9.18 -2.17 -12.50
N GLU A 14 -10.31 -1.50 -12.71
CA GLU A 14 -10.95 -0.75 -11.64
C GLU A 14 -10.96 -1.56 -10.35
N GLU A 15 -10.98 -2.88 -10.50
CA GLU A 15 -10.99 -3.77 -9.35
C GLU A 15 -9.84 -3.43 -8.41
N GLN A 16 -8.66 -3.25 -9.01
CA GLN A 16 -7.48 -2.92 -8.22
C GLN A 16 -7.44 -1.42 -7.95
N LYS A 17 -7.73 -0.64 -8.99
CA LYS A 17 -7.72 0.81 -8.87
C LYS A 17 -8.64 1.24 -7.73
N ASN A 18 -9.63 0.41 -7.44
CA ASN A 18 -10.58 0.70 -6.37
C ASN A 18 -10.00 0.28 -5.03
N GLU A 19 -9.94 -1.03 -4.80
CA GLU A 19 -9.40 -1.56 -3.55
C GLU A 19 -8.16 -0.78 -3.15
N PHE A 20 -7.31 -0.48 -4.12
CA PHE A 20 -6.09 0.27 -3.86
C PHE A 20 -6.41 1.55 -3.08
N LYS A 21 -7.34 2.33 -3.60
CA LYS A 21 -7.73 3.57 -2.94
C LYS A 21 -8.34 3.27 -1.58
N ALA A 22 -9.30 2.33 -1.57
CA ALA A 22 -9.95 1.95 -0.32
C ALA A 22 -8.91 1.50 0.69
N ALA A 23 -7.74 1.13 0.19
CA ALA A 23 -6.65 0.68 1.07
C ALA A 23 -5.77 1.87 1.46
N PHE A 24 -5.84 2.93 0.65
CA PHE A 24 -5.06 4.12 0.93
C PHE A 24 -5.62 4.83 2.15
N ASP A 25 -6.91 4.64 2.39
CA ASP A 25 -7.58 5.25 3.53
C ASP A 25 -7.29 4.45 4.79
N ILE A 26 -6.51 3.38 4.65
CA ILE A 26 -6.18 2.54 5.79
C ILE A 26 -4.72 2.72 6.15
N PHE A 27 -3.86 2.71 5.13
CA PHE A 27 -2.43 2.89 5.36
C PHE A 27 -2.19 4.24 6.02
N VAL A 28 -2.85 5.27 5.49
CA VAL A 28 -2.74 6.61 6.03
C VAL A 28 -4.06 7.02 6.66
N LEU A 29 -4.73 6.05 7.27
CA LEU A 29 -6.03 6.30 7.91
C LEU A 29 -5.90 7.35 9.01
N GLY A 30 -4.65 7.63 9.39
CA GLY A 30 -4.39 8.62 10.43
C GLY A 30 -3.31 9.60 9.98
N ALA A 31 -2.98 9.55 8.69
CA ALA A 31 -1.94 10.42 8.13
C ALA A 31 -2.56 11.74 7.67
N GLU A 32 -1.69 12.63 7.20
CA GLU A 32 -2.14 13.94 6.73
C GLU A 32 -2.51 13.89 5.26
N ASP A 33 -1.52 13.59 4.41
CA ASP A 33 -1.76 13.51 2.97
C ASP A 33 -1.98 12.06 2.54
N GLY A 34 -0.88 11.31 2.44
CA GLY A 34 -0.95 9.91 2.04
C GLY A 34 0.38 9.20 2.31
N CYS A 35 1.06 9.63 3.37
CA CYS A 35 2.35 9.03 3.73
C CYS A 35 2.15 7.97 4.80
N ILE A 36 2.64 6.77 4.54
CA ILE A 36 2.51 5.68 5.51
C ILE A 36 3.75 5.60 6.39
N SER A 37 3.66 4.76 7.42
CA SER A 37 4.78 4.60 8.35
C SER A 37 4.77 3.21 8.97
N THR A 38 5.94 2.75 9.38
CA THR A 38 6.06 1.42 9.98
C THR A 38 4.92 1.16 10.95
N LYS A 39 4.57 2.18 11.72
CA LYS A 39 3.49 2.06 12.70
C LYS A 39 2.13 2.14 12.02
N GLU A 40 1.98 3.11 11.12
CA GLU A 40 0.71 3.29 10.41
C GLU A 40 0.28 1.99 9.74
N LEU A 41 1.22 1.07 9.56
CA LEU A 41 0.90 -0.22 8.93
C LEU A 41 0.39 -1.21 9.97
N GLY A 42 1.15 -1.34 11.05
CA GLY A 42 0.79 -2.27 12.12
C GLY A 42 -0.71 -2.27 12.37
N LYS A 43 -1.33 -1.09 12.25
CA LYS A 43 -2.77 -0.97 12.49
C LYS A 43 -3.57 -1.57 11.33
N VAL A 44 -3.10 -1.36 10.11
CA VAL A 44 -3.79 -1.89 8.93
C VAL A 44 -3.51 -3.38 8.79
N MET A 45 -2.23 -3.75 8.80
CA MET A 45 -1.85 -5.15 8.66
C MET A 45 -2.74 -6.02 9.54
N ARG A 46 -2.85 -5.64 10.80
CA ARG A 46 -3.67 -6.38 11.75
C ARG A 46 -5.04 -6.71 11.15
N MET A 47 -5.55 -5.80 10.34
CA MET A 47 -6.86 -6.00 9.70
C MET A 47 -6.74 -6.98 8.54
N LEU A 48 -5.51 -7.24 8.11
CA LEU A 48 -5.28 -8.16 7.01
C LEU A 48 -4.99 -9.57 7.51
N GLY A 49 -5.25 -9.79 8.80
CA GLY A 49 -5.02 -11.09 9.40
C GLY A 49 -3.54 -11.29 9.71
N GLN A 50 -2.79 -10.19 9.72
CA GLN A 50 -1.37 -10.24 10.01
C GLN A 50 -1.00 -9.19 11.05
N ASN A 51 -0.19 -9.59 12.03
CA ASN A 51 0.23 -8.68 13.08
C ASN A 51 1.75 -8.46 13.03
N PRO A 52 2.19 -7.55 12.17
CA PRO A 52 3.62 -7.24 12.02
C PRO A 52 4.13 -6.29 13.10
N THR A 53 5.43 -6.03 13.09
CA THR A 53 6.02 -5.14 14.08
C THR A 53 6.56 -3.88 13.42
N PRO A 54 6.86 -2.87 14.23
CA PRO A 54 7.40 -1.59 13.73
C PRO A 54 8.88 -1.70 13.38
N GLU A 55 9.50 -2.78 13.83
CA GLU A 55 10.91 -3.01 13.55
C GLU A 55 11.06 -3.72 12.21
N GLU A 56 10.08 -4.56 11.88
CA GLU A 56 10.11 -5.28 10.61
C GLU A 56 9.42 -4.46 9.52
N LEU A 57 8.47 -3.64 9.95
CA LEU A 57 7.72 -2.79 9.02
C LEU A 57 8.64 -1.72 8.44
N GLN A 58 9.64 -1.31 9.22
CA GLN A 58 10.58 -0.29 8.78
C GLN A 58 11.40 -0.79 7.60
N GLU A 59 11.39 -2.11 7.41
CA GLU A 59 12.14 -2.72 6.31
C GLU A 59 11.38 -2.57 4.99
N MET A 60 10.11 -2.22 5.09
CA MET A 60 9.28 -2.04 3.90
C MET A 60 9.40 -0.61 3.38
N ILE A 61 9.42 0.35 4.30
CA ILE A 61 9.53 1.76 3.92
C ILE A 61 10.86 2.01 3.21
N ASP A 62 11.94 1.50 3.79
CA ASP A 62 13.26 1.69 3.20
C ASP A 62 13.26 1.26 1.73
N GLU A 63 12.28 0.44 1.37
CA GLU A 63 12.16 -0.04 -0.01
C GLU A 63 11.44 0.99 -0.87
N VAL A 64 10.74 1.91 -0.22
CA VAL A 64 10.00 2.94 -0.95
C VAL A 64 10.54 4.33 -0.63
N ASP A 65 11.34 4.41 0.43
CA ASP A 65 11.93 5.68 0.83
C ASP A 65 13.17 5.99 0.00
N GLU A 66 12.94 6.35 -1.26
CA GLU A 66 14.04 6.67 -2.17
C GLU A 66 14.38 8.16 -2.08
N ASP A 67 13.47 8.92 -1.47
CA ASP A 67 13.68 10.36 -1.32
C ASP A 67 14.12 10.71 0.10
N GLY A 68 14.04 9.71 0.98
CA GLY A 68 14.43 9.92 2.38
C GLY A 68 13.36 10.72 3.12
N SER A 69 12.10 10.46 2.78
CA SER A 69 11.00 11.15 3.42
C SER A 69 10.69 10.54 4.77
N GLY A 70 10.94 9.24 4.89
CA GLY A 70 10.70 8.53 6.15
C GLY A 70 9.32 7.89 6.15
N THR A 71 8.54 8.16 5.11
CA THR A 71 7.20 7.61 5.00
C THR A 71 6.86 7.29 3.54
N VAL A 72 5.92 6.37 3.36
CA VAL A 72 5.50 5.97 2.02
C VAL A 72 4.30 6.82 1.58
N ASP A 73 4.56 7.73 0.64
CA ASP A 73 3.50 8.60 0.13
C ASP A 73 2.51 7.80 -0.71
N PHE A 74 1.55 8.53 -1.29
CA PHE A 74 0.53 7.90 -2.12
C PHE A 74 1.11 7.46 -3.46
N ASP A 75 2.37 7.83 -3.70
CA ASP A 75 3.03 7.48 -4.95
C ASP A 75 3.78 6.15 -4.83
N GLU A 76 4.97 6.20 -4.25
CA GLU A 76 5.80 5.01 -4.09
C GLU A 76 4.98 3.80 -3.67
N PHE A 77 3.90 4.04 -2.93
CA PHE A 77 3.06 2.94 -2.47
C PHE A 77 2.64 2.05 -3.63
N LEU A 78 1.71 2.55 -4.44
CA LEU A 78 1.22 1.78 -5.59
C LEU A 78 2.36 1.11 -6.34
N VAL A 79 3.47 1.83 -6.48
CA VAL A 79 4.63 1.29 -7.20
C VAL A 79 5.15 0.03 -6.50
N MET A 80 5.71 0.21 -5.31
CA MET A 80 6.26 -0.92 -4.55
C MET A 80 5.42 -2.17 -4.75
N MET A 81 4.12 -2.05 -4.47
CA MET A 81 3.21 -3.18 -4.60
C MET A 81 3.17 -3.69 -6.04
N VAL A 82 2.70 -2.83 -6.94
CA VAL A 82 2.59 -3.20 -8.35
C VAL A 82 3.93 -3.73 -8.88
N ARG A 83 5.02 -3.24 -8.31
CA ARG A 83 6.35 -3.65 -8.74
C ARG A 83 6.62 -5.11 -8.37
N CYS A 84 6.35 -5.47 -7.12
CA CYS A 84 6.59 -6.83 -6.66
C CYS A 84 5.44 -7.76 -7.04
N MET A 85 4.25 -7.45 -6.53
CA MET A 85 3.07 -8.28 -6.81
C MET A 85 3.10 -8.79 -8.24
N LYS A 86 3.69 -8.01 -9.14
CA LYS A 86 3.78 -8.41 -10.54
C LYS A 86 5.13 -9.02 -10.84
N ASP A 87 5.28 -10.31 -10.54
CA ASP A 87 6.54 -11.00 -10.78
C ASP A 87 7.57 -10.64 -9.71
N ASP A 88 7.34 -11.15 -8.50
CA ASP A 88 8.25 -10.86 -7.40
C ASP A 88 9.70 -11.12 -7.84
N SER A 89 10.60 -10.29 -7.35
CA SER A 89 12.01 -10.42 -7.70
C SER A 89 12.56 -11.75 -7.20
N ARG B 1 4.47 -9.81 -3.44
CA ARG B 1 3.26 -10.58 -3.85
C ARG B 1 2.03 -9.73 -3.61
N ILE B 2 1.59 -9.68 -2.35
CA ILE B 2 0.42 -8.89 -1.99
C ILE B 2 -0.83 -9.45 -2.68
N SER B 3 -1.64 -10.16 -1.92
CA SER B 3 -2.86 -10.75 -2.48
C SER B 3 -3.83 -9.64 -2.90
N ALA B 4 -3.89 -8.59 -2.09
CA ALA B 4 -4.78 -7.46 -2.38
C ALA B 4 -6.19 -7.75 -1.88
N ASP B 5 -6.45 -9.01 -1.53
CA ASP B 5 -7.76 -9.39 -1.03
C ASP B 5 -7.85 -9.14 0.47
N ALA B 6 -6.78 -9.47 1.18
CA ALA B 6 -6.73 -9.27 2.63
C ALA B 6 -7.09 -7.83 2.96
N MET B 7 -6.92 -6.95 1.97
CA MET B 7 -7.21 -5.54 2.17
C MET B 7 -8.72 -5.31 2.20
N MET B 8 -9.39 -5.75 1.14
CA MET B 8 -10.84 -5.59 1.04
C MET B 8 -11.49 -5.80 2.40
N GLN B 9 -10.91 -6.71 3.19
CA GLN B 9 -11.44 -7.00 4.51
C GLN B 9 -11.38 -5.77 5.40
N ALA B 10 -10.25 -5.07 5.34
CA ALA B 10 -10.06 -3.85 6.14
C ALA B 10 -10.69 -2.65 5.45
N LEU B 11 -11.03 -2.82 4.17
CA LEU B 11 -11.64 -1.74 3.41
C LEU B 11 -12.80 -2.28 2.58
N LEU B 12 -13.88 -2.66 3.25
CA LEU B 12 -15.05 -3.20 2.55
C LEU B 12 -16.15 -2.15 2.48
N GLY B 13 -15.76 -0.89 2.27
CA GLY B 13 -16.73 0.20 2.17
C GLY B 13 -16.14 1.51 2.67
N ALA B 14 -15.51 2.24 1.76
CA ALA B 14 -14.89 3.52 2.11
C ALA B 14 -15.80 4.67 1.69
N ARG B 15 -16.71 5.05 2.59
CA ARG B 15 -17.63 6.14 2.30
C ARG B 15 -18.60 5.75 1.18
N ALA B 16 -19.25 4.60 1.36
CA ALA B 16 -20.19 4.11 0.36
C ALA B 16 -20.99 2.93 0.92
N LYS B 17 -20.27 1.92 1.39
CA LYS B 17 -20.92 0.73 1.95
C LYS B 17 -21.89 0.14 0.94
CA CA C . 9.08 8.29 0.46
C1 BEP D . 5.28 -6.69 2.27
C2 BEP D . 5.24 -5.44 1.38
C3 BEP D . 3.88 -4.69 1.56
O1 BEP D . 5.07 -7.87 1.46
N2 BEP D . 5.46 -5.82 -0.04
N3 BEP D . 3.77 -4.05 2.89
C4 BEP D . 5.40 -9.12 2.09
C5 BEP D . 4.72 -10.26 1.33
C6 BEP D . 5.55 -11.54 1.48
C7 BEP D . 4.60 -9.89 -0.14
C8 BEP D . 5.23 -4.79 -1.08
C9 BEP D . 6.31 -5.02 -2.15
C10 BEP D . 6.79 -6.45 -1.88
C11 BEP D . 6.67 -6.61 -0.38
C12 BEP D . 2.79 -4.61 3.86
C13 BEP D . 1.34 -4.77 3.37
C14 BEP D . 0.98 -5.90 2.60
C15 BEP D . -0.34 -6.05 2.15
C16 BEP D . -1.31 -5.09 2.48
C17 BEP D . -0.95 -3.97 3.25
C18 BEP D . 0.36 -3.81 3.69
C19 BEP D . 3.99 -2.58 2.94
C20 BEP D . 3.29 -1.73 2.07
C21 BEP D . 3.52 -0.35 2.12
C22 BEP D . 4.42 0.19 3.05
C23 BEP D . 5.11 -0.67 3.92
C24 BEP D . 4.90 -2.05 3.86
H11 BEP D . 4.51 -6.61 3.03
H12 BEP D . 6.25 -6.75 2.77
H21 BEP D . 6.05 -4.75 1.70
H31 BEP D . 3.05 -5.41 1.41
H32 BEP D . 3.79 -3.92 0.75
H41 BEP D . 6.47 -9.28 2.07
H42 BEP D . 5.07 -9.14 3.12
H51 BEP D . 3.73 -10.43 1.75
H61 BEP D . 6.30 -11.40 2.23
H62 BEP D . 6.02 -11.77 0.54
H63 BEP D . 4.90 -12.36 1.76
H71 BEP D . 4.02 -10.63 -0.66
H72 BEP D . 5.59 -9.85 -0.58
H73 BEP D . 4.12 -8.93 -0.23
H81 BEP D . 4.21 -4.90 -1.52
H82 BEP D . 5.30 -3.76 -0.65
H91 BEP D . 7.11 -4.31 -2.02
H92 BEP D . 5.89 -4.93 -3.14
H101 BEP D . 7.80 -6.59 -2.21
H102 BEP D . 6.16 -7.16 -2.40
H111 BEP D . 7.55 -6.20 0.16
H112 BEP D . 6.53 -7.65 -0.06
H121 BEP D . 3.19 -5.58 4.21
H122 BEP D . 2.80 -3.95 4.76
H141 BEP D . 1.72 -6.63 2.35
H151 BEP D . -0.62 -6.91 1.56
H161 BEP D . -2.32 -5.20 2.13
H171 BEP D . -1.70 -3.23 3.50
H181 BEP D . 0.63 -2.96 4.28
H201 BEP D . 2.60 -2.14 1.35
H211 BEP D . 2.98 0.31 1.46
H221 BEP D . 4.59 1.25 3.09
H231 BEP D . 5.82 -0.25 4.63
H241 BEP D . 5.43 -2.71 4.54
N MET A 1 9.13 10.98 -13.69
CA MET A 1 10.16 10.26 -12.89
C MET A 1 9.67 8.85 -12.59
N ASP A 2 8.81 8.32 -13.47
CA ASP A 2 8.27 6.99 -13.29
C ASP A 2 7.30 6.64 -14.41
N ASP A 3 7.81 6.63 -15.64
CA ASP A 3 6.98 6.30 -16.79
C ASP A 3 6.85 4.79 -16.94
N ILE A 4 7.99 4.10 -16.90
CA ILE A 4 7.99 2.65 -17.02
C ILE A 4 6.83 2.04 -16.25
N TYR A 5 6.43 2.72 -15.17
CA TYR A 5 5.33 2.23 -14.35
C TYR A 5 3.99 2.52 -15.00
N LYS A 6 3.88 3.72 -15.57
CA LYS A 6 2.63 4.13 -16.23
C LYS A 6 2.03 2.95 -16.99
N ALA A 7 2.86 2.29 -17.78
CA ALA A 7 2.41 1.15 -18.56
C ALA A 7 1.78 0.10 -17.64
N ALA A 8 2.59 -0.46 -16.76
CA ALA A 8 2.10 -1.46 -15.82
C ALA A 8 0.92 -0.92 -15.03
N VAL A 9 0.87 0.41 -14.90
CA VAL A 9 -0.21 1.05 -14.16
C VAL A 9 -1.41 1.26 -15.07
N GLU A 10 -1.18 1.19 -16.38
CA GLU A 10 -2.26 1.37 -17.35
C GLU A 10 -2.94 0.04 -17.63
N GLN A 11 -2.34 -1.02 -17.11
CA GLN A 11 -2.89 -2.37 -17.30
C GLN A 11 -4.06 -2.59 -16.35
N LEU A 12 -3.86 -2.18 -15.10
CA LEU A 12 -4.89 -2.36 -14.08
C LEU A 12 -6.18 -1.65 -14.49
N THR A 13 -7.21 -2.45 -14.79
CA THR A 13 -8.50 -1.91 -15.18
C THR A 13 -9.19 -1.25 -13.98
N GLU A 14 -10.17 -0.40 -14.28
CA GLU A 14 -10.90 0.29 -13.22
C GLU A 14 -11.34 -0.72 -12.14
N GLU A 15 -11.51 -1.96 -12.55
CA GLU A 15 -11.93 -3.00 -11.61
C GLU A 15 -11.04 -3.01 -10.39
N GLN A 16 -9.79 -3.46 -10.56
CA GLN A 16 -8.86 -3.51 -9.45
C GLN A 16 -8.51 -2.10 -8.99
N LYS A 17 -8.21 -1.24 -9.96
CA LYS A 17 -7.86 0.15 -9.65
C LYS A 17 -8.72 0.67 -8.51
N ASN A 18 -9.99 0.28 -8.52
CA ASN A 18 -10.92 0.70 -7.48
C ASN A 18 -10.51 0.12 -6.13
N GLU A 19 -10.73 -1.19 -5.97
CA GLU A 19 -10.37 -1.85 -4.73
C GLU A 19 -9.04 -1.33 -4.21
N PHE A 20 -8.19 -0.93 -5.14
CA PHE A 20 -6.88 -0.40 -4.78
C PHE A 20 -7.02 0.82 -3.87
N LYS A 21 -7.65 1.86 -4.39
CA LYS A 21 -7.86 3.08 -3.62
C LYS A 21 -8.49 2.75 -2.27
N ALA A 22 -9.42 1.81 -2.28
CA ALA A 22 -10.09 1.40 -1.05
C ALA A 22 -9.06 1.16 0.05
N ALA A 23 -8.09 0.31 -0.25
CA ALA A 23 -7.05 0.00 0.73
C ALA A 23 -6.22 1.25 1.02
N PHE A 24 -6.28 2.21 0.10
CA PHE A 24 -5.53 3.46 0.27
C PHE A 24 -6.12 4.28 1.41
N ASP A 25 -7.42 4.09 1.65
CA ASP A 25 -8.09 4.81 2.72
C ASP A 25 -7.93 4.08 4.05
N ILE A 26 -7.11 3.02 4.04
CA ILE A 26 -6.88 2.24 5.25
C ILE A 26 -5.44 2.44 5.74
N PHE A 27 -4.50 2.09 4.87
CA PHE A 27 -3.09 2.24 5.19
C PHE A 27 -2.84 3.61 5.83
N VAL A 28 -3.38 4.64 5.17
CA VAL A 28 -3.22 6.00 5.67
C VAL A 28 -4.57 6.54 6.14
N LEU A 29 -5.33 5.67 6.79
CA LEU A 29 -6.65 6.05 7.29
C LEU A 29 -6.54 7.09 8.40
N GLY A 30 -5.31 7.35 8.83
CA GLY A 30 -5.06 8.33 9.89
C GLY A 30 -4.17 9.45 9.40
N ALA A 31 -3.35 9.15 8.38
CA ALA A 31 -2.44 10.15 7.82
C ALA A 31 -3.21 11.37 7.32
N GLU A 32 -2.47 12.35 6.82
CA GLU A 32 -3.08 13.57 6.31
C GLU A 32 -3.40 13.44 4.82
N ASP A 33 -2.38 13.09 4.05
CA ASP A 33 -2.56 12.93 2.60
C ASP A 33 -2.59 11.46 2.23
N GLY A 34 -1.42 10.87 2.06
CA GLY A 34 -1.33 9.47 1.69
C GLY A 34 0.06 8.90 2.00
N CYS A 35 0.49 9.06 3.24
CA CYS A 35 1.80 8.57 3.65
C CYS A 35 1.65 7.34 4.53
N ILE A 36 2.42 6.30 4.22
CA ILE A 36 2.37 5.06 4.98
C ILE A 36 3.61 4.94 5.88
N SER A 37 3.40 5.12 7.18
CA SER A 37 4.50 5.03 8.13
C SER A 37 4.48 3.67 8.82
N THR A 38 5.60 3.33 9.43
CA THR A 38 5.73 2.04 10.13
C THR A 38 4.67 1.92 11.21
N LYS A 39 4.23 3.07 11.72
CA LYS A 39 3.22 3.10 12.77
C LYS A 39 1.82 3.00 12.20
N GLU A 40 1.68 3.42 10.94
CA GLU A 40 0.37 3.40 10.28
C GLU A 40 0.11 2.03 9.65
N LEU A 41 0.86 1.71 8.59
CA LEU A 41 0.69 0.44 7.90
C LEU A 41 0.34 -0.67 8.87
N GLY A 42 1.13 -0.79 9.94
CA GLY A 42 0.90 -1.82 10.94
C GLY A 42 -0.58 -1.87 11.33
N LYS A 43 -1.19 -0.70 11.41
CA LYS A 43 -2.60 -0.61 11.79
C LYS A 43 -3.47 -1.44 10.86
N VAL A 44 -3.28 -1.25 9.56
CA VAL A 44 -4.06 -1.99 8.56
C VAL A 44 -3.79 -3.49 8.67
N MET A 45 -2.51 -3.85 8.72
CA MET A 45 -2.12 -5.25 8.82
C MET A 45 -2.94 -5.95 9.90
N ARG A 46 -3.01 -5.32 11.07
CA ARG A 46 -3.75 -5.89 12.20
C ARG A 46 -5.25 -5.97 11.89
N MET A 47 -5.70 -5.15 10.94
CA MET A 47 -7.11 -5.13 10.57
C MET A 47 -7.43 -6.22 9.55
N LEU A 48 -6.45 -7.10 9.31
CA LEU A 48 -6.65 -8.18 8.35
C LEU A 48 -6.44 -9.53 9.04
N GLY A 49 -5.19 -9.83 9.35
CA GLY A 49 -4.86 -11.08 10.02
C GLY A 49 -3.36 -11.21 10.24
N GLN A 50 -2.71 -10.07 10.47
CA GLN A 50 -1.27 -10.05 10.70
C GLN A 50 -0.92 -9.10 11.84
N ASN A 51 0.04 -9.52 12.66
CA ASN A 51 0.48 -8.71 13.79
C ASN A 51 1.96 -8.41 13.68
N PRO A 52 2.31 -7.42 12.85
CA PRO A 52 3.72 -7.02 12.65
C PRO A 52 4.23 -6.12 13.77
N THR A 53 5.37 -5.49 13.52
CA THR A 53 5.97 -4.60 14.50
C THR A 53 6.50 -3.34 13.83
N PRO A 54 6.94 -2.37 14.62
CA PRO A 54 7.49 -1.11 14.09
C PRO A 54 8.91 -1.27 13.57
N GLU A 55 9.58 -2.31 14.05
CA GLU A 55 10.95 -2.59 13.62
C GLU A 55 10.93 -3.43 12.35
N GLU A 56 9.89 -4.24 12.22
CA GLU A 56 9.75 -5.11 11.05
C GLU A 56 8.99 -4.38 9.94
N LEU A 57 8.17 -3.41 10.36
CA LEU A 57 7.39 -2.64 9.40
C LEU A 57 8.25 -1.58 8.73
N GLN A 58 9.07 -0.90 9.53
CA GLN A 58 9.97 0.13 9.01
C GLN A 58 10.73 -0.40 7.80
N GLU A 59 11.32 -1.57 7.96
CA GLU A 59 12.08 -2.18 6.86
C GLU A 59 11.24 -2.18 5.59
N MET A 60 9.93 -2.31 5.76
CA MET A 60 9.01 -2.34 4.62
C MET A 60 9.05 -1.00 3.88
N ILE A 61 9.31 0.07 4.63
CA ILE A 61 9.37 1.40 4.03
C ILE A 61 10.71 1.57 3.31
N ASP A 62 11.76 0.99 3.90
CA ASP A 62 13.10 1.07 3.33
C ASP A 62 13.08 0.61 1.87
N GLU A 63 12.04 -0.16 1.51
CA GLU A 63 11.92 -0.65 0.14
C GLU A 63 11.44 0.46 -0.78
N VAL A 64 10.62 1.35 -0.24
CA VAL A 64 10.09 2.46 -1.02
C VAL A 64 10.72 3.78 -0.59
N ASP A 65 11.47 3.74 0.49
CA ASP A 65 12.12 4.94 1.01
C ASP A 65 13.37 5.26 0.19
N GLU A 66 13.19 5.37 -1.12
CA GLU A 66 14.31 5.69 -2.00
C GLU A 66 14.96 7.00 -1.57
N ASP A 67 14.13 7.90 -1.02
CA ASP A 67 14.63 9.19 -0.56
C ASP A 67 14.89 9.14 0.94
N GLY A 68 14.36 8.12 1.59
CA GLY A 68 14.54 7.96 3.03
C GLY A 68 13.55 8.83 3.81
N SER A 69 12.60 9.40 3.08
CA SER A 69 11.59 10.26 3.71
C SER A 69 11.06 9.60 4.99
N GLY A 70 11.09 8.27 5.02
CA GLY A 70 10.61 7.53 6.19
C GLY A 70 9.13 7.17 6.05
N THR A 71 8.51 7.66 4.98
CA THR A 71 7.10 7.39 4.74
C THR A 71 6.87 6.94 3.30
N VAL A 72 5.61 6.67 2.98
CA VAL A 72 5.26 6.22 1.63
C VAL A 72 4.10 7.06 1.09
N ASP A 73 4.44 8.06 0.27
CA ASP A 73 3.43 8.93 -0.32
C ASP A 73 2.45 8.12 -1.16
N PHE A 74 1.62 8.83 -1.92
CA PHE A 74 0.63 8.18 -2.78
C PHE A 74 1.29 7.67 -4.06
N ASP A 75 2.61 7.82 -4.16
CA ASP A 75 3.33 7.38 -5.34
C ASP A 75 4.06 6.06 -5.08
N GLU A 76 5.16 6.14 -4.33
CA GLU A 76 5.95 4.95 -4.03
C GLU A 76 5.03 3.77 -3.68
N PHE A 77 3.85 4.09 -3.18
CA PHE A 77 2.90 3.03 -2.81
C PHE A 77 2.60 2.13 -4.00
N LEU A 78 1.60 2.50 -4.80
CA LEU A 78 1.24 1.70 -5.97
C LEU A 78 2.47 1.12 -6.64
N VAL A 79 3.52 1.93 -6.72
CA VAL A 79 4.76 1.47 -7.35
C VAL A 79 5.35 0.28 -6.59
N MET A 80 5.42 0.40 -5.27
CA MET A 80 5.96 -0.68 -4.45
C MET A 80 5.19 -1.98 -4.69
N MET A 81 3.99 -1.84 -5.24
CA MET A 81 3.16 -3.01 -5.51
C MET A 81 3.58 -3.67 -6.82
N VAL A 82 3.87 -2.85 -7.82
CA VAL A 82 4.28 -3.36 -9.13
C VAL A 82 5.72 -3.83 -9.08
N ARG A 83 6.59 -3.01 -8.48
CA ARG A 83 8.00 -3.36 -8.38
C ARG A 83 8.17 -4.77 -7.79
N CYS A 84 7.32 -5.09 -6.81
CA CYS A 84 7.38 -6.40 -6.19
C CYS A 84 6.51 -7.40 -6.94
N MET A 85 5.50 -6.89 -7.64
CA MET A 85 4.61 -7.75 -8.41
C MET A 85 5.22 -8.10 -9.76
N LYS A 86 6.33 -7.43 -10.09
CA LYS A 86 7.00 -7.68 -11.36
C LYS A 86 8.41 -8.22 -11.12
N ASP A 87 9.00 -7.82 -10.00
CA ASP A 87 10.36 -8.28 -9.66
C ASP A 87 10.57 -8.23 -8.15
N ASP A 88 10.00 -9.20 -7.45
CA ASP A 88 10.13 -9.28 -6.00
C ASP A 88 11.61 -9.26 -5.61
N SER A 89 11.91 -8.59 -4.50
CA SER A 89 13.29 -8.51 -4.01
C SER A 89 14.16 -7.78 -5.03
N ARG B 1 4.96 -11.02 -2.25
CA ARG B 1 4.00 -10.27 -3.12
C ARG B 1 2.67 -10.15 -2.39
N ILE B 2 1.73 -9.47 -3.04
CA ILE B 2 0.40 -9.28 -2.44
C ILE B 2 -0.66 -9.22 -3.54
N SER B 3 -1.78 -9.90 -3.28
CA SER B 3 -2.88 -9.93 -4.25
C SER B 3 -3.97 -8.94 -3.85
N ALA B 4 -3.80 -8.32 -2.68
CA ALA B 4 -4.78 -7.35 -2.18
C ALA B 4 -5.88 -8.05 -1.39
N ASP B 5 -6.36 -9.16 -1.93
CA ASP B 5 -7.42 -9.92 -1.25
C ASP B 5 -7.17 -9.98 0.25
N ALA B 6 -5.92 -10.22 0.63
CA ALA B 6 -5.56 -10.31 2.04
C ALA B 6 -5.86 -8.99 2.75
N MET B 7 -5.71 -7.90 2.02
CA MET B 7 -5.96 -6.57 2.60
C MET B 7 -7.44 -6.23 2.56
N MET B 8 -8.14 -6.79 1.57
CA MET B 8 -9.57 -6.53 1.42
C MET B 8 -10.29 -6.63 2.76
N GLN B 9 -9.92 -7.64 3.54
CA GLN B 9 -10.54 -7.84 4.84
C GLN B 9 -10.74 -6.50 5.55
N ALA B 10 -9.73 -5.64 5.44
CA ALA B 10 -9.79 -4.32 6.06
C ALA B 10 -10.68 -3.39 5.24
N LEU B 11 -10.62 -3.57 3.92
CA LEU B 11 -11.43 -2.75 3.02
C LEU B 11 -12.90 -3.13 3.12
N LEU B 12 -13.18 -4.17 3.89
CA LEU B 12 -14.56 -4.63 4.06
C LEU B 12 -15.28 -3.79 5.11
N GLY B 13 -15.35 -2.48 4.85
CA GLY B 13 -16.01 -1.56 5.77
C GLY B 13 -16.02 -0.15 5.20
N ALA B 14 -16.42 0.81 6.04
CA ALA B 14 -16.47 2.21 5.59
C ALA B 14 -17.53 2.38 4.52
N ARG B 15 -18.78 2.57 4.95
CA ARG B 15 -19.88 2.75 4.00
C ARG B 15 -20.04 1.52 3.12
N ALA B 16 -19.66 0.37 3.67
CA ALA B 16 -19.77 -0.88 2.92
C ALA B 16 -21.23 -1.28 2.73
N LYS B 17 -21.83 -1.75 3.82
CA LYS B 17 -23.24 -2.16 3.77
C LYS B 17 -24.13 -1.06 4.33
CA CA C . 9.87 7.31 0.99
C1 BEP D . 5.75 -4.56 2.17
C2 BEP D . 4.59 -5.48 1.76
C3 BEP D . 3.23 -4.71 1.73
O1 BEP D . 6.98 -5.31 2.24
N2 BEP D . 4.51 -6.65 2.69
N3 BEP D . 3.14 -3.71 2.84
C4 BEP D . 7.53 -5.71 0.96
C5 BEP D . 9.02 -6.01 1.12
C6 BEP D . 9.64 -6.30 -0.25
C7 BEP D . 9.18 -7.24 2.03
C8 BEP D . 3.24 -7.42 2.73
C9 BEP D . 3.67 -8.89 2.91
C10 BEP D . 5.10 -8.80 3.44
C11 BEP D . 5.67 -7.57 2.76
C12 BEP D . 1.94 -3.74 3.71
C13 BEP D . 0.63 -4.29 3.08
C14 BEP D . -0.33 -4.89 3.90
C15 BEP D . -1.51 -5.39 3.34
C16 BEP D . -1.72 -5.29 1.95
C17 BEP D . -0.75 -4.71 1.13
C18 BEP D . 0.43 -4.20 1.70
C19 BEP D . 3.74 -2.38 2.59
C20 BEP D . 4.76 -1.92 3.43
C21 BEP D . 5.34 -0.66 3.21
C22 BEP D . 4.89 0.13 2.14
C23 BEP D . 3.88 -0.34 1.30
C24 BEP D . 3.30 -1.59 1.52
H11 BEP D . 5.51 -4.12 3.13
H12 BEP D . 5.83 -3.75 1.45
H21 BEP D . 4.79 -5.86 0.74
H31 BEP D . 2.41 -5.43 1.81
H32 BEP D . 3.13 -4.19 0.75
H41 BEP D . 7.03 -6.59 0.59
H42 BEP D . 7.41 -4.92 0.23
H51 BEP D . 9.51 -5.17 1.57
H61 BEP D . 10.62 -6.73 -0.12
H62 BEP D . 9.72 -5.38 -0.81
H63 BEP D . 9.01 -7.00 -0.79
H71 BEP D . 9.29 -6.93 3.05
H72 BEP D . 10.07 -7.80 1.72
H73 BEP D . 8.32 -7.88 1.93
H81 BEP D . 2.60 -7.08 3.57
H82 BEP D . 2.67 -7.29 1.78
H91 BEP D . 3.64 -9.41 1.96
H92 BEP D . 3.02 -9.38 3.62
H101 BEP D . 5.67 -9.69 3.19
H102 BEP D . 5.11 -8.69 4.52
H111 BEP D . 6.03 -7.79 1.74
H112 BEP D . 6.49 -7.10 3.33
H121 BEP D . 2.18 -4.33 4.62
H122 BEP D . 1.77 -2.70 4.07
H141 BEP D . -0.17 -4.95 4.96
H151 BEP D . -2.26 -5.85 3.97
H161 BEP D . -2.63 -5.69 1.51
H171 BEP D . -0.91 -4.64 0.06
H181 BEP D . 1.17 -3.74 1.07
H201 BEP D . 5.10 -2.53 4.26
H211 BEP D . 6.12 -0.30 3.85
H221 BEP D . 5.34 1.10 1.96
H231 BEP D . 3.53 0.27 0.47
H241 BEP D . 2.52 -1.96 0.87
N MET A 1 10.80 9.33 -16.99
CA MET A 1 12.01 8.48 -16.79
C MET A 1 11.58 7.04 -16.55
N ASP A 2 10.60 6.86 -15.66
CA ASP A 2 10.11 5.53 -15.34
C ASP A 2 8.68 5.35 -15.86
N ASP A 3 8.52 5.49 -17.17
CA ASP A 3 7.21 5.34 -17.79
C ASP A 3 6.84 3.87 -17.90
N ILE A 4 7.86 3.01 -17.81
CA ILE A 4 7.64 1.58 -17.90
C ILE A 4 6.58 1.12 -16.90
N TYR A 5 6.47 1.87 -15.81
CA TYR A 5 5.50 1.53 -14.76
C TYR A 5 4.14 2.17 -15.08
N LYS A 6 4.17 3.42 -15.51
CA LYS A 6 2.93 4.13 -15.84
C LYS A 6 2.00 3.20 -16.61
N ALA A 7 2.55 2.51 -17.61
CA ALA A 7 1.76 1.58 -18.41
C ALA A 7 1.29 0.43 -17.55
N ALA A 8 2.24 -0.23 -16.88
CA ALA A 8 1.91 -1.35 -16.01
C ALA A 8 0.74 -0.99 -15.11
N VAL A 9 0.78 0.22 -14.57
CA VAL A 9 -0.29 0.70 -13.70
C VAL A 9 -1.56 0.92 -14.51
N GLU A 10 -1.38 1.28 -15.78
CA GLU A 10 -2.50 1.51 -16.67
C GLU A 10 -2.90 0.22 -17.38
N GLN A 11 -2.40 -0.90 -16.86
CA GLN A 11 -2.70 -2.20 -17.45
C GLN A 11 -3.69 -2.97 -16.58
N LEU A 12 -3.48 -2.90 -15.27
CA LEU A 12 -4.36 -3.62 -14.34
C LEU A 12 -5.82 -3.47 -14.75
N THR A 13 -6.67 -4.28 -14.14
CA THR A 13 -8.10 -4.24 -14.44
C THR A 13 -8.83 -3.38 -13.42
N GLU A 14 -9.97 -2.85 -13.83
CA GLU A 14 -10.78 -2.01 -12.95
C GLU A 14 -10.89 -2.65 -11.56
N GLU A 15 -10.85 -3.98 -11.54
CA GLU A 15 -10.95 -4.70 -10.28
C GLU A 15 -9.80 -4.31 -9.35
N GLN A 16 -8.60 -4.80 -9.66
CA GLN A 16 -7.44 -4.46 -8.83
C GLN A 16 -7.36 -2.96 -8.63
N LYS A 17 -7.48 -2.22 -9.74
CA LYS A 17 -7.43 -0.76 -9.69
C LYS A 17 -8.44 -0.24 -8.66
N ASN A 18 -9.62 -0.82 -8.66
CA ASN A 18 -10.67 -0.41 -7.73
C ASN A 18 -10.31 -0.82 -6.31
N GLU A 19 -10.40 -2.13 -6.04
CA GLU A 19 -10.08 -2.65 -4.72
C GLU A 19 -8.88 -1.91 -4.14
N PHE A 20 -7.94 -1.56 -5.01
CA PHE A 20 -6.73 -0.86 -4.57
C PHE A 20 -7.11 0.52 -4.03
N LYS A 21 -7.65 1.36 -4.90
CA LYS A 21 -8.05 2.71 -4.49
C LYS A 21 -8.75 2.66 -3.14
N ALA A 22 -9.50 1.58 -2.93
CA ALA A 22 -10.21 1.40 -1.67
C ALA A 22 -9.23 1.12 -0.55
N ALA A 23 -8.36 0.14 -0.78
CA ALA A 23 -7.35 -0.22 0.22
C ALA A 23 -6.40 0.94 0.43
N PHE A 24 -6.25 1.77 -0.61
CA PHE A 24 -5.36 2.92 -0.52
C PHE A 24 -6.00 4.00 0.35
N ASP A 25 -7.32 3.93 0.49
CA ASP A 25 -8.04 4.89 1.31
C ASP A 25 -8.05 4.45 2.77
N ILE A 26 -7.23 3.45 3.07
CA ILE A 26 -7.15 2.94 4.44
C ILE A 26 -5.80 3.28 5.06
N PHE A 27 -4.73 2.95 4.35
CA PHE A 27 -3.38 3.23 4.85
C PHE A 27 -3.20 4.73 5.08
N VAL A 28 -4.06 5.51 4.44
CA VAL A 28 -4.00 6.96 4.59
C VAL A 28 -5.35 7.51 5.01
N LEU A 29 -6.16 6.64 5.61
CA LEU A 29 -7.48 7.04 6.07
C LEU A 29 -7.37 8.00 7.25
N GLY A 30 -7.82 9.23 7.05
CA GLY A 30 -7.75 10.24 8.10
C GLY A 30 -6.44 11.03 8.00
N ALA A 31 -5.49 10.47 7.24
CA ALA A 31 -4.19 11.13 7.08
C ALA A 31 -4.37 12.57 6.61
N GLU A 32 -3.25 13.24 6.36
CA GLU A 32 -3.28 14.63 5.91
C GLU A 32 -3.28 14.71 4.38
N ASP A 33 -2.62 13.75 3.76
CA ASP A 33 -2.54 13.72 2.29
C ASP A 33 -2.74 12.30 1.77
N GLY A 34 -1.64 11.56 1.69
CA GLY A 34 -1.70 10.18 1.20
C GLY A 34 -0.36 9.48 1.37
N CYS A 35 0.12 9.48 2.62
CA CYS A 35 1.40 8.84 2.92
C CYS A 35 1.19 7.65 3.83
N ILE A 36 2.17 6.73 3.85
CA ILE A 36 2.07 5.55 4.69
C ILE A 36 3.14 5.60 5.79
N SER A 37 2.81 6.25 6.90
CA SER A 37 3.73 6.35 8.01
C SER A 37 3.83 5.01 8.73
N THR A 38 5.05 4.60 9.04
CA THR A 38 5.27 3.33 9.72
C THR A 38 4.22 3.13 10.82
N LYS A 39 3.89 4.22 11.49
CA LYS A 39 2.90 4.16 12.57
C LYS A 39 1.48 4.10 12.01
N GLU A 40 1.29 4.72 10.85
CA GLU A 40 -0.04 4.72 10.22
C GLU A 40 -0.32 3.37 9.55
N LEU A 41 0.65 2.90 8.79
CA LEU A 41 0.51 1.62 8.10
C LEU A 41 -0.01 0.55 9.06
N GLY A 42 0.60 0.48 10.24
CA GLY A 42 0.18 -0.50 11.23
C GLY A 42 -1.34 -0.59 11.31
N LYS A 43 -2.00 0.51 10.96
CA LYS A 43 -3.45 0.57 11.00
C LYS A 43 -4.06 -0.45 10.04
N VAL A 44 -3.66 -0.38 8.78
CA VAL A 44 -4.17 -1.30 7.76
C VAL A 44 -3.82 -2.74 8.10
N MET A 45 -2.53 -3.03 8.08
CA MET A 45 -2.05 -4.39 8.37
C MET A 45 -2.84 -5.01 9.53
N ARG A 46 -2.90 -4.29 10.64
CA ARG A 46 -3.61 -4.80 11.82
C ARG A 46 -5.06 -5.15 11.50
N MET A 47 -5.59 -4.54 10.44
CA MET A 47 -6.97 -4.80 10.03
C MET A 47 -7.05 -6.00 9.10
N LEU A 48 -5.89 -6.44 8.62
CA LEU A 48 -5.84 -7.58 7.71
C LEU A 48 -5.51 -8.87 8.46
N GLY A 49 -5.15 -8.72 9.73
CA GLY A 49 -4.81 -9.88 10.56
C GLY A 49 -3.37 -9.81 11.05
N GLN A 50 -2.65 -8.78 10.59
CA GLN A 50 -1.26 -8.61 10.98
C GLN A 50 -1.08 -7.31 11.74
N ASN A 51 -0.64 -7.41 13.00
CA ASN A 51 -0.42 -6.23 13.82
C ASN A 51 1.06 -6.06 14.14
N PRO A 52 1.80 -5.44 13.21
CA PRO A 52 3.24 -5.21 13.38
C PRO A 52 3.53 -3.99 14.25
N THR A 53 4.82 -3.67 14.37
CA THR A 53 5.24 -2.52 15.18
C THR A 53 5.81 -1.43 14.28
N PRO A 54 6.15 -0.29 14.88
CA PRO A 54 6.71 0.86 14.13
C PRO A 54 8.19 0.65 13.79
N GLU A 55 8.81 -0.30 14.46
CA GLU A 55 10.22 -0.59 14.21
C GLU A 55 10.35 -1.57 13.05
N GLU A 56 9.37 -2.46 12.93
CA GLU A 56 9.38 -3.46 11.86
C GLU A 56 8.79 -2.87 10.59
N LEU A 57 7.63 -2.21 10.73
CA LEU A 57 6.97 -1.60 9.58
C LEU A 57 7.97 -0.80 8.76
N GLN A 58 8.66 0.12 9.42
CA GLN A 58 9.65 0.95 8.73
C GLN A 58 10.48 0.09 7.79
N GLU A 59 10.84 -1.11 8.24
CA GLU A 59 11.63 -2.02 7.42
C GLU A 59 10.97 -2.17 6.06
N MET A 60 9.63 -2.17 6.06
CA MET A 60 8.89 -2.31 4.82
C MET A 60 8.83 -0.97 4.10
N ILE A 61 9.06 0.10 4.85
CA ILE A 61 9.03 1.45 4.28
C ILE A 61 10.33 1.73 3.52
N ASP A 62 11.44 1.32 4.11
CA ASP A 62 12.75 1.53 3.48
C ASP A 62 12.65 1.36 1.98
N GLU A 63 12.11 0.21 1.55
CA GLU A 63 11.97 -0.07 0.13
C GLU A 63 11.51 1.18 -0.62
N VAL A 64 10.30 1.63 -0.29
CA VAL A 64 9.74 2.82 -0.92
C VAL A 64 10.44 4.08 -0.42
N ASP A 65 10.90 4.03 0.82
CA ASP A 65 11.59 5.18 1.41
C ASP A 65 13.00 5.31 0.81
N GLU A 66 13.05 5.56 -0.49
CA GLU A 66 14.33 5.70 -1.19
C GLU A 66 14.94 7.08 -0.92
N ASP A 67 14.17 7.96 -0.28
CA ASP A 67 14.66 9.30 0.01
C ASP A 67 14.70 9.53 1.52
N GLY A 68 14.54 8.46 2.29
CA GLY A 68 14.57 8.58 3.74
C GLY A 68 13.59 9.64 4.23
N SER A 69 12.50 9.81 3.48
CA SER A 69 11.48 10.80 3.84
C SER A 69 10.71 10.35 5.08
N GLY A 70 10.91 9.10 5.46
CA GLY A 70 10.21 8.55 6.62
C GLY A 70 8.71 8.44 6.36
N THR A 71 8.34 8.67 5.09
CA THR A 71 6.93 8.59 4.71
C THR A 71 6.81 8.08 3.28
N VAL A 72 5.68 7.45 2.99
CA VAL A 72 5.45 6.91 1.65
C VAL A 72 4.10 7.39 1.10
N ASP A 73 4.16 8.35 0.17
CA ASP A 73 2.93 8.87 -0.42
C ASP A 73 2.10 7.73 -1.01
N PHE A 74 1.03 8.09 -1.70
CA PHE A 74 0.16 7.07 -2.31
C PHE A 74 0.69 6.66 -3.68
N ASP A 75 1.88 7.17 -4.03
CA ASP A 75 2.47 6.86 -5.32
C ASP A 75 3.51 5.74 -5.18
N GLU A 76 4.67 6.11 -4.64
CA GLU A 76 5.74 5.13 -4.45
C GLU A 76 5.18 3.81 -3.93
N PHE A 77 4.06 3.91 -3.21
CA PHE A 77 3.43 2.71 -2.67
C PHE A 77 2.89 1.83 -3.79
N LEU A 78 1.97 2.39 -4.57
CA LEU A 78 1.38 1.65 -5.69
C LEU A 78 2.47 1.05 -6.55
N VAL A 79 3.45 1.88 -6.92
CA VAL A 79 4.55 1.41 -7.75
C VAL A 79 5.26 0.23 -7.10
N MET A 80 5.67 0.41 -5.85
CA MET A 80 6.36 -0.65 -5.12
C MET A 80 5.67 -1.99 -5.35
N MET A 81 4.34 -1.96 -5.32
CA MET A 81 3.55 -3.18 -5.52
C MET A 81 3.74 -3.71 -6.94
N VAL A 82 3.32 -2.91 -7.92
CA VAL A 82 3.44 -3.31 -9.32
C VAL A 82 4.80 -3.95 -9.60
N ARG A 83 5.79 -3.58 -8.80
CA ARG A 83 7.13 -4.14 -8.97
C ARG A 83 7.19 -5.57 -8.45
N CYS A 84 6.44 -5.84 -7.39
CA CYS A 84 6.42 -7.17 -6.79
C CYS A 84 5.41 -8.06 -7.52
N MET A 85 4.55 -7.44 -8.31
CA MET A 85 3.54 -8.18 -9.06
C MET A 85 4.20 -9.03 -10.14
N LYS A 86 5.24 -8.49 -10.76
CA LYS A 86 5.94 -9.22 -11.81
C LYS A 86 6.80 -10.32 -11.20
N ASP A 87 7.33 -10.07 -10.02
CA ASP A 87 8.17 -11.05 -9.33
C ASP A 87 8.34 -10.68 -7.86
N ASP A 88 7.89 -11.57 -6.98
CA ASP A 88 8.00 -11.33 -5.55
C ASP A 88 9.41 -11.66 -5.06
N SER A 89 10.00 -10.71 -4.33
CA SER A 89 11.34 -10.90 -3.80
C SER A 89 12.26 -11.50 -4.87
N ARG B 1 4.54 -10.88 1.34
CA ARG B 1 3.81 -11.45 0.17
C ARG B 1 2.52 -10.68 -0.05
N ILE B 2 2.52 -9.84 -1.07
CA ILE B 2 1.33 -9.04 -1.39
C ILE B 2 0.32 -9.88 -2.17
N SER B 3 -0.85 -10.10 -1.57
CA SER B 3 -1.88 -10.90 -2.21
C SER B 3 -3.09 -10.03 -2.56
N ALA B 4 -3.33 -9.01 -1.73
CA ALA B 4 -4.46 -8.10 -1.95
C ALA B 4 -5.73 -8.65 -1.32
N ASP B 5 -5.72 -9.94 -1.00
CA ASP B 5 -6.90 -10.56 -0.38
C ASP B 5 -7.01 -10.13 1.07
N ALA B 6 -5.94 -10.35 1.83
CA ALA B 6 -5.94 -9.97 3.25
C ALA B 6 -6.21 -8.48 3.40
N MET B 7 -5.87 -7.72 2.36
CA MET B 7 -6.08 -6.27 2.38
C MET B 7 -7.57 -5.95 2.38
N MET B 8 -8.28 -6.52 1.41
CA MET B 8 -9.73 -6.29 1.30
C MET B 8 -10.39 -6.36 2.68
N GLN B 9 -9.85 -7.23 3.53
CA GLN B 9 -10.39 -7.40 4.88
C GLN B 9 -10.56 -6.04 5.56
N ALA B 10 -9.58 -5.16 5.34
CA ALA B 10 -9.63 -3.82 5.93
C ALA B 10 -10.52 -2.90 5.10
N LEU B 11 -10.84 -3.35 3.90
CA LEU B 11 -11.68 -2.55 3.01
C LEU B 11 -13.16 -2.87 3.24
N LEU B 12 -13.60 -3.99 2.69
CA LEU B 12 -15.00 -4.40 2.85
C LEU B 12 -15.93 -3.33 2.26
N GLY B 13 -16.25 -2.33 3.09
CA GLY B 13 -17.13 -1.25 2.65
C GLY B 13 -16.90 0.00 3.48
N ALA B 14 -15.68 0.14 4.01
CA ALA B 14 -15.34 1.30 4.83
C ALA B 14 -16.15 1.29 6.13
N ARG B 15 -17.46 1.40 5.98
CA ARG B 15 -18.34 1.41 7.15
C ARG B 15 -19.39 0.32 7.03
N ALA B 16 -18.98 -0.84 6.53
CA ALA B 16 -19.89 -1.97 6.35
C ALA B 16 -20.35 -2.49 7.71
N LYS B 17 -19.38 -2.88 8.53
CA LYS B 17 -19.68 -3.40 9.87
C LYS B 17 -19.24 -2.40 10.93
CA CA C . 9.50 7.78 0.53
C1 BEP D . 5.35 -6.31 0.71
C2 BEP D . 4.37 -5.54 1.59
C3 BEP D . 4.75 -4.02 1.64
O1 BEP D . 5.02 -7.73 0.74
N2 BEP D . 4.34 -6.11 2.96
N3 BEP D . 3.65 -3.19 2.22
C4 BEP D . 5.73 -8.54 -0.22
C5 BEP D . 7.10 -8.92 0.33
C6 BEP D . 8.02 -7.70 0.28
C7 BEP D . 7.71 -10.05 -0.50
C8 BEP D . 3.16 -6.93 3.36
C9 BEP D . 3.72 -8.06 4.23
C10 BEP D . 5.10 -7.55 4.67
C11 BEP D . 5.58 -6.74 3.47
C12 BEP D . 2.26 -3.64 1.99
C13 BEP D . 1.13 -2.82 2.66
C14 BEP D . 0.22 -3.45 3.53
C15 BEP D . -0.80 -2.69 4.14
C16 BEP D . -0.91 -1.32 3.88
C17 BEP D . -0.01 -0.70 3.01
C18 BEP D . 1.02 -1.44 2.40
C19 BEP D . 3.88 -1.73 2.25
C20 BEP D . 3.99 -1.06 3.48
C21 BEP D . 4.21 0.32 3.50
C22 BEP D . 4.29 1.04 2.30
C23 BEP D . 4.17 0.37 1.07
C24 BEP D . 3.96 -1.01 1.05
H11 BEP D . 6.35 -6.15 1.06
H12 BEP D . 5.27 -5.94 -0.31
H21 BEP D . 3.35 -5.61 1.15
H31 BEP D . 4.98 -3.67 0.61
H32 BEP D . 5.67 -3.90 2.25
H41 BEP D . 5.17 -9.46 -0.42
H42 BEP D . 5.86 -8.01 -1.16
H51 BEP D . 6.99 -9.24 1.36
H61 BEP D . 9.02 -8.01 0.01
H62 BEP D . 8.04 -7.21 1.25
H63 BEP D . 7.64 -7.00 -0.46
H71 BEP D . 8.63 -10.37 -0.05
H72 BEP D . 7.90 -9.69 -1.50
H73 BEP D . 7.02 -10.88 -0.53
H81 BEP D . 2.44 -6.32 3.93
H82 BEP D . 2.64 -7.34 2.47
H91 BEP D . 3.82 -8.97 3.65
H92 BEP D . 3.09 -8.23 5.09
H101 BEP D . 5.77 -8.37 4.87
H102 BEP D . 5.02 -6.94 5.56
H111 BEP D . 6.04 -7.36 2.69
H112 BEP D . 6.32 -5.95 3.76
H121 BEP D . 2.09 -3.67 0.89
H122 BEP D . 2.19 -4.70 2.32
H141 BEP D . 0.30 -4.50 3.73
H151 BEP D . -1.50 -3.18 4.81
H161 BEP D . -1.69 -0.74 4.35
H171 BEP D . -0.08 0.36 2.81
H181 BEP D . 1.71 -0.96 1.73
H201 BEP D . 3.92 -1.61 4.41
H211 BEP D . 4.30 0.84 4.44
H221 BEP D . 4.45 2.11 2.32
H231 BEP D . 4.24 0.92 0.14
H241 BEP D . 3.87 -1.53 0.11
N MET A 1 13.75 4.58 -16.94
CA MET A 1 13.30 3.45 -17.79
C MET A 1 12.55 2.44 -16.92
N ASP A 2 11.37 2.84 -16.46
CA ASP A 2 10.56 1.97 -15.61
C ASP A 2 9.14 1.84 -16.18
N ASP A 3 9.06 1.68 -17.50
CA ASP A 3 7.76 1.55 -18.15
C ASP A 3 7.18 0.16 -17.92
N ILE A 4 8.05 -0.84 -17.90
CA ILE A 4 7.60 -2.22 -17.68
C ILE A 4 6.52 -2.24 -16.59
N TYR A 5 6.67 -1.34 -15.63
CA TYR A 5 5.71 -1.25 -14.53
C TYR A 5 4.48 -0.48 -14.98
N LYS A 6 4.72 0.61 -15.71
CA LYS A 6 3.64 1.44 -16.22
C LYS A 6 2.57 0.57 -16.87
N ALA A 7 3.02 -0.37 -17.70
CA ALA A 7 2.10 -1.27 -18.37
C ALA A 7 1.40 -2.17 -17.36
N ALA A 8 2.20 -2.80 -16.49
CA ALA A 8 1.65 -3.68 -15.47
C ALA A 8 0.63 -2.93 -14.62
N VAL A 9 0.85 -1.63 -14.49
CA VAL A 9 -0.05 -0.79 -13.70
C VAL A 9 -1.20 -0.28 -14.57
N GLU A 10 -0.94 -0.20 -15.87
CA GLU A 10 -1.97 0.27 -16.81
C GLU A 10 -2.84 -0.90 -17.24
N GLN A 11 -2.29 -2.09 -17.15
CA GLN A 11 -3.03 -3.31 -17.51
C GLN A 11 -4.26 -3.45 -16.64
N LEU A 12 -4.10 -3.14 -15.37
CA LEU A 12 -5.21 -3.24 -14.41
C LEU A 12 -6.40 -2.42 -14.87
N THR A 13 -7.60 -2.96 -14.64
CA THR A 13 -8.82 -2.27 -15.01
C THR A 13 -9.39 -1.53 -13.80
N GLU A 14 -10.44 -0.75 -14.02
CA GLU A 14 -11.06 0.01 -12.94
C GLU A 14 -11.56 -0.93 -11.85
N GLU A 15 -11.64 -2.21 -12.17
CA GLU A 15 -12.11 -3.21 -11.21
C GLU A 15 -11.12 -3.37 -10.06
N GLN A 16 -9.96 -3.96 -10.38
CA GLN A 16 -8.93 -4.17 -9.36
C GLN A 16 -8.46 -2.83 -8.80
N LYS A 17 -8.17 -1.89 -9.69
CA LYS A 17 -7.71 -0.57 -9.28
C LYS A 17 -8.43 -0.12 -8.00
N ASN A 18 -9.71 -0.43 -7.93
CA ASN A 18 -10.52 -0.05 -6.77
C ASN A 18 -9.94 -0.67 -5.50
N GLU A 19 -9.46 -1.89 -5.61
CA GLU A 19 -8.88 -2.59 -4.46
C GLU A 19 -7.85 -1.72 -3.76
N PHE A 20 -6.94 -1.16 -4.53
CA PHE A 20 -5.90 -0.30 -3.99
C PHE A 20 -6.49 1.00 -3.45
N LYS A 21 -7.45 1.54 -4.18
CA LYS A 21 -8.11 2.79 -3.77
C LYS A 21 -8.73 2.63 -2.38
N ALA A 22 -9.45 1.51 -2.19
CA ALA A 22 -10.08 1.25 -0.90
C ALA A 22 -9.02 1.26 0.20
N ALA A 23 -7.94 0.53 -0.03
CA ALA A 23 -6.87 0.46 0.95
C ALA A 23 -6.20 1.83 1.09
N PHE A 24 -6.25 2.61 0.01
CA PHE A 24 -5.67 3.94 0.01
C PHE A 24 -6.31 4.79 1.11
N ASP A 25 -7.56 4.47 1.42
CA ASP A 25 -8.30 5.19 2.45
C ASP A 25 -8.03 4.61 3.84
N ILE A 26 -7.15 3.63 3.90
CA ILE A 26 -6.83 3.01 5.19
C ILE A 26 -5.37 3.28 5.54
N PHE A 27 -4.52 3.31 4.51
CA PHE A 27 -3.10 3.58 4.71
C PHE A 27 -2.91 5.00 5.20
N VAL A 28 -3.54 5.94 4.50
CA VAL A 28 -3.45 7.35 4.86
C VAL A 28 -4.80 7.81 5.42
N LEU A 29 -5.51 6.89 6.05
CA LEU A 29 -6.82 7.21 6.63
C LEU A 29 -6.70 8.35 7.64
N GLY A 30 -5.47 8.61 8.06
CA GLY A 30 -5.21 9.67 9.03
C GLY A 30 -3.93 10.43 8.65
N ALA A 31 -3.70 10.53 7.34
CA ALA A 31 -2.52 11.22 6.84
C ALA A 31 -2.87 12.65 6.41
N GLU A 32 -1.83 13.42 6.11
CA GLU A 32 -2.01 14.81 5.69
C GLU A 32 -2.57 14.86 4.27
N ASP A 33 -1.97 14.09 3.37
CA ASP A 33 -2.41 14.06 1.98
C ASP A 33 -2.57 12.62 1.49
N GLY A 34 -1.46 12.00 1.12
CA GLY A 34 -1.49 10.63 0.64
C GLY A 34 -0.19 9.90 1.00
N CYS A 35 0.43 10.34 2.09
CA CYS A 35 1.68 9.71 2.53
C CYS A 35 1.41 8.74 3.67
N ILE A 36 2.09 7.60 3.61
CA ILE A 36 1.93 6.58 4.63
C ILE A 36 3.24 6.35 5.38
N SER A 37 3.17 6.43 6.71
CA SER A 37 4.35 6.23 7.54
C SER A 37 4.32 4.85 8.19
N THR A 38 5.30 4.58 9.05
CA THR A 38 5.37 3.29 9.73
C THR A 38 4.20 3.14 10.70
N LYS A 39 4.15 4.03 11.68
CA LYS A 39 3.08 3.99 12.68
C LYS A 39 1.72 4.18 12.00
N GLU A 40 1.70 5.01 10.96
CA GLU A 40 0.47 5.26 10.23
C GLU A 40 -0.02 4.00 9.54
N LEU A 41 0.93 3.21 9.04
CA LEU A 41 0.59 1.97 8.36
C LEU A 41 0.24 0.88 9.36
N GLY A 42 0.99 0.85 10.46
CA GLY A 42 0.76 -0.15 11.51
C GLY A 42 -0.74 -0.35 11.74
N LYS A 43 -1.50 0.72 11.53
CA LYS A 43 -2.95 0.65 11.72
C LYS A 43 -3.58 -0.32 10.74
N VAL A 44 -3.29 -0.11 9.45
CA VAL A 44 -3.84 -0.98 8.41
C VAL A 44 -3.49 -2.44 8.69
N MET A 45 -2.19 -2.70 8.83
CA MET A 45 -1.74 -4.07 9.11
C MET A 45 -2.49 -4.65 10.29
N ARG A 46 -2.55 -3.89 11.38
CA ARG A 46 -3.24 -4.34 12.58
C ARG A 46 -4.66 -4.78 12.25
N MET A 47 -5.32 -4.03 11.37
CA MET A 47 -6.68 -4.35 10.97
C MET A 47 -6.72 -5.71 10.28
N LEU A 48 -5.89 -5.86 9.25
CA LEU A 48 -5.84 -7.11 8.51
C LEU A 48 -5.82 -8.30 9.46
N GLY A 49 -4.65 -8.64 9.96
CA GLY A 49 -4.51 -9.76 10.88
C GLY A 49 -3.07 -9.94 11.33
N GLN A 50 -2.39 -8.82 11.54
CA GLN A 50 -0.99 -8.87 11.97
C GLN A 50 -0.70 -7.72 12.95
N ASN A 51 0.53 -7.70 13.46
CA ASN A 51 0.92 -6.66 14.40
C ASN A 51 2.38 -6.26 14.18
N PRO A 52 2.62 -5.41 13.20
CA PRO A 52 3.98 -4.94 12.87
C PRO A 52 4.45 -3.82 13.78
N THR A 53 5.74 -3.85 14.12
CA THR A 53 6.31 -2.83 15.00
C THR A 53 6.78 -1.63 14.17
N PRO A 54 7.38 -0.63 14.82
CA PRO A 54 7.87 0.56 14.12
C PRO A 54 9.23 0.34 13.46
N GLU A 55 9.91 -0.72 13.89
CA GLU A 55 11.23 -1.04 13.33
C GLU A 55 11.07 -1.90 12.08
N GLU A 56 10.06 -2.75 12.07
CA GLU A 56 9.82 -3.62 10.92
C GLU A 56 9.07 -2.88 9.83
N LEU A 57 8.18 -1.97 10.25
CA LEU A 57 7.39 -1.21 9.28
C LEU A 57 8.29 -0.32 8.43
N GLN A 58 9.23 0.36 9.09
CA GLN A 58 10.16 1.24 8.38
C GLN A 58 10.75 0.53 7.18
N GLU A 59 11.05 -0.75 7.35
CA GLU A 59 11.63 -1.55 6.26
C GLU A 59 10.74 -1.49 5.02
N MET A 60 9.43 -1.31 5.24
CA MET A 60 8.49 -1.23 4.14
C MET A 60 8.63 0.11 3.43
N ILE A 61 8.76 1.17 4.22
CA ILE A 61 8.92 2.50 3.67
C ILE A 61 10.28 2.63 2.98
N ASP A 62 11.32 2.10 3.63
CA ASP A 62 12.67 2.16 3.08
C ASP A 62 12.67 1.68 1.63
N GLU A 63 11.76 0.76 1.32
CA GLU A 63 11.67 0.22 -0.04
C GLU A 63 11.09 1.26 -0.99
N VAL A 64 10.09 1.98 -0.52
CA VAL A 64 9.44 3.00 -1.34
C VAL A 64 10.12 4.37 -1.15
N ASP A 65 10.88 4.49 -0.07
CA ASP A 65 11.58 5.73 0.22
C ASP A 65 12.84 5.88 -0.64
N GLU A 66 12.65 5.76 -1.95
CA GLU A 66 13.77 5.89 -2.88
C GLU A 66 14.24 7.33 -2.94
N ASP A 67 13.29 8.25 -2.80
CA ASP A 67 13.60 9.67 -2.84
C ASP A 67 13.97 10.17 -1.45
N GLY A 68 13.62 9.37 -0.44
CA GLY A 68 13.93 9.73 0.94
C GLY A 68 12.92 10.75 1.48
N SER A 69 11.66 10.56 1.11
CA SER A 69 10.60 11.46 1.56
C SER A 69 10.21 11.16 3.00
N GLY A 70 10.53 9.95 3.44
CA GLY A 70 10.20 9.52 4.79
C GLY A 70 8.78 8.99 4.88
N THR A 71 8.15 8.85 3.72
CA THR A 71 6.76 8.34 3.68
C THR A 71 6.48 7.69 2.33
N VAL A 72 5.21 7.39 2.10
CA VAL A 72 4.79 6.75 0.85
C VAL A 72 3.57 7.47 0.28
N ASP A 73 3.81 8.28 -0.75
CA ASP A 73 2.73 9.03 -1.39
C ASP A 73 1.81 8.10 -2.17
N PHE A 74 1.01 8.68 -3.06
CA PHE A 74 0.08 7.89 -3.87
C PHE A 74 0.79 7.28 -5.09
N ASP A 75 2.09 7.47 -5.16
CA ASP A 75 2.87 6.94 -6.27
C ASP A 75 3.61 5.67 -5.86
N GLU A 76 4.78 5.85 -5.25
CA GLU A 76 5.59 4.71 -4.83
C GLU A 76 4.73 3.62 -4.19
N PHE A 77 3.60 4.03 -3.62
CA PHE A 77 2.70 3.08 -2.97
C PHE A 77 2.25 2.00 -3.96
N LEU A 78 1.44 2.42 -4.93
CA LEU A 78 0.94 1.49 -5.94
C LEU A 78 2.06 0.57 -6.43
N VAL A 79 3.01 1.15 -7.16
CA VAL A 79 4.13 0.37 -7.69
C VAL A 79 4.60 -0.65 -6.66
N MET A 80 4.80 -0.18 -5.42
CA MET A 80 5.25 -1.07 -4.36
C MET A 80 4.44 -2.36 -4.35
N MET A 81 3.18 -2.24 -4.75
CA MET A 81 2.30 -3.41 -4.79
C MET A 81 2.57 -4.24 -6.04
N VAL A 82 2.98 -3.57 -7.10
CA VAL A 82 3.27 -4.24 -8.36
C VAL A 82 4.72 -4.73 -8.38
N ARG A 83 5.49 -4.32 -7.38
CA ARG A 83 6.90 -4.72 -7.30
C ARG A 83 7.03 -6.10 -6.69
N CYS A 84 6.40 -6.30 -5.53
CA CYS A 84 6.46 -7.59 -4.84
C CYS A 84 5.67 -8.65 -5.59
N MET A 85 4.57 -8.22 -6.21
CA MET A 85 3.73 -9.15 -6.96
C MET A 85 4.37 -9.50 -8.31
N LYS A 86 5.45 -8.80 -8.64
CA LYS A 86 6.14 -9.05 -9.90
C LYS A 86 7.41 -9.86 -9.64
N ASP A 87 8.09 -9.54 -8.54
CA ASP A 87 9.33 -10.25 -8.19
C ASP A 87 9.44 -10.41 -6.68
N ASP A 88 8.51 -11.16 -6.11
CA ASP A 88 8.50 -11.38 -4.67
C ASP A 88 9.92 -11.62 -4.16
N SER A 89 10.09 -11.56 -2.85
CA SER A 89 11.41 -11.77 -2.25
C SER A 89 11.27 -12.36 -0.85
N ARG B 1 1.82 -12.06 3.26
CA ARG B 1 2.17 -11.30 2.02
C ARG B 1 0.97 -10.47 1.58
N ILE B 2 1.01 -10.04 0.32
CA ILE B 2 -0.08 -9.24 -0.22
C ILE B 2 -0.80 -9.98 -1.33
N SER B 3 -2.03 -10.41 -1.04
CA SER B 3 -2.83 -11.14 -2.01
C SER B 3 -4.09 -10.35 -2.37
N ALA B 4 -4.10 -9.08 -1.99
CA ALA B 4 -5.25 -8.22 -2.27
C ALA B 4 -6.36 -8.45 -1.23
N ASP B 5 -6.73 -9.72 -1.05
CA ASP B 5 -7.77 -10.06 -0.09
C ASP B 5 -7.26 -9.84 1.33
N ALA B 6 -5.93 -9.86 1.48
CA ALA B 6 -5.33 -9.67 2.79
C ALA B 6 -5.77 -8.34 3.41
N MET B 7 -5.59 -7.26 2.65
CA MET B 7 -5.97 -5.94 3.13
C MET B 7 -7.47 -5.73 2.98
N MET B 8 -8.03 -6.26 1.89
CA MET B 8 -9.46 -6.12 1.64
C MET B 8 -10.26 -6.20 2.93
N GLN B 9 -9.76 -6.98 3.88
CA GLN B 9 -10.43 -7.14 5.16
C GLN B 9 -10.55 -5.80 5.88
N ALA B 10 -9.49 -5.00 5.81
CA ALA B 10 -9.48 -3.69 6.46
C ALA B 10 -10.20 -2.65 5.59
N LEU B 11 -10.22 -2.91 4.29
CA LEU B 11 -10.86 -1.99 3.36
C LEU B 11 -12.38 -2.07 3.50
N LEU B 12 -12.97 -3.12 2.92
CA LEU B 12 -14.41 -3.30 2.99
C LEU B 12 -15.13 -2.17 2.26
N GLY B 13 -14.38 -1.42 1.47
CA GLY B 13 -14.95 -0.31 0.73
C GLY B 13 -14.59 1.02 1.38
N ALA B 14 -14.15 0.94 2.63
CA ALA B 14 -13.77 2.14 3.37
C ALA B 14 -14.99 3.02 3.63
N ARG B 15 -16.08 2.38 4.05
CA ARG B 15 -17.31 3.10 4.33
C ARG B 15 -18.37 2.15 4.86
N ALA B 16 -18.90 1.31 3.97
CA ALA B 16 -19.93 0.35 4.35
C ALA B 16 -19.35 -0.70 5.30
N LYS B 17 -20.10 -0.99 6.36
CA LYS B 17 -19.66 -1.98 7.34
C LYS B 17 -19.91 -3.39 6.82
CA CA C . 9.43 7.84 -0.25
C1 BEP D . 4.87 -5.30 2.30
C2 BEP D . 3.41 -4.96 2.63
C3 BEP D . 3.29 -3.49 3.18
O1 BEP D . 4.92 -6.48 1.46
N2 BEP D . 2.85 -5.93 3.62
N3 BEP D . 2.75 -2.56 2.16
C4 BEP D . 5.96 -6.48 0.45
C5 BEP D . 7.32 -6.54 1.15
C6 BEP D . 7.83 -5.12 1.39
C7 BEP D . 8.32 -7.29 0.25
C8 BEP D . 1.38 -6.18 3.60
C9 BEP D . 1.22 -7.68 3.91
C10 BEP D . 2.56 -8.08 4.55
C11 BEP D . 3.58 -7.20 3.85
C12 BEP D . 1.39 -2.86 1.61
C13 BEP D . 0.29 -3.23 2.64
C14 BEP D . -0.69 -4.17 2.31
C15 BEP D . -1.68 -4.51 3.23
C16 BEP D . -1.69 -3.91 4.50
C17 BEP D . -0.72 -2.97 4.84
C18 BEP D . 0.28 -2.63 3.90
C19 BEP D . 3.09 -1.13 2.31
C20 BEP D . 3.81 -0.70 3.43
C21 BEP D . 4.13 0.65 3.58
C22 BEP D . 3.74 1.58 2.61
C23 BEP D . 3.02 1.15 1.49
C24 BEP D . 2.69 -0.21 1.34
H11 BEP D . 5.41 -5.47 3.23
H12 BEP D . 5.32 -4.46 1.79
H21 BEP D . 2.81 -5.01 1.70
H31 BEP D . 4.30 -3.14 3.50
H32 BEP D . 2.64 -3.50 4.08
H41 BEP D . 5.85 -7.33 -0.20
H42 BEP D . 5.91 -5.58 -0.14
H51 BEP D . 7.23 -7.06 2.08
H61 BEP D . 7.88 -4.93 2.46
H62 BEP D . 7.16 -4.41 0.93
H63 BEP D . 8.82 -5.01 0.96
H71 BEP D . 9.14 -7.65 0.84
H72 BEP D . 8.68 -6.62 -0.52
H73 BEP D . 7.81 -8.13 -0.21
H81 BEP D . 0.87 -5.56 4.37
H82 BEP D . 0.96 -5.93 2.61
H91 BEP D . 1.06 -8.23 2.98
H92 BEP D . 0.40 -7.84 4.59
H101 BEP D . 2.77 -9.13 4.40
H102 BEP D . 2.55 -7.89 5.61
H111 BEP D . 3.91 -7.63 2.88
H112 BEP D . 4.48 -7.02 4.47
H121 BEP D . 1.06 -1.97 1.03
H122 BEP D . 1.50 -3.67 0.87
H141 BEP D . -0.68 -4.65 1.33
H151 BEP D . -2.44 -5.25 2.97
H161 BEP D . -2.47 -4.18 5.20
H171 BEP D . -0.73 -2.51 5.81
H181 BEP D . 1.03 -1.90 4.16
H201 BEP D . 4.11 -1.41 4.18
H211 BEP D . 4.68 0.98 4.45
H221 BEP D . 3.98 2.62 2.73
H231 BEP D . 2.71 1.87 0.74
H241 BEP D . 2.14 -0.53 0.47
N MET A 1 9.12 3.71 -12.50
CA MET A 1 9.21 5.12 -12.96
C MET A 1 8.98 5.18 -14.47
N ASP A 2 9.75 4.37 -15.21
CA ASP A 2 9.62 4.33 -16.66
C ASP A 2 8.20 3.94 -17.06
N ASP A 3 8.05 3.52 -18.32
CA ASP A 3 6.74 3.14 -18.84
C ASP A 3 6.40 1.70 -18.44
N ILE A 4 7.42 0.85 -18.37
CA ILE A 4 7.22 -0.55 -18.02
C ILE A 4 6.26 -0.67 -16.84
N TYR A 5 6.32 0.31 -15.95
CA TYR A 5 5.45 0.32 -14.78
C TYR A 5 4.14 1.04 -15.10
N LYS A 6 4.23 2.07 -15.94
CA LYS A 6 3.04 2.82 -16.33
C LYS A 6 1.96 1.87 -16.82
N ALA A 7 2.35 0.93 -17.67
CA ALA A 7 1.41 -0.04 -18.21
C ALA A 7 0.87 -0.93 -17.08
N ALA A 8 1.78 -1.63 -16.42
CA ALA A 8 1.41 -2.51 -15.33
C ALA A 8 0.45 -1.80 -14.38
N VAL A 9 0.68 -0.50 -14.20
CA VAL A 9 -0.17 0.29 -13.32
C VAL A 9 -1.50 0.59 -14.01
N GLU A 10 -1.46 0.60 -15.35
CA GLU A 10 -2.66 0.87 -16.13
C GLU A 10 -3.40 -0.42 -16.40
N GLN A 11 -2.65 -1.52 -16.35
CA GLN A 11 -3.23 -2.85 -16.58
C GLN A 11 -4.31 -3.13 -15.56
N LEU A 12 -4.03 -2.80 -14.30
CA LEU A 12 -4.98 -3.04 -13.22
C LEU A 12 -6.35 -2.48 -13.60
N THR A 13 -7.33 -3.37 -13.74
CA THR A 13 -8.69 -2.96 -14.09
C THR A 13 -9.35 -2.23 -12.92
N GLU A 14 -10.41 -1.50 -13.23
CA GLU A 14 -11.14 -0.76 -12.19
C GLU A 14 -11.34 -1.63 -10.96
N GLU A 15 -11.37 -2.95 -11.19
CA GLU A 15 -11.57 -3.89 -10.08
C GLU A 15 -10.50 -3.71 -9.03
N GLN A 16 -9.26 -3.61 -9.47
CA GLN A 16 -8.15 -3.46 -8.53
C GLN A 16 -7.93 -1.98 -8.20
N LYS A 17 -8.09 -1.13 -9.20
CA LYS A 17 -7.91 0.30 -8.99
C LYS A 17 -8.79 0.81 -7.84
N ASN A 18 -10.01 0.29 -7.78
CA ASN A 18 -10.95 0.70 -6.74
C ASN A 18 -10.65 -0.01 -5.42
N GLU A 19 -10.91 -1.31 -5.39
CA GLU A 19 -10.68 -2.10 -4.17
C GLU A 19 -9.42 -1.62 -3.45
N PHE A 20 -8.39 -1.31 -4.23
CA PHE A 20 -7.14 -0.84 -3.64
C PHE A 20 -7.39 0.37 -2.75
N LYS A 21 -7.91 1.44 -3.35
CA LYS A 21 -8.20 2.65 -2.60
C LYS A 21 -8.76 2.32 -1.23
N ALA A 22 -9.62 1.31 -1.18
CA ALA A 22 -10.22 0.90 0.09
C ALA A 22 -9.17 0.79 1.17
N ALA A 23 -8.21 -0.11 0.96
CA ALA A 23 -7.13 -0.30 1.93
C ALA A 23 -6.20 0.91 1.94
N PHE A 24 -5.95 1.44 0.75
CA PHE A 24 -5.09 2.62 0.62
C PHE A 24 -5.68 3.77 1.44
N ASP A 25 -6.98 3.67 1.71
CA ASP A 25 -7.67 4.69 2.48
C ASP A 25 -7.58 4.39 3.98
N ILE A 26 -6.89 3.31 4.32
CA ILE A 26 -6.74 2.92 5.72
C ILE A 26 -5.32 3.21 6.20
N PHE A 27 -4.37 3.17 5.27
CA PHE A 27 -2.97 3.41 5.61
C PHE A 27 -2.77 4.85 6.03
N VAL A 28 -3.41 5.77 5.30
CA VAL A 28 -3.30 7.20 5.61
C VAL A 28 -4.62 7.73 6.15
N LEU A 29 -5.43 6.83 6.68
CA LEU A 29 -6.73 7.21 7.22
C LEU A 29 -6.57 8.20 8.39
N GLY A 30 -5.34 8.31 8.86
CA GLY A 30 -5.03 9.21 9.98
C GLY A 30 -3.74 9.96 9.72
N ALA A 31 -3.46 10.22 8.45
CA ALA A 31 -2.25 10.94 8.06
C ALA A 31 -2.54 12.42 7.87
N GLU A 32 -1.48 13.18 7.60
CA GLU A 32 -1.61 14.61 7.41
C GLU A 32 -1.83 14.94 5.93
N ASP A 33 -1.39 14.03 5.06
CA ASP A 33 -1.55 14.24 3.62
C ASP A 33 -2.07 12.97 2.95
N GLY A 34 -1.15 12.15 2.45
CA GLY A 34 -1.53 10.91 1.77
C GLY A 34 -0.36 9.93 1.73
N CYS A 35 0.54 10.06 2.70
CA CYS A 35 1.71 9.18 2.76
C CYS A 35 1.57 8.21 3.94
N ILE A 36 2.08 7.00 3.75
CA ILE A 36 2.00 5.99 4.79
C ILE A 36 3.24 6.04 5.69
N SER A 37 3.12 5.44 6.87
CA SER A 37 4.22 5.42 7.82
C SER A 37 4.36 4.04 8.43
N THR A 38 5.60 3.66 8.71
CA THR A 38 5.87 2.34 9.30
C THR A 38 4.81 2.00 10.33
N LYS A 39 4.59 2.91 11.28
CA LYS A 39 3.61 2.70 12.32
C LYS A 39 2.19 2.79 11.76
N GLU A 40 1.97 3.80 10.93
CA GLU A 40 0.66 4.00 10.32
C GLU A 40 0.26 2.79 9.48
N LEU A 41 1.26 2.08 8.98
CA LEU A 41 1.01 0.90 8.16
C LEU A 41 0.78 -0.33 9.03
N GLY A 42 1.44 -0.36 10.19
CA GLY A 42 1.30 -1.50 11.10
C GLY A 42 -0.13 -1.60 11.62
N LYS A 43 -0.80 -0.46 11.69
CA LYS A 43 -2.17 -0.41 12.18
C LYS A 43 -3.10 -1.23 11.27
N VAL A 44 -2.81 -1.20 9.97
CA VAL A 44 -3.60 -1.94 9.01
C VAL A 44 -3.26 -3.42 9.05
N MET A 45 -2.00 -3.74 8.75
CA MET A 45 -1.55 -5.12 8.74
C MET A 45 -2.12 -5.87 9.94
N ARG A 46 -2.32 -5.14 11.04
CA ARG A 46 -2.86 -5.75 12.26
C ARG A 46 -4.34 -6.10 12.06
N MET A 47 -5.05 -5.23 11.36
CA MET A 47 -6.47 -5.46 11.12
C MET A 47 -6.67 -6.68 10.22
N LEU A 48 -5.59 -7.09 9.56
CA LEU A 48 -5.65 -8.24 8.67
C LEU A 48 -5.27 -9.52 9.42
N GLY A 49 -4.41 -9.36 10.42
CA GLY A 49 -3.97 -10.50 11.20
C GLY A 49 -2.45 -10.44 11.44
N GLN A 50 -1.80 -9.53 10.72
CA GLN A 50 -0.34 -9.39 10.86
C GLN A 50 -0.02 -8.27 11.85
N ASN A 51 0.74 -8.61 12.89
CA ASN A 51 1.11 -7.64 13.90
C ASN A 51 2.62 -7.40 13.90
N PRO A 52 3.11 -6.60 12.94
CA PRO A 52 4.54 -6.29 12.83
C PRO A 52 4.98 -5.19 13.79
N THR A 53 6.12 -4.57 13.49
CA THR A 53 6.64 -3.50 14.34
C THR A 53 6.97 -2.27 13.49
N PRO A 54 7.39 -1.20 14.14
CA PRO A 54 7.75 0.06 13.45
C PRO A 54 9.13 0.00 12.82
N GLU A 55 9.99 -0.84 13.38
CA GLU A 55 11.34 -1.00 12.85
C GLU A 55 11.32 -1.95 11.66
N GLU A 56 10.40 -2.89 11.69
CA GLU A 56 10.26 -3.86 10.61
C GLU A 56 9.61 -3.21 9.40
N LEU A 57 8.49 -2.55 9.63
CA LEU A 57 7.77 -1.87 8.55
C LEU A 57 8.66 -0.82 7.91
N GLN A 58 9.52 -0.20 8.73
CA GLN A 58 10.43 0.82 8.24
C GLN A 58 11.17 0.32 7.01
N GLU A 59 11.69 -0.90 7.10
CA GLU A 59 12.42 -1.50 5.99
C GLU A 59 11.50 -1.63 4.79
N MET A 60 10.22 -1.85 5.05
CA MET A 60 9.23 -1.98 3.98
C MET A 60 9.02 -0.63 3.31
N ILE A 61 9.28 0.44 4.06
CA ILE A 61 9.10 1.79 3.53
C ILE A 61 10.28 2.16 2.63
N ASP A 62 11.49 1.98 3.15
CA ASP A 62 12.69 2.29 2.39
C ASP A 62 12.53 1.86 0.94
N GLU A 63 11.88 0.72 0.74
CA GLU A 63 11.67 0.18 -0.60
C GLU A 63 10.87 1.18 -1.44
N VAL A 64 9.76 1.65 -0.88
CA VAL A 64 8.91 2.61 -1.59
C VAL A 64 9.46 4.02 -1.46
N ASP A 65 10.10 4.28 -0.31
CA ASP A 65 10.66 5.61 -0.05
C ASP A 65 12.00 5.77 -0.76
N GLU A 66 11.94 6.14 -2.04
CA GLU A 66 13.16 6.35 -2.82
C GLU A 66 13.59 7.81 -2.75
N ASP A 67 12.66 8.67 -2.38
CA ASP A 67 12.94 10.10 -2.27
C ASP A 67 13.57 10.41 -0.90
N GLY A 68 13.21 9.59 0.09
CA GLY A 68 13.75 9.79 1.44
C GLY A 68 12.90 10.79 2.21
N SER A 69 11.58 10.65 2.10
CA SER A 69 10.66 11.55 2.79
C SER A 69 10.39 11.07 4.21
N GLY A 70 10.15 9.77 4.35
CA GLY A 70 9.87 9.19 5.65
C GLY A 70 8.58 8.38 5.61
N THR A 71 7.66 8.84 4.77
CA THR A 71 6.37 8.15 4.62
C THR A 71 6.24 7.61 3.20
N VAL A 72 5.03 7.14 2.86
CA VAL A 72 4.80 6.60 1.53
C VAL A 72 3.59 7.27 0.88
N ASP A 73 3.84 8.39 0.20
CA ASP A 73 2.77 9.12 -0.47
C ASP A 73 1.93 8.16 -1.32
N PHE A 74 0.94 8.71 -2.01
CA PHE A 74 0.06 7.89 -2.85
C PHE A 74 0.71 7.63 -4.21
N ASP A 75 1.96 8.06 -4.36
CA ASP A 75 2.67 7.86 -5.62
C ASP A 75 3.62 6.66 -5.53
N GLU A 76 4.05 6.34 -4.31
CA GLU A 76 4.96 5.21 -4.11
C GLU A 76 4.18 3.94 -3.78
N PHE A 77 3.23 4.07 -2.87
CA PHE A 77 2.43 2.91 -2.46
C PHE A 77 2.12 2.01 -3.65
N LEU A 78 1.14 2.44 -4.46
CA LEU A 78 0.73 1.66 -5.63
C LEU A 78 1.92 0.94 -6.26
N VAL A 79 2.78 1.72 -6.92
CA VAL A 79 3.96 1.15 -7.57
C VAL A 79 4.54 0.00 -6.76
N MET A 80 4.94 0.30 -5.52
CA MET A 80 5.52 -0.72 -4.65
C MET A 80 4.81 -2.05 -4.85
N MET A 81 3.51 -2.06 -4.59
CA MET A 81 2.71 -3.27 -4.75
C MET A 81 3.01 -3.91 -6.10
N VAL A 82 2.89 -3.10 -7.15
CA VAL A 82 3.13 -3.57 -8.50
C VAL A 82 4.55 -4.13 -8.66
N ARG A 83 5.44 -3.70 -7.77
CA ARG A 83 6.83 -4.15 -7.81
C ARG A 83 7.02 -5.47 -7.05
N CYS A 84 6.28 -5.63 -5.96
CA CYS A 84 6.38 -6.83 -5.14
C CYS A 84 5.49 -7.95 -5.67
N MET A 85 4.28 -7.60 -6.08
CA MET A 85 3.34 -8.60 -6.59
C MET A 85 3.75 -9.05 -7.99
N LYS A 86 4.83 -8.50 -8.51
CA LYS A 86 5.31 -8.87 -9.84
C LYS A 86 6.70 -9.50 -9.75
N ASP A 87 7.43 -9.13 -8.72
CA ASP A 87 8.78 -9.66 -8.53
C ASP A 87 9.19 -9.57 -7.05
N ASP A 88 8.41 -10.23 -6.20
CA ASP A 88 8.69 -10.22 -4.77
C ASP A 88 10.03 -10.91 -4.48
N SER A 89 10.84 -10.28 -3.62
CA SER A 89 12.14 -10.84 -3.27
C SER A 89 12.73 -10.11 -2.08
N ARG B 1 3.19 -11.21 -1.38
CA ARG B 1 2.39 -11.05 -2.63
C ARG B 1 0.98 -10.54 -2.28
N ILE B 2 0.89 -9.25 -2.00
CA ILE B 2 -0.40 -8.66 -1.65
C ILE B 2 -1.42 -8.89 -2.76
N SER B 3 -2.41 -9.74 -2.46
CA SER B 3 -3.45 -10.05 -3.45
C SER B 3 -4.61 -9.07 -3.31
N ALA B 4 -4.57 -8.24 -2.26
CA ALA B 4 -5.63 -7.26 -2.02
C ALA B 4 -6.78 -7.90 -1.26
N ASP B 5 -6.72 -9.21 -1.07
CA ASP B 5 -7.77 -9.92 -0.34
C ASP B 5 -7.52 -9.87 1.16
N ALA B 6 -6.26 -10.07 1.54
CA ALA B 6 -5.90 -10.05 2.97
C ALA B 6 -6.22 -8.69 3.58
N MET B 7 -6.08 -7.64 2.77
CA MET B 7 -6.35 -6.29 3.23
C MET B 7 -7.84 -5.96 3.10
N MET B 8 -8.53 -6.73 2.27
CA MET B 8 -9.96 -6.51 2.06
C MET B 8 -10.71 -6.57 3.39
N GLN B 9 -10.07 -7.13 4.40
CA GLN B 9 -10.70 -7.25 5.72
C GLN B 9 -10.57 -5.93 6.50
N ALA B 10 -9.51 -5.18 6.20
CA ALA B 10 -9.27 -3.91 6.89
C ALA B 10 -10.27 -2.85 6.42
N LEU B 11 -11.06 -3.18 5.41
CA LEU B 11 -12.05 -2.24 4.89
C LEU B 11 -13.25 -2.98 4.30
N LEU B 12 -13.59 -4.10 4.93
CA LEU B 12 -14.73 -4.89 4.46
C LEU B 12 -16.02 -4.35 5.07
N GLY B 13 -16.22 -3.04 4.94
CA GLY B 13 -17.42 -2.41 5.48
C GLY B 13 -17.05 -1.23 6.38
N ALA B 14 -17.33 -0.03 5.89
CA ALA B 14 -17.03 1.18 6.65
C ALA B 14 -17.62 2.41 5.94
N ARG B 15 -17.17 2.64 4.71
CA ARG B 15 -17.66 3.77 3.94
C ARG B 15 -18.31 3.30 2.64
N ALA B 16 -18.09 2.03 2.30
CA ALA B 16 -18.65 1.46 1.08
C ALA B 16 -18.44 -0.05 1.04
N LYS B 17 -18.72 -0.63 -0.12
CA LYS B 17 -18.56 -2.08 -0.29
C LYS B 17 -17.46 -2.37 -1.31
CA CA C . 8.86 7.96 0.28
C1 BEP D . 5.88 -4.10 1.84
C2 BEP D . 4.43 -4.53 1.62
C3 BEP D . 3.57 -4.30 2.91
O1 BEP D . 6.76 -5.17 1.44
N2 BEP D . 4.38 -5.96 1.19
N3 BEP D . 2.54 -3.26 2.72
C4 BEP D . 8.10 -4.75 1.04
C5 BEP D . 9.13 -5.72 1.65
C6 BEP D . 10.37 -5.76 0.76
C7 BEP D . 8.52 -7.12 1.74
C8 BEP D . 5.02 -6.35 -0.09
C9 BEP D . 5.64 -7.74 0.17
C10 BEP D . 4.89 -8.25 1.40
C11 BEP D . 4.63 -7.00 2.22
C12 BEP D . 1.35 -3.59 1.90
C13 BEP D . -0.02 -3.69 2.63
C14 BEP D . -0.69 -4.92 2.69
C15 BEP D . -1.92 -5.00 3.37
C16 BEP D . -2.47 -3.86 3.97
C17 BEP D . -1.78 -2.64 3.92
C18 BEP D . -0.56 -2.56 3.24
C19 BEP D . 3.02 -1.86 2.63
C20 BEP D . 2.17 -0.86 2.14
C21 BEP D . 2.63 0.47 2.06
C22 BEP D . 3.92 0.78 2.48
C23 BEP D . 4.77 -0.22 2.97
C24 BEP D . 4.32 -1.54 3.05
H11 BEP D . 6.02 -3.86 2.88
H12 BEP D . 6.08 -3.22 1.24
H21 BEP D . 3.99 -3.91 0.81
H31 BEP D . 4.26 -4.02 3.74
H32 BEP D . 3.10 -5.27 3.19
H41 BEP D . 8.18 -4.78 -0.04
H42 BEP D . 8.30 -3.75 1.39
H51 BEP D . 9.40 -5.38 2.63
H61 BEP D . 11.24 -5.92 1.37
H62 BEP D . 10.47 -4.82 0.23
H63 BEP D . 10.27 -6.56 0.03
H71 BEP D . 9.06 -7.70 2.47
H72 BEP D . 8.59 -7.61 0.78
H73 BEP D . 7.49 -7.05 2.03
H81 BEP D . 4.27 -6.39 -0.90
H82 BEP D . 5.80 -5.61 -0.36
H91 BEP D . 6.70 -7.64 0.36
H92 BEP D . 5.47 -8.38 -0.68
H101 BEP D . 5.50 -8.95 1.95
H102 BEP D . 3.97 -8.74 1.13
H111 BEP D . 5.50 -6.70 2.84
H112 BEP D . 3.75 -7.10 2.89
H121 BEP D . 1.28 -2.85 1.08
H122 BEP D . 1.56 -4.56 1.39
H141 BEP D . -0.27 -5.80 2.22
H151 BEP D . -2.45 -5.94 3.41
H161 BEP D . -3.40 -3.93 4.49
H171 BEP D . -2.20 -1.77 4.39
H181 BEP D . -0.03 -1.61 3.20
H201 BEP D . 1.17 -1.12 1.81
H211 BEP D . 1.98 1.23 1.68
H221 BEP D . 4.28 1.81 2.41
H231 BEP D . 5.77 0.03 3.30
H241 BEP D . 4.97 -2.31 3.44
N MET A 1 11.67 5.85 -18.26
CA MET A 1 11.90 6.01 -16.79
C MET A 1 10.57 6.25 -16.09
N ASP A 2 9.52 5.61 -16.59
CA ASP A 2 8.19 5.76 -16.01
C ASP A 2 7.14 5.05 -16.86
N ASP A 3 7.32 5.13 -18.17
CA ASP A 3 6.38 4.49 -19.10
C ASP A 3 6.18 3.02 -18.73
N ILE A 4 7.28 2.32 -18.51
CA ILE A 4 7.22 0.91 -18.15
C ILE A 4 6.20 0.69 -17.03
N TYR A 5 6.09 1.69 -16.16
CA TYR A 5 5.14 1.62 -15.05
C TYR A 5 3.78 2.15 -15.47
N LYS A 6 3.78 3.31 -16.13
CA LYS A 6 2.54 3.91 -16.60
C LYS A 6 1.61 2.83 -17.16
N ALA A 7 2.08 2.19 -18.23
CA ALA A 7 1.29 1.13 -18.87
C ALA A 7 0.83 0.11 -17.82
N ALA A 8 1.76 -0.27 -16.94
CA ALA A 8 1.43 -1.24 -15.89
C ALA A 8 0.34 -0.69 -15.00
N VAL A 9 0.45 0.60 -14.65
CA VAL A 9 -0.55 1.23 -13.80
C VAL A 9 -1.82 1.50 -14.59
N GLU A 10 -1.67 1.56 -15.92
CA GLU A 10 -2.81 1.80 -16.79
C GLU A 10 -3.52 0.48 -17.07
N GLN A 11 -2.75 -0.59 -17.08
CA GLN A 11 -3.29 -1.93 -17.34
C GLN A 11 -4.43 -2.22 -16.36
N LEU A 12 -4.18 -1.89 -15.09
CA LEU A 12 -5.18 -2.12 -14.06
C LEU A 12 -6.52 -1.49 -14.44
N THR A 13 -7.59 -2.26 -14.26
CA THR A 13 -8.93 -1.76 -14.60
C THR A 13 -9.56 -1.08 -13.39
N GLU A 14 -10.45 -0.13 -13.66
CA GLU A 14 -11.12 0.59 -12.59
C GLU A 14 -11.51 -0.34 -11.45
N GLU A 15 -11.75 -1.61 -11.80
CA GLU A 15 -12.13 -2.60 -10.80
C GLU A 15 -11.16 -2.59 -9.64
N GLN A 16 -9.88 -2.83 -9.95
CA GLN A 16 -8.86 -2.87 -8.91
C GLN A 16 -8.56 -1.45 -8.42
N LYS A 17 -8.44 -0.51 -9.36
CA LYS A 17 -8.17 0.88 -9.01
C LYS A 17 -8.94 1.27 -7.76
N ASN A 18 -10.20 0.85 -7.70
CA ASN A 18 -11.05 1.17 -6.55
C ASN A 18 -10.50 0.52 -5.28
N GLU A 19 -10.65 -0.80 -5.20
CA GLU A 19 -10.17 -1.53 -4.03
C GLU A 19 -8.84 -0.96 -3.55
N PHE A 20 -8.04 -0.50 -4.50
CA PHE A 20 -6.73 0.07 -4.17
C PHE A 20 -6.91 1.30 -3.30
N LYS A 21 -7.59 2.30 -3.84
CA LYS A 21 -7.84 3.53 -3.10
C LYS A 21 -8.43 3.22 -1.73
N ALA A 22 -9.22 2.15 -1.68
CA ALA A 22 -9.85 1.73 -0.43
C ALA A 22 -8.78 1.55 0.65
N ALA A 23 -7.88 0.60 0.42
CA ALA A 23 -6.81 0.36 1.37
C ALA A 23 -6.01 1.63 1.61
N PHE A 24 -6.12 2.56 0.66
CA PHE A 24 -5.43 3.83 0.76
C PHE A 24 -6.02 4.66 1.89
N ASP A 25 -7.32 4.48 2.10
CA ASP A 25 -8.02 5.21 3.15
C ASP A 25 -7.78 4.56 4.52
N ILE A 26 -7.00 3.48 4.52
CA ILE A 26 -6.69 2.78 5.77
C ILE A 26 -5.26 3.08 6.20
N PHE A 27 -4.35 3.09 5.22
CA PHE A 27 -2.94 3.35 5.50
C PHE A 27 -2.76 4.76 6.08
N VAL A 28 -3.28 5.75 5.38
CA VAL A 28 -3.19 7.13 5.84
C VAL A 28 -4.53 7.56 6.42
N LEU A 29 -5.27 6.57 6.92
CA LEU A 29 -6.58 6.83 7.51
C LEU A 29 -6.47 7.79 8.69
N GLY A 30 -5.25 8.00 9.15
CA GLY A 30 -5.00 8.90 10.28
C GLY A 30 -3.59 9.47 10.22
N ALA A 31 -3.11 9.70 9.00
CA ALA A 31 -1.77 10.25 8.81
C ALA A 31 -1.84 11.77 8.65
N GLU A 32 -0.68 12.40 8.80
CA GLU A 32 -0.60 13.86 8.67
C GLU A 32 -0.90 14.28 7.23
N ASP A 33 -0.22 13.64 6.29
CA ASP A 33 -0.42 13.95 4.87
C ASP A 33 -1.07 12.77 4.15
N GLY A 34 -0.23 11.84 3.70
CA GLY A 34 -0.74 10.66 2.99
C GLY A 34 0.38 9.67 2.72
N CYS A 35 1.36 9.63 3.64
CA CYS A 35 2.49 8.72 3.49
C CYS A 35 2.42 7.61 4.54
N ILE A 36 2.79 6.40 4.13
CA ILE A 36 2.77 5.27 5.04
C ILE A 36 4.13 5.06 5.68
N SER A 37 4.13 4.58 6.92
CA SER A 37 5.39 4.33 7.63
C SER A 37 5.40 2.92 8.20
N THR A 38 6.30 2.67 9.14
CA THR A 38 6.40 1.35 9.75
C THR A 38 5.26 1.12 10.75
N LYS A 39 4.93 2.17 11.50
CA LYS A 39 3.87 2.08 12.50
C LYS A 39 2.52 2.44 11.87
N GLU A 40 2.57 3.03 10.68
CA GLU A 40 1.35 3.44 9.99
C GLU A 40 0.78 2.27 9.19
N LEU A 41 1.61 1.26 8.95
CA LEU A 41 1.18 0.09 8.19
C LEU A 41 0.52 -0.93 9.12
N GLY A 42 1.21 -1.28 10.19
CA GLY A 42 0.70 -2.25 11.15
C GLY A 42 -0.80 -2.08 11.37
N LYS A 43 -1.24 -0.82 11.37
CA LYS A 43 -2.66 -0.53 11.58
C LYS A 43 -3.53 -1.28 10.59
N VAL A 44 -3.12 -1.27 9.32
CA VAL A 44 -3.87 -1.96 8.28
C VAL A 44 -3.65 -3.47 8.35
N MET A 45 -2.37 -3.86 8.39
CA MET A 45 -2.02 -5.28 8.44
C MET A 45 -2.91 -6.01 9.44
N ARG A 46 -3.00 -5.46 10.64
CA ARG A 46 -3.81 -6.08 11.69
C ARG A 46 -5.25 -6.28 11.22
N MET A 47 -5.65 -5.50 10.22
CA MET A 47 -7.01 -5.60 9.69
C MET A 47 -7.10 -6.67 8.60
N LEU A 48 -6.00 -7.41 8.42
CA LEU A 48 -5.97 -8.46 7.41
C LEU A 48 -5.54 -9.79 8.04
N GLY A 49 -5.63 -9.86 9.36
CA GLY A 49 -5.25 -11.07 10.08
C GLY A 49 -3.73 -11.16 10.22
N GLN A 50 -3.07 -10.02 10.04
CA GLN A 50 -1.62 -9.97 10.15
C GLN A 50 -1.19 -8.84 11.09
N ASN A 51 -0.57 -9.23 12.20
CA ASN A 51 -0.11 -8.24 13.18
C ASN A 51 1.41 -8.23 13.28
N PRO A 52 2.06 -7.47 12.41
CA PRO A 52 3.53 -7.36 12.37
C PRO A 52 4.07 -6.39 13.41
N THR A 53 5.34 -6.03 13.27
CA THR A 53 5.97 -5.09 14.19
C THR A 53 6.57 -3.92 13.44
N PRO A 54 7.00 -2.89 14.17
CA PRO A 54 7.60 -1.69 13.59
C PRO A 54 9.05 -1.93 13.16
N GLU A 55 9.62 -3.02 13.66
CA GLU A 55 11.00 -3.37 13.31
C GLU A 55 11.02 -4.07 11.96
N GLU A 56 10.03 -4.93 11.74
CA GLU A 56 9.94 -5.67 10.48
C GLU A 56 9.12 -4.86 9.48
N LEU A 57 8.29 -3.96 10.00
CA LEU A 57 7.45 -3.13 9.15
C LEU A 57 8.29 -2.04 8.48
N GLN A 58 9.44 -1.74 9.09
CA GLN A 58 10.34 -0.72 8.55
C GLN A 58 11.05 -1.26 7.32
N GLU A 59 11.25 -2.57 7.29
CA GLU A 59 11.92 -3.20 6.15
C GLU A 59 11.04 -3.11 4.91
N MET A 60 9.73 -3.04 5.13
CA MET A 60 8.78 -2.95 4.02
C MET A 60 8.95 -1.60 3.31
N ILE A 61 9.21 -0.56 4.09
CA ILE A 61 9.39 0.77 3.52
C ILE A 61 10.75 0.87 2.83
N ASP A 62 11.78 0.30 3.46
CA ASP A 62 13.12 0.35 2.88
C ASP A 62 13.07 -0.11 1.44
N GLU A 63 12.04 -0.89 1.11
CA GLU A 63 11.85 -1.40 -0.24
C GLU A 63 11.36 -0.29 -1.16
N VAL A 64 10.73 0.70 -0.55
CA VAL A 64 10.18 1.83 -1.29
C VAL A 64 10.85 3.13 -0.88
N ASP A 65 11.67 3.08 0.17
CA ASP A 65 12.36 4.28 0.64
C ASP A 65 13.67 4.47 -0.12
N GLU A 66 13.55 4.65 -1.43
CA GLU A 66 14.73 4.87 -2.27
C GLU A 66 15.28 6.27 -2.04
N ASP A 67 14.41 7.17 -1.58
CA ASP A 67 14.80 8.55 -1.32
C ASP A 67 15.21 8.72 0.13
N GLY A 68 14.79 7.75 0.96
CA GLY A 68 15.12 7.80 2.38
C GLY A 68 14.18 8.74 3.13
N SER A 69 12.96 8.85 2.63
CA SER A 69 11.97 9.72 3.26
C SER A 69 11.50 9.13 4.58
N GLY A 70 11.37 7.81 4.61
CA GLY A 70 10.94 7.12 5.83
C GLY A 70 9.48 6.69 5.72
N THR A 71 8.81 7.14 4.67
CA THR A 71 7.40 6.80 4.47
C THR A 71 7.10 6.61 2.99
N VAL A 72 5.82 6.39 2.68
CA VAL A 72 5.39 6.20 1.29
C VAL A 72 4.15 7.04 1.01
N ASP A 73 4.37 8.21 0.41
CA ASP A 73 3.25 9.11 0.08
C ASP A 73 2.22 8.41 -0.78
N PHE A 74 1.25 9.18 -1.26
CA PHE A 74 0.19 8.64 -2.11
C PHE A 74 0.67 8.43 -3.53
N ASP A 75 1.95 8.71 -3.77
CA ASP A 75 2.51 8.54 -5.10
C ASP A 75 3.36 7.27 -5.18
N GLU A 76 4.52 7.31 -4.53
CA GLU A 76 5.42 6.16 -4.53
C GLU A 76 4.70 4.91 -4.03
N PHE A 77 3.58 5.11 -3.34
CA PHE A 77 2.81 4.00 -2.81
C PHE A 77 2.40 3.05 -3.93
N LEU A 78 1.58 3.56 -4.85
CA LEU A 78 1.11 2.75 -5.96
C LEU A 78 2.27 2.01 -6.63
N VAL A 79 3.27 2.78 -7.07
CA VAL A 79 4.43 2.18 -7.73
C VAL A 79 5.08 1.14 -6.83
N MET A 80 5.27 1.49 -5.56
CA MET A 80 5.89 0.57 -4.61
C MET A 80 5.37 -0.85 -4.81
N MET A 81 4.05 -0.97 -4.93
CA MET A 81 3.44 -2.29 -5.13
C MET A 81 3.72 -2.80 -6.53
N VAL A 82 3.17 -2.10 -7.52
CA VAL A 82 3.36 -2.49 -8.91
C VAL A 82 4.78 -2.99 -9.15
N ARG A 83 5.73 -2.42 -8.43
CA ARG A 83 7.13 -2.81 -8.57
C ARG A 83 7.30 -4.30 -8.29
N CYS A 84 7.23 -4.68 -7.02
CA CYS A 84 7.39 -6.08 -6.64
C CYS A 84 6.21 -6.91 -7.15
N MET A 85 5.19 -6.23 -7.66
CA MET A 85 4.01 -6.91 -8.17
C MET A 85 4.36 -7.74 -9.40
N LYS A 86 5.33 -7.26 -10.17
CA LYS A 86 5.76 -7.97 -11.38
C LYS A 86 6.76 -9.07 -11.04
N ASP A 87 7.48 -8.88 -9.94
CA ASP A 87 8.47 -9.87 -9.52
C ASP A 87 8.87 -9.64 -8.06
N ASP A 88 8.17 -10.32 -7.15
CA ASP A 88 8.45 -10.19 -5.73
C ASP A 88 9.72 -10.97 -5.36
N SER A 89 10.47 -10.44 -4.41
CA SER A 89 11.70 -11.10 -3.97
C SER A 89 12.28 -10.39 -2.74
N ARG B 1 4.91 -11.98 -1.05
CA ARG B 1 3.66 -12.45 -1.71
C ARG B 1 2.55 -11.42 -1.47
N ILE B 2 2.57 -10.35 -2.27
CA ILE B 2 1.57 -9.31 -2.14
C ILE B 2 0.30 -9.67 -2.93
N SER B 3 -0.82 -9.70 -2.23
CA SER B 3 -2.10 -10.03 -2.87
C SER B 3 -3.15 -8.96 -2.56
N ALA B 4 -4.31 -9.10 -3.19
CA ALA B 4 -5.39 -8.15 -2.97
C ALA B 4 -6.52 -8.79 -2.17
N ASP B 5 -6.50 -10.11 -2.11
CA ASP B 5 -7.52 -10.85 -1.37
C ASP B 5 -7.65 -10.31 0.06
N ALA B 6 -6.51 -10.01 0.67
CA ALA B 6 -6.50 -9.47 2.03
C ALA B 6 -6.70 -7.96 2.00
N MET B 7 -6.15 -7.33 0.97
CA MET B 7 -6.26 -5.87 0.84
C MET B 7 -7.71 -5.42 0.98
N MET B 8 -8.64 -6.27 0.54
CA MET B 8 -10.06 -5.94 0.62
C MET B 8 -10.63 -6.30 1.99
N GLN B 9 -9.82 -6.97 2.81
CA GLN B 9 -10.27 -7.37 4.15
C GLN B 9 -10.34 -6.16 5.07
N ALA B 10 -9.34 -5.29 4.98
CA ALA B 10 -9.31 -4.10 5.82
C ALA B 10 -10.21 -2.99 5.28
N LEU B 11 -10.79 -3.25 4.11
CA LEU B 11 -11.68 -2.26 3.48
C LEU B 11 -13.09 -2.80 3.38
N LEU B 12 -13.20 -4.05 2.93
CA LEU B 12 -14.51 -4.69 2.79
C LEU B 12 -15.30 -4.58 4.08
N GLY B 13 -16.05 -3.49 4.22
CA GLY B 13 -16.86 -3.27 5.42
C GLY B 13 -16.30 -2.13 6.25
N ALA B 14 -15.80 -2.47 7.45
CA ALA B 14 -15.23 -1.46 8.34
C ALA B 14 -16.32 -0.52 8.85
N ARG B 15 -16.91 0.23 7.93
CA ARG B 15 -17.97 1.17 8.30
C ARG B 15 -19.33 0.48 8.30
N ALA B 16 -19.82 0.17 7.11
CA ALA B 16 -21.11 -0.49 6.98
C ALA B 16 -22.16 0.22 7.82
N LYS B 17 -22.28 1.54 7.61
CA LYS B 17 -23.25 2.34 8.33
C LYS B 17 -23.02 2.21 9.84
CA CA C . 9.97 6.98 0.30
C1 BEP D . 4.54 -4.35 1.14
C2 BEP D . 3.16 -5.00 1.27
C3 BEP D . 2.30 -4.26 2.35
O1 BEP D . 5.40 -5.17 0.30
N2 BEP D . 3.28 -6.45 1.59
N3 BEP D . 1.87 -2.91 1.89
C4 BEP D . 6.82 -5.00 0.53
C5 BEP D . 7.60 -5.64 -0.63
C6 BEP D . 8.56 -4.60 -1.22
C7 BEP D . 6.63 -6.11 -1.71
C8 BEP D . 4.63 -7.02 1.90
C9 BEP D . 4.40 -8.05 3.01
C10 BEP D . 2.90 -8.37 2.93
C11 BEP D . 2.28 -7.05 2.51
C12 BEP D . 0.42 -2.60 1.87
C13 BEP D . -0.55 -3.80 1.99
C14 BEP D . -0.87 -4.56 0.85
C15 BEP D . -1.75 -5.65 0.96
C16 BEP D . -2.30 -5.98 2.21
C17 BEP D . -1.98 -5.22 3.34
C18 BEP D . -1.10 -4.13 3.23
C19 BEP D . 2.78 -1.76 2.16
C20 BEP D . 3.81 -1.86 3.11
C21 BEP D . 4.66 -0.78 3.36
C22 BEP D . 4.47 0.42 2.66
C23 BEP D . 3.45 0.53 1.71
C24 BEP D . 2.61 -0.55 1.46
H11 BEP D . 4.97 -4.24 2.11
H12 BEP D . 4.42 -3.38 0.70
H21 BEP D . 2.62 -4.90 0.30
H31 BEP D . 2.90 -4.16 3.29
H32 BEP D . 1.41 -4.87 2.59
H41 BEP D . 7.07 -3.95 0.58
H42 BEP D . 7.12 -5.47 1.45
H51 BEP D . 8.16 -6.48 -0.26
H61 BEP D . 9.45 -5.10 -1.56
H62 BEP D . 8.82 -3.87 -0.46
H63 BEP D . 8.09 -4.10 -2.05
H71 BEP D . 7.12 -6.82 -2.35
H72 BEP D . 6.31 -5.26 -2.30
H73 BEP D . 5.77 -6.56 -1.25
H81 BEP D . 5.07 -7.50 1.00
H82 BEP D . 5.32 -6.22 2.25
H91 BEP D . 4.66 -7.64 3.98
H92 BEP D . 4.99 -8.94 2.83
H101 BEP D . 2.53 -8.70 3.89
H102 BEP D . 2.71 -9.14 2.20
H111 BEP D . 2.10 -6.38 3.38
H112 BEP D . 1.32 -7.18 1.98
H121 BEP D . 0.21 -1.88 2.69
H122 BEP D . 0.20 -2.04 0.93
H141 BEP D . -0.45 -4.31 -0.11
H151 BEP D . -1.99 -6.23 0.10
H161 BEP D . -2.97 -6.82 2.29
H171 BEP D . -2.41 -5.47 4.30
H181 BEP D . -0.86 -3.54 4.10
H201 BEP D . 3.96 -2.78 3.66
H211 BEP D . 5.45 -0.86 4.09
H221 BEP D . 5.12 1.27 2.85
H231 BEP D . 3.31 1.46 1.17
H241 BEP D . 1.81 -0.47 0.73
N MET A 1 10.74 10.10 -14.67
CA MET A 1 10.81 8.61 -14.60
C MET A 1 9.45 8.07 -14.18
N ASP A 2 9.40 6.77 -13.90
CA ASP A 2 8.15 6.14 -13.48
C ASP A 2 7.10 6.28 -14.57
N ASP A 3 7.55 6.26 -15.82
CA ASP A 3 6.65 6.37 -16.96
C ASP A 3 6.09 5.02 -17.34
N ILE A 4 6.99 4.05 -17.52
CA ILE A 4 6.60 2.70 -17.88
C ILE A 4 5.59 2.16 -16.88
N TYR A 5 5.57 2.75 -15.70
CA TYR A 5 4.65 2.33 -14.64
C TYR A 5 3.28 2.96 -14.87
N LYS A 6 3.27 4.14 -15.47
CA LYS A 6 2.02 4.85 -15.73
C LYS A 6 1.04 3.91 -16.43
N ALA A 7 1.54 3.14 -17.39
CA ALA A 7 0.71 2.20 -18.12
C ALA A 7 0.33 1.02 -17.22
N ALA A 8 1.33 0.44 -16.56
CA ALA A 8 1.08 -0.68 -15.66
C ALA A 8 0.08 -0.28 -14.59
N VAL A 9 0.08 1.02 -14.26
CA VAL A 9 -0.83 1.54 -13.26
C VAL A 9 -2.17 1.89 -13.90
N GLU A 10 -2.13 2.19 -15.20
CA GLU A 10 -3.35 2.53 -15.94
C GLU A 10 -4.06 1.26 -16.36
N GLN A 11 -3.29 0.18 -16.50
CA GLN A 11 -3.85 -1.11 -16.88
C GLN A 11 -4.95 -1.51 -15.91
N LEU A 12 -4.62 -1.42 -14.62
CA LEU A 12 -5.55 -1.78 -13.58
C LEU A 12 -6.89 -1.08 -13.78
N THR A 13 -7.91 -1.88 -14.08
CA THR A 13 -9.25 -1.35 -14.30
C THR A 13 -9.83 -0.78 -13.00
N GLU A 14 -11.02 -0.22 -13.10
CA GLU A 14 -11.68 0.36 -11.92
C GLU A 14 -12.09 -0.74 -10.94
N GLU A 15 -12.00 -1.99 -11.39
CA GLU A 15 -12.36 -3.12 -10.54
C GLU A 15 -11.28 -3.37 -9.49
N GLN A 16 -10.09 -3.74 -9.96
CA GLN A 16 -8.98 -4.01 -9.05
C GLN A 16 -8.63 -2.77 -8.25
N LYS A 17 -8.84 -1.60 -8.86
CA LYS A 17 -8.54 -0.33 -8.20
C LYS A 17 -9.44 -0.14 -6.99
N ASN A 18 -10.74 -0.02 -7.24
CA ASN A 18 -11.70 0.17 -6.16
C ASN A 18 -11.31 -0.69 -4.97
N GLU A 19 -11.38 -2.00 -5.14
CA GLU A 19 -11.03 -2.93 -4.08
C GLU A 19 -9.71 -2.51 -3.44
N PHE A 20 -8.82 -1.96 -4.26
CA PHE A 20 -7.51 -1.52 -3.77
C PHE A 20 -7.66 -0.23 -2.97
N LYS A 21 -8.18 0.80 -3.61
CA LYS A 21 -8.37 2.09 -2.95
C LYS A 21 -8.96 1.88 -1.56
N ALA A 22 -9.85 0.90 -1.45
CA ALA A 22 -10.48 0.61 -0.16
C ALA A 22 -9.41 0.44 0.91
N ALA A 23 -8.32 -0.21 0.54
CA ALA A 23 -7.23 -0.43 1.47
C ALA A 23 -6.51 0.89 1.75
N PHE A 24 -6.42 1.72 0.71
CA PHE A 24 -5.76 3.02 0.84
C PHE A 24 -6.33 3.77 2.04
N ASP A 25 -7.65 3.68 2.20
CA ASP A 25 -8.31 4.35 3.31
C ASP A 25 -7.79 3.80 4.63
N ILE A 26 -7.24 2.59 4.57
CA ILE A 26 -6.69 1.95 5.76
C ILE A 26 -5.18 2.18 5.82
N PHE A 27 -4.54 2.14 4.67
CA PHE A 27 -3.10 2.37 4.60
C PHE A 27 -2.78 3.72 5.25
N VAL A 28 -3.46 4.74 4.77
CA VAL A 28 -3.27 6.09 5.29
C VAL A 28 -4.44 6.48 6.18
N LEU A 29 -5.22 5.47 6.59
CA LEU A 29 -6.38 5.71 7.44
C LEU A 29 -6.04 6.77 8.49
N GLY A 30 -6.66 7.93 8.36
CA GLY A 30 -6.42 9.02 9.30
C GLY A 30 -5.06 9.66 9.06
N ALA A 31 -4.67 9.74 7.79
CA ALA A 31 -3.39 10.33 7.43
C ALA A 31 -3.56 11.79 7.05
N GLU A 32 -2.44 12.50 6.97
CA GLU A 32 -2.45 13.92 6.62
C GLU A 32 -2.83 14.10 5.16
N ASP A 33 -2.24 13.27 4.30
CA ASP A 33 -2.52 13.34 2.87
C ASP A 33 -2.96 11.98 2.34
N GLY A 34 -1.98 11.16 1.94
CA GLY A 34 -2.27 9.83 1.42
C GLY A 34 -1.02 8.97 1.40
N CYS A 35 -0.09 9.29 2.29
CA CYS A 35 1.17 8.53 2.36
C CYS A 35 1.08 7.47 3.47
N ILE A 36 1.97 6.49 3.39
CA ILE A 36 1.98 5.42 4.39
C ILE A 36 3.24 5.50 5.25
N SER A 37 3.11 5.12 6.51
CA SER A 37 4.23 5.14 7.43
C SER A 37 4.38 3.78 8.12
N THR A 38 5.49 3.62 8.84
CA THR A 38 5.74 2.36 9.54
C THR A 38 4.56 2.00 10.43
N LYS A 39 4.20 2.90 11.33
CA LYS A 39 3.09 2.66 12.25
C LYS A 39 1.76 2.65 11.49
N GLU A 40 1.59 3.62 10.59
CA GLU A 40 0.36 3.72 9.81
C GLU A 40 0.10 2.44 9.02
N LEU A 41 1.19 1.81 8.58
CA LEU A 41 1.07 0.56 7.80
C LEU A 41 0.66 -0.60 8.71
N GLY A 42 1.46 -0.83 9.75
CA GLY A 42 1.18 -1.91 10.69
C GLY A 42 -0.31 -1.99 11.00
N LYS A 43 -0.98 -0.83 10.96
CA LYS A 43 -2.41 -0.77 11.26
C LYS A 43 -3.20 -1.59 10.25
N VAL A 44 -2.82 -1.46 8.97
CA VAL A 44 -3.50 -2.20 7.91
C VAL A 44 -3.16 -3.69 7.99
N MET A 45 -1.87 -3.98 8.07
CA MET A 45 -1.41 -5.37 8.14
C MET A 45 -2.12 -6.10 9.28
N ARG A 46 -2.10 -5.50 10.47
CA ARG A 46 -2.75 -6.11 11.62
C ARG A 46 -4.21 -6.43 11.31
N MET A 47 -4.75 -5.72 10.32
CA MET A 47 -6.14 -5.92 9.93
C MET A 47 -6.25 -7.05 8.91
N LEU A 48 -5.13 -7.34 8.24
CA LEU A 48 -5.12 -8.39 7.23
C LEU A 48 -4.94 -9.76 7.88
N GLY A 49 -3.74 -10.01 8.39
CA GLY A 49 -3.45 -11.29 9.04
C GLY A 49 -2.00 -11.36 9.48
N GLN A 50 -1.46 -10.21 9.89
CA GLN A 50 -0.07 -10.16 10.34
C GLN A 50 0.11 -9.05 11.37
N ASN A 51 0.88 -9.34 12.42
CA ASN A 51 1.13 -8.36 13.47
C ASN A 51 2.60 -7.98 13.51
N PRO A 52 3.01 -7.06 12.63
CA PRO A 52 4.40 -6.60 12.55
C PRO A 52 4.71 -5.52 13.59
N THR A 53 5.86 -4.88 13.44
CA THR A 53 6.27 -3.83 14.37
C THR A 53 6.67 -2.57 13.61
N PRO A 54 6.91 -1.49 14.34
CA PRO A 54 7.30 -0.20 13.74
C PRO A 54 8.79 -0.17 13.35
N GLU A 55 9.56 -1.05 14.00
CA GLU A 55 11.00 -1.12 13.72
C GLU A 55 11.25 -2.06 12.54
N GLU A 56 10.31 -2.98 12.32
CA GLU A 56 10.42 -3.94 11.23
C GLU A 56 9.77 -3.38 9.97
N LEU A 57 8.59 -2.79 10.13
CA LEU A 57 7.88 -2.21 8.99
C LEU A 57 8.75 -1.17 8.30
N GLN A 58 9.42 -0.35 9.10
CA GLN A 58 10.28 0.69 8.55
C GLN A 58 11.10 0.15 7.39
N GLU A 59 11.42 -1.14 7.46
CA GLU A 59 12.21 -1.78 6.40
C GLU A 59 11.49 -1.69 5.07
N MET A 60 10.17 -1.59 5.12
CA MET A 60 9.37 -1.50 3.90
C MET A 60 9.49 -0.11 3.27
N ILE A 61 8.97 0.88 3.98
CA ILE A 61 9.02 2.26 3.49
C ILE A 61 10.39 2.55 2.85
N ASP A 62 11.43 2.01 3.46
CA ASP A 62 12.78 2.22 2.94
C ASP A 62 12.83 2.06 1.43
N GLU A 63 12.24 0.97 0.94
CA GLU A 63 12.22 0.70 -0.49
C GLU A 63 11.60 1.88 -1.24
N VAL A 64 10.36 2.19 -0.89
CA VAL A 64 9.64 3.29 -1.52
C VAL A 64 10.22 4.63 -1.10
N ASP A 65 11.12 4.60 -0.12
CA ASP A 65 11.74 5.83 0.36
C ASP A 65 13.06 6.09 -0.37
N GLU A 66 12.99 6.06 -1.71
CA GLU A 66 14.18 6.31 -2.51
C GLU A 66 14.47 7.80 -2.58
N ASP A 67 13.43 8.60 -2.32
CA ASP A 67 13.57 10.05 -2.35
C ASP A 67 13.65 10.59 -0.93
N GLY A 68 13.67 9.68 0.06
CA GLY A 68 13.74 10.08 1.46
C GLY A 68 12.51 10.89 1.86
N SER A 69 11.36 10.50 1.32
CA SER A 69 10.12 11.20 1.63
C SER A 69 9.70 10.93 3.07
N GLY A 70 10.15 9.80 3.60
CA GLY A 70 9.83 9.42 4.97
C GLY A 70 8.54 8.61 5.04
N THR A 71 7.79 8.62 3.94
CA THR A 71 6.53 7.88 3.88
C THR A 71 6.29 7.32 2.49
N VAL A 72 5.11 6.73 2.30
CA VAL A 72 4.76 6.16 1.00
C VAL A 72 3.47 6.80 0.47
N ASP A 73 3.64 7.87 -0.29
CA ASP A 73 2.50 8.58 -0.87
C ASP A 73 1.59 7.61 -1.62
N PHE A 74 0.59 8.17 -2.30
CA PHE A 74 -0.35 7.35 -3.06
C PHE A 74 0.27 6.90 -4.39
N ASP A 75 1.50 7.34 -4.64
CA ASP A 75 2.18 6.97 -5.88
C ASP A 75 3.09 5.77 -5.67
N GLU A 76 4.27 6.02 -5.11
CA GLU A 76 5.22 4.94 -4.86
C GLU A 76 4.53 3.71 -4.31
N PHE A 77 3.49 3.92 -3.51
CA PHE A 77 2.75 2.81 -2.93
C PHE A 77 2.38 1.79 -4.01
N LEU A 78 1.31 2.10 -4.76
CA LEU A 78 0.87 1.21 -5.82
C LEU A 78 2.06 0.66 -6.61
N VAL A 79 2.76 1.58 -7.28
CA VAL A 79 3.92 1.20 -8.08
C VAL A 79 4.73 0.11 -7.37
N MET A 80 5.21 0.43 -6.16
CA MET A 80 6.01 -0.53 -5.40
C MET A 80 5.50 -1.96 -5.60
N MET A 81 4.26 -2.19 -5.16
CA MET A 81 3.66 -3.52 -5.29
C MET A 81 3.87 -4.06 -6.70
N VAL A 82 3.45 -3.28 -7.69
CA VAL A 82 3.60 -3.69 -9.09
C VAL A 82 5.01 -4.17 -9.37
N ARG A 83 5.95 -3.71 -8.55
CA ARG A 83 7.35 -4.11 -8.73
C ARG A 83 7.58 -5.50 -8.15
N CYS A 84 7.24 -5.67 -6.87
CA CYS A 84 7.41 -6.95 -6.21
C CYS A 84 6.43 -7.97 -6.78
N MET A 85 5.23 -7.50 -7.10
CA MET A 85 4.20 -8.38 -7.65
C MET A 85 4.81 -9.32 -8.69
N LYS A 86 5.58 -8.75 -9.60
CA LYS A 86 6.22 -9.54 -10.65
C LYS A 86 7.43 -10.29 -10.09
N ASP A 87 7.19 -11.08 -9.05
CA ASP A 87 8.27 -11.85 -8.42
C ASP A 87 9.26 -10.91 -7.76
N ASP A 88 9.28 -10.94 -6.43
CA ASP A 88 10.21 -10.09 -5.68
C ASP A 88 11.65 -10.40 -6.04
N SER A 89 12.22 -9.55 -6.90
CA SER A 89 13.60 -9.73 -7.33
C SER A 89 13.96 -8.73 -8.42
N ARG B 1 2.58 -12.49 2.14
CA ARG B 1 2.79 -12.95 0.73
C ARG B 1 2.05 -12.02 -0.22
N ILE B 2 2.01 -10.73 0.15
CA ILE B 2 1.34 -9.73 -0.68
C ILE B 2 0.09 -10.29 -1.33
N SER B 3 -0.63 -11.14 -0.58
CA SER B 3 -1.86 -11.75 -1.08
C SER B 3 -2.92 -10.67 -1.29
N ALA B 4 -3.62 -10.75 -2.42
CA ALA B 4 -4.67 -9.79 -2.73
C ALA B 4 -5.90 -10.03 -1.86
N ASP B 5 -5.98 -11.22 -1.28
CA ASP B 5 -7.12 -11.56 -0.43
C ASP B 5 -6.92 -11.00 0.98
N ALA B 6 -5.68 -11.03 1.46
CA ALA B 6 -5.38 -10.54 2.80
C ALA B 6 -5.52 -9.02 2.84
N MET B 7 -5.31 -8.37 1.71
CA MET B 7 -5.40 -6.92 1.63
C MET B 7 -6.87 -6.47 1.67
N MET B 8 -7.76 -7.35 1.23
CA MET B 8 -9.18 -7.04 1.22
C MET B 8 -9.79 -7.22 2.61
N GLN B 9 -9.14 -8.04 3.43
CA GLN B 9 -9.63 -8.29 4.78
C GLN B 9 -9.98 -6.98 5.48
N ALA B 10 -9.01 -6.06 5.49
CA ALA B 10 -9.23 -4.76 6.13
C ALA B 10 -10.20 -3.92 5.31
N LEU B 11 -10.45 -4.35 4.09
CA LEU B 11 -11.36 -3.63 3.20
C LEU B 11 -12.78 -4.18 3.32
N LEU B 12 -13.16 -4.53 4.56
CA LEU B 12 -14.48 -5.08 4.81
C LEU B 12 -15.52 -3.96 4.87
N GLY B 13 -15.04 -2.71 4.91
CA GLY B 13 -15.95 -1.56 4.98
C GLY B 13 -15.36 -0.47 5.86
N ALA B 14 -15.36 0.76 5.34
CA ALA B 14 -14.83 1.90 6.09
C ALA B 14 -15.92 2.51 6.96
N ARG B 15 -16.99 2.97 6.31
CA ARG B 15 -18.11 3.58 7.03
C ARG B 15 -19.42 2.96 6.58
N ALA B 16 -19.33 1.83 5.90
CA ALA B 16 -20.53 1.14 5.41
C ALA B 16 -21.32 2.06 4.49
N LYS B 17 -21.36 1.71 3.21
CA LYS B 17 -22.09 2.51 2.23
C LYS B 17 -23.52 2.01 2.10
CA CA C . 9.06 8.06 -0.22
C1 BEP D . 6.55 -6.67 0.45
C2 BEP D . 5.29 -6.00 1.04
C3 BEP D . 5.40 -4.45 0.94
O1 BEP D . 7.71 -6.29 1.23
N2 BEP D . 5.05 -6.43 2.45
N3 BEP D . 4.16 -3.75 1.40
C4 BEP D . 8.68 -7.34 1.48
C5 BEP D . 9.97 -7.05 0.70
C6 BEP D . 11.06 -6.62 1.67
C7 BEP D . 9.71 -5.94 -0.32
C8 BEP D . 3.66 -6.52 2.93
C9 BEP D . 3.62 -7.75 3.86
C10 BEP D . 5.09 -7.98 4.22
C11 BEP D . 5.84 -7.58 2.98
C12 BEP D . 2.87 -4.19 0.80
C13 BEP D . 1.58 -3.97 1.64
C14 BEP D . 0.69 -5.03 1.84
C15 BEP D . -0.47 -4.83 2.60
C16 BEP D . -0.75 -3.58 3.16
C17 BEP D . 0.15 -2.52 2.96
C18 BEP D . 1.32 -2.71 2.20
C19 BEP D . 4.29 -2.29 1.63
C20 BEP D . 4.90 -1.82 2.80
C21 BEP D . 5.02 -0.44 3.01
C22 BEP D . 4.54 0.46 2.06
C23 BEP D . 3.93 -0.01 0.89
C24 BEP D . 3.81 -1.39 0.67
H11 BEP D . 6.66 -6.38 -0.58
H12 BEP D . 6.42 -7.75 0.49
H21 BEP D . 4.42 -6.32 0.42
H31 BEP D . 5.63 -4.17 -0.11
H32 BEP D . 6.26 -4.11 1.56
H41 BEP D . 8.90 -7.40 2.54
H42 BEP D . 8.28 -8.29 1.16
H51 BEP D . 10.28 -7.95 0.19
H61 BEP D . 10.75 -5.71 2.17
H62 BEP D . 11.97 -6.44 1.14
H63 BEP D . 11.22 -7.39 2.41
H71 BEP D . 9.18 -5.13 0.16
H72 BEP D . 9.12 -6.33 -1.14
H73 BEP D . 10.66 -5.58 -0.70
H81 BEP D . 3.38 -5.60 3.49
H82 BEP D . 2.95 -6.65 2.08
H91 BEP D . 3.20 -8.60 3.35
H92 BEP D . 3.04 -7.53 4.75
H101 BEP D . 5.26 -9.02 4.47
H102 BEP D . 5.38 -7.38 5.07
H111 BEP D . 5.88 -8.39 2.21
H112 BEP D . 6.89 -7.26 3.18
H121 BEP D . 2.76 -3.68 -0.18
H122 BEP D . 2.96 -5.26 0.56
H141 BEP D . 0.90 -5.99 1.41
H151 BEP D . -1.15 -5.66 2.76
H161 BEP D . -1.64 -3.43 3.74
H171 BEP D . -0.06 -1.54 3.39
H181 BEP D . 1.99 -1.89 2.04
H201 BEP D . 5.27 -2.52 3.53
H211 BEP D . 5.49 -0.08 3.92
H221 BEP D . 4.63 1.52 2.23
H231 BEP D . 3.56 0.69 0.15
H241 BEP D . 3.34 -1.75 -0.24
N MET A 1 14.51 7.30 -17.08
CA MET A 1 13.11 7.76 -17.23
C MET A 1 12.25 7.13 -16.15
N ASP A 2 10.95 7.42 -16.19
CA ASP A 2 10.03 6.86 -15.21
C ASP A 2 8.66 6.61 -15.84
N ASP A 3 8.66 6.39 -17.15
CA ASP A 3 7.42 6.14 -17.88
C ASP A 3 7.04 4.66 -17.79
N ILE A 4 8.05 3.81 -17.65
CA ILE A 4 7.83 2.38 -17.56
C ILE A 4 6.75 2.05 -16.53
N TYR A 5 6.60 2.94 -15.54
CA TYR A 5 5.60 2.74 -14.50
C TYR A 5 4.23 3.22 -14.96
N LYS A 6 4.21 4.41 -15.55
CA LYS A 6 2.95 4.98 -16.04
C LYS A 6 2.11 3.90 -16.69
N ALA A 7 2.61 3.37 -17.80
CA ALA A 7 1.89 2.31 -18.53
C ALA A 7 1.42 1.24 -17.56
N ALA A 8 2.30 0.83 -16.66
CA ALA A 8 1.97 -0.19 -15.68
C ALA A 8 0.79 0.27 -14.83
N VAL A 9 0.87 1.50 -14.34
CA VAL A 9 -0.20 2.06 -13.53
C VAL A 9 -1.46 2.23 -14.36
N GLU A 10 -1.28 2.22 -15.68
CA GLU A 10 -2.41 2.35 -16.59
C GLU A 10 -3.02 0.98 -16.87
N GLN A 11 -2.27 -0.06 -16.52
CA GLN A 11 -2.73 -1.43 -16.73
C GLN A 11 -3.76 -1.82 -15.69
N LEU A 12 -3.50 -1.43 -14.44
CA LEU A 12 -4.41 -1.75 -13.35
C LEU A 12 -5.86 -1.51 -13.76
N THR A 13 -6.65 -2.59 -13.73
CA THR A 13 -8.06 -2.48 -14.10
C THR A 13 -8.82 -1.69 -13.03
N GLU A 14 -10.04 -1.27 -13.38
CA GLU A 14 -10.86 -0.51 -12.46
C GLU A 14 -11.03 -1.25 -11.13
N GLU A 15 -11.32 -2.55 -11.24
CA GLU A 15 -11.51 -3.38 -10.06
C GLU A 15 -10.35 -3.20 -9.07
N GLN A 16 -9.22 -3.82 -9.39
CA GLN A 16 -8.05 -3.72 -8.51
C GLN A 16 -7.93 -2.31 -7.94
N LYS A 17 -8.17 -1.31 -8.79
CA LYS A 17 -8.09 0.08 -8.36
C LYS A 17 -9.00 0.32 -7.16
N ASN A 18 -10.20 -0.22 -7.23
CA ASN A 18 -11.17 -0.06 -6.14
C ASN A 18 -10.68 -0.78 -4.89
N GLU A 19 -10.68 -2.11 -4.94
CA GLU A 19 -10.25 -2.91 -3.80
C GLU A 19 -8.97 -2.33 -3.20
N PHE A 20 -8.18 -1.67 -4.04
CA PHE A 20 -6.93 -1.07 -3.59
C PHE A 20 -7.21 0.18 -2.75
N LYS A 21 -7.85 1.16 -3.38
CA LYS A 21 -8.16 2.41 -2.67
C LYS A 21 -8.63 2.11 -1.26
N ALA A 22 -9.61 1.23 -1.14
CA ALA A 22 -10.13 0.86 0.18
C ALA A 22 -8.98 0.74 1.18
N ALA A 23 -7.93 0.03 0.77
CA ALA A 23 -6.77 -0.14 1.63
C ALA A 23 -6.03 1.18 1.80
N PHE A 24 -6.01 1.98 0.75
CA PHE A 24 -5.34 3.28 0.80
C PHE A 24 -5.91 4.11 1.95
N ASP A 25 -7.15 3.78 2.32
CA ASP A 25 -7.81 4.49 3.41
C ASP A 25 -7.46 3.86 4.76
N ILE A 26 -6.65 2.80 4.71
CA ILE A 26 -6.24 2.12 5.94
C ILE A 26 -4.75 2.32 6.16
N PHE A 27 -4.00 2.38 5.07
CA PHE A 27 -2.55 2.56 5.14
C PHE A 27 -2.23 3.94 5.70
N VAL A 28 -3.23 4.83 5.68
CA VAL A 28 -3.04 6.18 6.19
C VAL A 28 -4.32 6.66 6.87
N LEU A 29 -5.11 5.72 7.37
CA LEU A 29 -6.36 6.04 8.04
C LEU A 29 -6.10 7.01 9.20
N GLY A 30 -6.72 8.19 9.13
CA GLY A 30 -6.54 9.20 10.16
C GLY A 30 -5.30 10.04 9.87
N ALA A 31 -4.51 9.61 8.90
CA ALA A 31 -3.30 10.32 8.52
C ALA A 31 -3.61 11.80 8.25
N GLU A 32 -2.62 12.50 7.71
CA GLU A 32 -2.78 13.92 7.39
C GLU A 32 -3.11 14.11 5.92
N ASP A 33 -2.61 13.20 5.09
CA ASP A 33 -2.86 13.28 3.64
C ASP A 33 -3.05 11.89 3.06
N GLY A 34 -1.94 11.21 2.79
CA GLY A 34 -2.00 9.87 2.22
C GLY A 34 -0.65 9.17 2.34
N CYS A 35 0.07 9.47 3.41
CA CYS A 35 1.38 8.86 3.63
C CYS A 35 1.25 7.60 4.47
N ILE A 36 2.06 6.60 4.14
CA ILE A 36 2.04 5.33 4.87
C ILE A 36 3.19 5.26 5.86
N SER A 37 3.07 5.98 6.96
CA SER A 37 4.12 5.96 7.98
C SER A 37 4.29 4.56 8.53
N THR A 38 5.53 4.17 8.76
CA THR A 38 5.83 2.85 9.29
C THR A 38 4.79 2.46 10.34
N LYS A 39 4.86 3.14 11.48
CA LYS A 39 3.92 2.87 12.57
C LYS A 39 2.48 2.84 12.04
N GLU A 40 2.22 3.65 11.02
CA GLU A 40 0.88 3.72 10.43
C GLU A 40 0.56 2.43 9.68
N LEU A 41 1.53 1.94 8.92
CA LEU A 41 1.34 0.73 8.15
C LEU A 41 1.20 -0.49 9.07
N GLY A 42 1.94 -0.47 10.17
CA GLY A 42 1.89 -1.57 11.13
C GLY A 42 0.45 -1.89 11.52
N LYS A 43 -0.44 -0.91 11.33
CA LYS A 43 -1.84 -1.09 11.66
C LYS A 43 -2.52 -2.01 10.65
N VAL A 44 -2.38 -1.66 9.38
CA VAL A 44 -2.99 -2.46 8.31
C VAL A 44 -2.55 -3.92 8.42
N MET A 45 -1.24 -4.15 8.41
CA MET A 45 -0.72 -5.50 8.52
C MET A 45 -1.55 -6.32 9.50
N ARG A 46 -1.65 -5.81 10.72
CA ARG A 46 -2.43 -6.47 11.76
C ARG A 46 -3.86 -6.73 11.28
N MET A 47 -4.40 -5.77 10.53
CA MET A 47 -5.76 -5.91 10.02
C MET A 47 -5.89 -7.14 9.12
N LEU A 48 -4.79 -7.51 8.47
CA LEU A 48 -4.79 -8.67 7.59
C LEU A 48 -4.48 -9.94 8.38
N GLY A 49 -3.70 -9.79 9.43
CA GLY A 49 -3.32 -10.93 10.27
C GLY A 49 -1.84 -10.89 10.63
N GLN A 50 -1.12 -9.95 10.01
CA GLN A 50 0.31 -9.80 10.28
C GLN A 50 0.54 -8.69 11.29
N ASN A 51 1.38 -8.96 12.28
CA ASN A 51 1.66 -7.97 13.31
C ASN A 51 3.15 -7.64 13.36
N PRO A 52 3.62 -6.84 12.40
CA PRO A 52 5.03 -6.42 12.33
C PRO A 52 5.31 -5.21 13.22
N THR A 53 6.59 -4.91 13.40
CA THR A 53 6.98 -3.77 14.23
C THR A 53 7.31 -2.57 13.34
N PRO A 54 7.65 -1.45 13.97
CA PRO A 54 8.00 -0.22 13.23
C PRO A 54 9.43 -0.25 12.71
N GLU A 55 10.21 -1.20 13.21
CA GLU A 55 11.59 -1.36 12.79
C GLU A 55 11.66 -2.11 11.46
N GLU A 56 10.81 -3.12 11.33
CA GLU A 56 10.76 -3.92 10.11
C GLU A 56 10.03 -3.15 9.01
N LEU A 57 8.85 -2.64 9.35
CA LEU A 57 8.05 -1.88 8.38
C LEU A 57 8.95 -0.91 7.62
N GLN A 58 9.68 -0.09 8.37
CA GLN A 58 10.58 0.88 7.75
C GLN A 58 11.28 0.24 6.57
N GLU A 59 11.82 -0.96 6.79
CA GLU A 59 12.51 -1.68 5.73
C GLU A 59 11.61 -1.76 4.50
N MET A 60 10.34 -2.04 4.72
CA MET A 60 9.38 -2.12 3.63
C MET A 60 9.15 -0.73 3.05
N ILE A 61 9.41 0.28 3.88
CA ILE A 61 9.23 1.66 3.44
C ILE A 61 10.38 2.07 2.51
N ASP A 62 11.56 1.56 2.81
CA ASP A 62 12.74 1.87 1.99
C ASP A 62 12.51 1.43 0.54
N GLU A 63 11.51 0.57 0.35
CA GLU A 63 11.20 0.07 -0.99
C GLU A 63 10.42 1.13 -1.77
N VAL A 64 9.75 2.01 -1.03
CA VAL A 64 8.97 3.07 -1.67
C VAL A 64 9.57 4.43 -1.35
N ASP A 65 10.30 4.50 -0.24
CA ASP A 65 10.93 5.74 0.19
C ASP A 65 12.20 6.00 -0.62
N GLU A 66 12.02 6.53 -1.84
CA GLU A 66 13.16 6.83 -2.70
C GLU A 66 13.67 8.24 -2.43
N ASP A 67 12.75 9.13 -2.07
CA ASP A 67 13.11 10.51 -1.79
C ASP A 67 13.53 10.68 -0.33
N GLY A 68 13.47 9.59 0.42
CA GLY A 68 13.84 9.63 1.84
C GLY A 68 12.98 10.62 2.60
N SER A 69 11.68 10.60 2.31
CA SER A 69 10.75 11.51 2.99
C SER A 69 10.21 10.87 4.27
N GLY A 70 10.55 9.60 4.48
CA GLY A 70 10.10 8.88 5.67
C GLY A 70 8.59 8.70 5.65
N THR A 71 8.04 8.60 4.45
CA THR A 71 6.59 8.42 4.30
C THR A 71 6.26 7.82 2.94
N VAL A 72 5.00 7.46 2.74
CA VAL A 72 4.58 6.87 1.47
C VAL A 72 3.38 7.62 0.90
N ASP A 73 3.66 8.69 0.16
CA ASP A 73 2.59 9.48 -0.45
C ASP A 73 1.69 8.58 -1.29
N PHE A 74 0.89 9.20 -2.15
CA PHE A 74 -0.01 8.44 -3.01
C PHE A 74 0.68 8.00 -4.29
N ASP A 75 1.98 8.29 -4.39
CA ASP A 75 2.74 7.91 -5.57
C ASP A 75 3.63 6.70 -5.31
N GLU A 76 4.49 6.83 -4.29
CA GLU A 76 5.41 5.75 -3.94
C GLU A 76 4.65 4.58 -3.31
N PHE A 77 3.37 4.80 -3.01
CA PHE A 77 2.56 3.75 -2.40
C PHE A 77 2.04 2.79 -3.47
N LEU A 78 1.12 3.27 -4.31
CA LEU A 78 0.55 2.44 -5.37
C LEU A 78 1.62 1.54 -5.98
N VAL A 79 2.56 2.17 -6.68
CA VAL A 79 3.64 1.45 -7.36
C VAL A 79 4.13 0.26 -6.52
N MET A 80 4.66 0.57 -5.34
CA MET A 80 5.20 -0.48 -4.46
C MET A 80 4.38 -1.76 -4.55
N MET A 81 3.07 -1.62 -4.72
CA MET A 81 2.20 -2.79 -4.82
C MET A 81 2.30 -3.44 -6.20
N VAL A 82 2.20 -2.61 -7.24
CA VAL A 82 2.28 -3.12 -8.61
C VAL A 82 3.68 -3.68 -8.89
N ARG A 83 4.67 -3.11 -8.23
CA ARG A 83 6.05 -3.55 -8.41
C ARG A 83 6.24 -4.99 -7.95
N CYS A 84 5.46 -5.39 -6.94
CA CYS A 84 5.56 -6.75 -6.42
C CYS A 84 4.67 -7.70 -7.22
N MET A 85 3.98 -7.16 -8.22
CA MET A 85 3.09 -7.97 -9.05
C MET A 85 3.91 -8.77 -10.06
N LYS A 86 4.97 -8.16 -10.58
CA LYS A 86 5.81 -8.82 -11.57
C LYS A 86 6.78 -9.78 -10.87
N ASP A 87 7.42 -9.30 -9.81
CA ASP A 87 8.39 -10.11 -9.07
C ASP A 87 7.92 -10.32 -7.63
N ASP A 88 6.77 -10.98 -7.49
CA ASP A 88 6.23 -11.24 -6.15
C ASP A 88 7.25 -11.98 -5.29
N SER A 89 6.90 -12.20 -4.03
CA SER A 89 7.78 -12.89 -3.09
C SER A 89 7.67 -14.40 -3.28
N ARG B 1 2.11 -13.45 -0.53
CA ARG B 1 0.78 -13.06 -0.01
C ARG B 1 0.56 -11.55 -0.20
N ILE B 2 0.95 -11.06 -1.38
CA ILE B 2 0.81 -9.65 -1.68
C ILE B 2 0.26 -9.48 -3.10
N SER B 3 -0.87 -8.80 -3.21
CA SER B 3 -1.48 -8.56 -4.52
C SER B 3 -2.84 -7.88 -4.36
N ALA B 4 -3.68 -8.44 -3.49
CA ALA B 4 -5.01 -7.87 -3.26
C ALA B 4 -5.74 -8.65 -2.17
N ASP B 5 -5.75 -9.97 -2.30
CA ASP B 5 -6.43 -10.82 -1.32
C ASP B 5 -6.14 -10.36 0.10
N ALA B 6 -4.86 -10.15 0.39
CA ALA B 6 -4.46 -9.71 1.73
C ALA B 6 -4.87 -8.26 1.97
N MET B 7 -5.23 -7.57 0.90
CA MET B 7 -5.64 -6.17 1.01
C MET B 7 -7.12 -6.06 1.37
N MET B 8 -7.96 -6.75 0.60
CA MET B 8 -9.40 -6.72 0.83
C MET B 8 -9.74 -7.21 2.25
N GLN B 9 -8.77 -7.84 2.90
CA GLN B 9 -8.98 -8.35 4.24
C GLN B 9 -9.14 -7.21 5.24
N ALA B 10 -8.40 -6.13 5.01
CA ALA B 10 -8.46 -4.98 5.91
C ALA B 10 -9.61 -4.03 5.55
N LEU B 11 -10.23 -4.28 4.39
CA LEU B 11 -11.33 -3.43 3.95
C LEU B 11 -12.21 -4.15 2.92
N LEU B 12 -12.88 -5.20 3.36
CA LEU B 12 -13.76 -5.96 2.47
C LEU B 12 -15.05 -5.19 2.20
N GLY B 13 -15.19 -4.04 2.85
CA GLY B 13 -16.38 -3.22 2.67
C GLY B 13 -16.37 -2.01 3.60
N ALA B 14 -15.69 -0.95 3.17
CA ALA B 14 -15.60 0.26 3.97
C ALA B 14 -16.95 0.60 4.60
N ARG B 15 -17.84 1.17 3.79
CA ARG B 15 -19.17 1.53 4.27
C ARG B 15 -20.13 0.37 4.09
N ALA B 16 -19.73 -0.81 4.56
CA ALA B 16 -20.57 -1.99 4.44
C ALA B 16 -21.57 -2.06 5.60
N LYS B 17 -22.85 -2.06 5.26
CA LYS B 17 -23.89 -2.12 6.28
C LYS B 17 -25.27 -2.04 5.62
CA CA C . 8.70 8.55 0.39
C1 BEP D . 6.07 -5.44 0.02
C2 BEP D . 4.71 -5.50 0.70
C3 BEP D . 4.54 -4.29 1.70
O1 BEP D . 6.93 -6.49 0.53
N2 BEP D . 4.53 -6.79 1.41
N3 BEP D . 3.55 -3.29 1.20
C4 BEP D . 8.25 -6.56 -0.05
C5 BEP D . 8.66 -8.03 -0.19
C6 BEP D . 10.01 -8.12 -0.91
C7 BEP D . 7.60 -8.79 -0.99
C8 BEP D . 3.38 -6.94 2.35
C9 BEP D . 2.88 -8.38 2.17
C10 BEP D . 4.07 -9.10 1.51
C11 BEP D . 4.69 -8.04 0.63
C12 BEP D . 2.12 -3.70 1.12
C13 BEP D . 1.34 -3.82 2.45
C14 BEP D . 1.92 -3.36 3.63
C15 BEP D . 1.22 -3.46 4.84
C16 BEP D . -0.05 -4.05 4.87
C17 BEP D . -0.63 -4.51 3.67
C18 BEP D . 0.07 -4.41 2.46
C19 BEP D . 3.81 -1.89 1.58
C20 BEP D . 3.14 -0.84 0.93
C21 BEP D . 3.38 0.48 1.28
C22 BEP D . 4.31 0.77 2.30
C23 BEP D . 4.98 -0.26 2.96
C24 BEP D . 4.73 -1.60 2.60
H11 BEP D . 6.52 -4.48 0.20
H12 BEP D . 5.95 -5.55 -1.04
H21 BEP D . 3.91 -5.40 -0.07
H31 BEP D . 5.52 -3.81 1.86
H32 BEP D . 4.20 -4.70 2.68
H41 BEP D . 8.24 -6.11 -1.04
H42 BEP D . 8.97 -6.05 0.56
H51 BEP D . 8.75 -8.47 0.80
H61 BEP D . 10.14 -7.23 -1.52
H62 BEP D . 10.02 -8.99 -1.55
H63 BEP D . 10.80 -8.19 -0.19
H71 BEP D . 6.75 -8.14 -1.17
H72 BEP D . 7.28 -9.66 -0.43
H73 BEP D . 8.01 -9.10 -1.94
H81 BEP D . 3.71 -6.75 3.39
H82 BEP D . 2.58 -6.20 2.09
H91 BEP D . 2.01 -8.40 1.53
H92 BEP D . 2.65 -8.82 3.12
H101 BEP D . 3.73 -9.94 0.92
H102 BEP D . 4.77 -9.47 2.25
H111 BEP D . 4.19 -7.94 -0.35
H112 BEP D . 5.77 -8.22 0.43
H121 BEP D . 1.61 -2.97 0.45
H122 BEP D . 2.09 -4.67 0.57
H141 BEP D . 2.91 -2.91 3.63
H151 BEP D . 1.66 -3.10 5.76
H161 BEP D . -0.59 -4.13 5.79
H171 BEP D . -1.61 -4.96 3.69
H181 BEP D . -0.37 -4.77 1.55
H201 BEP D . 2.43 -1.07 0.13
H211 BEP D . 2.87 1.29 0.79
H221 BEP D . 4.49 1.80 2.59
H231 BEP D . 5.69 -0.04 3.75
H241 BEP D . 5.25 -2.39 3.10
N MET A 1 9.69 10.95 -12.57
CA MET A 1 10.02 10.53 -13.95
C MET A 1 9.81 9.03 -14.09
N ASP A 2 8.57 8.60 -13.88
CA ASP A 2 8.23 7.17 -13.99
C ASP A 2 7.58 6.88 -15.33
N ASP A 3 8.37 6.98 -16.39
CA ASP A 3 7.87 6.72 -17.74
C ASP A 3 7.58 5.24 -17.94
N ILE A 4 8.64 4.44 -17.86
CA ILE A 4 8.51 3.00 -18.03
C ILE A 4 7.38 2.46 -17.16
N TYR A 5 7.09 3.17 -16.07
CA TYR A 5 6.03 2.75 -15.16
C TYR A 5 4.70 3.35 -15.60
N LYS A 6 4.76 4.49 -16.28
CA LYS A 6 3.56 5.15 -16.75
C LYS A 6 2.70 4.18 -17.56
N ALA A 7 3.38 3.23 -18.21
CA ALA A 7 2.70 2.23 -19.02
C ALA A 7 2.15 1.13 -18.12
N ALA A 8 3.01 0.61 -17.26
CA ALA A 8 2.60 -0.45 -16.34
C ALA A 8 1.40 0.01 -15.53
N VAL A 9 1.56 1.16 -14.86
CA VAL A 9 0.47 1.71 -14.07
C VAL A 9 -0.80 1.78 -14.90
N GLU A 10 -0.62 1.89 -16.20
CA GLU A 10 -1.75 1.96 -17.13
C GLU A 10 -2.25 0.56 -17.45
N GLN A 11 -1.31 -0.39 -17.44
CA GLN A 11 -1.65 -1.78 -17.72
C GLN A 11 -2.65 -2.30 -16.69
N LEU A 12 -2.41 -1.94 -15.44
CA LEU A 12 -3.27 -2.35 -14.35
C LEU A 12 -4.73 -2.17 -14.72
N THR A 13 -5.50 -3.25 -14.56
CA THR A 13 -6.93 -3.21 -14.88
C THR A 13 -7.66 -2.29 -13.90
N GLU A 14 -8.55 -1.47 -14.44
CA GLU A 14 -9.31 -0.54 -13.60
C GLU A 14 -9.69 -1.20 -12.28
N GLU A 15 -10.01 -2.49 -12.34
CA GLU A 15 -10.40 -3.23 -11.14
C GLU A 15 -9.17 -3.54 -10.29
N GLN A 16 -8.23 -4.27 -10.87
CA GLN A 16 -7.02 -4.66 -10.14
C GLN A 16 -6.48 -3.46 -9.35
N LYS A 17 -6.53 -2.29 -9.97
CA LYS A 17 -6.05 -1.07 -9.32
C LYS A 17 -7.13 -0.52 -8.40
N ASN A 18 -8.36 -0.52 -8.89
CA ASN A 18 -9.49 -0.03 -8.10
C ASN A 18 -9.59 -0.83 -6.81
N GLU A 19 -9.62 -2.15 -6.96
CA GLU A 19 -9.70 -3.03 -5.80
C GLU A 19 -8.62 -2.66 -4.80
N PHE A 20 -7.48 -2.19 -5.33
CA PHE A 20 -6.36 -1.79 -4.48
C PHE A 20 -6.81 -0.64 -3.58
N LYS A 21 -7.48 0.34 -4.17
CA LYS A 21 -7.97 1.49 -3.43
C LYS A 21 -8.58 1.03 -2.11
N ALA A 22 -9.48 0.05 -2.20
CA ALA A 22 -10.14 -0.48 -1.00
C ALA A 22 -9.15 -0.53 0.16
N ALA A 23 -8.18 -1.44 0.05
CA ALA A 23 -7.17 -1.56 1.09
C ALA A 23 -6.36 -0.28 1.18
N PHE A 24 -6.34 0.45 0.06
CA PHE A 24 -5.62 1.72 0.01
C PHE A 24 -6.31 2.74 0.90
N ASP A 25 -7.62 2.58 1.05
CA ASP A 25 -8.41 3.48 1.88
C ASP A 25 -8.26 3.11 3.35
N ILE A 26 -7.53 2.03 3.62
CA ILE A 26 -7.33 1.59 4.99
C ILE A 26 -5.97 2.08 5.50
N PHE A 27 -4.93 1.85 4.70
CA PHE A 27 -3.58 2.28 5.07
C PHE A 27 -3.60 3.75 5.44
N VAL A 28 -4.52 4.49 4.82
CA VAL A 28 -4.64 5.92 5.09
C VAL A 28 -6.07 6.27 5.49
N LEU A 29 -6.69 5.38 6.27
CA LEU A 29 -8.06 5.61 6.71
C LEU A 29 -8.10 6.67 7.81
N GLY A 30 -6.91 7.04 8.29
CA GLY A 30 -6.81 8.06 9.33
C GLY A 30 -5.71 9.06 9.00
N ALA A 31 -5.14 8.93 7.80
CA ALA A 31 -4.08 9.83 7.36
C ALA A 31 -4.68 11.09 6.75
N GLU A 32 -3.97 12.20 6.93
CA GLU A 32 -4.42 13.49 6.40
C GLU A 32 -5.01 13.31 5.00
N ASP A 33 -4.24 12.66 4.13
CA ASP A 33 -4.69 12.44 2.76
C ASP A 33 -4.62 10.95 2.42
N GLY A 34 -3.43 10.52 1.97
CA GLY A 34 -3.24 9.12 1.61
C GLY A 34 -1.80 8.69 1.89
N CYS A 35 -1.26 9.17 3.01
CA CYS A 35 0.10 8.83 3.39
C CYS A 35 0.13 7.59 4.27
N ILE A 36 0.91 6.59 3.87
CA ILE A 36 1.02 5.35 4.62
C ILE A 36 2.21 5.42 5.59
N SER A 37 1.91 5.63 6.86
CA SER A 37 2.96 5.71 7.87
C SER A 37 3.06 4.40 8.64
N THR A 38 4.27 4.06 9.06
CA THR A 38 4.49 2.82 9.81
C THR A 38 3.35 2.58 10.80
N LYS A 39 3.05 3.60 11.59
CA LYS A 39 1.98 3.49 12.57
C LYS A 39 0.65 3.13 11.90
N GLU A 40 0.33 3.84 10.83
CA GLU A 40 -0.91 3.59 10.10
C GLU A 40 -0.92 2.20 9.49
N LEU A 41 0.02 1.94 8.59
CA LEU A 41 0.11 0.63 7.94
C LEU A 41 -0.10 -0.49 8.94
N GLY A 42 0.47 -0.32 10.13
CA GLY A 42 0.35 -1.34 11.18
C GLY A 42 -1.11 -1.57 11.56
N LYS A 43 -1.97 -0.61 11.20
CA LYS A 43 -3.39 -0.71 11.51
C LYS A 43 -4.11 -1.59 10.49
N VAL A 44 -3.55 -1.66 9.28
CA VAL A 44 -4.16 -2.46 8.23
C VAL A 44 -3.66 -3.90 8.31
N MET A 45 -2.35 -4.05 8.40
CA MET A 45 -1.74 -5.37 8.47
C MET A 45 -2.41 -6.21 9.55
N ARG A 46 -2.61 -5.60 10.73
CA ARG A 46 -3.25 -6.31 11.83
C ARG A 46 -4.59 -6.89 11.39
N MET A 47 -5.22 -6.22 10.43
CA MET A 47 -6.50 -6.68 9.92
C MET A 47 -6.30 -7.80 8.89
N LEU A 48 -5.05 -8.08 8.56
CA LEU A 48 -4.73 -9.12 7.59
C LEU A 48 -4.21 -10.36 8.31
N GLY A 49 -3.82 -10.20 9.56
CA GLY A 49 -3.30 -11.32 10.35
C GLY A 49 -1.89 -11.03 10.84
N GLN A 50 -1.46 -9.79 10.68
CA GLN A 50 -0.11 -9.39 11.12
C GLN A 50 -0.16 -8.02 11.81
N ASN A 51 0.38 -7.96 13.02
CA ASN A 51 0.39 -6.71 13.78
C ASN A 51 1.82 -6.32 14.15
N PRO A 52 2.51 -5.65 13.24
CA PRO A 52 3.89 -5.20 13.45
C PRO A 52 3.97 -3.87 14.20
N THR A 53 5.19 -3.49 14.56
CA THR A 53 5.41 -2.23 15.27
C THR A 53 5.83 -1.14 14.29
N PRO A 54 6.12 0.06 14.79
CA PRO A 54 6.54 1.19 13.95
C PRO A 54 8.01 1.13 13.56
N GLU A 55 8.78 0.37 14.34
CA GLU A 55 10.21 0.22 14.08
C GLU A 55 10.45 -0.84 13.01
N GLU A 56 9.53 -1.79 12.93
CA GLU A 56 9.63 -2.87 11.95
C GLU A 56 8.99 -2.44 10.63
N LEU A 57 7.81 -1.84 10.74
CA LEU A 57 7.09 -1.39 9.55
C LEU A 57 7.94 -0.39 8.76
N GLN A 58 8.53 0.57 9.49
CA GLN A 58 9.37 1.58 8.85
C GLN A 58 10.24 0.95 7.77
N GLU A 59 10.88 -0.17 8.11
CA GLU A 59 11.74 -0.86 7.16
C GLU A 59 11.01 -1.05 5.83
N MET A 60 9.69 -1.18 5.92
CA MET A 60 8.88 -1.37 4.72
C MET A 60 8.59 -0.04 4.05
N ILE A 61 8.79 1.05 4.80
CA ILE A 61 8.56 2.38 4.28
C ILE A 61 9.82 2.92 3.61
N ASP A 62 10.98 2.50 4.12
CA ASP A 62 12.26 2.94 3.57
C ASP A 62 12.36 2.58 2.09
N GLU A 63 11.49 1.68 1.65
CA GLU A 63 11.49 1.25 0.25
C GLU A 63 10.88 2.33 -0.63
N VAL A 64 9.96 3.10 -0.06
CA VAL A 64 9.29 4.17 -0.80
C VAL A 64 9.66 5.53 -0.24
N ASP A 65 10.15 5.53 1.00
CA ASP A 65 10.53 6.78 1.65
C ASP A 65 11.91 7.23 1.19
N GLU A 66 12.08 7.35 -0.13
CA GLU A 66 13.35 7.77 -0.69
C GLU A 66 13.55 9.27 -0.46
N ASP A 67 12.44 10.01 -0.46
CA ASP A 67 12.49 11.44 -0.24
C ASP A 67 12.59 11.76 1.25
N GLY A 68 12.27 10.77 2.07
CA GLY A 68 12.33 10.95 3.52
C GLY A 68 11.06 11.62 4.04
N SER A 69 9.96 11.38 3.34
CA SER A 69 8.68 11.97 3.73
C SER A 69 8.17 11.33 5.03
N GLY A 70 8.63 10.11 5.28
CA GLY A 70 8.22 9.39 6.49
C GLY A 70 6.97 8.57 6.23
N THR A 71 6.28 8.89 5.14
CA THR A 71 5.06 8.17 4.79
C THR A 71 5.05 7.83 3.30
N VAL A 72 3.96 7.22 2.85
CA VAL A 72 3.84 6.82 1.45
C VAL A 72 2.54 7.37 0.86
N ASP A 73 2.66 8.31 -0.06
CA ASP A 73 1.49 8.92 -0.70
C ASP A 73 0.82 7.91 -1.62
N PHE A 74 -0.14 8.40 -2.41
CA PHE A 74 -0.88 7.55 -3.34
C PHE A 74 -0.06 7.28 -4.61
N ASP A 75 1.16 7.80 -4.64
CA ASP A 75 2.02 7.62 -5.80
C ASP A 75 3.05 6.51 -5.56
N GLU A 76 4.13 6.86 -4.89
CA GLU A 76 5.20 5.89 -4.60
C GLU A 76 4.62 4.55 -4.16
N PHE A 77 3.41 4.59 -3.60
CA PHE A 77 2.78 3.36 -3.13
C PHE A 77 2.47 2.43 -4.30
N LEU A 78 1.40 2.75 -5.03
CA LEU A 78 0.99 1.93 -6.17
C LEU A 78 2.22 1.39 -6.92
N VAL A 79 3.02 2.31 -7.48
CA VAL A 79 4.20 1.91 -8.23
C VAL A 79 5.00 0.85 -7.47
N MET A 80 5.29 1.13 -6.21
CA MET A 80 6.06 0.20 -5.39
C MET A 80 5.64 -1.24 -5.65
N MET A 81 4.33 -1.48 -5.63
CA MET A 81 3.81 -2.82 -5.87
C MET A 81 4.20 -3.33 -7.26
N VAL A 82 3.77 -2.60 -8.29
CA VAL A 82 4.07 -2.99 -9.66
C VAL A 82 5.54 -3.38 -9.81
N ARG A 83 6.40 -2.73 -9.03
CA ARG A 83 7.83 -3.01 -9.10
C ARG A 83 8.11 -4.48 -8.79
N CYS A 84 8.05 -4.84 -7.51
CA CYS A 84 8.30 -6.22 -7.10
C CYS A 84 7.33 -7.16 -7.79
N MET A 85 6.05 -6.80 -7.78
CA MET A 85 5.02 -7.62 -8.40
C MET A 85 5.52 -8.18 -9.73
N LYS A 86 5.60 -7.30 -10.73
CA LYS A 86 6.07 -7.71 -12.05
C LYS A 86 7.29 -8.61 -11.94
N ASP A 87 8.39 -8.05 -11.44
CA ASP A 87 9.62 -8.81 -11.29
C ASP A 87 10.03 -8.89 -9.82
N ASP A 88 9.59 -9.95 -9.15
CA ASP A 88 9.91 -10.14 -7.73
C ASP A 88 11.40 -9.92 -7.50
N SER A 89 11.74 -8.75 -6.96
CA SER A 89 13.14 -8.43 -6.68
C SER A 89 13.53 -8.90 -5.28
N ARG B 1 2.50 -9.84 3.43
CA ARG B 1 2.87 -10.49 2.15
C ARG B 1 2.11 -9.83 1.00
N ILE B 2 2.82 -9.58 -0.10
CA ILE B 2 2.21 -8.95 -1.26
C ILE B 2 1.58 -10.01 -2.16
N SER B 3 0.70 -10.82 -1.58
CA SER B 3 0.03 -11.87 -2.35
C SER B 3 -1.32 -11.38 -2.86
N ALA B 4 -1.81 -10.29 -2.27
CA ALA B 4 -3.09 -9.71 -2.68
C ALA B 4 -4.26 -10.42 -2.00
N ASP B 5 -3.96 -11.58 -1.39
CA ASP B 5 -5.00 -12.36 -0.71
C ASP B 5 -5.19 -11.87 0.73
N ALA B 6 -4.10 -11.44 1.35
CA ALA B 6 -4.16 -10.95 2.73
C ALA B 6 -4.58 -9.48 2.77
N MET B 7 -4.62 -8.86 1.60
CA MET B 7 -5.01 -7.46 1.51
C MET B 7 -6.51 -7.30 1.70
N MET B 8 -7.28 -8.16 1.04
CA MET B 8 -8.74 -8.10 1.13
C MET B 8 -9.18 -8.31 2.57
N GLN B 9 -8.33 -8.93 3.37
CA GLN B 9 -8.64 -9.20 4.77
C GLN B 9 -9.09 -7.92 5.47
N ALA B 10 -8.40 -6.82 5.15
CA ALA B 10 -8.72 -5.53 5.76
C ALA B 10 -9.97 -4.92 5.11
N LEU B 11 -10.42 -5.56 4.02
CA LEU B 11 -11.61 -5.07 3.32
C LEU B 11 -12.73 -6.09 3.38
N LEU B 12 -12.94 -6.65 4.57
CA LEU B 12 -13.99 -7.65 4.75
C LEU B 12 -15.18 -7.05 5.51
N GLY B 13 -14.86 -6.11 6.41
CA GLY B 13 -15.90 -5.45 7.20
C GLY B 13 -15.59 -3.97 7.36
N ALA B 14 -15.45 -3.29 6.23
CA ALA B 14 -15.15 -1.86 6.23
C ALA B 14 -16.43 -1.04 6.43
N ARG B 15 -17.21 -1.41 7.45
CA ARG B 15 -18.44 -0.71 7.73
C ARG B 15 -19.24 -0.49 6.45
N ALA B 16 -19.78 -1.57 5.90
CA ALA B 16 -20.57 -1.49 4.67
C ALA B 16 -21.92 -2.15 4.86
N LYS B 17 -22.89 -1.37 5.34
CA LYS B 17 -24.24 -1.89 5.55
C LYS B 17 -24.25 -2.85 6.74
CA CA C . 7.99 8.59 0.68
C1 BEP D . 6.68 -5.59 -0.24
C2 BEP D . 5.86 -5.58 1.04
C3 BEP D . 5.87 -4.16 1.71
O1 BEP D . 8.09 -5.39 0.08
N2 BEP D . 6.35 -6.61 2.01
N3 BEP D . 4.52 -3.54 1.72
C4 BEP D . 9.01 -5.60 -1.03
C5 BEP D . 10.39 -5.94 -0.48
C6 BEP D . 11.46 -5.12 -1.23
C7 BEP D . 10.67 -7.42 -0.66
C8 BEP D . 5.37 -7.61 2.52
C9 BEP D . 6.15 -8.94 2.63
C10 BEP D . 7.62 -8.51 2.63
C11 BEP D . 7.64 -7.29 1.73
C12 BEP D . 3.42 -4.30 2.40
C13 BEP D . 1.97 -3.91 2.01
C14 BEP D . 1.65 -3.64 0.67
C15 BEP D . 0.33 -3.29 0.32
C16 BEP D . -0.66 -3.21 1.32
C17 BEP D . -0.33 -3.48 2.66
C18 BEP D . 0.98 -3.83 3.00
C19 BEP D . 4.47 -2.07 1.84
C20 BEP D . 4.67 -1.45 3.08
C21 BEP D . 4.63 -0.06 3.19
C22 BEP D . 4.38 0.72 2.06
C23 BEP D . 4.18 0.12 0.81
C24 BEP D . 4.23 -1.28 0.70
H11 BEP D . 6.34 -4.80 -0.89
H12 BEP D . 6.55 -6.53 -0.75
H21 BEP D . 4.80 -5.82 0.78
H31 BEP D . 6.58 -3.51 1.15
H32 BEP D . 6.26 -4.26 2.75
H41 BEP D . 8.67 -6.41 -1.66
H42 BEP D . 9.07 -4.70 -1.62
H51 BEP D . 10.43 -5.68 0.57
H61 BEP D . 12.37 -5.10 -0.66
H62 BEP D . 11.10 -4.12 -1.38
H63 BEP D . 11.64 -5.58 -2.19
H71 BEP D . 11.69 -7.64 -0.41
H72 BEP D . 10.47 -7.71 -1.68
H73 BEP D . 10.02 -8.00 -0.01
H81 BEP D . 4.99 -7.30 3.52
H82 BEP D . 4.51 -7.72 1.83
H91 BEP D . 5.93 -9.57 1.78
H92 BEP D . 5.90 -9.45 3.54
H101 BEP D . 8.26 -9.29 2.25
H102 BEP D . 7.95 -8.26 3.63
H111 BEP D . 7.70 -7.56 0.65
H112 BEP D . 8.48 -6.60 1.96
H121 BEP D . 3.58 -5.37 2.20
H122 BEP D . 3.56 -4.17 3.49
H141 BEP D . 2.40 -3.70 -0.09
H151 BEP D . 0.08 -3.08 -0.70
H161 BEP D . -1.67 -2.94 1.05
H171 BEP D . -1.10 -3.42 3.42
H181 BEP D . 1.23 -4.03 4.03
H201 BEP D . 4.86 -2.06 3.95
H211 BEP D . 4.78 0.41 4.15
H221 BEP D . 4.35 1.79 2.14
H231 BEP D . 3.99 0.72 -0.06
H241 BEP D . 4.07 -1.76 -0.25
N MET A 1 12.16 6.82 -18.56
CA MET A 1 13.04 5.72 -18.07
C MET A 1 12.25 4.79 -17.15
N ASP A 2 11.40 5.39 -16.33
CA ASP A 2 10.57 4.61 -15.41
C ASP A 2 9.26 4.23 -16.06
N ASP A 3 9.32 3.87 -17.34
CA ASP A 3 8.12 3.48 -18.08
C ASP A 3 7.59 2.15 -17.57
N ILE A 4 8.51 1.25 -17.21
CA ILE A 4 8.13 -0.07 -16.71
C ILE A 4 6.88 0.03 -15.82
N TYR A 5 6.77 1.15 -15.11
CA TYR A 5 5.62 1.36 -14.23
C TYR A 5 4.49 2.03 -15.00
N LYS A 6 4.77 3.22 -15.54
CA LYS A 6 3.76 3.95 -16.30
C LYS A 6 2.93 2.99 -17.14
N ALA A 7 3.58 1.95 -17.64
CA ALA A 7 2.90 0.95 -18.45
C ALA A 7 2.03 0.07 -17.57
N ALA A 8 2.64 -0.46 -16.51
CA ALA A 8 1.91 -1.32 -15.57
C ALA A 8 0.75 -0.53 -14.97
N VAL A 9 1.08 0.60 -14.37
CA VAL A 9 0.08 1.47 -13.76
C VAL A 9 -0.97 1.85 -14.81
N GLU A 10 -0.53 1.84 -16.07
CA GLU A 10 -1.42 2.18 -17.17
C GLU A 10 -2.34 1.01 -17.46
N GLN A 11 -1.77 -0.18 -17.47
CA GLN A 11 -2.53 -1.39 -17.73
C GLN A 11 -3.73 -1.45 -16.81
N LEU A 12 -3.47 -1.34 -15.52
CA LEU A 12 -4.55 -1.39 -14.53
C LEU A 12 -5.67 -0.43 -14.90
N THR A 13 -6.82 -0.99 -15.23
CA THR A 13 -7.98 -0.19 -15.60
C THR A 13 -8.60 0.44 -14.36
N GLU A 14 -9.51 1.39 -14.58
CA GLU A 14 -10.17 2.06 -13.46
C GLU A 14 -10.84 1.03 -12.55
N GLU A 15 -11.12 -0.14 -13.10
CA GLU A 15 -11.76 -1.19 -12.32
C GLU A 15 -10.95 -1.47 -11.06
N GLN A 16 -9.77 -2.05 -11.24
CA GLN A 16 -8.89 -2.36 -10.12
C GLN A 16 -8.49 -1.08 -9.39
N LYS A 17 -8.21 -0.04 -10.16
CA LYS A 17 -7.81 1.24 -9.59
C LYS A 17 -8.76 1.64 -8.46
N ASN A 18 -10.05 1.62 -8.75
CA ASN A 18 -11.06 1.97 -7.74
C ASN A 18 -10.83 1.17 -6.47
N GLU A 19 -11.19 -0.11 -6.51
CA GLU A 19 -11.02 -0.99 -5.36
C GLU A 19 -9.65 -0.78 -4.74
N PHE A 20 -8.69 -0.34 -5.56
CA PHE A 20 -7.34 -0.10 -5.09
C PHE A 20 -7.32 1.04 -4.08
N LYS A 21 -7.91 2.17 -4.46
CA LYS A 21 -7.96 3.34 -3.60
C LYS A 21 -8.54 2.97 -2.24
N ALA A 22 -9.48 2.02 -2.23
CA ALA A 22 -10.11 1.59 -0.99
C ALA A 22 -9.05 1.27 0.05
N ALA A 23 -8.01 0.56 -0.38
CA ALA A 23 -6.93 0.19 0.53
C ALA A 23 -6.14 1.43 0.95
N PHE A 24 -6.09 2.42 0.06
CA PHE A 24 -5.38 3.66 0.36
C PHE A 24 -6.14 4.44 1.43
N ASP A 25 -7.43 4.15 1.53
CA ASP A 25 -8.28 4.80 2.52
C ASP A 25 -8.12 4.13 3.87
N ILE A 26 -7.25 3.12 3.93
CA ILE A 26 -7.00 2.39 5.17
C ILE A 26 -5.64 2.77 5.75
N PHE A 27 -4.58 2.41 5.04
CA PHE A 27 -3.24 2.72 5.48
C PHE A 27 -3.19 4.15 6.02
N VAL A 28 -4.01 5.01 5.42
CA VAL A 28 -4.07 6.41 5.83
C VAL A 28 -5.51 6.76 6.22
N LEU A 29 -6.19 5.78 6.81
CA LEU A 29 -7.58 5.98 7.23
C LEU A 29 -7.69 7.12 8.23
N GLY A 30 -6.55 7.53 8.76
CA GLY A 30 -6.52 8.63 9.74
C GLY A 30 -5.43 9.65 9.39
N ALA A 31 -4.36 9.17 8.74
CA ALA A 31 -3.26 10.05 8.36
C ALA A 31 -3.77 11.40 7.85
N GLU A 32 -2.84 12.33 7.70
CA GLU A 32 -3.18 13.67 7.22
C GLU A 32 -3.54 13.64 5.74
N ASP A 33 -2.62 13.13 4.92
CA ASP A 33 -2.85 13.05 3.48
C ASP A 33 -3.12 11.60 3.06
N GLY A 34 -2.06 10.89 2.72
CA GLY A 34 -2.20 9.49 2.31
C GLY A 34 -0.88 8.74 2.44
N CYS A 35 -0.11 9.13 3.46
CA CYS A 35 1.19 8.49 3.69
C CYS A 35 1.03 7.27 4.59
N ILE A 36 1.81 6.24 4.30
CA ILE A 36 1.74 5.01 5.10
C ILE A 36 2.95 4.91 6.03
N SER A 37 2.73 5.31 7.28
CA SER A 37 3.81 5.27 8.27
C SER A 37 4.08 3.83 8.69
N THR A 38 5.30 3.57 9.14
CA THR A 38 5.66 2.22 9.58
C THR A 38 4.57 1.66 10.49
N LYS A 39 4.07 2.51 11.39
CA LYS A 39 3.03 2.09 12.31
C LYS A 39 1.68 2.08 11.60
N GLU A 40 1.35 3.19 10.94
CA GLU A 40 0.08 3.29 10.22
C GLU A 40 -0.19 2.02 9.43
N LEU A 41 0.87 1.47 8.83
CA LEU A 41 0.74 0.25 8.05
C LEU A 41 0.18 -0.88 8.91
N GLY A 42 0.86 -1.14 10.02
CA GLY A 42 0.43 -2.20 10.93
C GLY A 42 -1.06 -2.12 11.21
N LYS A 43 -1.61 -0.90 11.07
CA LYS A 43 -3.03 -0.69 11.32
C LYS A 43 -3.87 -1.44 10.29
N VAL A 44 -3.37 -1.51 9.06
CA VAL A 44 -4.09 -2.19 7.99
C VAL A 44 -3.77 -3.69 7.99
N MET A 45 -2.48 -4.00 7.86
CA MET A 45 -2.05 -5.40 7.84
C MET A 45 -2.89 -6.25 8.78
N ARG A 46 -2.88 -5.86 10.06
CA ARG A 46 -3.64 -6.59 11.07
C ARG A 46 -5.08 -6.82 10.63
N MET A 47 -5.62 -5.86 9.89
CA MET A 47 -7.00 -5.96 9.41
C MET A 47 -7.14 -7.04 8.35
N LEU A 48 -6.01 -7.56 7.89
CA LEU A 48 -6.02 -8.60 6.86
C LEU A 48 -5.83 -9.97 7.49
N GLY A 49 -5.35 -9.99 8.73
CA GLY A 49 -5.12 -11.25 9.42
C GLY A 49 -3.70 -11.32 9.97
N GLN A 50 -2.86 -10.42 9.49
CA GLN A 50 -1.47 -10.38 9.95
C GLN A 50 -1.16 -9.02 10.56
N ASN A 51 -0.73 -9.05 11.81
CA ASN A 51 -0.41 -7.81 12.53
C ASN A 51 1.09 -7.72 12.83
N PRO A 52 1.84 -7.14 11.89
CA PRO A 52 3.30 -6.98 12.03
C PRO A 52 3.66 -5.82 12.97
N THR A 53 4.94 -5.73 13.30
CA THR A 53 5.41 -4.66 14.19
C THR A 53 5.99 -3.51 13.36
N PRO A 54 6.44 -2.46 14.04
CA PRO A 54 7.03 -1.28 13.38
C PRO A 54 8.49 -1.52 13.01
N GLU A 55 9.06 -2.58 13.56
CA GLU A 55 10.45 -2.91 13.28
C GLU A 55 10.56 -3.75 12.00
N GLU A 56 9.52 -4.54 11.74
CA GLU A 56 9.50 -5.38 10.55
C GLU A 56 9.01 -4.59 9.34
N LEU A 57 8.10 -3.65 9.60
CA LEU A 57 7.55 -2.83 8.53
C LEU A 57 8.56 -1.75 8.13
N GLN A 58 9.17 -1.14 9.13
CA GLN A 58 10.17 -0.09 8.86
C GLN A 58 11.04 -0.47 7.67
N GLU A 59 11.33 -1.76 7.56
CA GLU A 59 12.16 -2.26 6.46
C GLU A 59 11.41 -2.13 5.13
N MET A 60 10.12 -2.44 5.17
CA MET A 60 9.29 -2.36 3.97
C MET A 60 9.06 -0.89 3.58
N ILE A 61 9.42 0.01 4.49
CA ILE A 61 9.27 1.44 4.23
C ILE A 61 10.47 1.98 3.46
N ASP A 62 11.65 1.45 3.77
CA ASP A 62 12.87 1.88 3.10
C ASP A 62 12.81 1.56 1.61
N GLU A 63 11.96 0.59 1.26
CA GLU A 63 11.83 0.18 -0.14
C GLU A 63 11.10 1.27 -0.94
N VAL A 64 10.42 2.16 -0.23
CA VAL A 64 9.69 3.24 -0.89
C VAL A 64 10.16 4.61 -0.38
N ASP A 65 10.67 4.63 0.85
CA ASP A 65 11.15 5.87 1.44
C ASP A 65 12.49 6.26 0.83
N GLU A 66 12.45 6.75 -0.40
CA GLU A 66 13.67 7.16 -1.09
C GLU A 66 14.09 8.55 -0.64
N ASP A 67 13.11 9.36 -0.22
CA ASP A 67 13.39 10.72 0.24
C ASP A 67 13.76 10.71 1.72
N GLY A 68 13.34 9.65 2.41
CA GLY A 68 13.63 9.52 3.84
C GLY A 68 12.67 10.36 4.66
N SER A 69 11.44 10.48 4.18
CA SER A 69 10.42 11.27 4.87
C SER A 69 9.74 10.42 5.94
N GLY A 70 10.12 9.15 6.04
CA GLY A 70 9.53 8.26 7.03
C GLY A 70 8.04 8.06 6.76
N THR A 71 7.68 8.03 5.49
CA THR A 71 6.28 7.86 5.10
C THR A 71 6.17 7.38 3.66
N VAL A 72 5.05 6.73 3.35
CA VAL A 72 4.81 6.22 2.00
C VAL A 72 3.52 6.80 1.45
N ASP A 73 3.64 7.84 0.63
CA ASP A 73 2.48 8.49 0.05
C ASP A 73 1.79 7.59 -0.98
N PHE A 74 0.71 8.12 -1.56
CA PHE A 74 -0.06 7.37 -2.57
C PHE A 74 0.80 7.08 -3.80
N ASP A 75 1.87 7.87 -3.97
CA ASP A 75 2.75 7.70 -5.12
C ASP A 75 3.60 6.43 -4.97
N GLU A 76 4.73 6.58 -4.28
CA GLU A 76 5.64 5.45 -4.08
C GLU A 76 4.88 4.18 -3.75
N PHE A 77 3.78 4.32 -3.02
CA PHE A 77 2.97 3.16 -2.65
C PHE A 77 2.62 2.34 -3.89
N LEU A 78 1.70 2.87 -4.70
CA LEU A 78 1.28 2.18 -5.92
C LEU A 78 2.49 1.65 -6.67
N VAL A 79 3.51 2.47 -6.80
CA VAL A 79 4.73 2.06 -7.51
C VAL A 79 5.25 0.75 -6.93
N MET A 80 5.75 0.81 -5.71
CA MET A 80 6.29 -0.38 -5.05
C MET A 80 5.36 -1.57 -5.30
N MET A 81 4.07 -1.38 -5.02
CA MET A 81 3.10 -2.45 -5.21
C MET A 81 3.34 -3.13 -6.55
N VAL A 82 3.73 -2.33 -7.55
CA VAL A 82 4.00 -2.87 -8.89
C VAL A 82 5.37 -3.51 -8.93
N ARG A 83 6.28 -2.99 -8.10
CA ARG A 83 7.63 -3.52 -8.06
C ARG A 83 7.62 -4.99 -7.64
N CYS A 84 6.79 -5.30 -6.65
CA CYS A 84 6.69 -6.68 -6.16
C CYS A 84 5.86 -7.52 -7.14
N MET A 85 4.69 -7.02 -7.48
CA MET A 85 3.81 -7.73 -8.41
C MET A 85 4.61 -8.32 -9.55
N LYS A 86 5.67 -7.62 -9.94
CA LYS A 86 6.52 -8.08 -11.03
C LYS A 86 7.81 -8.66 -10.49
N ASP A 87 8.35 -8.01 -9.46
CA ASP A 87 9.60 -8.47 -8.85
C ASP A 87 9.47 -8.48 -7.33
N ASP A 88 9.12 -9.65 -6.79
CA ASP A 88 8.98 -9.79 -5.35
C ASP A 88 10.35 -9.90 -4.68
N SER A 89 10.68 -8.90 -3.86
CA SER A 89 11.97 -8.90 -3.18
C SER A 89 11.75 -9.03 -1.67
N ARG B 1 3.46 -11.37 0.59
CA ARG B 1 2.87 -11.54 -0.77
C ARG B 1 1.90 -10.39 -1.06
N ILE B 2 2.26 -9.58 -2.05
CA ILE B 2 1.43 -8.44 -2.43
C ILE B 2 0.24 -8.89 -3.28
N SER B 3 -0.92 -8.35 -2.97
CA SER B 3 -2.14 -8.69 -3.71
C SER B 3 -3.28 -7.77 -3.30
N ALA B 4 -4.30 -7.68 -4.16
CA ALA B 4 -5.45 -6.83 -3.87
C ALA B 4 -6.56 -7.64 -3.19
N ASP B 5 -6.53 -8.95 -3.40
CA ASP B 5 -7.54 -9.82 -2.80
C ASP B 5 -7.24 -10.06 -1.32
N ALA B 6 -6.08 -9.57 -0.88
CA ALA B 6 -5.68 -9.75 0.52
C ALA B 6 -6.29 -8.66 1.41
N MET B 7 -6.03 -7.41 1.04
CA MET B 7 -6.55 -6.28 1.82
C MET B 7 -8.02 -6.03 1.54
N MET B 8 -8.46 -6.39 0.35
CA MET B 8 -9.86 -6.19 -0.04
C MET B 8 -10.80 -6.43 1.15
N GLN B 9 -10.52 -7.48 1.91
CA GLN B 9 -11.37 -7.79 3.08
C GLN B 9 -11.43 -6.61 4.04
N ALA B 10 -10.32 -5.91 4.18
CA ALA B 10 -10.26 -4.75 5.07
C ALA B 10 -10.90 -3.53 4.40
N LEU B 11 -11.09 -3.63 3.09
CA LEU B 11 -11.68 -2.53 2.33
C LEU B 11 -13.20 -2.68 2.26
N LEU B 12 -13.76 -3.36 3.27
CA LEU B 12 -15.19 -3.57 3.32
C LEU B 12 -15.76 -3.09 4.65
N GLY B 13 -15.98 -1.78 4.76
CA GLY B 13 -16.52 -1.21 5.99
C GLY B 13 -15.86 0.13 6.30
N ALA B 14 -14.64 0.07 6.83
CA ALA B 14 -13.91 1.29 7.18
C ALA B 14 -14.69 2.09 8.21
N ARG B 15 -15.08 1.42 9.29
CA ARG B 15 -15.83 2.09 10.35
C ARG B 15 -16.85 3.05 9.77
N ALA B 16 -17.94 2.50 9.23
CA ALA B 16 -18.98 3.32 8.63
C ALA B 16 -20.23 2.49 8.39
N LYS B 17 -20.79 1.95 9.46
CA LYS B 17 -22.00 1.13 9.36
C LYS B 17 -23.24 1.96 9.69
CA CA C . 8.29 8.92 1.09
C1 BEP D . 4.33 -5.99 1.67
C2 BEP D . 2.87 -5.69 2.00
C3 BEP D . 2.74 -4.32 2.76
O1 BEP D . 4.49 -7.41 1.44
N2 BEP D . 2.28 -6.79 2.81
N3 BEP D . 2.50 -3.17 1.81
C4 BEP D . 5.82 -7.93 1.69
C5 BEP D . 6.58 -8.03 0.37
C6 BEP D . 7.05 -9.47 0.16
C7 BEP D . 7.79 -7.10 0.40
C8 BEP D . 1.58 -7.90 2.10
C9 BEP D . 1.93 -9.16 2.88
C10 BEP D . 2.40 -8.65 4.25
C11 BEP D . 3.08 -7.33 3.92
C12 BEP D . 1.10 -2.93 1.38
C13 BEP D . 0.09 -4.09 1.55
C14 BEP D . -0.77 -4.11 2.67
C15 BEP D . -1.68 -5.15 2.83
C16 BEP D . -1.74 -6.19 1.88
C17 BEP D . -0.89 -6.17 0.77
C18 BEP D . 0.03 -5.12 0.61
C19 BEP D . 3.35 -1.97 1.99
C20 BEP D . 4.04 -1.76 3.20
C21 BEP D . 4.83 -0.62 3.36
C22 BEP D . 4.93 0.31 2.32
C23 BEP D . 4.25 0.10 1.12
C24 BEP D . 3.46 -1.04 0.96
H11 BEP D . 4.95 -5.67 2.50
H12 BEP D . 4.61 -5.43 0.79
H21 BEP D . 2.29 -5.60 1.05
H31 BEP D . 3.68 -4.14 3.33
H32 BEP D . 1.91 -4.39 3.49
H41 BEP D . 6.36 -7.28 2.36
H42 BEP D . 5.77 -8.92 2.13
H51 BEP D . 5.93 -7.74 -0.44
H61 BEP D . 7.99 -9.46 -0.39
H62 BEP D . 6.31 -10.01 -0.41
H63 BEP D . 7.20 -9.95 1.11
H71 BEP D . 7.88 -6.66 1.38
H72 BEP D . 7.66 -6.31 -0.33
H73 BEP D . 8.69 -7.66 0.18
H81 BEP D . 0.49 -7.73 2.08
H82 BEP D . 1.94 -7.96 1.04
H91 BEP D . 2.72 -9.71 2.39
H92 BEP D . 1.06 -9.80 2.98
H101 BEP D . 3.08 -9.35 4.71
H102 BEP D . 1.56 -8.51 4.91
H111 BEP D . 4.14 -7.47 3.60
H112 BEP D . 3.08 -6.63 4.78
H121 BEP D . 0.74 -2.03 1.92
H122 BEP D . 1.13 -2.63 0.31
H141 BEP D . -0.72 -3.31 3.39
H151 BEP D . -2.34 -5.16 3.68
H161 BEP D . -2.45 -6.99 2.01
H171 BEP D . -0.93 -6.96 0.04
H181 BEP D . 0.69 -5.11 -0.24
H201 BEP D . 3.96 -2.48 4.00
H211 BEP D . 5.36 -0.47 4.28
H221 BEP D . 5.56 1.19 2.45
H231 BEP D . 4.33 0.82 0.32
H241 BEP D . 2.92 -1.20 0.03
N MET A 1 8.66 9.45 -16.55
CA MET A 1 9.50 8.65 -15.62
C MET A 1 8.63 7.60 -14.94
N ASP A 2 7.40 7.97 -14.65
CA ASP A 2 6.47 7.05 -14.00
C ASP A 2 5.45 6.51 -15.01
N ASP A 3 5.69 6.78 -16.28
CA ASP A 3 4.80 6.31 -17.33
C ASP A 3 4.91 4.80 -17.50
N ILE A 4 6.14 4.30 -17.45
CA ILE A 4 6.37 2.86 -17.59
C ILE A 4 5.45 2.07 -16.67
N TYR A 5 5.05 2.71 -15.58
CA TYR A 5 4.17 2.05 -14.60
C TYR A 5 2.70 2.27 -14.97
N LYS A 6 2.42 3.43 -15.57
CA LYS A 6 1.05 3.75 -15.96
C LYS A 6 0.45 2.63 -16.81
N ALA A 7 1.33 1.81 -17.39
CA ALA A 7 0.86 0.70 -18.22
C ALA A 7 0.41 -0.46 -17.34
N ALA A 8 1.29 -0.88 -16.43
CA ALA A 8 0.96 -1.97 -15.52
C ALA A 8 -0.29 -1.62 -14.71
N VAL A 9 -0.25 -0.44 -14.09
CA VAL A 9 -1.39 0.02 -13.30
C VAL A 9 -2.66 -0.04 -14.14
N GLU A 10 -2.50 0.15 -15.43
CA GLU A 10 -3.62 0.12 -16.36
C GLU A 10 -3.99 -1.33 -16.65
N GLN A 11 -2.97 -2.16 -16.78
CA GLN A 11 -3.19 -3.58 -17.04
C GLN A 11 -4.25 -4.13 -16.11
N LEU A 12 -4.12 -3.78 -14.83
CA LEU A 12 -5.08 -4.25 -13.83
C LEU A 12 -6.48 -3.76 -14.19
N THR A 13 -7.48 -4.49 -13.72
CA THR A 13 -8.87 -4.13 -13.99
C THR A 13 -9.43 -3.25 -12.88
N GLU A 14 -10.40 -2.41 -13.22
CA GLU A 14 -11.01 -1.53 -12.23
C GLU A 14 -11.21 -2.28 -10.91
N GLU A 15 -11.41 -3.59 -11.01
CA GLU A 15 -11.61 -4.41 -9.82
C GLU A 15 -10.45 -4.22 -8.85
N GLN A 16 -9.29 -4.79 -9.21
CA GLN A 16 -8.11 -4.68 -8.35
C GLN A 16 -7.85 -3.22 -8.02
N LYS A 17 -8.04 -2.35 -9.01
CA LYS A 17 -7.85 -0.92 -8.81
C LYS A 17 -8.82 -0.41 -7.74
N ASN A 18 -10.04 -0.92 -7.78
CA ASN A 18 -11.06 -0.53 -6.82
C ASN A 18 -10.65 -0.96 -5.41
N GLU A 19 -10.60 -2.27 -5.20
CA GLU A 19 -10.21 -2.80 -3.90
C GLU A 19 -8.92 -2.12 -3.42
N PHE A 20 -8.12 -1.67 -4.38
CA PHE A 20 -6.86 -1.00 -4.06
C PHE A 20 -7.14 0.34 -3.40
N LYS A 21 -7.82 1.23 -4.12
CA LYS A 21 -8.14 2.55 -3.58
C LYS A 21 -8.75 2.41 -2.19
N ALA A 22 -9.41 1.27 -1.96
CA ALA A 22 -10.03 1.01 -0.67
C ALA A 22 -8.97 0.95 0.42
N ALA A 23 -7.98 0.08 0.21
CA ALA A 23 -6.89 -0.07 1.17
C ALA A 23 -6.11 1.23 1.29
N PHE A 24 -6.25 2.09 0.29
CA PHE A 24 -5.56 3.37 0.29
C PHE A 24 -6.13 4.26 1.39
N ASP A 25 -7.42 4.06 1.67
CA ASP A 25 -8.10 4.85 2.69
C ASP A 25 -7.91 4.25 4.08
N ILE A 26 -6.97 3.32 4.21
CA ILE A 26 -6.74 2.68 5.50
C ILE A 26 -5.31 2.95 5.97
N PHE A 27 -4.36 2.81 5.06
CA PHE A 27 -2.95 3.03 5.40
C PHE A 27 -2.73 4.47 5.85
N VAL A 28 -3.69 5.32 5.52
CA VAL A 28 -3.61 6.74 5.91
C VAL A 28 -4.99 7.22 6.33
N LEU A 29 -5.74 6.32 6.98
CA LEU A 29 -7.09 6.64 7.44
C LEU A 29 -7.05 7.70 8.54
N GLY A 30 -5.85 8.00 9.01
CA GLY A 30 -5.68 9.01 10.05
C GLY A 30 -4.47 9.88 9.78
N ALA A 31 -3.91 9.76 8.57
CA ALA A 31 -2.75 10.54 8.19
C ALA A 31 -3.17 11.91 7.67
N GLU A 32 -2.24 12.85 7.73
CA GLU A 32 -2.51 14.21 7.27
C GLU A 32 -2.86 14.21 5.78
N ASP A 33 -1.99 13.59 4.98
CA ASP A 33 -2.21 13.52 3.54
C ASP A 33 -2.40 12.07 3.11
N GLY A 34 -1.29 11.41 2.75
CA GLY A 34 -1.35 10.02 2.31
C GLY A 34 0.02 9.37 2.40
N CYS A 35 0.57 9.34 3.61
CA CYS A 35 1.89 8.75 3.81
C CYS A 35 1.79 7.44 4.59
N ILE A 36 2.73 6.54 4.34
CA ILE A 36 2.75 5.26 5.03
C ILE A 36 4.06 5.04 5.76
N SER A 37 4.14 5.55 6.98
CA SER A 37 5.35 5.41 7.78
C SER A 37 5.47 3.99 8.30
N THR A 38 6.68 3.61 8.71
CA THR A 38 6.91 2.28 9.23
C THR A 38 5.81 1.90 10.23
N LYS A 39 5.44 2.86 11.07
CA LYS A 39 4.39 2.61 12.07
C LYS A 39 3.01 2.65 11.42
N GLU A 40 2.73 3.73 10.70
CA GLU A 40 1.44 3.89 10.04
C GLU A 40 0.96 2.57 9.43
N LEU A 41 1.78 2.02 8.55
CA LEU A 41 1.44 0.76 7.88
C LEU A 41 1.04 -0.31 8.89
N GLY A 42 1.64 -0.25 10.08
CA GLY A 42 1.35 -1.24 11.12
C GLY A 42 -0.14 -1.24 11.47
N LYS A 43 -0.85 -0.21 11.03
CA LYS A 43 -2.28 -0.10 11.32
C LYS A 43 -3.11 -0.98 10.36
N VAL A 44 -2.62 -1.12 9.14
CA VAL A 44 -3.33 -1.92 8.13
C VAL A 44 -2.96 -3.39 8.25
N MET A 45 -1.68 -3.66 8.50
CA MET A 45 -1.22 -5.04 8.62
C MET A 45 -1.94 -5.76 9.75
N ARG A 46 -2.01 -5.12 10.90
CA ARG A 46 -2.67 -5.72 12.06
C ARG A 46 -4.12 -6.10 11.72
N MET A 47 -4.69 -5.42 10.73
CA MET A 47 -6.06 -5.71 10.32
C MET A 47 -6.10 -6.95 9.45
N LEU A 48 -5.19 -7.01 8.48
CA LEU A 48 -5.12 -8.15 7.57
C LEU A 48 -4.99 -9.45 8.37
N GLY A 49 -3.78 -9.71 8.85
CA GLY A 49 -3.53 -10.93 9.63
C GLY A 49 -2.07 -10.97 10.09
N GLN A 50 -1.52 -9.80 10.38
CA GLN A 50 -0.14 -9.72 10.83
C GLN A 50 0.12 -8.39 11.54
N ASN A 51 0.79 -8.47 12.69
CA ASN A 51 1.10 -7.29 13.46
C ASN A 51 2.61 -7.02 13.45
N PRO A 52 3.09 -6.36 12.41
CA PRO A 52 4.52 -6.04 12.27
C PRO A 52 4.96 -4.87 13.16
N THR A 53 6.25 -4.59 13.15
CA THR A 53 6.79 -3.50 13.95
C THR A 53 7.39 -2.44 13.05
N PRO A 54 7.92 -1.37 13.65
CA PRO A 54 8.54 -0.26 12.90
C PRO A 54 9.97 -0.57 12.48
N GLU A 55 10.54 -1.61 13.08
CA GLU A 55 11.90 -2.00 12.77
C GLU A 55 11.93 -2.87 11.52
N GLU A 56 10.87 -3.63 11.34
CA GLU A 56 10.76 -4.51 10.18
C GLU A 56 10.08 -3.78 9.02
N LEU A 57 9.05 -3.02 9.34
CA LEU A 57 8.32 -2.28 8.32
C LEU A 57 9.25 -1.36 7.54
N GLN A 58 10.12 -0.64 8.27
CA GLN A 58 11.05 0.27 7.63
C GLN A 58 11.65 -0.37 6.39
N GLU A 59 12.05 -1.63 6.51
CA GLU A 59 12.63 -2.35 5.39
C GLU A 59 11.66 -2.36 4.21
N MET A 60 10.37 -2.46 4.54
CA MET A 60 9.34 -2.48 3.50
C MET A 60 9.13 -1.08 2.95
N ILE A 61 9.54 -0.07 3.72
CA ILE A 61 9.39 1.31 3.29
C ILE A 61 10.50 1.70 2.34
N ASP A 62 11.75 1.44 2.74
CA ASP A 62 12.90 1.77 1.91
C ASP A 62 12.64 1.35 0.47
N GLU A 63 11.81 0.32 0.29
CA GLU A 63 11.49 -0.17 -1.05
C GLU A 63 10.84 0.95 -1.87
N VAL A 64 10.11 1.82 -1.16
CA VAL A 64 9.44 2.94 -1.82
C VAL A 64 10.16 4.24 -1.49
N ASP A 65 10.65 4.33 -0.26
CA ASP A 65 11.35 5.53 0.18
C ASP A 65 12.67 5.67 -0.56
N GLU A 66 12.59 5.80 -1.88
CA GLU A 66 13.79 5.94 -2.70
C GLU A 66 14.39 7.34 -2.53
N ASP A 67 13.59 8.24 -1.95
CA ASP A 67 14.05 9.61 -1.73
C ASP A 67 14.50 9.80 -0.28
N GLY A 68 14.20 8.82 0.57
CA GLY A 68 14.59 8.90 1.97
C GLY A 68 13.70 9.88 2.72
N SER A 69 12.59 10.24 2.09
CA SER A 69 11.65 11.18 2.71
C SER A 69 11.22 10.67 4.08
N GLY A 70 11.24 9.35 4.24
CA GLY A 70 10.86 8.75 5.51
C GLY A 70 9.44 8.19 5.44
N THR A 71 8.61 8.85 4.63
CA THR A 71 7.21 8.41 4.48
C THR A 71 6.94 7.99 3.04
N VAL A 72 5.83 7.26 2.86
CA VAL A 72 5.46 6.79 1.53
C VAL A 72 4.15 7.45 1.08
N ASP A 73 4.27 8.41 0.17
CA ASP A 73 3.09 9.12 -0.35
C ASP A 73 2.13 8.14 -1.02
N PHE A 74 1.18 8.69 -1.76
CA PHE A 74 0.19 7.88 -2.45
C PHE A 74 0.76 7.27 -3.74
N ASP A 75 1.57 8.06 -4.44
CA ASP A 75 2.17 7.59 -5.68
C ASP A 75 2.99 6.32 -5.47
N GLU A 76 4.22 6.49 -4.97
CA GLU A 76 5.11 5.36 -4.73
C GLU A 76 4.34 4.20 -4.08
N PHE A 77 3.41 4.54 -3.20
CA PHE A 77 2.62 3.52 -2.51
C PHE A 77 2.12 2.47 -3.50
N LEU A 78 1.62 2.94 -4.65
CA LEU A 78 1.11 2.02 -5.67
C LEU A 78 2.26 1.29 -6.36
N VAL A 79 3.15 2.07 -6.98
CA VAL A 79 4.30 1.49 -7.67
C VAL A 79 4.84 0.30 -6.89
N MET A 80 4.84 0.43 -5.56
CA MET A 80 5.33 -0.65 -4.70
C MET A 80 4.77 -1.99 -5.17
N MET A 81 3.46 -2.15 -5.00
CA MET A 81 2.80 -3.39 -5.42
C MET A 81 3.30 -3.83 -6.79
N VAL A 82 2.96 -3.04 -7.80
CA VAL A 82 3.38 -3.34 -9.17
C VAL A 82 4.83 -3.79 -9.21
N ARG A 83 5.64 -3.25 -8.29
CA ARG A 83 7.05 -3.59 -8.24
C ARG A 83 7.25 -4.92 -7.50
N CYS A 84 6.43 -5.15 -6.49
CA CYS A 84 6.53 -6.39 -5.71
C CYS A 84 5.84 -7.54 -6.44
N MET A 85 4.70 -7.22 -7.07
CA MET A 85 3.95 -8.23 -7.82
C MET A 85 4.86 -8.97 -8.80
N LYS A 86 5.85 -8.26 -9.31
CA LYS A 86 6.79 -8.85 -10.26
C LYS A 86 8.06 -9.30 -9.55
N ASP A 87 8.16 -10.61 -9.30
CA ASP A 87 9.32 -11.16 -8.63
C ASP A 87 9.48 -10.54 -7.25
N ASP A 88 8.43 -10.63 -6.44
CA ASP A 88 8.47 -10.07 -5.10
C ASP A 88 9.78 -10.44 -4.41
N SER A 89 10.60 -9.44 -4.15
CA SER A 89 11.89 -9.66 -3.50
C SER A 89 12.09 -8.68 -2.34
N ARG B 1 4.86 -11.58 -1.47
CA ARG B 1 3.82 -11.59 -2.54
C ARG B 1 2.58 -10.85 -2.06
N ILE B 2 2.47 -9.59 -2.45
CA ILE B 2 1.32 -8.77 -2.06
C ILE B 2 0.02 -9.50 -2.39
N SER B 3 -0.74 -9.82 -1.34
CA SER B 3 -2.01 -10.52 -1.52
C SER B 3 -3.17 -9.54 -1.47
N ALA B 4 -3.92 -9.47 -2.55
CA ALA B 4 -5.07 -8.58 -2.62
C ALA B 4 -6.20 -9.10 -1.73
N ASP B 5 -6.23 -10.42 -1.56
CA ASP B 5 -7.26 -11.05 -0.74
C ASP B 5 -7.07 -10.64 0.72
N ALA B 6 -5.82 -10.45 1.11
CA ALA B 6 -5.52 -10.05 2.48
C ALA B 6 -5.95 -8.61 2.73
N MET B 7 -5.51 -7.72 1.84
CA MET B 7 -5.85 -6.30 1.97
C MET B 7 -7.34 -6.14 2.19
N MET B 8 -8.13 -6.79 1.35
CA MET B 8 -9.59 -6.71 1.46
C MET B 8 -10.02 -6.80 2.91
N GLN B 9 -9.35 -7.66 3.68
CA GLN B 9 -9.69 -7.83 5.08
C GLN B 9 -9.74 -6.48 5.78
N ALA B 10 -8.72 -5.66 5.54
CA ALA B 10 -8.66 -4.33 6.14
C ALA B 10 -9.68 -3.41 5.49
N LEU B 11 -10.35 -3.91 4.46
CA LEU B 11 -11.34 -3.13 3.74
C LEU B 11 -12.74 -3.67 4.00
N LEU B 12 -12.96 -4.11 5.25
CA LEU B 12 -14.26 -4.66 5.62
C LEU B 12 -15.33 -3.57 5.62
N GLY B 13 -15.56 -3.01 4.43
CA GLY B 13 -16.56 -1.95 4.29
C GLY B 13 -16.19 -0.72 5.12
N ALA B 14 -16.30 -0.85 6.43
CA ALA B 14 -15.97 0.25 7.32
C ALA B 14 -16.98 1.39 7.15
N ARG B 15 -16.87 2.09 6.02
CA ARG B 15 -17.77 3.20 5.73
C ARG B 15 -18.98 2.70 4.95
N ALA B 16 -19.68 1.72 5.53
CA ALA B 16 -20.87 1.16 4.88
C ALA B 16 -21.77 0.52 5.92
N LYS B 17 -22.94 1.12 6.13
CA LYS B 17 -23.90 0.60 7.10
C LYS B 17 -23.41 0.84 8.52
CA CA C . 9.12 8.27 0.05
C1 BEP D . 3.67 -5.33 2.27
C2 BEP D . 4.73 -4.66 1.40
C3 BEP D . 4.08 -3.60 0.43
O1 BEP D . 3.95 -6.74 2.39
N2 BEP D . 5.48 -5.69 0.62
N3 BEP D . 3.13 -2.72 1.17
C4 BEP D . 2.80 -7.59 2.61
C5 BEP D . 2.87 -8.80 1.67
C6 BEP D . 2.53 -10.07 2.45
C7 BEP D . 4.29 -8.91 1.10
C8 BEP D . 5.82 -5.40 -0.80
C9 BEP D . 7.22 -6.01 -1.02
C10 BEP D . 7.37 -7.02 0.13
C11 BEP D . 6.62 -6.37 1.28
C12 BEP D . 1.68 -2.84 0.84
C13 BEP D . 0.74 -3.23 2.01
C14 BEP D . 0.20 -2.24 2.83
C15 BEP D . -0.66 -2.59 3.88
C16 BEP D . -0.97 -3.93 4.12
C17 BEP D . -0.43 -4.93 3.29
C18 BEP D . 0.43 -4.58 2.24
C19 BEP D . 3.61 -1.35 1.47
C20 BEP D . 4.33 -1.11 2.65
C21 BEP D . 4.79 0.18 2.95
C22 BEP D . 4.52 1.24 2.06
C23 BEP D . 3.80 1.00 0.88
C24 BEP D . 3.35 -0.30 0.59
H11 BEP D . 2.70 -5.17 1.82
H12 BEP D . 3.67 -4.86 3.25
H21 BEP D . 5.46 -4.13 2.06
H31 BEP D . 3.56 -4.14 -0.38
H32 BEP D . 4.89 -2.99 -0.02
H41 BEP D . 2.76 -7.94 3.63
H42 BEP D . 1.88 -7.04 2.40
H51 BEP D . 2.17 -8.67 0.86
H61 BEP D . 1.46 -10.12 2.59
H62 BEP D . 3.02 -10.05 3.42
H63 BEP D . 2.86 -10.93 1.89
H71 BEP D . 4.53 -8.01 0.55
H72 BEP D . 4.33 -9.77 0.43
H73 BEP D . 4.99 -9.05 1.90
H81 BEP D . 5.08 -5.86 -1.49
H82 BEP D . 5.84 -4.31 -0.99
H91 BEP D . 7.97 -5.24 -0.97
H92 BEP D . 7.26 -6.50 -1.99
H101 BEP D . 8.41 -7.17 0.37
H102 BEP D . 6.94 -7.97 -0.14
H111 BEP D . 7.23 -5.64 1.83
H112 BEP D . 6.24 -7.12 2.01
H121 BEP D . 1.36 -1.88 0.40
H122 BEP D . 1.59 -3.59 0.03
H141 BEP D . 0.45 -1.20 2.65
H151 BEP D . -1.07 -1.82 4.53
H161 BEP D . -1.63 -4.20 4.92
H171 BEP D . -0.67 -5.97 3.46
H181 BEP D . 0.84 -5.35 1.60
H201 BEP D . 4.54 -1.92 3.34
H211 BEP D . 5.35 0.37 3.85
H221 BEP D . 4.87 2.23 2.28
H231 BEP D . 3.60 1.81 0.20
H241 BEP D . 2.79 -0.49 -0.32
N MET A 1 13.21 3.83 -15.21
CA MET A 1 12.09 2.93 -15.62
C MET A 1 10.88 3.18 -14.73
N ASP A 2 10.01 4.09 -15.16
CA ASP A 2 8.81 4.42 -14.39
C ASP A 2 7.57 4.32 -15.26
N ASP A 3 7.74 3.78 -16.47
CA ASP A 3 6.62 3.63 -17.40
C ASP A 3 5.93 2.29 -17.18
N ILE A 4 6.74 1.25 -16.97
CA ILE A 4 6.19 -0.08 -16.74
C ILE A 4 5.00 -0.02 -15.79
N TYR A 5 5.02 0.97 -14.91
CA TYR A 5 3.94 1.14 -13.94
C TYR A 5 2.78 1.90 -14.56
N LYS A 6 3.09 2.82 -15.47
CA LYS A 6 2.05 3.61 -16.12
C LYS A 6 1.01 2.68 -16.74
N ALA A 7 1.45 1.87 -17.70
CA ALA A 7 0.54 0.94 -18.36
C ALA A 7 -0.26 0.15 -17.33
N ALA A 8 0.45 -0.45 -16.38
CA ALA A 8 -0.19 -1.23 -15.33
C ALA A 8 -1.14 -0.35 -14.51
N VAL A 9 -0.59 0.73 -13.95
CA VAL A 9 -1.38 1.66 -13.16
C VAL A 9 -2.55 2.19 -13.98
N GLU A 10 -2.34 2.26 -15.29
CA GLU A 10 -3.38 2.75 -16.20
C GLU A 10 -4.36 1.63 -16.52
N GLN A 11 -3.82 0.42 -16.67
CA GLN A 11 -4.66 -0.74 -16.97
C GLN A 11 -5.72 -0.91 -15.91
N LEU A 12 -5.28 -0.87 -14.65
CA LEU A 12 -6.19 -1.04 -13.53
C LEU A 12 -7.38 -0.08 -13.67
N THR A 13 -8.58 -0.61 -13.45
CA THR A 13 -9.79 0.22 -13.55
C THR A 13 -10.12 0.82 -12.19
N GLU A 14 -11.13 1.68 -12.17
CA GLU A 14 -11.53 2.33 -10.92
C GLU A 14 -11.93 1.27 -9.90
N GLU A 15 -12.36 0.11 -10.39
CA GLU A 15 -12.76 -0.98 -9.52
C GLU A 15 -11.61 -1.36 -8.61
N GLN A 16 -10.58 -1.99 -9.19
CA GLN A 16 -9.42 -2.40 -8.43
C GLN A 16 -8.91 -1.21 -7.60
N LYS A 17 -8.93 -0.03 -8.20
CA LYS A 17 -8.49 1.17 -7.51
C LYS A 17 -9.28 1.35 -6.22
N ASN A 18 -10.59 1.14 -6.31
CA ASN A 18 -11.46 1.27 -5.16
C ASN A 18 -10.99 0.35 -4.04
N GLU A 19 -11.05 -0.95 -4.29
CA GLU A 19 -10.62 -1.93 -3.30
C GLU A 19 -9.26 -1.54 -2.74
N PHE A 20 -8.46 -0.88 -3.57
CA PHE A 20 -7.14 -0.43 -3.16
C PHE A 20 -7.25 0.70 -2.15
N LYS A 21 -7.90 1.79 -2.58
CA LYS A 21 -8.07 2.95 -1.71
C LYS A 21 -8.57 2.50 -0.34
N ALA A 22 -9.42 1.48 -0.32
CA ALA A 22 -9.96 0.98 0.93
C ALA A 22 -8.86 0.89 1.98
N ALA A 23 -7.71 0.39 1.56
CA ALA A 23 -6.57 0.27 2.47
C ALA A 23 -5.99 1.65 2.77
N PHE A 24 -5.97 2.51 1.75
CA PHE A 24 -5.45 3.85 1.92
C PHE A 24 -6.12 4.53 3.11
N ASP A 25 -7.37 4.15 3.36
CA ASP A 25 -8.12 4.71 4.48
C ASP A 25 -7.57 4.18 5.80
N ILE A 26 -6.98 2.98 5.75
CA ILE A 26 -6.41 2.37 6.94
C ILE A 26 -4.91 2.64 6.99
N PHE A 27 -4.25 2.49 5.85
CA PHE A 27 -2.82 2.73 5.78
C PHE A 27 -2.48 4.07 6.40
N VAL A 28 -3.23 5.10 5.98
CA VAL A 28 -3.04 6.44 6.50
C VAL A 28 -4.27 6.86 7.31
N LEU A 29 -4.86 5.88 7.99
CA LEU A 29 -6.04 6.12 8.81
C LEU A 29 -5.75 7.14 9.92
N GLY A 30 -4.46 7.33 10.19
CA GLY A 30 -4.05 8.28 11.21
C GLY A 30 -2.81 9.05 10.78
N ALA A 31 -2.83 9.52 9.54
CA ALA A 31 -1.71 10.29 9.01
C ALA A 31 -2.05 11.77 8.93
N GLU A 32 -1.14 12.54 8.36
CA GLU A 32 -1.36 13.99 8.23
C GLU A 32 -1.81 14.34 6.82
N ASP A 33 -1.47 13.47 5.87
CA ASP A 33 -1.85 13.69 4.48
C ASP A 33 -2.28 12.38 3.82
N GLY A 34 -1.32 11.68 3.22
CA GLY A 34 -1.61 10.41 2.56
C GLY A 34 -0.33 9.62 2.34
N CYS A 35 0.47 9.50 3.40
CA CYS A 35 1.73 8.76 3.30
C CYS A 35 1.77 7.65 4.35
N ILE A 36 2.40 6.54 3.98
CA ILE A 36 2.50 5.40 4.89
C ILE A 36 3.82 5.44 5.65
N SER A 37 3.73 5.27 6.97
CA SER A 37 4.92 5.28 7.80
C SER A 37 5.18 3.89 8.37
N THR A 38 6.36 3.71 8.96
CA THR A 38 6.73 2.42 9.55
C THR A 38 5.87 2.13 10.77
N LYS A 39 5.43 3.19 11.43
CA LYS A 39 4.59 3.05 12.62
C LYS A 39 3.12 2.97 12.24
N GLU A 40 2.79 3.44 11.04
CA GLU A 40 1.41 3.43 10.57
C GLU A 40 1.06 2.08 9.96
N LEU A 41 1.69 1.77 8.83
CA LEU A 41 1.43 0.50 8.13
C LEU A 41 1.32 -0.65 9.13
N GLY A 42 2.00 -0.50 10.27
CA GLY A 42 1.99 -1.56 11.28
C GLY A 42 0.58 -1.74 11.85
N LYS A 43 -0.27 -0.74 11.64
CA LYS A 43 -1.65 -0.82 12.15
C LYS A 43 -2.50 -1.74 11.27
N VAL A 44 -2.50 -1.45 9.97
CA VAL A 44 -3.27 -2.26 9.03
C VAL A 44 -2.91 -3.74 9.16
N MET A 45 -1.62 -4.04 9.03
CA MET A 45 -1.16 -5.41 9.15
C MET A 45 -1.91 -6.15 10.24
N ARG A 46 -1.86 -5.59 11.45
CA ARG A 46 -2.53 -6.20 12.60
C ARG A 46 -4.04 -6.31 12.35
N MET A 47 -4.58 -5.33 11.65
CA MET A 47 -6.02 -5.31 11.35
C MET A 47 -6.38 -6.45 10.41
N LEU A 48 -5.44 -6.84 9.56
CA LEU A 48 -5.70 -7.92 8.60
C LEU A 48 -5.45 -9.28 9.25
N GLY A 49 -4.18 -9.61 9.46
CA GLY A 49 -3.83 -10.89 10.07
C GLY A 49 -2.32 -11.03 10.23
N GLN A 50 -1.66 -9.91 10.48
CA GLN A 50 -0.21 -9.92 10.65
C GLN A 50 0.19 -8.87 11.69
N ASN A 51 1.18 -9.22 12.50
CA ASN A 51 1.65 -8.30 13.53
C ASN A 51 3.13 -8.00 13.38
N PRO A 52 3.48 -7.15 12.41
CA PRO A 52 4.87 -6.75 12.17
C PRO A 52 5.32 -5.65 13.12
N THR A 53 6.63 -5.42 13.18
CA THR A 53 7.17 -4.40 14.05
C THR A 53 7.48 -3.12 13.28
N PRO A 54 7.86 -2.07 13.99
CA PRO A 54 8.19 -0.77 13.38
C PRO A 54 9.58 -0.78 12.76
N GLU A 55 10.40 -1.72 13.20
CA GLU A 55 11.76 -1.85 12.68
C GLU A 55 11.76 -2.69 11.41
N GLU A 56 10.89 -3.68 11.37
CA GLU A 56 10.79 -4.55 10.20
C GLU A 56 10.08 -3.81 9.07
N LEU A 57 9.07 -3.03 9.42
CA LEU A 57 8.32 -2.26 8.44
C LEU A 57 9.25 -1.30 7.70
N GLN A 58 10.15 -0.68 8.46
CA GLN A 58 11.10 0.26 7.89
C GLN A 58 11.69 -0.30 6.59
N GLU A 59 12.09 -1.57 6.65
CA GLU A 59 12.66 -2.22 5.48
C GLU A 59 11.69 -2.16 4.31
N MET A 60 10.40 -2.07 4.63
CA MET A 60 9.36 -1.99 3.61
C MET A 60 9.37 -0.60 2.97
N ILE A 61 9.56 0.42 3.80
CA ILE A 61 9.59 1.79 3.31
C ILE A 61 10.89 2.06 2.55
N ASP A 62 11.99 1.60 3.12
CA ASP A 62 13.29 1.79 2.49
C ASP A 62 13.26 1.38 1.03
N GLU A 63 12.33 0.49 0.69
CA GLU A 63 12.21 0.02 -0.69
C GLU A 63 11.48 1.05 -1.55
N VAL A 64 10.83 2.01 -0.89
CA VAL A 64 10.10 3.05 -1.63
C VAL A 64 10.58 4.44 -1.23
N ASP A 65 11.29 4.53 -0.11
CA ASP A 65 11.78 5.82 0.37
C ASP A 65 13.17 6.12 -0.19
N GLU A 66 13.23 6.30 -1.51
CA GLU A 66 14.51 6.61 -2.16
C GLU A 66 14.78 8.10 -2.10
N ASP A 67 13.73 8.87 -1.85
CA ASP A 67 13.86 10.32 -1.75
C ASP A 67 14.34 10.71 -0.37
N GLY A 68 13.99 9.89 0.62
CA GLY A 68 14.40 10.16 2.00
C GLY A 68 13.29 10.88 2.76
N SER A 69 12.06 10.71 2.30
CA SER A 69 10.91 11.35 2.94
C SER A 69 10.57 10.65 4.25
N GLY A 70 10.91 9.36 4.33
CA GLY A 70 10.62 8.58 5.53
C GLY A 70 9.16 8.15 5.57
N THR A 71 8.47 8.33 4.44
CA THR A 71 7.06 7.95 4.36
C THR A 71 6.72 7.49 2.95
N VAL A 72 5.50 6.98 2.78
CA VAL A 72 5.06 6.50 1.47
C VAL A 72 3.77 7.19 1.05
N ASP A 73 3.92 8.34 0.39
CA ASP A 73 2.76 9.10 -0.08
C ASP A 73 1.86 8.22 -0.94
N PHE A 74 0.89 8.86 -1.58
CA PHE A 74 -0.05 8.14 -2.44
C PHE A 74 0.63 7.67 -3.73
N ASP A 75 1.85 8.17 -3.96
CA ASP A 75 2.59 7.80 -5.16
C ASP A 75 3.45 6.56 -4.93
N GLU A 76 4.64 6.77 -4.38
CA GLU A 76 5.57 5.67 -4.12
C GLU A 76 4.83 4.46 -3.56
N PHE A 77 3.70 4.70 -2.90
CA PHE A 77 2.92 3.60 -2.33
C PHE A 77 2.36 2.70 -3.43
N LEU A 78 1.31 3.19 -4.09
CA LEU A 78 0.67 2.43 -5.17
C LEU A 78 1.71 1.75 -6.06
N VAL A 79 2.88 2.39 -6.19
CA VAL A 79 3.93 1.84 -7.02
C VAL A 79 4.41 0.50 -6.48
N MET A 80 5.06 0.53 -5.31
CA MET A 80 5.56 -0.68 -4.69
C MET A 80 4.60 -1.85 -4.91
N MET A 81 3.32 -1.54 -4.96
CA MET A 81 2.31 -2.58 -5.16
C MET A 81 2.28 -3.05 -6.62
N VAL A 82 2.29 -2.10 -7.53
CA VAL A 82 2.26 -2.43 -8.96
C VAL A 82 3.49 -3.23 -9.36
N ARG A 83 4.67 -2.63 -9.19
CA ARG A 83 5.92 -3.30 -9.54
C ARG A 83 5.91 -4.75 -9.07
N CYS A 84 5.13 -5.02 -8.02
CA CYS A 84 5.05 -6.38 -7.50
C CYS A 84 4.12 -7.23 -8.34
N MET A 85 3.08 -6.60 -8.88
CA MET A 85 2.11 -7.31 -9.72
C MET A 85 2.81 -7.93 -10.93
N LYS A 86 4.00 -7.41 -11.23
CA LYS A 86 4.76 -7.92 -12.37
C LYS A 86 5.70 -9.04 -11.93
N ASP A 87 6.72 -8.69 -11.17
CA ASP A 87 7.68 -9.67 -10.68
C ASP A 87 7.53 -9.87 -9.18
N ASP A 88 6.36 -10.36 -8.77
CA ASP A 88 6.09 -10.59 -7.36
C ASP A 88 7.29 -11.22 -6.68
N SER A 89 7.31 -11.19 -5.35
CA SER A 89 8.41 -11.77 -4.59
C SER A 89 7.89 -12.37 -3.28
N ARG B 1 3.35 -11.33 -1.00
CA ARG B 1 2.09 -12.01 -1.43
C ARG B 1 0.95 -11.00 -1.45
N ILE B 2 1.07 -10.00 -2.32
CA ILE B 2 0.05 -8.96 -2.43
C ILE B 2 -0.51 -8.92 -3.85
N SER B 3 -1.14 -10.02 -4.26
CA SER B 3 -1.72 -10.10 -5.61
C SER B 3 -2.96 -9.23 -5.71
N ALA B 4 -3.75 -9.21 -4.63
CA ALA B 4 -4.98 -8.43 -4.60
C ALA B 4 -5.85 -8.81 -3.41
N ASP B 5 -5.78 -10.09 -3.04
CA ASP B 5 -6.55 -10.58 -1.90
C ASP B 5 -6.12 -9.89 -0.61
N ALA B 6 -4.83 -9.97 -0.31
CA ALA B 6 -4.30 -9.35 0.89
C ALA B 6 -4.65 -7.87 0.93
N MET B 7 -4.92 -7.31 -0.25
CA MET B 7 -5.28 -5.90 -0.35
C MET B 7 -6.72 -5.68 0.09
N MET B 8 -7.54 -6.73 -0.08
CA MET B 8 -8.95 -6.64 0.30
C MET B 8 -9.12 -6.97 1.78
N GLN B 9 -8.33 -7.93 2.26
CA GLN B 9 -8.42 -8.33 3.67
C GLN B 9 -8.70 -7.12 4.56
N ALA B 10 -7.88 -6.09 4.40
CA ALA B 10 -8.05 -4.87 5.19
C ALA B 10 -9.48 -4.36 5.07
N LEU B 11 -9.93 -4.21 3.83
CA LEU B 11 -11.29 -3.73 3.59
C LEU B 11 -12.02 -4.63 2.60
N LEU B 12 -12.42 -5.80 3.07
CA LEU B 12 -13.13 -6.75 2.22
C LEU B 12 -14.63 -6.62 2.43
N GLY B 13 -15.13 -5.40 2.26
CA GLY B 13 -16.56 -5.14 2.43
C GLY B 13 -16.79 -4.11 3.52
N ALA B 14 -16.20 -2.93 3.34
CA ALA B 14 -16.35 -1.85 4.32
C ALA B 14 -17.00 -0.64 3.67
N ARG B 15 -17.85 -0.88 2.69
CA ARG B 15 -18.53 0.20 1.99
C ARG B 15 -20.04 0.09 2.19
N ALA B 16 -20.54 -1.14 2.16
CA ALA B 16 -21.97 -1.37 2.35
C ALA B 16 -22.76 -0.82 1.16
N LYS B 17 -22.83 0.51 1.08
CA LYS B 17 -23.55 1.15 -0.01
C LYS B 17 -25.02 0.73 -0.01
CA CA C . 9.39 8.43 0.22
C1 BEP D . 5.15 -4.94 0.77
C2 BEP D . 3.84 -4.98 1.55
C3 BEP D . 3.90 -3.98 2.76
O1 BEP D . 4.93 -5.45 -0.57
N2 BEP D . 3.57 -6.37 2.03
N3 BEP D . 3.02 -2.80 2.52
C4 BEP D . 5.97 -6.32 -1.07
C5 BEP D . 7.30 -5.59 -1.05
C6 BEP D . 7.95 -5.67 -2.44
C7 BEP D . 8.22 -6.23 -0.02
C8 BEP D . 4.71 -7.17 2.55
C9 BEP D . 4.14 -7.98 3.73
C10 BEP D . 2.62 -7.96 3.51
C11 BEP D . 2.37 -6.59 2.89
C12 BEP D . 1.74 -2.71 3.27
C13 BEP D . 0.59 -3.66 2.82
C14 BEP D . 0.46 -3.98 1.47
C15 BEP D . -0.57 -4.84 1.05
C16 BEP D . -1.47 -5.36 1.99
C17 BEP D . -1.33 -5.03 3.35
C18 BEP D . -0.30 -4.18 3.76
C19 BEP D . 3.71 -1.51 2.27
C20 BEP D . 4.91 -1.22 2.94
C21 BEP D . 5.57 -0.01 2.70
C22 BEP D . 5.02 0.92 1.80
C23 BEP D . 3.82 0.63 1.14
C24 BEP D . 3.17 -0.58 1.37
H11 BEP D . 5.89 -5.55 1.28
H12 BEP D . 5.51 -3.92 0.73
H21 BEP D . 3.02 -4.66 0.89
H31 BEP D . 4.94 -3.65 2.90
H32 BEP D . 3.57 -4.50 3.68
H41 BEP D . 6.04 -7.21 -0.45
H42 BEP D . 5.75 -6.63 -2.09
H51 BEP D . 7.14 -4.55 -0.80
H61 BEP D . 7.86 -4.72 -2.94
H62 BEP D . 7.46 -6.44 -3.01
H63 BEP D . 9.00 -5.92 -2.33
H71 BEP D . 9.25 -6.01 -0.27
H72 BEP D . 8.08 -7.30 -0.01
H73 BEP D . 8.00 -5.82 0.96
H81 BEP D . 5.09 -7.85 1.75
H82 BEP D . 5.54 -6.52 2.88
H91 BEP D . 4.41 -7.51 4.67
H92 BEP D . 4.52 -9.00 3.70
H101 BEP D . 2.09 -8.06 4.44
H102 BEP D . 2.31 -8.75 2.85
H111 BEP D . 2.29 -5.79 3.65
H112 BEP D . 1.46 -6.57 2.26
H121 BEP D . 1.96 -2.91 4.34
H122 BEP D . 1.39 -1.66 3.24
H141 BEP D . 1.16 -3.58 0.74
H151 BEP D . -0.68 -5.08 0.00
H161 BEP D . -2.26 -6.01 1.67
H171 BEP D . -2.02 -5.44 4.07
H181 BEP D . -0.19 -3.92 4.80
H201 BEP D . 5.33 -1.94 3.63
H211 BEP D . 6.48 0.22 3.21
H221 BEP D . 5.53 1.86 1.62
H231 BEP D . 3.40 1.34 0.44
H241 BEP D . 2.24 -0.80 0.86
N MET A 1 7.79 12.12 -15.87
CA MET A 1 7.48 11.12 -14.81
C MET A 1 7.71 9.70 -15.35
N ASP A 2 7.43 8.71 -14.51
CA ASP A 2 7.60 7.32 -14.90
C ASP A 2 6.31 6.78 -15.50
N ASP A 3 6.27 6.69 -16.83
CA ASP A 3 5.07 6.19 -17.51
C ASP A 3 5.14 4.67 -17.67
N ILE A 4 6.33 4.13 -17.49
CA ILE A 4 6.52 2.68 -17.62
C ILE A 4 5.65 1.94 -16.60
N TYR A 5 5.24 2.65 -15.56
CA TYR A 5 4.39 2.04 -14.53
C TYR A 5 2.92 2.20 -14.89
N LYS A 6 2.57 3.39 -15.37
CA LYS A 6 1.19 3.67 -15.75
C LYS A 6 0.61 2.48 -16.52
N ALA A 7 1.46 1.84 -17.32
CA ALA A 7 1.03 0.69 -18.10
C ALA A 7 0.44 -0.38 -17.19
N ALA A 8 1.32 -1.01 -16.40
CA ALA A 8 0.88 -2.05 -15.48
C ALA A 8 -0.32 -1.56 -14.67
N VAL A 9 -0.31 -0.26 -14.36
CA VAL A 9 -1.39 0.33 -13.59
C VAL A 9 -2.62 0.53 -14.48
N GLU A 10 -2.37 0.62 -15.78
CA GLU A 10 -3.47 0.80 -16.75
C GLU A 10 -4.06 -0.56 -17.11
N GLN A 11 -3.18 -1.54 -17.25
CA GLN A 11 -3.62 -2.89 -17.58
C GLN A 11 -4.73 -3.32 -16.64
N LEU A 12 -4.60 -2.92 -15.38
CA LEU A 12 -5.59 -3.27 -14.37
C LEU A 12 -6.92 -2.59 -14.67
N THR A 13 -8.01 -3.29 -14.36
CA THR A 13 -9.35 -2.75 -14.59
C THR A 13 -9.87 -2.09 -13.32
N GLU A 14 -10.73 -1.09 -13.49
CA GLU A 14 -11.29 -0.38 -12.34
C GLU A 14 -11.73 -1.37 -11.27
N GLU A 15 -12.06 -2.58 -11.70
CA GLU A 15 -12.50 -3.62 -10.77
C GLU A 15 -11.49 -3.77 -9.64
N GLN A 16 -10.27 -4.14 -10.01
CA GLN A 16 -9.21 -4.32 -9.00
C GLN A 16 -8.90 -2.98 -8.35
N LYS A 17 -8.67 -1.96 -9.17
CA LYS A 17 -8.35 -0.63 -8.66
C LYS A 17 -9.21 -0.31 -7.43
N ASN A 18 -10.49 -0.62 -7.52
CA ASN A 18 -11.43 -0.35 -6.43
C ASN A 18 -10.95 -1.02 -5.14
N GLU A 19 -10.22 -2.12 -5.28
CA GLU A 19 -9.72 -2.83 -4.11
C GLU A 19 -8.52 -2.10 -3.53
N PHE A 20 -7.58 -1.75 -4.40
CA PHE A 20 -6.38 -1.05 -3.99
C PHE A 20 -6.75 0.27 -3.32
N LYS A 21 -7.83 0.89 -3.79
CA LYS A 21 -8.28 2.17 -3.24
C LYS A 21 -8.81 1.95 -1.82
N ALA A 22 -9.38 0.78 -1.60
CA ALA A 22 -9.94 0.45 -0.28
C ALA A 22 -8.82 0.45 0.76
N ALA A 23 -7.72 -0.21 0.44
CA ALA A 23 -6.58 -0.28 1.36
C ALA A 23 -6.02 1.11 1.60
N PHE A 24 -5.80 1.86 0.52
CA PHE A 24 -5.26 3.20 0.62
C PHE A 24 -6.05 4.02 1.65
N ASP A 25 -7.31 3.61 1.85
CA ASP A 25 -8.16 4.30 2.82
C ASP A 25 -7.75 3.93 4.23
N ILE A 26 -7.32 2.69 4.40
CA ILE A 26 -6.89 2.21 5.71
C ILE A 26 -5.41 2.50 5.90
N PHE A 27 -4.65 2.41 4.80
CA PHE A 27 -3.21 2.67 4.86
C PHE A 27 -2.99 4.05 5.47
N VAL A 28 -3.79 5.00 5.03
CA VAL A 28 -3.71 6.37 5.55
C VAL A 28 -5.02 6.74 6.21
N LEU A 29 -5.59 5.77 6.93
CA LEU A 29 -6.87 5.98 7.62
C LEU A 29 -6.72 7.03 8.73
N GLY A 30 -5.48 7.42 8.99
CA GLY A 30 -5.21 8.42 10.02
C GLY A 30 -4.00 9.28 9.63
N ALA A 31 -3.83 9.47 8.33
CA ALA A 31 -2.72 10.28 7.82
C ALA A 31 -3.23 11.55 7.15
N GLU A 32 -2.40 12.58 7.21
CA GLU A 32 -2.76 13.86 6.60
C GLU A 32 -3.40 13.65 5.23
N ASP A 33 -2.59 13.32 4.24
CA ASP A 33 -3.09 13.08 2.89
C ASP A 33 -3.15 11.59 2.60
N GLY A 34 -2.00 11.01 2.28
CA GLY A 34 -1.93 9.58 1.98
C GLY A 34 -0.57 9.02 2.36
N CYS A 35 -0.02 9.52 3.46
CA CYS A 35 1.28 9.06 3.93
C CYS A 35 1.16 7.72 4.66
N ILE A 36 1.95 6.75 4.23
CA ILE A 36 1.93 5.42 4.84
C ILE A 36 3.18 5.22 5.69
N SER A 37 3.20 5.81 6.87
CA SER A 37 4.34 5.70 7.77
C SER A 37 4.48 4.26 8.27
N THR A 38 5.47 4.04 9.12
CA THR A 38 5.72 2.72 9.69
C THR A 38 4.66 2.40 10.74
N LYS A 39 4.46 3.33 11.66
CA LYS A 39 3.47 3.16 12.72
C LYS A 39 2.06 3.14 12.15
N GLU A 40 1.91 3.74 10.97
CA GLU A 40 0.59 3.79 10.32
C GLU A 40 0.35 2.54 9.50
N LEU A 41 1.44 1.84 9.16
CA LEU A 41 1.34 0.62 8.38
C LEU A 41 0.83 -0.54 9.23
N GLY A 42 1.40 -0.67 10.42
CA GLY A 42 0.99 -1.74 11.33
C GLY A 42 -0.51 -1.70 11.56
N LYS A 43 -1.11 -0.53 11.32
CA LYS A 43 -2.55 -0.36 11.50
C LYS A 43 -3.32 -1.14 10.44
N VAL A 44 -2.72 -1.27 9.27
CA VAL A 44 -3.35 -1.99 8.16
C VAL A 44 -3.04 -3.48 8.24
N MET A 45 -1.76 -3.79 8.43
CA MET A 45 -1.33 -5.19 8.51
C MET A 45 -2.06 -5.91 9.64
N ARG A 46 -2.09 -5.29 10.81
CA ARG A 46 -2.76 -5.88 11.96
C ARG A 46 -4.18 -6.33 11.60
N MET A 47 -4.72 -5.73 10.54
CA MET A 47 -6.07 -6.05 10.09
C MET A 47 -6.04 -7.23 9.12
N LEU A 48 -4.87 -7.51 8.57
CA LEU A 48 -4.73 -8.61 7.62
C LEU A 48 -4.45 -9.91 8.34
N GLY A 49 -4.02 -9.81 9.59
CA GLY A 49 -3.73 -10.99 10.39
C GLY A 49 -2.29 -10.95 10.92
N GLN A 50 -1.60 -9.84 10.66
CA GLN A 50 -0.23 -9.69 11.12
C GLN A 50 -0.03 -8.30 11.71
N ASN A 51 0.56 -8.27 12.90
CA ASN A 51 0.80 -6.99 13.59
C ASN A 51 2.30 -6.75 13.77
N PRO A 52 2.92 -6.11 12.79
CA PRO A 52 4.36 -5.80 12.83
C PRO A 52 4.66 -4.57 13.68
N THR A 53 5.93 -4.36 13.98
CA THR A 53 6.33 -3.21 14.79
C THR A 53 6.76 -2.05 13.89
N PRO A 54 7.10 -0.91 14.50
CA PRO A 54 7.54 0.28 13.76
C PRO A 54 8.99 0.19 13.32
N GLU A 55 9.74 -0.67 14.01
CA GLU A 55 11.15 -0.85 13.69
C GLU A 55 11.30 -1.89 12.58
N GLU A 56 10.34 -2.80 12.50
CA GLU A 56 10.37 -3.85 11.49
C GLU A 56 9.74 -3.35 10.18
N LEU A 57 8.63 -2.62 10.32
CA LEU A 57 7.94 -2.07 9.15
C LEU A 57 8.84 -1.09 8.42
N GLN A 58 9.54 -0.26 9.18
CA GLN A 58 10.44 0.73 8.60
C GLN A 58 11.17 0.13 7.40
N GLU A 59 11.66 -1.10 7.57
CA GLU A 59 12.37 -1.77 6.48
C GLU A 59 11.49 -1.83 5.24
N MET A 60 10.22 -2.16 5.45
CA MET A 60 9.28 -2.24 4.34
C MET A 60 9.07 -0.86 3.72
N ILE A 61 9.45 0.18 4.48
CA ILE A 61 9.31 1.55 4.01
C ILE A 61 10.46 1.91 3.08
N ASP A 62 11.67 1.52 3.48
CA ASP A 62 12.86 1.80 2.67
C ASP A 62 12.65 1.33 1.24
N GLU A 63 11.70 0.41 1.07
CA GLU A 63 11.41 -0.12 -0.26
C GLU A 63 10.83 0.97 -1.15
N VAL A 64 10.08 1.87 -0.53
CA VAL A 64 9.45 2.96 -1.27
C VAL A 64 10.13 4.29 -0.94
N ASP A 65 10.53 4.45 0.33
CA ASP A 65 11.18 5.68 0.75
C ASP A 65 12.54 5.84 0.08
N GLU A 66 12.52 6.29 -1.17
CA GLU A 66 13.75 6.49 -1.92
C GLU A 66 14.23 7.94 -1.79
N ASP A 67 13.33 8.80 -1.32
CA ASP A 67 13.65 10.22 -1.15
C ASP A 67 13.99 10.50 0.30
N GLY A 68 13.49 9.65 1.19
CA GLY A 68 13.74 9.82 2.63
C GLY A 68 12.67 10.71 3.25
N SER A 69 11.55 10.83 2.56
CA SER A 69 10.44 11.65 3.05
C SER A 69 10.03 11.22 4.45
N GLY A 70 10.18 9.93 4.73
CA GLY A 70 9.83 9.40 6.05
C GLY A 70 8.47 8.71 6.00
N THR A 71 7.83 8.74 4.83
CA THR A 71 6.52 8.11 4.66
C THR A 71 6.33 7.68 3.21
N VAL A 72 5.17 7.11 2.93
CA VAL A 72 4.87 6.65 1.57
C VAL A 72 3.47 7.09 1.15
N ASP A 73 3.41 7.86 0.05
CA ASP A 73 2.13 8.33 -0.45
C ASP A 73 1.39 7.20 -1.17
N PHE A 74 0.32 7.55 -1.88
CA PHE A 74 -0.46 6.56 -2.61
C PHE A 74 0.21 6.20 -3.94
N ASP A 75 1.33 6.87 -4.22
CA ASP A 75 2.05 6.63 -5.47
C ASP A 75 3.06 5.51 -5.31
N GLU A 76 4.27 5.87 -4.86
CA GLU A 76 5.32 4.87 -4.68
C GLU A 76 4.78 3.61 -4.02
N PHE A 77 3.70 3.77 -3.26
CA PHE A 77 3.08 2.62 -2.59
C PHE A 77 2.56 1.64 -3.62
N LEU A 78 1.46 2.01 -4.28
CA LEU A 78 0.86 1.14 -5.30
C LEU A 78 1.95 0.44 -6.09
N VAL A 79 2.85 1.22 -6.67
CA VAL A 79 3.95 0.65 -7.44
C VAL A 79 4.60 -0.50 -6.67
N MET A 80 5.09 -0.19 -5.47
CA MET A 80 5.73 -1.19 -4.64
C MET A 80 4.97 -2.51 -4.73
N MET A 81 3.65 -2.41 -4.83
CA MET A 81 2.81 -3.61 -4.93
C MET A 81 2.89 -4.19 -6.33
N VAL A 82 2.22 -3.52 -7.27
CA VAL A 82 2.21 -3.99 -8.65
C VAL A 82 3.62 -4.41 -9.08
N ARG A 83 4.62 -3.68 -8.58
CA ARG A 83 6.01 -3.97 -8.91
C ARG A 83 6.40 -5.35 -8.39
N CYS A 84 6.12 -5.60 -7.11
CA CYS A 84 6.44 -6.89 -6.52
C CYS A 84 5.56 -8.00 -7.08
N MET A 85 4.42 -7.60 -7.64
CA MET A 85 3.49 -8.57 -8.22
C MET A 85 3.90 -8.90 -9.65
N LYS A 86 5.09 -8.44 -10.04
CA LYS A 86 5.59 -8.70 -11.39
C LYS A 86 7.09 -8.95 -11.35
N ASP A 87 7.81 -8.05 -10.69
CA ASP A 87 9.25 -8.18 -10.58
C ASP A 87 9.71 -7.88 -9.15
N ASP A 88 9.41 -8.80 -8.24
CA ASP A 88 9.79 -8.63 -6.84
C ASP A 88 11.26 -8.23 -6.74
N SER A 89 11.49 -6.92 -6.67
CA SER A 89 12.86 -6.41 -6.57
C SER A 89 13.49 -6.83 -5.25
N ARG B 1 2.97 -13.88 0.47
CA ARG B 1 1.92 -13.51 -0.53
C ARG B 1 1.68 -12.00 -0.47
N ILE B 2 1.15 -11.46 -1.56
CA ILE B 2 0.87 -10.03 -1.63
C ILE B 2 0.01 -9.70 -2.85
N SER B 3 -0.88 -10.63 -3.19
CA SER B 3 -1.76 -10.44 -4.35
C SER B 3 -3.01 -9.68 -3.95
N ALA B 4 -2.99 -9.09 -2.75
CA ALA B 4 -4.14 -8.34 -2.26
C ALA B 4 -5.18 -9.27 -1.66
N ASP B 5 -4.96 -10.58 -1.80
CA ASP B 5 -5.90 -11.56 -1.28
C ASP B 5 -6.16 -11.32 0.21
N ALA B 6 -5.11 -10.89 0.91
CA ALA B 6 -5.22 -10.63 2.34
C ALA B 6 -5.74 -9.21 2.57
N MET B 7 -5.20 -8.26 1.81
CA MET B 7 -5.61 -6.87 1.95
C MET B 7 -7.13 -6.77 2.00
N MET B 8 -7.78 -7.32 0.99
CA MET B 8 -9.24 -7.29 0.93
C MET B 8 -9.85 -7.46 2.31
N GLN B 9 -9.17 -8.24 3.16
CA GLN B 9 -9.64 -8.47 4.51
C GLN B 9 -9.89 -7.16 5.24
N ALA B 10 -8.89 -6.29 5.23
CA ALA B 10 -9.01 -4.99 5.89
C ALA B 10 -9.77 -4.00 5.01
N LEU B 11 -10.11 -4.43 3.79
CA LEU B 11 -10.83 -3.57 2.87
C LEU B 11 -12.29 -4.00 2.78
N LEU B 12 -12.72 -4.84 3.73
CA LEU B 12 -14.10 -5.31 3.74
C LEU B 12 -15.02 -4.22 4.28
N GLY B 13 -14.48 -3.40 5.18
CA GLY B 13 -15.25 -2.31 5.78
C GLY B 13 -14.36 -1.11 6.07
N ALA B 14 -13.91 -1.02 7.32
CA ALA B 14 -13.05 0.08 7.73
C ALA B 14 -13.66 1.43 7.36
N ARG B 15 -13.35 1.89 6.15
CA ARG B 15 -13.88 3.16 5.68
C ARG B 15 -14.01 3.17 4.16
N ALA B 16 -14.44 2.03 3.61
CA ALA B 16 -14.59 1.91 2.17
C ALA B 16 -15.92 2.53 1.72
N LYS B 17 -15.82 3.69 1.07
CA LYS B 17 -17.02 4.37 0.59
C LYS B 17 -17.06 4.39 -0.94
CA CA C . 8.79 8.14 0.05
C1 BEP D . 6.00 -5.61 1.68
C2 BEP D . 4.49 -5.62 1.96
C3 BEP D . 4.05 -4.31 2.69
O1 BEP D . 6.30 -6.50 0.58
N2 BEP D . 4.14 -6.81 2.79
N3 BEP D . 3.47 -3.33 1.73
C4 BEP D . 7.63 -7.07 0.60
C5 BEP D . 7.67 -8.26 -0.37
C6 BEP D . 6.54 -9.23 -0.04
C7 BEP D . 9.02 -8.98 -0.23
C8 BEP D . 2.69 -7.13 2.99
C9 BEP D . 2.59 -8.66 2.96
C10 BEP D . 4.04 -9.13 3.22
C11 BEP D . 4.89 -8.07 2.56
C12 BEP D . 2.07 -3.56 1.26
C13 BEP D . 1.03 -3.96 2.32
C14 BEP D . 0.19 -5.06 2.10
C15 BEP D . -0.76 -5.43 3.07
C16 BEP D . -0.87 -4.69 4.25
C17 BEP D . -0.03 -3.60 4.47
C18 BEP D . 0.92 -3.23 3.51
C19 BEP D . 3.87 -1.92 1.91
C20 BEP D . 4.16 -1.42 3.20
C21 BEP D . 4.55 -0.08 3.36
C22 BEP D . 4.63 0.76 2.26
C23 BEP D . 4.34 0.28 0.97
C24 BEP D . 3.95 -1.06 0.80
H11 BEP D . 6.53 -5.92 2.57
H12 BEP D . 6.30 -4.60 1.44
H21 BEP D . 3.95 -5.68 1.00
H31 BEP D . 4.93 -3.86 3.20
H32 BEP D . 3.30 -4.56 3.48
H41 BEP D . 8.36 -6.34 0.28
H42 BEP D . 7.88 -7.42 1.59
H51 BEP D . 7.56 -7.91 -1.38
H61 BEP D . 6.50 -9.39 1.02
H62 BEP D . 6.72 -10.17 -0.54
H63 BEP D . 5.61 -8.82 -0.37
H71 BEP D . 8.85 -10.04 -0.18
H72 BEP D . 9.52 -8.65 0.67
H73 BEP D . 9.63 -8.75 -1.09
H81 BEP D . 2.35 -6.73 3.97
H82 BEP D . 2.08 -6.66 2.19
H91 BEP D . 2.24 -8.99 1.99
H92 BEP D . 1.93 -9.01 3.73
H101 BEP D . 4.20 -10.11 2.78
H102 BEP D . 4.23 -9.20 4.27
H111 BEP D . 5.01 -8.24 1.46
H112 BEP D . 5.90 -7.99 3.01
H121 BEP D . 1.74 -2.64 0.74
H122 BEP D . 2.13 -4.34 0.47
H141 BEP D . 0.27 -5.63 1.18
H151 BEP D . -1.41 -6.27 2.89
H161 BEP D . -1.60 -4.97 4.99
H171 BEP D . -0.10 -3.03 5.39
H181 BEP D . 1.57 -2.39 3.68
H201 BEP D . 4.10 -2.08 4.05
H211 BEP D . 4.77 0.29 4.34
H221 BEP D . 4.92 1.80 2.39
H231 BEP D . 4.40 0.93 0.12
H241 BEP D . 3.73 -1.43 -0.18
N MET A 1 8.97 8.63 -16.87
CA MET A 1 9.92 8.10 -15.83
C MET A 1 9.50 6.69 -15.44
N ASP A 2 8.23 6.54 -15.08
CA ASP A 2 7.71 5.24 -14.68
C ASP A 2 6.89 4.61 -15.80
N ASP A 3 7.57 4.27 -16.90
CA ASP A 3 6.90 3.66 -18.04
C ASP A 3 6.47 2.24 -17.71
N ILE A 4 7.45 1.35 -17.56
CA ILE A 4 7.16 -0.04 -17.24
C ILE A 4 6.02 -0.11 -16.23
N TYR A 5 5.94 0.92 -15.37
CA TYR A 5 4.89 0.99 -14.37
C TYR A 5 3.62 1.57 -14.99
N LYS A 6 3.80 2.64 -15.75
CA LYS A 6 2.68 3.30 -16.41
C LYS A 6 1.81 2.27 -17.13
N ALA A 7 2.47 1.43 -17.94
CA ALA A 7 1.76 0.40 -18.68
C ALA A 7 1.09 -0.58 -17.72
N ALA A 8 1.85 -1.00 -16.71
CA ALA A 8 1.33 -1.93 -15.72
C ALA A 8 0.18 -1.27 -14.94
N VAL A 9 0.32 0.02 -14.71
CA VAL A 9 -0.71 0.77 -13.99
C VAL A 9 -1.89 1.06 -14.92
N GLU A 10 -1.61 1.09 -16.23
CA GLU A 10 -2.64 1.35 -17.22
C GLU A 10 -3.38 0.06 -17.54
N GLN A 11 -2.64 -1.05 -17.49
CA GLN A 11 -3.22 -2.36 -17.78
C GLN A 11 -4.39 -2.63 -16.84
N LEU A 12 -4.23 -2.20 -15.59
CA LEU A 12 -5.26 -2.39 -14.59
C LEU A 12 -6.57 -1.72 -15.00
N THR A 13 -7.67 -2.29 -14.52
CA THR A 13 -8.99 -1.74 -14.84
C THR A 13 -9.57 -1.06 -13.61
N GLU A 14 -10.58 -0.21 -13.83
CA GLU A 14 -11.21 0.50 -12.72
C GLU A 14 -11.56 -0.47 -11.59
N GLU A 15 -11.70 -1.74 -11.94
CA GLU A 15 -12.03 -2.77 -10.96
C GLU A 15 -10.94 -2.86 -9.89
N GLN A 16 -9.79 -3.41 -10.27
CA GLN A 16 -8.69 -3.56 -9.33
C GLN A 16 -8.34 -2.19 -8.72
N LYS A 17 -8.44 -1.15 -9.54
CA LYS A 17 -8.14 0.21 -9.09
C LYS A 17 -8.96 0.55 -7.85
N ASN A 18 -10.27 0.40 -7.99
CA ASN A 18 -11.18 0.71 -6.88
C ASN A 18 -10.76 -0.07 -5.63
N GLU A 19 -11.02 -1.39 -5.66
CA GLU A 19 -10.67 -2.24 -4.54
C GLU A 19 -9.33 -1.84 -3.93
N PHE A 20 -8.40 -1.42 -4.79
CA PHE A 20 -7.08 -1.00 -4.32
C PHE A 20 -7.19 0.27 -3.48
N LYS A 21 -7.76 1.31 -4.08
CA LYS A 21 -7.91 2.58 -3.39
C LYS A 21 -8.54 2.38 -2.02
N ALA A 22 -9.39 1.36 -1.91
CA ALA A 22 -10.05 1.06 -0.64
C ALA A 22 -9.03 1.02 0.49
N ALA A 23 -8.08 0.08 0.39
CA ALA A 23 -7.05 -0.05 1.41
C ALA A 23 -6.23 1.24 1.51
N PHE A 24 -6.27 2.02 0.44
CA PHE A 24 -5.53 3.27 0.41
C PHE A 24 -6.13 4.26 1.41
N ASP A 25 -7.41 4.07 1.70
CA ASP A 25 -8.09 4.95 2.65
C ASP A 25 -7.88 4.44 4.08
N ILE A 26 -6.99 3.46 4.23
CA ILE A 26 -6.72 2.90 5.55
C ILE A 26 -5.24 3.01 5.89
N PHE A 27 -4.38 2.82 4.88
CA PHE A 27 -2.95 2.89 5.09
C PHE A 27 -2.51 4.33 5.41
N VAL A 28 -3.46 5.25 5.29
CA VAL A 28 -3.18 6.66 5.59
C VAL A 28 -4.43 7.32 6.18
N LEU A 29 -5.29 6.49 6.78
CA LEU A 29 -6.52 7.01 7.37
C LEU A 29 -6.20 8.03 8.47
N GLY A 30 -4.95 8.04 8.90
CA GLY A 30 -4.51 8.96 9.94
C GLY A 30 -3.40 9.88 9.42
N ALA A 31 -2.79 9.47 8.31
CA ALA A 31 -1.72 10.25 7.70
C ALA A 31 -2.26 11.60 7.21
N GLU A 32 -1.38 12.60 7.23
CA GLU A 32 -1.76 13.94 6.79
C GLU A 32 -2.60 13.86 5.51
N ASP A 33 -1.94 13.52 4.40
CA ASP A 33 -2.63 13.41 3.12
C ASP A 33 -2.75 11.95 2.69
N GLY A 34 -1.61 11.35 2.36
CA GLY A 34 -1.58 9.96 1.93
C GLY A 34 -0.17 9.40 2.04
N CYS A 35 0.40 9.53 3.24
CA CYS A 35 1.75 9.05 3.49
C CYS A 35 1.74 7.94 4.54
N ILE A 36 2.52 6.90 4.30
CA ILE A 36 2.59 5.77 5.22
C ILE A 36 3.78 5.93 6.16
N SER A 37 3.76 5.17 7.26
CA SER A 37 4.84 5.23 8.23
C SER A 37 4.98 3.87 8.92
N THR A 38 6.21 3.53 9.27
CA THR A 38 6.47 2.25 9.94
C THR A 38 5.36 1.95 10.94
N LYS A 39 4.84 3.00 11.56
CA LYS A 39 3.79 2.85 12.55
C LYS A 39 2.41 2.85 11.89
N GLU A 40 2.28 3.66 10.83
CA GLU A 40 1.01 3.76 10.11
C GLU A 40 0.66 2.43 9.47
N LEU A 41 1.46 2.04 8.48
CA LEU A 41 1.23 0.79 7.77
C LEU A 41 0.72 -0.29 8.73
N GLY A 42 1.39 -0.39 9.87
CA GLY A 42 1.01 -1.39 10.88
C GLY A 42 -0.50 -1.46 11.05
N LYS A 43 -1.17 -0.32 10.83
CA LYS A 43 -2.62 -0.27 10.97
C LYS A 43 -3.31 -1.20 9.98
N VAL A 44 -3.08 -0.97 8.69
CA VAL A 44 -3.69 -1.80 7.66
C VAL A 44 -3.43 -3.28 7.94
N MET A 45 -2.16 -3.64 7.96
CA MET A 45 -1.78 -5.04 8.23
C MET A 45 -2.71 -5.65 9.26
N ARG A 46 -2.82 -4.99 10.40
CA ARG A 46 -3.68 -5.47 11.49
C ARG A 46 -4.95 -6.08 10.93
N MET A 47 -5.79 -5.23 10.34
CA MET A 47 -7.07 -5.69 9.78
C MET A 47 -6.87 -6.95 8.95
N LEU A 48 -5.65 -7.15 8.45
CA LEU A 48 -5.35 -8.32 7.64
C LEU A 48 -4.92 -9.50 8.51
N GLY A 49 -5.36 -9.50 9.76
CA GLY A 49 -5.01 -10.57 10.69
C GLY A 49 -3.52 -10.58 11.00
N GLN A 50 -2.86 -9.47 10.70
CA GLN A 50 -1.42 -9.36 10.96
C GLN A 50 -1.10 -8.01 11.59
N ASN A 51 -0.48 -8.03 12.76
CA ASN A 51 -0.13 -6.81 13.46
C ASN A 51 1.37 -6.74 13.73
N PRO A 52 2.13 -6.22 12.77
CA PRO A 52 3.58 -6.09 12.90
C PRO A 52 4.00 -4.86 13.71
N THR A 53 5.31 -4.62 13.76
CA THR A 53 5.83 -3.47 14.51
C THR A 53 6.40 -2.43 13.54
N PRO A 54 6.86 -1.31 14.09
CA PRO A 54 7.44 -0.22 13.28
C PRO A 54 8.89 -0.50 12.89
N GLU A 55 9.44 -1.57 13.46
CA GLU A 55 10.82 -1.95 13.17
C GLU A 55 10.87 -2.82 11.92
N GLU A 56 9.97 -3.80 11.86
CA GLU A 56 9.91 -4.70 10.72
C GLU A 56 9.35 -3.97 9.51
N LEU A 57 8.40 -3.08 9.77
CA LEU A 57 7.78 -2.30 8.71
C LEU A 57 8.79 -1.37 8.06
N GLN A 58 9.50 -0.62 8.91
CA GLN A 58 10.51 0.31 8.42
C GLN A 58 11.28 -0.32 7.26
N GLU A 59 11.74 -1.56 7.47
CA GLU A 59 12.47 -2.27 6.43
C GLU A 59 11.70 -2.21 5.12
N MET A 60 10.40 -2.42 5.21
CA MET A 60 9.54 -2.38 4.02
C MET A 60 9.41 -0.94 3.53
N ILE A 61 9.60 0.01 4.46
CA ILE A 61 9.50 1.42 4.13
C ILE A 61 10.72 1.85 3.31
N ASP A 62 11.86 1.23 3.60
CA ASP A 62 13.09 1.54 2.89
C ASP A 62 12.94 1.20 1.41
N GLU A 63 12.07 0.25 1.12
CA GLU A 63 11.84 -0.18 -0.26
C GLU A 63 11.31 0.98 -1.07
N VAL A 64 10.54 1.85 -0.42
CA VAL A 64 9.95 3.00 -1.08
C VAL A 64 10.66 4.29 -0.65
N ASP A 65 11.02 4.35 0.63
CA ASP A 65 11.69 5.53 1.17
C ASP A 65 13.11 5.63 0.60
N GLU A 66 13.19 5.83 -0.72
CA GLU A 66 14.49 5.94 -1.37
C GLU A 66 15.03 7.37 -1.27
N ASP A 67 14.17 8.29 -0.84
CA ASP A 67 14.57 9.68 -0.70
C ASP A 67 14.72 10.05 0.77
N GLY A 68 14.68 9.05 1.64
CA GLY A 68 14.82 9.29 3.07
C GLY A 68 13.72 10.23 3.57
N SER A 69 12.59 10.22 2.87
CA SER A 69 11.47 11.09 3.24
C SER A 69 10.93 10.68 4.61
N GLY A 70 10.92 9.37 4.87
CA GLY A 70 10.42 8.86 6.14
C GLY A 70 8.94 8.51 6.04
N THR A 71 8.39 8.62 4.83
CA THR A 71 6.98 8.32 4.62
C THR A 71 6.76 7.75 3.22
N VAL A 72 5.53 7.32 2.95
CA VAL A 72 5.19 6.77 1.64
C VAL A 72 3.93 7.42 1.09
N ASP A 73 4.13 8.44 0.24
CA ASP A 73 3.00 9.15 -0.36
C ASP A 73 2.07 8.20 -1.08
N PHE A 74 1.10 8.77 -1.79
CA PHE A 74 0.12 7.98 -2.53
C PHE A 74 0.70 7.50 -3.87
N ASP A 75 1.96 7.81 -4.11
CA ASP A 75 2.61 7.41 -5.35
C ASP A 75 3.49 6.19 -5.16
N GLU A 76 4.66 6.40 -4.56
CA GLU A 76 5.62 5.32 -4.32
C GLU A 76 4.91 4.05 -3.86
N PHE A 77 3.81 4.20 -3.13
CA PHE A 77 3.08 3.04 -2.64
C PHE A 77 2.78 2.07 -3.77
N LEU A 78 1.79 2.43 -4.58
CA LEU A 78 1.39 1.59 -5.71
C LEU A 78 2.62 0.99 -6.40
N VAL A 79 3.50 1.86 -6.88
CA VAL A 79 4.71 1.40 -7.56
C VAL A 79 5.30 0.19 -6.84
N MET A 80 5.80 0.42 -5.63
CA MET A 80 6.39 -0.67 -4.85
C MET A 80 5.50 -1.92 -4.90
N MET A 81 4.21 -1.69 -5.03
CA MET A 81 3.25 -2.80 -5.08
C MET A 81 3.25 -3.44 -6.46
N VAL A 82 3.46 -2.62 -7.48
CA VAL A 82 3.48 -3.11 -8.86
C VAL A 82 4.81 -3.78 -9.17
N ARG A 83 5.80 -3.54 -8.31
CA ARG A 83 7.12 -4.13 -8.51
C ARG A 83 7.17 -5.53 -7.93
N CYS A 84 6.62 -5.69 -6.74
CA CYS A 84 6.61 -7.00 -6.07
C CYS A 84 5.57 -7.92 -6.72
N MET A 85 4.57 -7.31 -7.34
CA MET A 85 3.51 -8.07 -8.00
C MET A 85 4.03 -8.73 -9.27
N LYS A 86 5.11 -8.16 -9.82
CA LYS A 86 5.71 -8.69 -11.04
C LYS A 86 6.78 -9.71 -10.70
N ASP A 87 7.92 -9.23 -10.22
CA ASP A 87 9.02 -10.11 -9.86
C ASP A 87 9.05 -10.35 -8.36
N ASP A 88 7.92 -10.84 -7.83
CA ASP A 88 7.82 -11.12 -6.41
C ASP A 88 8.95 -12.04 -5.95
N SER A 89 9.63 -11.63 -4.88
CA SER A 89 10.75 -12.41 -4.36
C SER A 89 10.62 -12.57 -2.85
N ARG B 1 3.67 -11.06 0.52
CA ARG B 1 2.89 -11.78 -0.54
C ARG B 1 2.28 -10.76 -1.50
N ILE B 2 1.73 -9.68 -0.93
CA ILE B 2 1.12 -8.64 -1.75
C ILE B 2 0.13 -9.25 -2.73
N SER B 3 -1.05 -9.60 -2.22
CA SER B 3 -2.09 -10.20 -3.06
C SER B 3 -3.27 -9.26 -3.18
N ALA B 4 -4.18 -9.33 -2.21
CA ALA B 4 -5.36 -8.47 -2.21
C ALA B 4 -6.43 -9.04 -1.28
N ASP B 5 -6.71 -10.33 -1.44
CA ASP B 5 -7.72 -10.98 -0.61
C ASP B 5 -7.37 -10.81 0.87
N ALA B 6 -6.11 -10.48 1.13
CA ALA B 6 -5.65 -10.30 2.50
C ALA B 6 -5.96 -8.87 2.97
N MET B 7 -5.52 -7.91 2.17
CA MET B 7 -5.75 -6.50 2.51
C MET B 7 -7.24 -6.17 2.45
N MET B 8 -7.94 -6.83 1.54
CA MET B 8 -9.38 -6.61 1.39
C MET B 8 -10.06 -6.66 2.76
N GLN B 9 -9.55 -7.51 3.64
CA GLN B 9 -10.12 -7.65 4.98
C GLN B 9 -10.32 -6.27 5.62
N ALA B 10 -9.37 -5.37 5.36
CA ALA B 10 -9.45 -4.02 5.91
C ALA B 10 -10.42 -3.17 5.12
N LEU B 11 -10.93 -3.73 4.02
CA LEU B 11 -11.88 -3.00 3.18
C LEU B 11 -13.16 -3.83 2.99
N LEU B 12 -13.24 -4.92 3.74
CA LEU B 12 -14.40 -5.81 3.64
C LEU B 12 -15.25 -5.69 4.91
N GLY B 13 -16.10 -4.67 4.95
CA GLY B 13 -16.97 -4.45 6.10
C GLY B 13 -16.87 -3.01 6.59
N ALA B 14 -15.77 -2.35 6.23
CA ALA B 14 -15.56 -0.97 6.64
C ALA B 14 -16.26 -0.02 5.66
N ARG B 15 -17.10 0.86 6.21
CA ARG B 15 -17.82 1.82 5.39
C ARG B 15 -18.84 1.12 4.49
N ALA B 16 -19.04 -0.17 4.74
CA ALA B 16 -19.99 -0.95 3.95
C ALA B 16 -21.42 -0.69 4.45
N LYS B 17 -22.28 -0.29 3.52
CA LYS B 17 -23.68 -0.01 3.88
C LYS B 17 -24.59 -1.09 3.31
CA CA C . 9.53 8.05 0.33
C1 BEP D . 5.27 -4.59 1.56
C2 BEP D . 3.97 -5.04 2.22
C3 BEP D . 3.29 -3.85 3.01
O1 BEP D . 6.38 -5.37 2.09
N2 BEP D . 4.22 -6.18 3.15
N3 BEP D . 2.98 -2.70 2.11
C4 BEP D . 7.63 -5.23 1.36
C5 BEP D . 7.89 -6.50 0.56
C6 BEP D . 6.72 -6.77 -0.39
C7 BEP D . 8.04 -7.69 1.51
C8 BEP D . 3.21 -6.47 4.21
C9 BEP D . 3.16 -8.01 4.30
C10 BEP D . 4.47 -8.47 3.66
C11 BEP D . 4.71 -7.45 2.56
C12 BEP D . 1.54 -2.41 1.86
C13 BEP D . 0.55 -3.59 2.01
C14 BEP D . 0.31 -4.44 0.92
C15 BEP D . -0.57 -5.51 1.06
C16 BEP D . -1.22 -5.73 2.29
C17 BEP D . -0.97 -4.89 3.38
C18 BEP D . -0.08 -3.81 3.24
C19 BEP D . 3.91 -1.54 2.13
C20 BEP D . 5.05 -1.53 2.95
C21 BEP D . 5.90 -0.42 2.96
C22 BEP D . 5.62 0.68 2.14
C23 BEP D . 4.49 0.68 1.32
C24 BEP D . 3.63 -0.42 1.33
H11 BEP D . 5.42 -3.54 1.77
H12 BEP D . 5.18 -4.71 0.49
H21 BEP D . 3.25 -5.36 1.44
H31 BEP D . 3.97 -3.53 3.82
H32 BEP D . 2.37 -4.22 3.48
H41 BEP D . 7.58 -4.39 0.68
H42 BEP D . 8.44 -5.07 2.05
H51 BEP D . 8.81 -6.39 -0.02
H61 BEP D . 6.60 -5.91 -1.04
H62 BEP D . 5.82 -6.92 0.18
H63 BEP D . 6.93 -7.64 -0.98
H71 BEP D . 9.08 -7.96 1.58
H72 BEP D . 7.47 -8.52 1.14
H73 BEP D . 7.68 -7.41 2.50
H81 BEP D . 3.51 -6.03 5.17
H82 BEP D . 2.22 -6.07 3.92
H91 BEP D . 2.30 -8.39 3.77
H92 BEP D . 3.10 -8.32 5.33
H101 BEP D . 4.37 -9.46 3.25
H102 BEP D . 5.27 -8.47 4.38
H111 BEP D . 4.16 -7.68 1.63
H112 BEP D . 5.79 -7.35 2.30
H121 BEP D . 1.25 -1.57 2.54
H122 BEP D . 1.47 -1.99 0.83
H141 BEP D . 0.80 -4.27 -0.02
H151 BEP D . -0.78 -6.17 0.22
H161 BEP D . -1.91 -6.56 2.40
H171 BEP D . -1.47 -5.06 4.32
H181 BEP D . 0.11 -3.16 4.08
H201 BEP D . 5.27 -2.39 3.57
H211 BEP D . 6.78 -0.42 3.58
H221 BEP D . 6.28 1.54 2.15
H231 BEP D . 4.27 1.54 0.70
H241 BEP D . 2.75 -0.43 0.69
N MET A 1 11.94 5.80 -14.12
CA MET A 1 11.93 7.27 -14.36
C MET A 1 11.33 7.54 -15.74
N ASP A 2 10.17 6.93 -16.01
CA ASP A 2 9.50 7.13 -17.28
C ASP A 2 8.02 6.77 -17.15
N ASP A 3 7.36 6.58 -18.30
CA ASP A 3 5.95 6.23 -18.31
C ASP A 3 5.75 4.73 -18.18
N ILE A 4 6.85 3.98 -18.25
CA ILE A 4 6.78 2.52 -18.14
C ILE A 4 5.80 2.13 -17.05
N TYR A 5 5.70 2.96 -16.02
CA TYR A 5 4.78 2.67 -14.91
C TYR A 5 3.36 3.07 -15.29
N LYS A 6 3.22 4.26 -15.85
CA LYS A 6 1.91 4.75 -16.25
C LYS A 6 1.11 3.63 -16.90
N ALA A 7 1.70 3.00 -17.92
CA ALA A 7 1.04 1.91 -18.62
C ALA A 7 0.51 0.88 -17.62
N ALA A 8 1.42 0.32 -16.82
CA ALA A 8 1.04 -0.67 -15.84
C ALA A 8 -0.09 -0.14 -14.96
N VAL A 9 0.04 1.10 -14.51
CA VAL A 9 -0.99 1.72 -13.68
C VAL A 9 -2.26 1.93 -14.48
N GLU A 10 -2.11 1.91 -15.81
CA GLU A 10 -3.26 2.10 -16.70
C GLU A 10 -3.98 0.77 -16.92
N GLN A 11 -3.18 -0.28 -17.14
CA GLN A 11 -3.74 -1.61 -17.37
C GLN A 11 -4.76 -1.93 -16.29
N LEU A 12 -4.37 -1.70 -15.04
CA LEU A 12 -5.25 -1.98 -13.92
C LEU A 12 -6.61 -1.31 -14.12
N THR A 13 -7.62 -2.14 -14.38
CA THR A 13 -8.96 -1.63 -14.60
C THR A 13 -9.59 -1.20 -13.28
N GLU A 14 -10.62 -0.38 -13.37
CA GLU A 14 -11.31 0.11 -12.18
C GLU A 14 -11.46 -1.01 -11.16
N GLU A 15 -11.72 -2.21 -11.65
CA GLU A 15 -11.89 -3.37 -10.77
C GLU A 15 -10.85 -3.36 -9.66
N GLN A 16 -9.61 -3.66 -10.02
CA GLN A 16 -8.53 -3.69 -9.04
C GLN A 16 -8.31 -2.29 -8.46
N LYS A 17 -8.30 -1.30 -9.35
CA LYS A 17 -8.10 0.08 -8.92
C LYS A 17 -8.99 0.39 -7.73
N ASN A 18 -10.18 -0.22 -7.73
CA ASN A 18 -11.13 -0.01 -6.64
C ASN A 18 -10.59 -0.63 -5.36
N GLU A 19 -10.68 -1.96 -5.28
CA GLU A 19 -10.19 -2.67 -4.09
C GLU A 19 -8.89 -2.03 -3.60
N PHE A 20 -8.13 -1.49 -4.54
CA PHE A 20 -6.86 -0.85 -4.20
C PHE A 20 -7.11 0.44 -3.42
N LYS A 21 -7.88 1.35 -4.01
CA LYS A 21 -8.19 2.61 -3.35
C LYS A 21 -8.80 2.35 -1.98
N ALA A 22 -9.50 1.23 -1.88
CA ALA A 22 -10.12 0.86 -0.60
C ALA A 22 -9.03 0.70 0.45
N ALA A 23 -8.03 -0.12 0.13
CA ALA A 23 -6.93 -0.34 1.05
C ALA A 23 -6.15 0.96 1.24
N PHE A 24 -6.37 1.91 0.33
CA PHE A 24 -5.70 3.20 0.42
C PHE A 24 -6.27 3.99 1.58
N ASP A 25 -7.52 3.68 1.92
CA ASP A 25 -8.18 4.34 3.03
C ASP A 25 -7.85 3.63 4.34
N ILE A 26 -6.85 2.76 4.29
CA ILE A 26 -6.44 2.01 5.49
C ILE A 26 -4.96 2.20 5.77
N PHE A 27 -4.16 2.31 4.71
CA PHE A 27 -2.72 2.48 4.89
C PHE A 27 -2.41 3.83 5.53
N VAL A 28 -3.41 4.68 5.62
CA VAL A 28 -3.25 6.00 6.24
C VAL A 28 -4.50 6.37 7.02
N LEU A 29 -5.23 5.34 7.47
CA LEU A 29 -6.46 5.56 8.22
C LEU A 29 -6.18 6.32 9.52
N GLY A 30 -4.92 6.41 9.87
CA GLY A 30 -4.52 7.11 11.09
C GLY A 30 -3.52 8.21 10.78
N ALA A 31 -3.16 8.33 9.50
CA ALA A 31 -2.21 9.35 9.07
C ALA A 31 -2.91 10.69 8.91
N GLU A 32 -2.15 11.69 8.45
CA GLU A 32 -2.71 13.03 8.25
C GLU A 32 -3.02 13.25 6.77
N ASP A 33 -2.12 12.79 5.92
CA ASP A 33 -2.30 12.93 4.47
C ASP A 33 -2.51 11.56 3.83
N GLY A 34 -1.41 10.86 3.56
CA GLY A 34 -1.49 9.54 2.94
C GLY A 34 -0.17 8.80 3.09
N CYS A 35 0.55 9.09 4.18
CA CYS A 35 1.83 8.45 4.43
C CYS A 35 1.65 7.19 5.27
N ILE A 36 2.51 6.20 5.02
CA ILE A 36 2.44 4.94 5.74
C ILE A 36 3.63 4.80 6.69
N SER A 37 3.47 5.29 7.91
CA SER A 37 4.53 5.21 8.90
C SER A 37 4.76 3.76 9.32
N THR A 38 5.99 3.46 9.71
CA THR A 38 6.33 2.10 10.12
C THR A 38 5.40 1.64 11.24
N LYS A 39 5.13 2.54 12.18
CA LYS A 39 4.25 2.22 13.30
C LYS A 39 2.79 2.36 12.90
N GLU A 40 2.57 2.97 11.73
CA GLU A 40 1.19 3.17 11.24
C GLU A 40 0.73 1.94 10.46
N LEU A 41 1.42 1.66 9.35
CA LEU A 41 1.06 0.51 8.52
C LEU A 41 0.59 -0.65 9.38
N GLY A 42 1.26 -0.85 10.51
CA GLY A 42 0.89 -1.94 11.42
C GLY A 42 -0.62 -2.06 11.53
N LYS A 43 -1.31 -0.93 11.36
CA LYS A 43 -2.77 -0.92 11.44
C LYS A 43 -3.38 -1.80 10.36
N VAL A 44 -3.16 -1.42 9.11
CA VAL A 44 -3.69 -2.19 7.98
C VAL A 44 -3.34 -3.67 8.12
N MET A 45 -2.05 -3.96 8.19
CA MET A 45 -1.59 -5.34 8.33
C MET A 45 -2.34 -6.02 9.47
N ARG A 46 -2.61 -5.26 10.53
CA ARG A 46 -3.33 -5.81 11.67
C ARG A 46 -4.71 -6.27 11.23
N MET A 47 -5.29 -5.55 10.27
CA MET A 47 -6.61 -5.91 9.76
C MET A 47 -6.50 -7.10 8.81
N LEU A 48 -5.40 -7.13 8.06
CA LEU A 48 -5.15 -8.22 7.11
C LEU A 48 -5.09 -9.55 7.85
N GLY A 49 -4.80 -9.49 9.15
CA GLY A 49 -4.70 -10.70 9.96
C GLY A 49 -3.28 -10.92 10.45
N GLN A 50 -2.47 -9.87 10.36
CA GLN A 50 -1.08 -9.94 10.80
C GLN A 50 -0.75 -8.77 11.71
N ASN A 51 -0.11 -9.06 12.84
CA ASN A 51 0.25 -8.02 13.80
C ASN A 51 1.76 -7.86 13.88
N PRO A 52 2.33 -7.06 12.99
CA PRO A 52 3.78 -6.80 12.95
C PRO A 52 4.21 -5.72 13.94
N THR A 53 5.51 -5.61 14.16
CA THR A 53 6.03 -4.60 15.09
C THR A 53 6.60 -3.42 14.30
N PRO A 54 7.12 -2.42 15.02
CA PRO A 54 7.70 -1.23 14.39
C PRO A 54 9.14 -1.46 13.92
N GLU A 55 9.70 -2.60 14.31
CA GLU A 55 11.08 -2.92 13.91
C GLU A 55 11.10 -3.60 12.54
N GLU A 56 10.10 -4.44 12.29
CA GLU A 56 10.01 -5.15 11.01
C GLU A 56 9.40 -4.25 9.95
N LEU A 57 8.25 -3.65 10.28
CA LEU A 57 7.57 -2.76 9.35
C LEU A 57 8.57 -1.85 8.65
N GLN A 58 9.44 -1.25 9.44
CA GLN A 58 10.45 -0.34 8.89
C GLN A 58 11.07 -0.93 7.63
N GLU A 59 11.52 -2.17 7.73
CA GLU A 59 12.13 -2.84 6.59
C GLU A 59 11.21 -2.78 5.37
N MET A 60 9.91 -2.80 5.61
CA MET A 60 8.94 -2.73 4.53
C MET A 60 8.92 -1.34 3.93
N ILE A 61 9.28 -0.36 4.74
CA ILE A 61 9.31 1.03 4.28
C ILE A 61 10.55 1.27 3.43
N ASP A 62 11.68 0.74 3.89
CA ASP A 62 12.94 0.90 3.16
C ASP A 62 12.74 0.53 1.69
N GLU A 63 11.72 -0.29 1.42
CA GLU A 63 11.43 -0.71 0.06
C GLU A 63 10.96 0.49 -0.76
N VAL A 64 10.30 1.41 -0.08
CA VAL A 64 9.79 2.61 -0.73
C VAL A 64 10.57 3.84 -0.28
N ASP A 65 10.90 3.87 1.00
CA ASP A 65 11.65 4.99 1.57
C ASP A 65 13.04 5.05 0.95
N GLU A 66 13.10 5.43 -0.32
CA GLU A 66 14.37 5.52 -1.04
C GLU A 66 15.03 6.88 -0.80
N ASP A 67 14.24 7.82 -0.28
CA ASP A 67 14.75 9.15 0.00
C ASP A 67 14.97 9.36 1.50
N GLY A 68 14.73 8.30 2.27
CA GLY A 68 14.90 8.37 3.72
C GLY A 68 13.95 9.41 4.32
N SER A 69 12.73 9.43 3.83
CA SER A 69 11.72 10.37 4.32
C SER A 69 11.10 9.86 5.61
N GLY A 70 11.22 8.54 5.84
CA GLY A 70 10.66 7.92 7.03
C GLY A 70 9.15 7.75 6.89
N THR A 71 8.65 7.93 5.68
CA THR A 71 7.22 7.79 5.43
C THR A 71 6.99 7.34 3.98
N VAL A 72 5.76 6.91 3.70
CA VAL A 72 5.42 6.46 2.35
C VAL A 72 4.13 7.13 1.87
N ASP A 73 4.30 8.19 1.10
CA ASP A 73 3.16 8.94 0.58
C ASP A 73 2.22 8.03 -0.23
N PHE A 74 1.25 8.63 -0.89
CA PHE A 74 0.28 7.89 -1.69
C PHE A 74 0.87 7.56 -3.07
N ASP A 75 2.01 8.15 -3.38
CA ASP A 75 2.65 7.91 -4.67
C ASP A 75 3.49 6.63 -4.64
N GLU A 76 4.65 6.72 -4.01
CA GLU A 76 5.56 5.57 -3.92
C GLU A 76 4.79 4.28 -3.62
N PHE A 77 3.75 4.39 -2.80
CA PHE A 77 2.96 3.21 -2.44
C PHE A 77 2.56 2.43 -3.70
N LEU A 78 1.56 2.95 -4.42
CA LEU A 78 1.09 2.28 -5.63
C LEU A 78 2.27 1.75 -6.45
N VAL A 79 3.11 2.67 -6.90
CA VAL A 79 4.28 2.31 -7.70
C VAL A 79 4.97 1.08 -7.11
N MET A 80 5.51 1.24 -5.89
CA MET A 80 6.21 0.15 -5.23
C MET A 80 5.50 -1.18 -5.51
N MET A 81 4.25 -1.27 -5.09
CA MET A 81 3.46 -2.47 -5.31
C MET A 81 3.54 -2.93 -6.76
N VAL A 82 3.25 -2.00 -7.67
CA VAL A 82 3.28 -2.29 -9.10
C VAL A 82 4.63 -2.87 -9.52
N ARG A 83 5.64 -2.65 -8.69
CA ARG A 83 6.98 -3.14 -9.00
C ARG A 83 7.14 -4.59 -8.55
N CYS A 84 6.53 -4.93 -7.42
CA CYS A 84 6.62 -6.29 -6.89
C CYS A 84 5.58 -7.20 -7.55
N MET A 85 4.42 -6.63 -7.86
CA MET A 85 3.35 -7.40 -8.48
C MET A 85 3.50 -7.44 -10.00
N LYS A 86 4.57 -6.80 -10.50
CA LYS A 86 4.82 -6.78 -11.94
C LYS A 86 6.32 -6.90 -12.21
N ASP A 87 7.06 -7.35 -11.19
CA ASP A 87 8.50 -7.51 -11.33
C ASP A 87 9.16 -7.55 -9.95
N ASP A 88 8.75 -8.52 -9.16
CA ASP A 88 9.31 -8.67 -7.81
C ASP A 88 10.79 -8.97 -7.88
N SER A 89 11.60 -7.93 -7.66
CA SER A 89 13.05 -8.09 -7.70
C SER A 89 13.66 -7.85 -6.32
N ARG B 1 1.35 -10.15 2.55
CA ARG B 1 0.38 -10.74 1.60
C ARG B 1 0.02 -9.70 0.52
N ILE B 2 0.70 -9.80 -0.62
CA ILE B 2 0.45 -8.88 -1.71
C ILE B 2 -0.43 -9.53 -2.77
N SER B 3 -1.35 -10.39 -2.32
CA SER B 3 -2.25 -11.08 -3.23
C SER B 3 -3.41 -10.16 -3.64
N ALA B 4 -3.54 -9.04 -2.92
CA ALA B 4 -4.61 -8.08 -3.20
C ALA B 4 -5.90 -8.48 -2.49
N ASP B 5 -5.96 -9.73 -2.03
CA ASP B 5 -7.14 -10.21 -1.34
C ASP B 5 -7.08 -9.85 0.15
N ALA B 6 -5.90 -10.00 0.72
CA ALA B 6 -5.71 -9.68 2.14
C ALA B 6 -6.11 -8.24 2.43
N MET B 7 -5.67 -7.34 1.55
CA MET B 7 -5.99 -5.92 1.71
C MET B 7 -7.41 -5.64 1.24
N MET B 8 -8.07 -6.65 0.68
CA MET B 8 -9.43 -6.50 0.18
C MET B 8 -10.44 -6.70 1.31
N GLN B 9 -10.02 -7.42 2.35
CA GLN B 9 -10.90 -7.70 3.48
C GLN B 9 -10.86 -6.55 4.49
N ALA B 10 -9.71 -5.89 4.57
CA ALA B 10 -9.54 -4.77 5.50
C ALA B 10 -10.38 -3.57 5.08
N LEU B 11 -11.01 -3.68 3.91
CA LEU B 11 -11.85 -2.59 3.41
C LEU B 11 -12.98 -3.13 2.54
N LEU B 12 -13.70 -4.12 3.07
CA LEU B 12 -14.81 -4.73 2.33
C LEU B 12 -15.87 -3.67 2.00
N GLY B 13 -16.52 -3.16 3.04
CA GLY B 13 -17.57 -2.16 2.85
C GLY B 13 -16.99 -0.75 2.96
N ALA B 14 -16.52 -0.41 4.16
CA ALA B 14 -15.94 0.92 4.39
C ALA B 14 -16.88 2.00 3.85
N ARG B 15 -17.66 2.60 4.75
CA ARG B 15 -18.59 3.66 4.36
C ARG B 15 -19.91 3.05 3.88
N ALA B 16 -19.85 2.36 2.75
CA ALA B 16 -21.05 1.74 2.18
C ALA B 16 -21.04 0.23 2.42
N LYS B 17 -22.14 -0.28 2.94
CA LYS B 17 -22.26 -1.71 3.22
C LYS B 17 -20.93 -2.28 3.69
CA CA C . 9.64 7.61 0.97
C1 BEP D . 6.25 -4.81 -0.16
C2 BEP D . 4.86 -5.38 0.19
C3 BEP D . 3.84 -4.23 0.49
O1 BEP D . 7.09 -5.85 -0.69
N2 BEP D . 4.95 -6.32 1.35
N3 BEP D . 3.88 -3.83 1.93
C4 BEP D . 8.10 -5.41 -1.63
C5 BEP D . 8.62 -6.61 -2.41
C6 BEP D . 9.47 -7.50 -1.51
C7 BEP D . 9.47 -6.12 -3.59
C8 BEP D . 4.55 -7.74 1.15
C9 BEP D . 5.53 -8.57 1.99
C10 BEP D . 6.10 -7.56 3.00
C11 BEP D . 6.15 -6.25 2.22
C12 BEP D . 2.89 -4.46 2.84
C13 BEP D . 1.39 -4.16 2.55
C14 BEP D . 0.76 -3.07 3.15
C15 BEP D . -0.59 -2.80 2.89
C16 BEP D . -1.32 -3.63 2.03
C17 BEP D . -0.68 -4.73 1.42
C18 BEP D . 0.67 -4.99 1.69
C19 BEP D . 4.23 -2.42 2.21
C20 BEP D . 3.94 -1.42 1.27
C21 BEP D . 4.27 -0.08 1.54
C22 BEP D . 4.88 0.26 2.75
C23 BEP D . 5.17 -0.74 3.70
C24 BEP D . 4.83 -2.07 3.43
H11 BEP D . 6.69 -4.39 0.74
H12 BEP D . 6.12 -4.02 -0.88
H21 BEP D . 4.48 -5.94 -0.69
H31 BEP D . 2.83 -4.57 0.21
H32 BEP D . 4.09 -3.36 -0.15
H41 BEP D . 7.69 -4.69 -2.32
H42 BEP D . 8.92 -4.96 -1.10
H51 BEP D . 7.78 -7.18 -2.79
H61 BEP D . 10.48 -7.11 -1.46
H62 BEP D . 9.49 -8.50 -1.89
H63 BEP D . 9.05 -7.49 -0.51
H71 BEP D . 9.05 -5.20 -3.98
H72 BEP D . 9.47 -6.87 -4.37
H73 BEP D . 10.48 -5.95 -3.26
H81 BEP D . 3.51 -7.90 1.47
H82 BEP D . 4.64 -8.02 0.07
H91 BEP D . 6.32 -8.98 1.38
H92 BEP D . 5.01 -9.36 2.50
H101 BEP D . 7.09 -7.86 3.32
H102 BEP D . 5.47 -7.47 3.86
H111 BEP D . 7.07 -6.17 1.58
H112 BEP D . 6.11 -5.36 2.86
H121 BEP D . 3.07 -5.55 2.83
H122 BEP D . 3.13 -4.13 3.88
H141 BEP D . 1.31 -2.43 3.82
H151 BEP D . -1.08 -1.95 3.36
H161 BEP D . -2.35 -3.43 1.83
H171 BEP D . -1.24 -5.38 0.76
H181 BEP D . 1.15 -5.84 1.23
H201 BEP D . 3.47 -1.68 0.33
H211 BEP D . 4.06 0.68 0.81
H221 BEP D . 5.14 1.28 2.96
H231 BEP D . 5.63 -0.48 4.64
H241 BEP D . 5.06 -2.85 4.15
#